data_1W2T
#
_entry.id   1W2T
#
_cell.length_a   94.500
_cell.length_b   114.700
_cell.length_c   130.000
_cell.angle_alpha   90.00
_cell.angle_beta   98.90
_cell.angle_gamma   90.00
#
_symmetry.space_group_name_H-M   'P 1 21 1'
#
loop_
_entity.id
_entity.type
_entity.pdbx_description
1 polymer 'BETA FRUCTOSIDASE'
2 branched beta-D-fructofuranose-(2-1)-[alpha-D-galactopyranose-(1-6)]alpha-D-glucopyranose
3 non-polymer 'CITRIC ACID'
4 non-polymer 'SULFATE ION'
5 water water
#
_entity_poly.entity_id   1
_entity_poly.type   'polypeptide(L)'
_entity_poly.pdbx_seq_one_letter_code
;LFKPNYHFFPITGWMNDPNGLIFWKGKYHMFYQYNPRKPEWGNICWGHAVSDDLVHWRHLPVALYPDDETHGVFSGSAVE
KDGKMFLVYTYYRDPTHNKGEKETQCVVMSENGLDFVKYDGNPVISKPPEEGTHAFRDPKVNRSNGEWRMVLGSGKDEKI
GRVLLYTSDDLFHWKYEGAIFEDETTKEIDCPDLVRIGEKDILIYSITSTNSVLFSMGELKEGKLNVEKRGLLDHGTDFY
AAQTFFGTDRVVVIGWLQSWLRTGLYPTKREGWNGVMSLPRELYVENNELKVKPVDELLALRKRKVFETAKSGTFLLDVK
ENSYEIVCEFSGEIELRMGNESEEVVITKSRDELIVDTTRSGVSGGEVRKSTVEDEATNRIRAFLDSCSVEFFFNDSIAF
SFRIHPENVYNILSVKSNQVKLEVFELENIWL
;
_entity_poly.pdbx_strand_id   A,B,C,D,E,F
#
# COMPACT_ATOMS: atom_id res chain seq x y z
N LEU A 1 -3.08 -38.90 7.67
CA LEU A 1 -3.92 -38.07 6.78
C LEU A 1 -4.50 -36.76 7.39
N PHE A 2 -5.33 -36.95 8.44
CA PHE A 2 -6.12 -35.83 9.09
C PHE A 2 -5.46 -35.13 10.27
N LYS A 3 -4.34 -35.26 10.71
CA LYS A 3 -3.65 -34.42 11.69
C LYS A 3 -3.39 -33.03 11.12
N PRO A 4 -3.98 -32.00 11.72
CA PRO A 4 -3.74 -30.62 11.26
C PRO A 4 -2.26 -30.23 11.26
N ASN A 5 -1.87 -29.45 10.26
CA ASN A 5 -0.54 -28.90 10.15
C ASN A 5 -0.33 -27.67 11.02
N TYR A 6 -1.35 -26.81 11.12
CA TYR A 6 -1.22 -25.54 11.85
C TYR A 6 -2.42 -25.18 12.71
N HIS A 7 -3.32 -26.13 12.98
CA HIS A 7 -4.35 -25.98 14.01
C HIS A 7 -3.94 -26.77 15.24
N PHE A 8 -4.44 -26.34 16.40
CA PHE A 8 -4.24 -27.08 17.62
C PHE A 8 -5.21 -28.26 17.73
N PHE A 9 -4.66 -29.41 18.14
CA PHE A 9 -5.41 -30.64 18.37
C PHE A 9 -4.64 -31.48 19.41
N PRO A 10 -5.32 -32.39 20.10
CA PRO A 10 -4.67 -33.15 21.18
C PRO A 10 -3.68 -34.21 20.67
N ILE A 11 -2.68 -34.54 21.47
CA ILE A 11 -1.72 -35.58 21.12
C ILE A 11 -2.38 -36.97 21.12
N THR A 12 -3.49 -37.08 21.86
CA THR A 12 -4.27 -38.31 21.91
C THR A 12 -5.61 -38.02 22.60
N GLY A 13 -6.63 -38.80 22.26
CA GLY A 13 -7.93 -38.69 22.91
C GLY A 13 -8.83 -37.58 22.39
N TRP A 14 -9.79 -37.18 23.21
CA TRP A 14 -10.87 -36.28 22.84
C TRP A 14 -10.67 -34.85 23.37
N MET A 15 -11.00 -33.85 22.54
CA MET A 15 -10.96 -32.44 22.93
C MET A 15 -12.23 -31.71 22.46
N ASN A 16 -12.85 -30.95 23.36
CA ASN A 16 -13.85 -29.96 22.94
C ASN A 16 -13.48 -28.51 23.36
N ASP A 17 -14.28 -27.85 24.20
CA ASP A 17 -14.25 -26.39 24.34
C ASP A 17 -12.87 -25.80 24.66
N PRO A 18 -12.54 -24.65 24.06
CA PRO A 18 -11.40 -23.88 24.54
C PRO A 18 -11.75 -23.26 25.89
N ASN A 19 -10.79 -23.31 26.83
CA ASN A 19 -10.97 -22.82 28.19
C ASN A 19 -9.80 -21.95 28.64
N GLY A 20 -10.06 -21.08 29.60
CA GLY A 20 -9.01 -20.35 30.29
C GLY A 20 -8.09 -19.55 29.38
N LEU A 21 -8.65 -18.97 28.32
CA LEU A 21 -7.87 -18.23 27.35
C LEU A 21 -7.34 -16.96 27.99
N ILE A 22 -6.02 -16.83 28.07
CA ILE A 22 -5.40 -15.66 28.71
C ILE A 22 -4.01 -15.35 28.16
N PHE A 23 -3.72 -14.07 28.01
CA PHE A 23 -2.37 -13.57 27.76
C PHE A 23 -1.75 -13.24 29.12
N TRP A 24 -0.77 -14.05 29.51
CA TRP A 24 -0.18 -13.98 30.85
C TRP A 24 1.34 -14.11 30.77
N LYS A 25 2.04 -13.16 31.39
CA LYS A 25 3.50 -13.14 31.42
C LYS A 25 4.10 -13.32 30.01
N GLY A 26 3.53 -12.57 29.07
CA GLY A 26 4.07 -12.49 27.71
C GLY A 26 3.71 -13.63 26.76
N LYS A 27 2.87 -14.56 27.19
CA LYS A 27 2.50 -15.72 26.37
C LYS A 27 1.01 -16.00 26.40
N TYR A 28 0.49 -16.50 25.27
CA TYR A 28 -0.91 -16.89 25.15
C TYR A 28 -1.14 -18.31 25.66
N HIS A 29 -1.95 -18.43 26.69
CA HIS A 29 -2.33 -19.70 27.27
C HIS A 29 -3.70 -20.16 26.79
N MET A 30 -3.78 -21.41 26.37
CA MET A 30 -5.04 -22.04 25.98
C MET A 30 -5.18 -23.38 26.69
N PHE A 31 -6.24 -23.49 27.49
CA PHE A 31 -6.65 -24.76 28.08
C PHE A 31 -7.79 -25.32 27.26
N TYR A 32 -8.20 -26.56 27.55
CA TYR A 32 -9.28 -27.19 26.80
C TYR A 32 -9.90 -28.40 27.48
N GLN A 33 -11.19 -28.60 27.25
CA GLN A 33 -11.90 -29.79 27.70
C GLN A 33 -11.23 -31.02 27.08
N TYR A 34 -10.79 -31.97 27.92
CA TYR A 34 -9.90 -33.02 27.47
C TYR A 34 -10.17 -34.38 28.12
N ASN A 35 -10.28 -35.42 27.30
CA ASN A 35 -10.24 -36.80 27.76
C ASN A 35 -9.10 -37.54 27.05
N PRO A 36 -7.93 -37.66 27.66
CA PRO A 36 -6.83 -38.42 27.05
C PRO A 36 -7.06 -39.93 26.90
N ARG A 37 -8.07 -40.47 27.59
CA ARG A 37 -8.29 -41.91 27.64
C ARG A 37 -8.79 -42.55 26.35
N LYS A 38 -9.57 -41.81 25.58
CA LYS A 38 -10.17 -42.32 24.35
C LYS A 38 -10.69 -41.14 23.50
N PRO A 39 -10.93 -41.37 22.21
CA PRO A 39 -11.45 -40.29 21.34
C PRO A 39 -12.97 -40.05 21.46
N GLU A 40 -13.49 -40.17 22.67
CA GLU A 40 -14.87 -39.79 22.99
C GLU A 40 -14.90 -39.00 24.29
N TRP A 41 -15.95 -38.22 24.49
CA TRP A 41 -16.11 -37.37 25.67
C TRP A 41 -16.26 -38.22 26.94
N GLY A 42 -15.66 -37.74 28.03
CA GLY A 42 -15.73 -38.42 29.32
C GLY A 42 -14.64 -38.00 30.28
N ASN A 43 -14.90 -38.15 31.58
CA ASN A 43 -13.88 -37.97 32.62
C ASN A 43 -13.04 -36.72 32.40
N ILE A 44 -13.72 -35.58 32.24
CA ILE A 44 -13.11 -34.40 31.63
C ILE A 44 -12.06 -33.71 32.50
N CYS A 45 -10.90 -33.42 31.91
CA CYS A 45 -9.84 -32.62 32.49
C CYS A 45 -9.63 -31.34 31.66
N TRP A 46 -8.81 -30.43 32.17
CA TRP A 46 -8.31 -29.30 31.38
C TRP A 46 -6.91 -29.60 30.86
N GLY A 47 -6.80 -29.83 29.56
CA GLY A 47 -5.51 -29.83 28.88
C GLY A 47 -4.94 -28.41 28.81
N HIS A 48 -3.69 -28.31 28.39
CA HIS A 48 -2.96 -27.04 28.44
C HIS A 48 -1.94 -26.93 27.31
N ALA A 49 -1.95 -25.77 26.63
CA ALA A 49 -0.93 -25.44 25.63
C ALA A 49 -0.58 -23.96 25.72
N VAL A 50 0.53 -23.57 25.08
CA VAL A 50 1.02 -22.21 25.15
C VAL A 50 1.66 -21.80 23.82
N SER A 51 1.55 -20.53 23.49
CA SER A 51 2.22 -19.96 22.32
C SER A 51 2.71 -18.55 22.62
N ASP A 52 3.78 -18.14 21.93
CA ASP A 52 4.29 -16.78 22.00
C ASP A 52 3.45 -15.83 21.15
N ASP A 53 2.68 -16.38 20.21
CA ASP A 53 2.16 -15.60 19.08
C ASP A 53 0.78 -16.06 18.54
N LEU A 54 -0.01 -16.73 19.38
CA LEU A 54 -1.33 -17.26 19.00
C LEU A 54 -1.34 -18.34 17.89
N VAL A 55 -0.16 -18.83 17.49
CA VAL A 55 -0.02 -19.74 16.33
C VAL A 55 0.83 -20.97 16.62
N HIS A 56 2.06 -20.73 17.10
CA HIS A 56 3.05 -21.77 17.37
C HIS A 56 2.81 -22.45 18.73
N TRP A 57 1.82 -23.33 18.80
CA TRP A 57 1.44 -23.94 20.08
C TRP A 57 2.43 -25.03 20.51
N ARG A 58 2.63 -25.13 21.83
CA ARG A 58 3.41 -26.21 22.44
C ARG A 58 2.57 -26.83 23.55
N HIS A 59 2.51 -28.16 23.58
CA HIS A 59 1.78 -28.87 24.63
C HIS A 59 2.49 -28.78 25.98
N LEU A 60 1.70 -28.55 27.01
CA LEU A 60 2.16 -28.59 28.39
C LEU A 60 1.44 -29.74 29.08
N PRO A 61 1.88 -30.12 30.28
CA PRO A 61 1.15 -31.11 31.08
C PRO A 61 -0.32 -30.74 31.31
N VAL A 62 -1.18 -31.76 31.41
CA VAL A 62 -2.57 -31.57 31.77
C VAL A 62 -2.60 -30.77 33.07
N ALA A 63 -3.44 -29.73 33.11
CA ALA A 63 -3.44 -28.75 34.19
C ALA A 63 -4.36 -29.11 35.35
N LEU A 64 -5.61 -29.48 35.05
CA LEU A 64 -6.62 -29.79 36.07
C LEU A 64 -7.25 -31.15 35.84
N TYR A 65 -7.36 -31.94 36.90
CA TYR A 65 -8.00 -33.24 36.86
C TYR A 65 -9.20 -33.20 37.80
N PRO A 66 -10.22 -34.01 37.53
CA PRO A 66 -11.27 -34.23 38.52
C PRO A 66 -10.69 -35.06 39.67
N ASP A 67 -11.31 -34.97 40.84
CA ASP A 67 -10.80 -35.68 42.02
C ASP A 67 -11.06 -37.20 41.98
N ASP A 68 -12.04 -37.61 41.18
CA ASP A 68 -12.44 -39.02 41.11
C ASP A 68 -13.09 -39.36 39.75
N GLU A 69 -13.59 -40.59 39.63
CA GLU A 69 -14.14 -41.10 38.37
C GLU A 69 -15.55 -40.63 38.04
N THR A 70 -16.23 -40.02 39.01
CA THR A 70 -17.60 -39.59 38.83
C THR A 70 -17.77 -38.06 38.70
N HIS A 71 -16.66 -37.35 38.44
CA HIS A 71 -16.71 -35.91 38.25
C HIS A 71 -15.99 -35.48 36.96
N GLY A 72 -16.24 -34.24 36.54
CA GLY A 72 -15.57 -33.63 35.41
C GLY A 72 -15.26 -32.17 35.66
N VAL A 73 -14.15 -31.70 35.09
CA VAL A 73 -13.78 -30.29 35.16
C VAL A 73 -14.32 -29.63 33.88
N PHE A 74 -15.53 -29.09 33.97
CA PHE A 74 -16.22 -28.49 32.83
C PHE A 74 -15.62 -27.11 32.47
N SER A 75 -16.19 -26.46 31.45
CA SER A 75 -15.58 -25.28 30.87
C SER A 75 -15.53 -24.06 31.80
N GLY A 76 -14.64 -23.14 31.47
CA GLY A 76 -14.43 -21.94 32.26
C GLY A 76 -13.43 -20.98 31.64
N SER A 77 -13.00 -20.00 32.41
CA SER A 77 -12.18 -18.90 31.92
C SER A 77 -10.97 -18.65 32.81
N ALA A 78 -10.14 -17.68 32.43
CA ALA A 78 -8.94 -17.32 33.18
C ALA A 78 -8.80 -15.80 33.31
N VAL A 79 -8.29 -15.35 34.45
CA VAL A 79 -8.01 -13.94 34.69
C VAL A 79 -6.66 -13.78 35.38
N GLU A 80 -6.19 -12.55 35.46
CA GLU A 80 -4.97 -12.22 36.22
C GLU A 80 -5.32 -11.32 37.39
N LYS A 81 -4.83 -11.68 38.58
CA LYS A 81 -5.01 -10.88 39.79
C LYS A 81 -3.73 -10.94 40.62
N ASP A 82 -3.19 -9.78 40.97
CA ASP A 82 -1.97 -9.67 41.76
C ASP A 82 -0.79 -10.44 41.14
N GLY A 83 -0.70 -10.42 39.81
CA GLY A 83 0.36 -11.09 39.09
C GLY A 83 0.16 -12.59 38.85
N LYS A 84 -0.81 -13.19 39.53
CA LYS A 84 -1.05 -14.63 39.46
C LYS A 84 -2.15 -14.95 38.44
N MET A 85 -2.12 -16.17 37.90
CA MET A 85 -3.18 -16.68 37.03
C MET A 85 -4.26 -17.38 37.87
N PHE A 86 -5.51 -17.05 37.60
CA PHE A 86 -6.66 -17.72 38.22
C PHE A 86 -7.54 -18.35 37.16
N LEU A 87 -7.91 -19.61 37.36
CA LEU A 87 -8.87 -20.30 36.51
C LEU A 87 -10.20 -20.44 37.26
N VAL A 88 -11.29 -20.06 36.60
CA VAL A 88 -12.63 -20.15 37.16
C VAL A 88 -13.45 -21.10 36.27
N TYR A 89 -14.01 -22.14 36.87
CA TYR A 89 -14.59 -23.24 36.09
C TYR A 89 -15.75 -23.92 36.79
N THR A 90 -16.56 -24.63 36.01
CA THR A 90 -17.63 -25.46 36.56
C THR A 90 -17.08 -26.83 36.93
N TYR A 91 -17.36 -27.27 38.16
CA TYR A 91 -17.08 -28.63 38.59
C TYR A 91 -18.39 -29.43 38.56
N TYR A 92 -18.36 -30.57 37.88
CA TYR A 92 -19.54 -31.33 37.52
C TYR A 92 -19.55 -32.69 38.21
N ARG A 93 -20.69 -33.05 38.81
CA ARG A 93 -20.86 -34.37 39.41
C ARG A 93 -21.88 -35.16 38.60
N ASP A 94 -21.51 -36.38 38.21
CA ASP A 94 -22.38 -37.25 37.44
C ASP A 94 -23.71 -37.47 38.15
N PRO A 95 -24.79 -37.65 37.38
CA PRO A 95 -26.06 -38.06 37.97
C PRO A 95 -26.00 -39.52 38.38
N THR A 96 -26.75 -39.88 39.43
CA THR A 96 -26.94 -41.27 39.83
C THR A 96 -28.41 -41.61 39.63
N HIS A 97 -28.82 -42.78 40.09
CA HIS A 97 -30.22 -43.19 39.90
C HIS A 97 -31.18 -42.27 40.68
N ASN A 98 -30.79 -41.84 41.87
CA ASN A 98 -31.63 -40.97 42.69
C ASN A 98 -31.41 -39.48 42.47
N LYS A 99 -30.21 -39.10 42.03
CA LYS A 99 -29.82 -37.69 41.92
C LYS A 99 -29.62 -37.24 40.47
N GLY A 100 -29.99 -36.01 40.18
CA GLY A 100 -29.62 -35.37 38.92
C GLY A 100 -28.19 -34.88 39.00
N GLU A 101 -27.66 -34.37 37.90
CA GLU A 101 -26.30 -33.83 37.89
C GLU A 101 -26.21 -32.59 38.79
N LYS A 102 -25.02 -32.32 39.33
CA LYS A 102 -24.78 -31.15 40.17
C LYS A 102 -23.62 -30.33 39.61
N GLU A 103 -23.83 -29.02 39.49
CA GLU A 103 -22.79 -28.12 38.98
C GLU A 103 -22.52 -27.00 39.98
N THR A 104 -21.24 -26.80 40.28
CA THR A 104 -20.78 -25.68 41.11
C THR A 104 -19.68 -24.92 40.39
N GLN A 105 -19.38 -23.71 40.84
CA GLN A 105 -18.31 -22.91 40.25
C GLN A 105 -17.15 -22.85 41.22
N CYS A 106 -15.93 -23.08 40.71
CA CYS A 106 -14.73 -23.20 41.53
C CYS A 106 -13.57 -22.36 40.98
N VAL A 107 -12.56 -22.17 41.82
CA VAL A 107 -11.39 -21.36 41.49
C VAL A 107 -10.10 -22.12 41.76
N VAL A 108 -9.13 -21.91 40.87
CA VAL A 108 -7.80 -22.48 40.97
C VAL A 108 -6.80 -21.33 40.73
N MET A 109 -5.62 -21.41 41.34
CA MET A 109 -4.57 -20.38 41.20
C MET A 109 -3.24 -20.98 40.73
N SER A 110 -2.44 -20.17 40.05
CA SER A 110 -1.08 -20.55 39.67
C SER A 110 -0.14 -19.35 39.65
N GLU A 111 1.02 -19.49 40.27
CA GLU A 111 2.02 -18.42 40.31
C GLU A 111 3.04 -18.51 39.16
N ASN A 112 3.11 -19.67 38.50
CA ASN A 112 4.11 -19.89 37.44
C ASN A 112 3.56 -20.39 36.08
N GLY A 113 2.26 -20.65 35.99
CA GLY A 113 1.66 -21.18 34.77
C GLY A 113 1.86 -22.68 34.52
N LEU A 114 2.43 -23.40 35.48
CA LEU A 114 2.72 -24.82 35.34
C LEU A 114 2.04 -25.66 36.41
N ASP A 115 2.06 -25.18 37.65
CA ASP A 115 1.47 -25.87 38.78
C ASP A 115 0.23 -25.11 39.25
N PHE A 116 -0.85 -25.84 39.46
CA PHE A 116 -2.14 -25.25 39.78
C PHE A 116 -2.66 -25.79 41.10
N VAL A 117 -3.09 -24.89 41.97
CA VAL A 117 -3.52 -25.22 43.32
C VAL A 117 -5.00 -24.85 43.51
N LYS A 118 -5.72 -25.64 44.29
CA LYS A 118 -7.17 -25.44 44.45
C LYS A 118 -7.46 -24.48 45.59
N TYR A 119 -8.44 -23.58 45.39
CA TYR A 119 -8.88 -22.67 46.44
C TYR A 119 -9.58 -23.47 47.53
N ASP A 120 -9.16 -23.26 48.77
CA ASP A 120 -9.74 -23.98 49.91
C ASP A 120 -11.23 -23.73 50.08
N GLY A 121 -11.69 -22.53 49.70
CA GLY A 121 -13.08 -22.17 49.86
C GLY A 121 -14.01 -22.65 48.76
N ASN A 122 -13.52 -23.49 47.85
CA ASN A 122 -14.35 -24.05 46.78
C ASN A 122 -15.48 -24.91 47.37
N PRO A 123 -16.69 -24.86 46.79
CA PRO A 123 -17.01 -24.03 45.61
C PRO A 123 -17.28 -22.56 45.92
N VAL A 124 -16.89 -21.71 44.96
CA VAL A 124 -17.09 -20.27 45.04
C VAL A 124 -18.57 -19.86 44.85
N ILE A 125 -19.30 -20.64 44.06
CA ILE A 125 -20.76 -20.53 43.93
C ILE A 125 -21.30 -21.95 44.03
N SER A 126 -22.08 -22.22 45.09
CA SER A 126 -22.44 -23.59 45.46
C SER A 126 -23.73 -24.13 44.83
N LYS A 127 -24.64 -23.24 44.46
CA LYS A 127 -25.91 -23.65 43.85
C LYS A 127 -26.50 -22.56 42.95
N PRO A 128 -27.47 -22.92 42.10
CA PRO A 128 -28.13 -21.93 41.25
C PRO A 128 -28.91 -20.87 42.05
N PRO A 129 -29.14 -19.70 41.45
CA PRO A 129 -29.79 -18.59 42.16
C PRO A 129 -31.31 -18.72 42.25
N GLU A 130 -31.92 -19.37 41.27
CA GLU A 130 -33.37 -19.58 41.24
C GLU A 130 -33.69 -21.06 41.05
N GLU A 131 -34.92 -21.44 41.40
CA GLU A 131 -35.36 -22.83 41.23
C GLU A 131 -35.68 -23.12 39.77
N GLY A 132 -35.50 -24.37 39.36
CA GLY A 132 -35.70 -24.76 37.97
C GLY A 132 -34.52 -24.44 37.06
N THR A 133 -33.38 -24.08 37.65
CA THR A 133 -32.18 -23.78 36.87
C THR A 133 -31.41 -25.06 36.56
N HIS A 134 -31.09 -25.26 35.28
CA HIS A 134 -30.28 -26.40 34.83
C HIS A 134 -29.19 -25.95 33.84
N ALA A 135 -28.24 -26.83 33.57
CA ALA A 135 -27.08 -26.49 32.74
C ALA A 135 -26.39 -25.22 33.26
N PHE A 136 -26.22 -25.17 34.57
CA PHE A 136 -25.68 -24.01 35.29
C PHE A 136 -24.15 -24.04 35.25
N ARG A 137 -23.55 -23.48 34.20
CA ARG A 137 -22.13 -23.68 33.96
C ARG A 137 -21.44 -22.72 32.97
N ASP A 138 -20.11 -22.86 32.89
CA ASP A 138 -19.25 -22.11 31.98
C ASP A 138 -19.05 -20.65 32.41
N PRO A 139 -18.43 -20.44 33.57
CA PRO A 139 -18.18 -19.07 34.07
C PRO A 139 -17.13 -18.32 33.26
N LYS A 140 -17.52 -17.18 32.68
CA LYS A 140 -16.58 -16.30 31.98
C LYS A 140 -16.44 -15.02 32.77
N VAL A 141 -15.24 -14.77 33.31
CA VAL A 141 -14.99 -13.65 34.21
C VAL A 141 -14.15 -12.57 33.51
N ASN A 142 -14.56 -11.32 33.69
CA ASN A 142 -13.78 -10.18 33.21
C ASN A 142 -13.86 -8.99 34.19
N ARG A 143 -13.12 -7.93 33.89
CA ARG A 143 -13.11 -6.71 34.69
C ARG A 143 -14.05 -5.68 34.08
N SER A 144 -14.82 -5.01 34.94
CA SER A 144 -15.74 -3.94 34.52
C SER A 144 -16.02 -2.99 35.68
N ASN A 145 -15.68 -1.72 35.48
CA ASN A 145 -16.00 -0.65 36.44
C ASN A 145 -15.52 -0.93 37.87
N GLY A 146 -14.25 -1.32 37.99
CA GLY A 146 -13.62 -1.56 39.28
C GLY A 146 -14.08 -2.82 40.01
N GLU A 147 -14.51 -3.82 39.25
CA GLU A 147 -15.16 -4.99 39.82
C GLU A 147 -15.03 -6.19 38.86
N TRP A 148 -15.14 -7.40 39.39
CA TRP A 148 -15.15 -8.61 38.56
C TRP A 148 -16.60 -8.95 38.20
N ARG A 149 -16.83 -9.34 36.95
CA ARG A 149 -18.15 -9.77 36.47
C ARG A 149 -18.05 -11.17 35.90
N MET A 150 -19.03 -12.02 36.24
CA MET A 150 -19.11 -13.39 35.73
C MET A 150 -20.44 -13.59 35.01
N VAL A 151 -20.38 -14.13 33.80
CA VAL A 151 -21.58 -14.61 33.13
C VAL A 151 -21.56 -16.14 33.10
N LEU A 152 -22.73 -16.74 33.31
CA LEU A 152 -22.91 -18.19 33.28
C LEU A 152 -24.05 -18.57 32.34
N GLY A 153 -23.88 -19.70 31.65
CA GLY A 153 -24.94 -20.28 30.86
C GLY A 153 -25.94 -21.00 31.73
N SER A 154 -27.17 -21.15 31.24
CA SER A 154 -28.24 -21.78 32.00
C SER A 154 -29.48 -22.06 31.15
N GLY A 155 -30.41 -22.81 31.74
CA GLY A 155 -31.71 -23.08 31.17
C GLY A 155 -32.76 -22.99 32.26
N LYS A 156 -33.94 -22.47 31.92
CA LYS A 156 -34.99 -22.21 32.90
C LYS A 156 -36.24 -23.04 32.60
N ASP A 157 -36.65 -23.86 33.56
CA ASP A 157 -37.85 -24.70 33.45
C ASP A 157 -37.92 -25.56 32.19
N GLU A 158 -36.75 -26.04 31.73
CA GLU A 158 -36.64 -26.82 30.49
C GLU A 158 -37.35 -26.14 29.30
N LYS A 159 -37.20 -24.83 29.19
CA LYS A 159 -38.01 -24.02 28.27
C LYS A 159 -37.21 -22.94 27.52
N ILE A 160 -36.49 -22.10 28.28
CA ILE A 160 -35.79 -20.94 27.72
C ILE A 160 -34.36 -20.82 28.27
N GLY A 161 -33.39 -20.62 27.38
CA GLY A 161 -32.00 -20.48 27.78
C GLY A 161 -31.71 -19.05 28.19
N ARG A 162 -30.99 -18.87 29.29
CA ARG A 162 -30.64 -17.53 29.78
C ARG A 162 -29.17 -17.42 30.21
N VAL A 163 -28.68 -16.18 30.23
CA VAL A 163 -27.35 -15.86 30.73
C VAL A 163 -27.49 -15.12 32.07
N LEU A 164 -26.86 -15.69 33.10
CA LEU A 164 -26.89 -15.14 34.45
C LEU A 164 -25.64 -14.32 34.72
N LEU A 165 -25.75 -13.32 35.59
CA LEU A 165 -24.65 -12.42 35.91
C LEU A 165 -24.38 -12.39 37.41
N TYR A 166 -23.11 -12.50 37.79
CA TYR A 166 -22.66 -12.34 39.17
C TYR A 166 -21.52 -11.31 39.22
N THR A 167 -21.38 -10.61 40.35
CA THR A 167 -20.26 -9.69 40.55
C THR A 167 -19.49 -10.02 41.82
N SER A 168 -18.23 -9.56 41.88
CA SER A 168 -17.33 -9.87 42.98
C SER A 168 -16.19 -8.87 43.07
N ASP A 169 -15.79 -8.53 44.30
CA ASP A 169 -14.66 -7.63 44.55
C ASP A 169 -13.32 -8.38 44.66
N ASP A 170 -13.36 -9.70 44.81
CA ASP A 170 -12.15 -10.48 45.10
C ASP A 170 -12.01 -11.85 44.40
N LEU A 171 -12.98 -12.21 43.56
CA LEU A 171 -12.99 -13.49 42.83
C LEU A 171 -13.49 -14.70 43.65
N PHE A 172 -13.77 -14.51 44.94
CA PHE A 172 -14.19 -15.58 45.84
C PHE A 172 -15.62 -15.44 46.37
N HIS A 173 -16.09 -14.22 46.60
CA HIS A 173 -17.45 -13.96 47.09
C HIS A 173 -18.25 -13.29 45.98
N TRP A 174 -19.32 -13.95 45.53
CA TRP A 174 -20.09 -13.51 44.38
C TRP A 174 -21.53 -13.15 44.76
N LYS A 175 -22.07 -12.14 44.08
CA LYS A 175 -23.43 -11.66 44.31
C LYS A 175 -24.23 -11.81 43.02
N TYR A 176 -25.39 -12.46 43.11
CA TYR A 176 -26.26 -12.66 41.94
C TYR A 176 -26.90 -11.34 41.51
N GLU A 177 -26.86 -11.05 40.21
CA GLU A 177 -27.38 -9.80 39.65
C GLU A 177 -28.50 -10.01 38.63
N GLY A 178 -29.00 -11.24 38.52
CA GLY A 178 -30.14 -11.53 37.66
C GLY A 178 -29.77 -12.10 36.30
N ALA A 179 -30.81 -12.43 35.52
CA ALA A 179 -30.65 -12.86 34.14
C ALA A 179 -30.62 -11.63 33.23
N ILE A 180 -29.45 -11.35 32.67
CA ILE A 180 -29.28 -10.20 31.77
C ILE A 180 -29.84 -10.43 30.36
N PHE A 181 -30.01 -11.69 29.98
CA PHE A 181 -30.39 -12.03 28.60
C PHE A 181 -31.06 -13.40 28.51
N GLU A 182 -31.97 -13.54 27.55
CA GLU A 182 -32.59 -14.82 27.23
C GLU A 182 -32.84 -14.97 25.73
N ASP A 183 -32.85 -16.21 25.27
CA ASP A 183 -33.06 -16.56 23.87
C ASP A 183 -34.10 -17.69 23.83
N GLU A 184 -35.30 -17.38 23.35
CA GLU A 184 -36.42 -18.34 23.40
C GLU A 184 -36.36 -19.45 22.33
N THR A 185 -35.39 -19.38 21.42
CA THR A 185 -35.21 -20.42 20.40
C THR A 185 -34.43 -21.64 20.91
N THR A 186 -33.97 -21.58 22.16
CA THR A 186 -33.22 -22.68 22.77
C THR A 186 -33.67 -22.93 24.22
N LYS A 187 -33.44 -24.15 24.70
CA LYS A 187 -33.73 -24.50 26.10
C LYS A 187 -32.56 -24.16 27.02
N GLU A 188 -31.33 -24.18 26.48
CA GLU A 188 -30.15 -23.78 27.24
C GLU A 188 -29.15 -22.96 26.42
N ILE A 189 -28.33 -22.19 27.13
CA ILE A 189 -27.24 -21.41 26.54
C ILE A 189 -25.91 -21.91 27.13
N ASP A 190 -24.96 -22.23 26.26
CA ASP A 190 -23.60 -22.60 26.65
C ASP A 190 -22.64 -21.43 26.47
N CYS A 191 -21.55 -21.47 27.23
CA CYS A 191 -20.33 -20.70 26.95
C CYS A 191 -20.55 -19.22 26.63
N PRO A 192 -21.20 -18.49 27.54
CA PRO A 192 -21.40 -17.05 27.35
C PRO A 192 -20.09 -16.29 27.57
N ASP A 193 -20.01 -15.12 26.98
CA ASP A 193 -18.83 -14.26 27.11
C ASP A 193 -19.26 -12.82 26.86
N LEU A 194 -19.19 -12.01 27.92
CA LEU A 194 -19.58 -10.60 27.86
C LEU A 194 -18.34 -9.72 27.76
N VAL A 195 -18.19 -9.07 26.61
CA VAL A 195 -17.04 -8.20 26.34
C VAL A 195 -17.51 -6.79 25.99
N ARG A 196 -16.60 -5.83 26.06
CA ARG A 196 -16.87 -4.45 25.68
C ARG A 196 -15.97 -4.07 24.51
N ILE A 197 -16.58 -3.66 23.40
CA ILE A 197 -15.85 -3.23 22.22
C ILE A 197 -16.44 -1.88 21.79
N GLY A 198 -15.68 -0.82 22.05
CA GLY A 198 -16.05 0.53 21.68
C GLY A 198 -17.47 0.94 22.05
N GLU A 199 -17.65 1.35 23.30
CA GLU A 199 -18.93 1.85 23.82
C GLU A 199 -20.11 0.86 23.78
N LYS A 200 -19.86 -0.37 23.35
CA LYS A 200 -20.94 -1.34 23.17
C LYS A 200 -20.68 -2.62 23.97
N ASP A 201 -21.72 -3.11 24.62
CA ASP A 201 -21.67 -4.41 25.30
C ASP A 201 -22.08 -5.51 24.32
N ILE A 202 -21.22 -6.50 24.14
CA ILE A 202 -21.48 -7.61 23.24
C ILE A 202 -21.49 -8.91 24.02
N LEU A 203 -22.60 -9.65 23.92
CA LEU A 203 -22.73 -10.97 24.53
C LEU A 203 -22.57 -12.02 23.44
N ILE A 204 -21.49 -12.81 23.55
CA ILE A 204 -21.28 -13.96 22.70
C ILE A 204 -21.78 -15.20 23.44
N TYR A 205 -22.47 -16.10 22.75
CA TYR A 205 -22.96 -17.33 23.38
C TYR A 205 -23.24 -18.43 22.36
N SER A 206 -23.36 -19.66 22.87
CA SER A 206 -23.57 -20.83 22.04
C SER A 206 -24.91 -21.50 22.33
N ILE A 207 -25.52 -22.08 21.30
CA ILE A 207 -26.78 -22.83 21.41
C ILE A 207 -26.55 -24.23 20.86
N THR A 208 -26.77 -25.26 21.69
CA THR A 208 -26.39 -26.62 21.32
C THR A 208 -27.25 -27.27 20.23
N SER A 209 -28.52 -26.89 20.18
CA SER A 209 -29.51 -27.51 19.28
C SER A 209 -29.38 -27.13 17.80
N THR A 210 -28.65 -26.06 17.51
CA THR A 210 -28.25 -25.75 16.13
C THR A 210 -26.73 -25.70 16.01
N ASN A 211 -26.04 -25.90 17.13
CA ASN A 211 -24.58 -25.85 17.20
C ASN A 211 -24.03 -24.55 16.60
N SER A 212 -24.56 -23.42 17.09
CA SER A 212 -24.20 -22.10 16.57
C SER A 212 -23.66 -21.20 17.66
N VAL A 213 -22.74 -20.32 17.29
CA VAL A 213 -22.28 -19.24 18.17
C VAL A 213 -22.96 -17.96 17.68
N LEU A 214 -23.78 -17.37 18.53
CA LEU A 214 -24.50 -16.14 18.23
C LEU A 214 -23.89 -14.97 18.99
N PHE A 215 -24.31 -13.75 18.63
CA PHE A 215 -24.01 -12.57 19.44
C PHE A 215 -25.23 -11.65 19.54
N SER A 216 -25.27 -10.90 20.64
CA SER A 216 -26.20 -9.80 20.83
C SER A 216 -25.41 -8.57 21.28
N MET A 217 -25.54 -7.48 20.54
CA MET A 217 -24.78 -6.26 20.81
C MET A 217 -25.75 -5.14 21.23
N GLY A 218 -25.33 -4.31 22.17
CA GLY A 218 -26.18 -3.24 22.66
C GLY A 218 -25.62 -2.54 23.88
N GLU A 219 -26.47 -2.31 24.87
CA GLU A 219 -26.07 -1.69 26.13
C GLU A 219 -26.72 -2.41 27.31
N LEU A 220 -25.90 -2.78 28.29
CA LEU A 220 -26.39 -3.24 29.58
C LEU A 220 -26.92 -2.02 30.33
N LYS A 221 -28.21 -2.04 30.65
CA LYS A 221 -28.86 -0.97 31.40
C LYS A 221 -29.88 -1.57 32.35
N GLU A 222 -29.71 -1.29 33.65
CA GLU A 222 -30.63 -1.76 34.69
C GLU A 222 -30.76 -3.28 34.72
N GLY A 223 -29.61 -3.97 34.65
CA GLY A 223 -29.56 -5.42 34.75
C GLY A 223 -30.07 -6.19 33.54
N LYS A 224 -30.21 -5.52 32.40
CA LYS A 224 -30.76 -6.13 31.19
C LYS A 224 -29.98 -5.68 29.95
N LEU A 225 -29.59 -6.62 29.11
CA LEU A 225 -28.96 -6.29 27.84
C LEU A 225 -30.02 -5.80 26.86
N ASN A 226 -30.00 -4.50 26.60
CA ASN A 226 -30.86 -3.89 25.59
C ASN A 226 -30.24 -4.10 24.22
N VAL A 227 -30.82 -5.00 23.44
CA VAL A 227 -30.23 -5.46 22.19
C VAL A 227 -30.53 -4.49 21.05
N GLU A 228 -29.48 -3.99 20.42
CA GLU A 228 -29.57 -3.18 19.21
C GLU A 228 -29.44 -4.02 17.94
N LYS A 229 -28.48 -4.95 17.95
CA LYS A 229 -28.18 -5.82 16.81
C LYS A 229 -27.93 -7.27 17.24
N ARG A 230 -28.23 -8.21 16.34
CA ARG A 230 -28.06 -9.63 16.59
C ARG A 230 -27.41 -10.31 15.39
N GLY A 231 -26.80 -11.46 15.62
CA GLY A 231 -26.24 -12.23 14.52
C GLY A 231 -25.54 -13.53 14.91
N LEU A 232 -24.79 -14.06 13.96
CA LEU A 232 -23.93 -15.21 14.16
C LEU A 232 -22.47 -14.75 14.14
N LEU A 233 -21.62 -15.35 14.97
CA LEU A 233 -20.18 -15.12 14.93
C LEU A 233 -19.52 -15.91 13.79
N ASP A 234 -20.19 -16.97 13.35
CA ASP A 234 -19.69 -17.83 12.27
C ASP A 234 -20.88 -18.46 11.54
N HIS A 235 -20.76 -18.58 10.22
CA HIS A 235 -21.87 -18.99 9.34
C HIS A 235 -21.74 -20.44 8.85
N GLY A 236 -20.69 -21.14 9.28
CA GLY A 236 -20.45 -22.50 8.86
C GLY A 236 -21.08 -23.55 9.78
N THR A 237 -20.66 -24.80 9.60
CA THR A 237 -21.23 -25.92 10.32
C THR A 237 -20.45 -26.32 11.58
N ASP A 238 -19.18 -25.94 11.66
CA ASP A 238 -18.30 -26.40 12.74
C ASP A 238 -17.57 -25.26 13.45
N PHE A 239 -18.33 -24.51 14.25
CA PHE A 239 -17.77 -23.48 15.11
C PHE A 239 -18.66 -23.41 16.34
N TYR A 240 -18.11 -23.77 17.49
CA TYR A 240 -18.90 -23.89 18.72
C TYR A 240 -18.10 -23.55 19.97
N ALA A 241 -18.81 -23.15 21.03
CA ALA A 241 -18.20 -22.91 22.33
C ALA A 241 -17.06 -21.89 22.28
N ALA A 242 -17.27 -20.80 21.54
CA ALA A 242 -16.31 -19.71 21.44
C ALA A 242 -16.00 -19.08 22.79
N GLN A 243 -14.74 -18.69 22.97
CA GLN A 243 -14.31 -17.88 24.12
C GLN A 243 -13.27 -16.84 23.66
N THR A 244 -13.22 -15.71 24.35
CA THR A 244 -12.22 -14.67 24.08
C THR A 244 -11.13 -14.66 25.16
N PHE A 245 -9.96 -14.11 24.80
CA PHE A 245 -8.82 -14.04 25.71
C PHE A 245 -8.98 -12.92 26.73
N PHE A 246 -8.59 -13.20 27.97
CA PHE A 246 -8.36 -12.18 28.97
C PHE A 246 -6.99 -11.57 28.76
N GLY A 247 -6.87 -10.27 29.02
CA GLY A 247 -5.58 -9.61 29.14
C GLY A 247 -4.94 -9.10 27.86
N THR A 248 -5.74 -8.96 26.81
CA THR A 248 -5.24 -8.43 25.54
C THR A 248 -6.00 -7.18 25.15
N ASP A 249 -5.39 -6.42 24.26
CA ASP A 249 -5.99 -5.19 23.75
C ASP A 249 -7.13 -5.50 22.80
N ARG A 250 -6.84 -6.32 21.80
CA ARG A 250 -7.87 -6.79 20.88
C ARG A 250 -8.76 -7.78 21.61
N VAL A 251 -9.97 -7.93 21.10
CA VAL A 251 -10.81 -9.06 21.46
C VAL A 251 -10.43 -10.16 20.46
N VAL A 252 -9.89 -11.26 20.99
CA VAL A 252 -9.47 -12.39 20.18
C VAL A 252 -10.28 -13.60 20.61
N VAL A 253 -10.94 -14.26 19.65
CA VAL A 253 -11.80 -15.40 19.93
C VAL A 253 -11.23 -16.67 19.29
N ILE A 254 -11.30 -17.78 20.02
CA ILE A 254 -11.09 -19.12 19.47
C ILE A 254 -12.32 -19.97 19.78
N GLY A 255 -12.76 -20.77 18.82
CA GLY A 255 -13.85 -21.70 19.01
C GLY A 255 -13.41 -23.14 18.76
N TRP A 256 -14.22 -24.08 19.24
CA TRP A 256 -14.07 -25.49 18.90
C TRP A 256 -14.49 -25.68 17.47
N LEU A 257 -13.58 -26.23 16.66
CA LEU A 257 -13.80 -26.39 15.23
C LEU A 257 -14.42 -27.77 14.99
N GLN A 258 -15.65 -27.94 15.46
CA GLN A 258 -16.37 -29.21 15.40
C GLN A 258 -17.82 -28.97 15.84
N SER A 259 -18.68 -29.92 15.49
CA SER A 259 -20.09 -29.87 15.85
C SER A 259 -20.47 -31.11 16.65
N TRP A 260 -21.24 -30.92 17.73
CA TRP A 260 -21.80 -32.06 18.47
C TRP A 260 -22.71 -32.89 17.57
N LEU A 261 -23.52 -32.20 16.77
CA LEU A 261 -24.46 -32.85 15.84
C LEU A 261 -23.77 -33.76 14.81
N ARG A 262 -22.57 -33.38 14.37
CA ARG A 262 -21.86 -34.11 13.32
C ARG A 262 -20.65 -34.92 13.80
N THR A 263 -20.40 -34.97 15.10
CA THR A 263 -19.24 -35.67 15.65
C THR A 263 -19.17 -37.14 15.24
N GLY A 264 -20.31 -37.83 15.27
CA GLY A 264 -20.39 -39.24 14.89
C GLY A 264 -20.18 -39.52 13.41
N LEU A 265 -20.16 -38.47 12.60
CA LEU A 265 -19.93 -38.57 11.15
C LEU A 265 -18.45 -38.46 10.77
N TYR A 266 -17.60 -38.10 11.73
CA TYR A 266 -16.20 -37.80 11.45
C TYR A 266 -15.25 -38.98 11.72
N PRO A 267 -14.16 -39.08 10.95
CA PRO A 267 -13.31 -40.26 10.94
C PRO A 267 -12.02 -40.21 11.78
N THR A 268 -11.70 -39.10 12.43
CA THR A 268 -10.41 -38.99 13.12
C THR A 268 -10.27 -39.95 14.30
N LYS A 269 -11.38 -40.39 14.88
CA LYS A 269 -11.35 -41.34 16.00
C LYS A 269 -10.60 -42.64 15.68
N ARG A 270 -10.55 -43.04 14.40
CA ARG A 270 -9.74 -44.17 13.94
C ARG A 270 -8.24 -43.98 14.19
N GLU A 271 -7.78 -42.73 14.14
CA GLU A 271 -6.38 -42.38 14.40
C GLU A 271 -6.07 -42.19 15.90
N GLY A 272 -7.09 -42.33 16.75
CA GLY A 272 -6.92 -42.24 18.18
C GLY A 272 -7.20 -40.88 18.81
N TRP A 273 -7.70 -39.93 18.02
CA TRP A 273 -7.99 -38.58 18.52
C TRP A 273 -9.25 -37.95 17.89
N ASN A 274 -9.72 -36.89 18.52
CA ASN A 274 -10.94 -36.19 18.12
C ASN A 274 -10.84 -34.75 18.63
N GLY A 275 -11.12 -33.78 17.77
CA GLY A 275 -11.23 -32.39 18.19
C GLY A 275 -10.13 -31.51 17.63
N VAL A 276 -10.53 -30.34 17.15
CA VAL A 276 -9.63 -29.34 16.59
C VAL A 276 -10.10 -27.94 17.02
N MET A 277 -9.18 -27.02 17.27
CA MET A 277 -9.51 -25.63 17.58
C MET A 277 -9.49 -24.79 16.32
N SER A 278 -10.36 -23.80 16.25
CA SER A 278 -10.38 -22.86 15.14
C SER A 278 -9.15 -21.97 15.17
N LEU A 279 -8.86 -21.35 14.03
CA LEU A 279 -7.88 -20.26 13.98
C LEU A 279 -8.44 -19.12 14.82
N PRO A 280 -7.57 -18.33 15.44
CA PRO A 280 -8.04 -17.18 16.24
C PRO A 280 -8.52 -16.04 15.34
N ARG A 281 -9.62 -15.40 15.75
CA ARG A 281 -10.16 -14.25 15.04
C ARG A 281 -10.18 -13.02 15.94
N GLU A 282 -9.95 -11.84 15.36
CA GLU A 282 -10.19 -10.58 16.05
C GLU A 282 -11.63 -10.14 15.84
N LEU A 283 -12.31 -9.82 16.93
CA LEU A 283 -13.65 -9.21 16.90
C LEU A 283 -13.50 -7.71 17.08
N TYR A 284 -14.16 -6.93 16.22
CA TYR A 284 -14.09 -5.47 16.27
C TYR A 284 -15.36 -4.81 15.73
N VAL A 285 -15.55 -3.54 16.08
CA VAL A 285 -16.75 -2.79 15.69
C VAL A 285 -16.36 -1.68 14.71
N GLU A 286 -17.06 -1.64 13.58
CA GLU A 286 -16.89 -0.61 12.56
C GLU A 286 -18.24 -0.29 11.95
N ASN A 287 -18.58 1.00 11.87
CA ASN A 287 -19.89 1.44 11.38
C ASN A 287 -21.05 0.77 12.13
N ASN A 288 -20.96 0.74 13.46
CA ASN A 288 -21.99 0.15 14.33
C ASN A 288 -22.33 -1.32 14.04
N GLU A 289 -21.36 -2.08 13.54
CA GLU A 289 -21.54 -3.50 13.23
C GLU A 289 -20.41 -4.34 13.82
N LEU A 290 -20.75 -5.53 14.32
CA LEU A 290 -19.74 -6.47 14.82
C LEU A 290 -19.13 -7.20 13.64
N LYS A 291 -17.81 -7.19 13.56
CA LYS A 291 -17.09 -7.82 12.45
C LYS A 291 -16.05 -8.81 12.97
N VAL A 292 -15.75 -9.80 12.14
CA VAL A 292 -14.84 -10.90 12.46
C VAL A 292 -13.76 -10.95 11.36
N LYS A 293 -12.50 -11.05 11.75
CA LYS A 293 -11.40 -11.24 10.79
C LYS A 293 -10.28 -12.09 11.40
N PRO A 294 -9.42 -12.69 10.58
CA PRO A 294 -8.29 -13.47 11.11
C PRO A 294 -7.30 -12.57 11.86
N VAL A 295 -6.71 -13.08 12.94
CA VAL A 295 -5.69 -12.32 13.67
C VAL A 295 -4.47 -12.12 12.78
N ASP A 296 -3.77 -11.00 12.99
CA ASP A 296 -2.61 -10.63 12.18
C ASP A 296 -1.47 -11.64 12.25
N GLU A 297 -1.35 -12.34 13.38
CA GLU A 297 -0.24 -13.27 13.62
C GLU A 297 -0.23 -14.45 12.64
N LEU A 298 -1.39 -14.77 12.06
CA LEU A 298 -1.51 -15.85 11.08
C LEU A 298 -0.62 -15.64 9.84
N LEU A 299 -0.27 -14.40 9.53
CA LEU A 299 0.59 -14.10 8.38
C LEU A 299 1.97 -14.80 8.47
N ALA A 300 2.45 -15.02 9.69
CA ALA A 300 3.73 -15.72 9.90
C ALA A 300 3.75 -17.18 9.43
N LEU A 301 2.59 -17.80 9.28
CA LEU A 301 2.48 -19.16 8.74
C LEU A 301 2.79 -19.22 7.24
N ARG A 302 2.67 -18.10 6.54
CA ARG A 302 2.90 -18.08 5.10
C ARG A 302 4.38 -18.33 4.80
N LYS A 303 4.65 -19.39 4.06
CA LYS A 303 6.00 -19.73 3.67
C LYS A 303 6.17 -19.30 2.22
N ARG A 304 6.02 -20.19 1.26
CA ARG A 304 6.28 -19.76 -0.10
C ARG A 304 4.99 -19.65 -0.92
N LYS A 305 4.99 -18.69 -1.84
CA LYS A 305 3.87 -18.47 -2.74
C LYS A 305 3.92 -19.54 -3.81
N VAL A 306 2.99 -20.50 -3.73
CA VAL A 306 2.95 -21.64 -4.66
C VAL A 306 2.32 -21.24 -6.00
N PHE A 307 1.36 -20.32 -5.98
CA PHE A 307 0.62 -19.96 -7.18
C PHE A 307 0.04 -18.56 -7.10
N GLU A 308 -0.10 -17.91 -8.25
CA GLU A 308 -0.84 -16.66 -8.35
C GLU A 308 -1.36 -16.43 -9.77
N THR A 309 -2.50 -15.75 -9.86
CA THR A 309 -3.14 -15.43 -11.14
C THR A 309 -3.93 -14.12 -11.03
N ALA A 310 -4.04 -13.43 -12.16
CA ALA A 310 -4.90 -12.24 -12.27
C ALA A 310 -6.02 -12.46 -13.29
N LYS A 311 -6.32 -13.71 -13.58
CA LYS A 311 -7.40 -14.08 -14.50
C LYS A 311 -8.07 -15.40 -14.11
N SER A 312 -9.29 -15.59 -14.63
CA SER A 312 -10.07 -16.79 -14.38
C SER A 312 -9.42 -18.00 -15.04
N GLY A 313 -9.72 -19.19 -14.53
CA GLY A 313 -9.26 -20.44 -15.13
C GLY A 313 -9.25 -21.62 -14.17
N THR A 314 -8.77 -22.76 -14.66
CA THR A 314 -8.58 -23.95 -13.84
C THR A 314 -7.08 -24.28 -13.82
N PHE A 315 -6.55 -24.53 -12.62
CA PHE A 315 -5.10 -24.58 -12.40
C PHE A 315 -4.68 -25.75 -11.51
N LEU A 316 -3.58 -26.40 -11.90
CA LEU A 316 -2.94 -27.41 -11.08
C LEU A 316 -1.97 -26.71 -10.12
N LEU A 317 -2.16 -26.93 -8.82
CA LEU A 317 -1.28 -26.35 -7.80
C LEU A 317 -0.11 -27.28 -7.49
N ASP A 318 1.03 -26.67 -7.19
CA ASP A 318 2.25 -27.37 -6.80
C ASP A 318 2.28 -27.41 -5.28
N VAL A 319 1.38 -28.19 -4.70
CA VAL A 319 1.29 -28.39 -3.26
C VAL A 319 1.26 -29.88 -2.98
N LYS A 320 1.95 -30.29 -1.91
CA LYS A 320 2.10 -31.70 -1.57
C LYS A 320 1.19 -32.13 -0.42
N GLU A 321 0.50 -31.18 0.20
CA GLU A 321 -0.47 -31.50 1.26
C GLU A 321 -1.52 -30.42 1.42
N ASN A 322 -2.57 -30.74 2.18
CA ASN A 322 -3.64 -29.80 2.47
C ASN A 322 -3.24 -28.87 3.60
N SER A 323 -2.46 -27.85 3.24
CA SER A 323 -1.93 -26.89 4.20
C SER A 323 -1.59 -25.62 3.43
N TYR A 324 -2.63 -24.88 3.02
CA TYR A 324 -2.41 -23.63 2.31
C TYR A 324 -3.53 -22.61 2.51
N GLU A 325 -3.25 -21.38 2.09
CA GLU A 325 -4.17 -20.25 2.21
C GLU A 325 -4.40 -19.66 0.82
N ILE A 326 -5.66 -19.55 0.42
CA ILE A 326 -6.03 -18.83 -0.80
C ILE A 326 -6.40 -17.40 -0.43
N VAL A 327 -5.77 -16.43 -1.09
CA VAL A 327 -6.10 -15.01 -0.90
C VAL A 327 -6.64 -14.51 -2.23
N CYS A 328 -7.89 -14.06 -2.24
CA CYS A 328 -8.60 -13.78 -3.49
C CYS A 328 -9.35 -12.46 -3.41
N GLU A 329 -8.97 -11.52 -4.27
CA GLU A 329 -9.65 -10.25 -4.42
C GLU A 329 -10.45 -10.30 -5.72
N PHE A 330 -11.69 -9.82 -5.71
CA PHE A 330 -12.54 -9.86 -6.90
C PHE A 330 -13.62 -8.79 -6.90
N SER A 331 -14.19 -8.55 -8.07
CA SER A 331 -15.35 -7.68 -8.22
C SER A 331 -16.51 -8.46 -8.82
N GLY A 332 -17.73 -8.10 -8.41
CA GLY A 332 -18.92 -8.74 -8.91
C GLY A 332 -19.12 -10.13 -8.33
N GLU A 333 -19.56 -11.06 -9.17
CA GLU A 333 -19.84 -12.43 -8.75
C GLU A 333 -18.59 -13.29 -8.91
N ILE A 334 -18.53 -14.38 -8.14
CA ILE A 334 -17.42 -15.33 -8.26
C ILE A 334 -17.87 -16.77 -7.99
N GLU A 335 -17.17 -17.71 -8.60
CA GLU A 335 -17.22 -19.11 -8.21
C GLU A 335 -15.79 -19.61 -8.03
N LEU A 336 -15.47 -20.03 -6.82
CA LEU A 336 -14.14 -20.51 -6.48
C LEU A 336 -14.28 -21.96 -6.02
N ARG A 337 -13.59 -22.88 -6.71
CA ARG A 337 -13.62 -24.30 -6.37
C ARG A 337 -12.22 -24.75 -5.97
N MET A 338 -12.14 -25.55 -4.91
CA MET A 338 -10.89 -26.14 -4.47
C MET A 338 -11.13 -27.64 -4.28
N GLY A 339 -10.21 -28.46 -4.78
CA GLY A 339 -10.42 -29.90 -4.71
C GLY A 339 -9.44 -30.71 -5.54
N ASN A 340 -9.89 -31.90 -5.92
CA ASN A 340 -9.13 -32.80 -6.79
C ASN A 340 -10.10 -33.51 -7.74
N GLU A 341 -9.71 -34.65 -8.30
CA GLU A 341 -10.55 -35.36 -9.26
C GLU A 341 -11.84 -35.94 -8.68
N SER A 342 -11.84 -36.22 -7.37
CA SER A 342 -12.97 -36.86 -6.69
C SER A 342 -13.70 -35.97 -5.68
N GLU A 343 -13.07 -34.88 -5.23
CA GLU A 343 -13.57 -34.07 -4.11
C GLU A 343 -13.51 -32.59 -4.42
N GLU A 344 -14.36 -31.81 -3.77
CA GLU A 344 -14.33 -30.35 -3.92
C GLU A 344 -15.15 -29.62 -2.85
N VAL A 345 -14.71 -28.40 -2.56
CA VAL A 345 -15.49 -27.41 -1.81
C VAL A 345 -15.68 -26.22 -2.74
N VAL A 346 -16.90 -25.68 -2.77
CA VAL A 346 -17.24 -24.58 -3.65
C VAL A 346 -17.73 -23.40 -2.82
N ILE A 347 -17.23 -22.20 -3.13
CA ILE A 347 -17.74 -20.96 -2.55
C ILE A 347 -18.13 -20.02 -3.69
N THR A 348 -19.35 -19.49 -3.64
CA THR A 348 -19.92 -18.70 -4.73
C THR A 348 -20.50 -17.42 -4.16
N LYS A 349 -20.17 -16.29 -4.77
CA LYS A 349 -20.90 -15.05 -4.53
C LYS A 349 -21.88 -14.85 -5.67
N SER A 350 -23.16 -15.08 -5.38
CA SER A 350 -24.24 -14.93 -6.34
C SER A 350 -25.14 -13.78 -5.91
N ARG A 351 -24.98 -12.64 -6.59
CA ARG A 351 -25.71 -11.41 -6.31
C ARG A 351 -25.42 -10.91 -4.90
N ASP A 352 -26.38 -10.99 -3.99
CA ASP A 352 -26.17 -10.49 -2.61
C ASP A 352 -26.03 -11.62 -1.58
N GLU A 353 -25.55 -12.78 -2.02
CA GLU A 353 -25.42 -13.95 -1.16
C GLU A 353 -24.06 -14.62 -1.37
N LEU A 354 -23.45 -15.04 -0.26
CA LEU A 354 -22.23 -15.86 -0.27
C LEU A 354 -22.63 -17.28 0.14
N ILE A 355 -22.32 -18.27 -0.69
CA ILE A 355 -22.74 -19.65 -0.46
C ILE A 355 -21.54 -20.57 -0.47
N VAL A 356 -21.47 -21.48 0.51
CA VAL A 356 -20.42 -22.49 0.58
C VAL A 356 -21.03 -23.90 0.59
N ASP A 357 -20.40 -24.80 -0.17
CA ASP A 357 -20.92 -26.15 -0.38
C ASP A 357 -19.78 -27.14 -0.15
N THR A 358 -19.84 -27.87 0.97
CA THR A 358 -18.85 -28.89 1.29
C THR A 358 -19.38 -30.32 1.15
N THR A 359 -20.53 -30.50 0.47
CA THR A 359 -21.17 -31.83 0.38
C THR A 359 -20.28 -32.88 -0.31
N ARG A 360 -19.38 -32.41 -1.19
CA ARG A 360 -18.49 -33.28 -1.93
C ARG A 360 -17.02 -33.23 -1.45
N SER A 361 -16.81 -32.81 -0.21
CA SER A 361 -15.48 -32.46 0.28
C SER A 361 -14.59 -33.64 0.64
N GLY A 362 -15.19 -34.78 0.99
CA GLY A 362 -14.43 -35.91 1.48
C GLY A 362 -15.28 -36.97 2.17
N VAL A 363 -14.65 -37.74 3.05
CA VAL A 363 -15.25 -38.95 3.62
C VAL A 363 -16.30 -38.71 4.72
N SER A 364 -16.50 -37.45 5.13
CA SER A 364 -17.62 -37.10 6.00
C SER A 364 -18.72 -36.29 5.29
N GLY A 365 -18.63 -36.21 3.95
CA GLY A 365 -19.54 -35.40 3.17
C GLY A 365 -19.51 -33.94 3.61
N GLY A 366 -20.68 -33.31 3.60
CA GLY A 366 -20.81 -31.95 4.10
C GLY A 366 -22.20 -31.37 3.93
N GLU A 367 -22.27 -30.04 3.91
CA GLU A 367 -23.54 -29.32 3.83
C GLU A 367 -23.41 -28.04 3.01
N VAL A 368 -24.54 -27.37 2.81
CA VAL A 368 -24.58 -26.07 2.13
C VAL A 368 -25.00 -25.02 3.14
N ARG A 369 -24.21 -23.95 3.26
CA ARG A 369 -24.55 -22.80 4.11
C ARG A 369 -24.45 -21.50 3.32
N LYS A 370 -25.23 -20.50 3.72
CA LYS A 370 -25.25 -19.22 3.04
C LYS A 370 -25.54 -18.03 3.98
N SER A 371 -25.12 -16.85 3.55
CA SER A 371 -25.40 -15.60 4.25
C SER A 371 -25.58 -14.46 3.27
N THR A 372 -26.50 -13.54 3.57
CA THR A 372 -26.63 -12.31 2.79
C THR A 372 -25.54 -11.34 3.20
N VAL A 373 -24.93 -10.68 2.22
CA VAL A 373 -23.80 -9.80 2.47
C VAL A 373 -23.92 -8.47 1.73
N GLU A 374 -23.26 -7.44 2.28
CA GLU A 374 -23.23 -6.11 1.67
C GLU A 374 -22.28 -6.13 0.48
N ASP A 375 -22.63 -5.39 -0.57
CA ASP A 375 -21.78 -5.30 -1.75
C ASP A 375 -20.67 -4.29 -1.48
N GLU A 376 -19.48 -4.58 -1.99
CA GLU A 376 -18.37 -3.63 -1.99
C GLU A 376 -17.77 -3.55 -3.39
N ALA A 377 -17.06 -2.46 -3.67
CA ALA A 377 -16.37 -2.28 -4.95
C ALA A 377 -15.39 -3.41 -5.18
N THR A 378 -14.59 -3.71 -4.16
CA THR A 378 -13.69 -4.86 -4.18
C THR A 378 -13.96 -5.77 -2.99
N ASN A 379 -14.19 -7.05 -3.27
CA ASN A 379 -14.38 -8.06 -2.24
C ASN A 379 -13.11 -8.87 -2.02
N ARG A 380 -13.01 -9.54 -0.88
CA ARG A 380 -11.82 -10.31 -0.51
C ARG A 380 -12.21 -11.59 0.22
N ILE A 381 -11.76 -12.73 -0.27
CA ILE A 381 -11.90 -14.00 0.43
C ILE A 381 -10.51 -14.48 0.86
N ARG A 382 -10.40 -14.96 2.10
CA ARG A 382 -9.23 -15.71 2.54
C ARG A 382 -9.70 -17.09 2.98
N ALA A 383 -9.14 -18.14 2.41
CA ALA A 383 -9.54 -19.51 2.74
C ALA A 383 -8.35 -20.27 3.30
N PHE A 384 -8.47 -20.75 4.53
CA PHE A 384 -7.43 -21.56 5.16
C PHE A 384 -7.79 -23.03 5.05
N LEU A 385 -7.06 -23.78 4.22
CA LEU A 385 -7.21 -25.22 4.12
C LEU A 385 -6.16 -25.91 4.98
N ASP A 386 -6.61 -26.82 5.83
CA ASP A 386 -5.73 -27.69 6.61
C ASP A 386 -6.25 -29.13 6.46
N SER A 387 -5.62 -30.07 7.16
CA SER A 387 -5.81 -31.50 6.92
C SER A 387 -7.26 -31.96 7.03
N CYS A 388 -8.02 -31.34 7.93
CA CYS A 388 -9.41 -31.71 8.13
C CYS A 388 -10.34 -30.52 8.36
N SER A 389 -10.05 -29.39 7.71
CA SER A 389 -10.88 -28.20 7.86
C SER A 389 -10.67 -27.17 6.75
N VAL A 390 -11.67 -26.33 6.57
CA VAL A 390 -11.55 -25.14 5.76
C VAL A 390 -12.30 -23.99 6.42
N GLU A 391 -11.63 -22.85 6.56
CA GLU A 391 -12.23 -21.66 7.16
C GLU A 391 -12.16 -20.53 6.15
N PHE A 392 -13.33 -19.98 5.80
CA PHE A 392 -13.45 -18.88 4.85
C PHE A 392 -13.68 -17.56 5.58
N PHE A 393 -13.00 -16.52 5.14
CA PHE A 393 -13.14 -15.18 5.72
C PHE A 393 -13.43 -14.20 4.59
N PHE A 394 -14.44 -13.36 4.77
CA PHE A 394 -14.96 -12.52 3.70
C PHE A 394 -15.02 -11.06 4.14
N ASN A 395 -14.27 -10.20 3.46
CA ASN A 395 -14.31 -8.74 3.65
C ASN A 395 -13.99 -8.28 5.08
N ASP A 396 -13.14 -9.04 5.78
CA ASP A 396 -12.86 -8.79 7.20
C ASP A 396 -14.14 -8.55 8.01
N SER A 397 -15.18 -9.30 7.69
CA SER A 397 -16.53 -9.06 8.22
C SER A 397 -17.17 -10.33 8.79
N ILE A 398 -17.20 -11.40 7.99
CA ILE A 398 -17.79 -12.67 8.40
C ILE A 398 -16.87 -13.86 8.13
N ALA A 399 -17.17 -14.97 8.79
CA ALA A 399 -16.41 -16.20 8.67
C ALA A 399 -17.35 -17.39 8.52
N PHE A 400 -16.94 -18.38 7.73
CA PHE A 400 -17.60 -19.68 7.62
C PHE A 400 -16.56 -20.76 7.95
N SER A 401 -16.85 -21.61 8.93
CA SER A 401 -15.93 -22.68 9.33
C SER A 401 -16.57 -24.05 9.12
N PHE A 402 -15.83 -24.95 8.47
CA PHE A 402 -16.32 -26.29 8.15
C PHE A 402 -15.26 -27.33 8.43
N ARG A 403 -15.70 -28.47 8.94
CA ARG A 403 -14.84 -29.64 9.03
C ARG A 403 -15.07 -30.47 7.77
N ILE A 404 -13.96 -30.83 7.12
CA ILE A 404 -13.96 -31.68 5.93
C ILE A 404 -12.88 -32.73 6.10
N HIS A 405 -12.99 -33.85 5.38
CA HIS A 405 -12.03 -34.95 5.55
C HIS A 405 -11.63 -35.53 4.20
N PRO A 406 -10.87 -34.74 3.45
CA PRO A 406 -10.41 -35.17 2.13
C PRO A 406 -9.49 -36.38 2.22
N GLU A 407 -9.68 -37.32 1.30
CA GLU A 407 -8.83 -38.48 1.18
C GLU A 407 -7.55 -38.17 0.39
N ASN A 408 -7.56 -37.07 -0.36
CA ASN A 408 -6.41 -36.65 -1.15
C ASN A 408 -6.18 -35.13 -1.13
N VAL A 409 -5.00 -34.72 -1.60
CA VAL A 409 -4.61 -33.31 -1.61
C VAL A 409 -5.51 -32.54 -2.59
N TYR A 410 -5.93 -31.35 -2.17
CA TYR A 410 -6.71 -30.44 -3.00
C TYR A 410 -5.75 -29.66 -3.88
N ASN A 411 -5.33 -30.29 -4.98
CA ASN A 411 -4.31 -29.69 -5.85
C ASN A 411 -4.87 -29.08 -7.14
N ILE A 412 -6.18 -28.91 -7.22
CA ILE A 412 -6.83 -28.24 -8.34
C ILE A 412 -7.62 -27.03 -7.84
N LEU A 413 -7.38 -25.88 -8.45
CA LEU A 413 -8.07 -24.65 -8.10
C LEU A 413 -8.72 -24.04 -9.34
N SER A 414 -10.01 -23.73 -9.24
CA SER A 414 -10.76 -23.11 -10.34
C SER A 414 -11.41 -21.80 -9.87
N VAL A 415 -11.22 -20.73 -10.64
CA VAL A 415 -11.79 -19.42 -10.33
C VAL A 415 -12.53 -18.87 -11.55
N LYS A 416 -13.70 -18.28 -11.31
CA LYS A 416 -14.47 -17.66 -12.38
C LYS A 416 -15.05 -16.34 -11.86
N SER A 417 -14.44 -15.24 -12.28
CA SER A 417 -14.93 -13.91 -11.96
C SER A 417 -14.26 -12.88 -12.88
N ASN A 418 -14.65 -11.61 -12.76
CA ASN A 418 -13.90 -10.52 -13.36
C ASN A 418 -13.06 -9.83 -12.30
N GLN A 419 -11.97 -9.21 -12.72
CA GLN A 419 -11.06 -8.47 -11.83
C GLN A 419 -10.50 -9.33 -10.69
N VAL A 420 -10.10 -10.56 -11.02
CA VAL A 420 -9.57 -11.47 -10.01
C VAL A 420 -8.09 -11.22 -9.74
N LYS A 421 -7.72 -11.34 -8.47
CA LYS A 421 -6.34 -11.37 -8.03
C LYS A 421 -6.25 -12.44 -6.96
N LEU A 422 -5.72 -13.60 -7.32
CA LEU A 422 -5.67 -14.73 -6.41
C LEU A 422 -4.23 -15.21 -6.20
N GLU A 423 -3.89 -15.52 -4.95
CA GLU A 423 -2.59 -16.09 -4.59
C GLU A 423 -2.81 -17.30 -3.69
N VAL A 424 -1.87 -18.24 -3.70
CA VAL A 424 -1.89 -19.36 -2.78
C VAL A 424 -0.53 -19.42 -2.07
N PHE A 425 -0.57 -19.47 -0.74
CA PHE A 425 0.64 -19.62 0.08
C PHE A 425 0.61 -20.97 0.78
N GLU A 426 1.72 -21.70 0.71
CA GLU A 426 1.91 -22.87 1.56
C GLU A 426 1.96 -22.37 3.00
N LEU A 427 1.33 -23.11 3.92
CA LEU A 427 1.34 -22.76 5.32
C LEU A 427 2.19 -23.75 6.10
N GLU A 428 3.01 -23.20 7.01
CA GLU A 428 3.98 -23.94 7.82
C GLU A 428 3.30 -24.97 8.72
N ASN A 429 3.94 -26.12 8.87
CA ASN A 429 3.60 -27.08 9.92
C ASN A 429 4.22 -26.57 11.23
N ILE A 430 3.38 -26.36 12.24
CA ILE A 430 3.84 -25.78 13.52
C ILE A 430 4.48 -26.80 14.46
N TRP A 431 4.36 -28.07 14.14
CA TRP A 431 4.79 -29.17 15.01
C TRP A 431 6.21 -29.65 14.72
N LEU A 432 6.54 -29.78 13.44
CA LEU A 432 7.83 -30.30 13.02
C LEU A 432 8.24 -29.68 11.69
N LEU B 1 -18.28 30.55 -54.75
CA LEU B 1 -19.54 31.34 -54.81
C LEU B 1 -20.75 30.53 -54.31
N PHE B 2 -20.50 29.36 -53.73
CA PHE B 2 -21.56 28.44 -53.34
C PHE B 2 -21.79 28.38 -51.82
N LYS B 3 -21.12 29.23 -51.06
CA LYS B 3 -21.32 29.28 -49.61
C LYS B 3 -22.72 29.82 -49.30
N PRO B 4 -23.54 29.03 -48.62
CA PRO B 4 -24.87 29.48 -48.22
C PRO B 4 -24.85 30.76 -47.37
N ASN B 5 -25.85 31.61 -47.61
CA ASN B 5 -26.08 32.80 -46.81
C ASN B 5 -26.79 32.48 -45.49
N TYR B 6 -27.76 31.57 -45.51
CA TYR B 6 -28.58 31.28 -44.32
C TYR B 6 -28.82 29.80 -44.01
N HIS B 7 -28.08 28.89 -44.65
CA HIS B 7 -28.06 27.48 -44.25
C HIS B 7 -26.80 27.19 -43.47
N PHE B 8 -26.84 26.16 -42.64
CA PHE B 8 -25.65 25.70 -41.95
C PHE B 8 -24.76 24.84 -42.85
N PHE B 9 -23.45 25.07 -42.76
CA PHE B 9 -22.42 24.31 -43.47
C PHE B 9 -21.09 24.47 -42.71
N PRO B 10 -20.17 23.51 -42.86
CA PRO B 10 -18.92 23.54 -42.07
C PRO B 10 -17.95 24.64 -42.50
N ILE B 11 -17.08 25.10 -41.58
CA ILE B 11 -16.06 26.10 -41.92
C ILE B 11 -15.00 25.56 -42.88
N THR B 12 -14.84 24.24 -42.89
CA THR B 12 -13.90 23.55 -43.78
C THR B 12 -14.18 22.05 -43.69
N GLY B 13 -13.87 21.32 -44.76
CA GLY B 13 -14.05 19.88 -44.79
C GLY B 13 -15.45 19.40 -45.10
N TRP B 14 -15.71 18.14 -44.77
CA TRP B 14 -16.91 17.40 -45.17
C TRP B 14 -17.92 17.24 -44.04
N MET B 15 -19.19 17.41 -44.34
CA MET B 15 -20.28 17.22 -43.37
C MET B 15 -21.40 16.37 -44.00
N ASN B 16 -21.85 15.32 -43.30
CA ASN B 16 -23.13 14.68 -43.65
C ASN B 16 -24.19 14.77 -42.52
N ASP B 17 -24.63 13.64 -41.97
CA ASP B 17 -25.88 13.57 -41.19
C ASP B 17 -25.96 14.56 -40.03
N PRO B 18 -27.13 15.17 -39.82
CA PRO B 18 -27.36 15.88 -38.56
C PRO B 18 -27.44 14.86 -37.40
N ASN B 19 -26.78 15.16 -36.30
CA ASN B 19 -26.71 14.27 -35.13
C ASN B 19 -27.04 15.04 -33.86
N GLY B 20 -27.45 14.31 -32.84
CA GLY B 20 -27.59 14.87 -31.50
C GLY B 20 -28.45 16.12 -31.41
N LEU B 21 -29.50 16.19 -32.23
CA LEU B 21 -30.41 17.33 -32.21
C LEU B 21 -31.14 17.40 -30.89
N ILE B 22 -30.97 18.51 -30.18
CA ILE B 22 -31.58 18.68 -28.87
C ILE B 22 -31.77 20.15 -28.48
N PHE B 23 -32.91 20.44 -27.89
CA PHE B 23 -33.14 21.71 -27.21
C PHE B 23 -32.73 21.52 -25.75
N TRP B 24 -31.63 22.15 -25.35
CA TRP B 24 -31.01 21.95 -24.04
C TRP B 24 -30.55 23.30 -23.47
N LYS B 25 -30.94 23.57 -22.22
CA LYS B 25 -30.63 24.81 -21.53
C LYS B 25 -30.90 26.05 -22.41
N GLY B 26 -32.08 26.06 -23.03
CA GLY B 26 -32.59 27.21 -23.75
C GLY B 26 -32.09 27.42 -25.16
N LYS B 27 -31.25 26.51 -25.66
CA LYS B 27 -30.68 26.64 -27.00
C LYS B 27 -30.80 25.34 -27.82
N TYR B 28 -30.87 25.51 -29.13
CA TYR B 28 -30.93 24.39 -30.06
C TYR B 28 -29.50 23.95 -30.44
N HIS B 29 -29.14 22.74 -30.05
CA HIS B 29 -27.86 22.14 -30.42
C HIS B 29 -27.98 21.23 -31.62
N MET B 30 -27.05 21.37 -32.56
CA MET B 30 -26.96 20.49 -33.72
C MET B 30 -25.53 20.00 -33.84
N PHE B 31 -25.36 18.67 -33.81
CA PHE B 31 -24.08 18.04 -34.11
C PHE B 31 -24.16 17.51 -35.55
N TYR B 32 -23.04 16.99 -36.05
CA TYR B 32 -23.02 16.49 -37.42
C TYR B 32 -21.80 15.62 -37.72
N GLN B 33 -22.01 14.62 -38.58
CA GLN B 33 -20.94 13.79 -39.10
C GLN B 33 -19.97 14.72 -39.81
N TYR B 34 -18.70 14.67 -39.43
CA TYR B 34 -17.74 15.70 -39.82
C TYR B 34 -16.33 15.15 -40.07
N ASN B 35 -15.75 15.53 -41.19
CA ASN B 35 -14.32 15.32 -41.45
C ASN B 35 -13.65 16.66 -41.77
N PRO B 36 -12.99 17.28 -40.80
CA PRO B 36 -12.33 18.58 -41.04
C PRO B 36 -11.08 18.51 -41.93
N ARG B 37 -10.56 17.32 -42.17
CA ARG B 37 -9.28 17.16 -42.89
C ARG B 37 -9.39 17.44 -44.39
N LYS B 38 -10.54 17.14 -44.96
CA LYS B 38 -10.75 17.31 -46.41
C LYS B 38 -12.24 17.28 -46.74
N PRO B 39 -12.64 17.79 -47.91
CA PRO B 39 -14.04 17.78 -48.32
C PRO B 39 -14.53 16.43 -48.86
N GLU B 40 -14.06 15.34 -48.27
CA GLU B 40 -14.57 14.01 -48.53
C GLU B 40 -14.76 13.26 -47.22
N TRP B 41 -15.67 12.28 -47.25
CA TRP B 41 -15.98 11.45 -46.09
C TRP B 41 -14.77 10.67 -45.58
N GLY B 42 -14.65 10.56 -44.24
CA GLY B 42 -13.58 9.81 -43.62
C GLY B 42 -13.24 10.26 -42.21
N ASN B 43 -12.60 9.38 -41.44
CA ASN B 43 -12.11 9.70 -40.10
C ASN B 43 -13.13 10.52 -39.29
N ILE B 44 -14.35 10.01 -39.20
CA ILE B 44 -15.51 10.85 -38.86
C ILE B 44 -15.58 11.25 -37.38
N CYS B 45 -15.84 12.54 -37.18
CA CYS B 45 -16.03 13.16 -35.87
C CYS B 45 -17.46 13.68 -35.77
N TRP B 46 -17.86 14.14 -34.59
CA TRP B 46 -19.07 14.94 -34.45
C TRP B 46 -18.68 16.42 -34.34
N GLY B 47 -19.01 17.19 -35.36
CA GLY B 47 -18.98 18.65 -35.27
C GLY B 47 -20.13 19.16 -34.40
N HIS B 48 -20.08 20.44 -34.07
CA HIS B 48 -21.02 21.06 -33.13
C HIS B 48 -21.38 22.48 -33.52
N ALA B 49 -22.67 22.80 -33.48
CA ALA B 49 -23.20 24.14 -33.67
C ALA B 49 -24.37 24.39 -32.73
N VAL B 50 -24.70 25.67 -32.54
CA VAL B 50 -25.77 26.07 -31.64
C VAL B 50 -26.48 27.33 -32.15
N SER B 51 -27.79 27.40 -31.92
CA SER B 51 -28.59 28.61 -32.20
C SER B 51 -29.64 28.84 -31.12
N ASP B 52 -30.05 30.09 -30.96
CA ASP B 52 -31.12 30.44 -30.03
C ASP B 52 -32.52 30.21 -30.62
N ASP B 53 -32.59 30.06 -31.95
CA ASP B 53 -33.86 30.20 -32.67
C ASP B 53 -34.00 29.33 -33.93
N LEU B 54 -33.22 28.25 -33.99
CA LEU B 54 -33.20 27.32 -35.14
C LEU B 54 -32.72 27.93 -36.47
N VAL B 55 -32.15 29.14 -36.43
CA VAL B 55 -31.79 29.87 -37.66
C VAL B 55 -30.37 30.44 -37.62
N HIS B 56 -30.05 31.22 -36.59
CA HIS B 56 -28.76 31.90 -36.49
C HIS B 56 -27.72 31.04 -35.78
N TRP B 57 -27.11 30.13 -36.55
CA TRP B 57 -26.17 29.15 -36.03
C TRP B 57 -24.80 29.75 -35.75
N ARG B 58 -24.15 29.24 -34.70
CA ARG B 58 -22.76 29.57 -34.38
C ARG B 58 -21.97 28.29 -34.21
N HIS B 59 -20.76 28.27 -34.75
CA HIS B 59 -19.88 27.12 -34.65
C HIS B 59 -19.27 26.98 -33.26
N LEU B 60 -19.24 25.74 -32.78
CA LEU B 60 -18.58 25.38 -31.52
C LEU B 60 -17.45 24.38 -31.81
N PRO B 61 -16.57 24.14 -30.83
CA PRO B 61 -15.52 23.12 -31.00
C PRO B 61 -16.05 21.74 -31.36
N VAL B 62 -15.29 21.02 -32.17
CA VAL B 62 -15.60 19.64 -32.48
C VAL B 62 -15.75 18.86 -31.18
N ALA B 63 -16.85 18.11 -31.08
CA ALA B 63 -17.27 17.49 -29.82
C ALA B 63 -16.69 16.11 -29.59
N LEU B 64 -16.78 15.22 -30.59
CA LEU B 64 -16.34 13.83 -30.47
C LEU B 64 -15.32 13.46 -31.56
N TYR B 65 -14.21 12.86 -31.15
CA TYR B 65 -13.21 12.33 -32.07
C TYR B 65 -13.09 10.81 -31.93
N PRO B 66 -12.73 10.11 -33.03
CA PRO B 66 -12.33 8.71 -32.92
C PRO B 66 -11.00 8.61 -32.19
N ASP B 67 -10.78 7.50 -31.48
CA ASP B 67 -9.57 7.28 -30.68
C ASP B 67 -8.32 7.04 -31.54
N ASP B 68 -8.52 6.64 -32.79
CA ASP B 68 -7.42 6.31 -33.69
C ASP B 68 -7.82 6.45 -35.17
N GLU B 69 -6.89 6.14 -36.06
CA GLU B 69 -7.08 6.34 -37.51
C GLU B 69 -7.99 5.31 -38.19
N THR B 70 -8.32 4.22 -37.49
CA THR B 70 -9.12 3.14 -38.07
C THR B 70 -10.57 3.09 -37.58
N HIS B 71 -11.01 4.12 -36.84
CA HIS B 71 -12.37 4.17 -36.31
C HIS B 71 -13.11 5.43 -36.74
N GLY B 72 -14.43 5.44 -36.56
CA GLY B 72 -15.26 6.61 -36.82
C GLY B 72 -16.40 6.75 -35.83
N VAL B 73 -16.77 7.98 -35.52
CA VAL B 73 -17.90 8.25 -34.63
C VAL B 73 -19.14 8.48 -35.50
N PHE B 74 -19.86 7.40 -35.76
CA PHE B 74 -21.02 7.40 -36.65
C PHE B 74 -22.24 8.08 -35.99
N SER B 75 -23.35 8.13 -36.72
CA SER B 75 -24.50 8.94 -36.32
C SER B 75 -25.19 8.50 -35.05
N GLY B 76 -25.95 9.42 -34.48
CA GLY B 76 -26.61 9.19 -33.21
C GLY B 76 -27.47 10.36 -32.79
N SER B 77 -27.91 10.30 -31.55
CA SER B 77 -28.89 11.24 -31.02
C SER B 77 -28.45 11.81 -29.68
N ALA B 78 -29.25 12.74 -29.17
CA ALA B 78 -28.97 13.36 -27.88
C ALA B 78 -30.24 13.40 -27.03
N VAL B 79 -30.05 13.22 -25.73
CA VAL B 79 -31.12 13.27 -24.75
C VAL B 79 -30.67 14.08 -23.54
N GLU B 80 -31.60 14.44 -22.68
CA GLU B 80 -31.30 15.07 -21.40
C GLU B 80 -31.71 14.13 -20.27
N LYS B 81 -30.81 13.93 -19.31
CA LYS B 81 -31.08 13.13 -18.11
C LYS B 81 -30.36 13.76 -16.91
N ASP B 82 -31.09 13.97 -15.82
CA ASP B 82 -30.54 14.66 -14.64
C ASP B 82 -29.97 16.04 -14.99
N GLY B 83 -30.59 16.72 -15.96
CA GLY B 83 -30.14 18.03 -16.41
C GLY B 83 -28.91 18.04 -17.31
N LYS B 84 -28.28 16.88 -17.50
CA LYS B 84 -27.07 16.75 -18.31
C LYS B 84 -27.41 16.34 -19.74
N MET B 85 -26.52 16.66 -20.67
CA MET B 85 -26.66 16.23 -22.05
C MET B 85 -25.92 14.91 -22.28
N PHE B 86 -26.63 13.94 -22.86
CA PHE B 86 -26.03 12.67 -23.22
C PHE B 86 -26.10 12.50 -24.74
N LEU B 87 -24.98 12.12 -25.34
CA LEU B 87 -24.93 11.73 -26.74
C LEU B 87 -24.83 10.20 -26.85
N VAL B 88 -25.69 9.62 -27.67
CA VAL B 88 -25.69 8.18 -27.92
C VAL B 88 -25.37 7.97 -29.39
N TYR B 89 -24.32 7.22 -29.67
CA TYR B 89 -23.80 7.11 -31.03
C TYR B 89 -23.26 5.73 -31.34
N THR B 90 -23.12 5.45 -32.63
CA THR B 90 -22.45 4.25 -33.08
C THR B 90 -20.95 4.51 -33.22
N TYR B 91 -20.14 3.63 -32.63
CA TYR B 91 -18.69 3.65 -32.82
C TYR B 91 -18.31 2.53 -33.79
N TYR B 92 -17.61 2.92 -34.86
CA TYR B 92 -17.38 2.07 -36.01
C TYR B 92 -15.90 1.71 -36.14
N ARG B 93 -15.62 0.46 -36.48
CA ARG B 93 -14.25 0.00 -36.73
C ARG B 93 -14.12 -0.43 -38.19
N ASP B 94 -13.07 0.06 -38.85
CA ASP B 94 -12.80 -0.29 -40.23
C ASP B 94 -12.54 -1.79 -40.34
N PRO B 95 -12.95 -2.40 -41.46
CA PRO B 95 -12.59 -3.79 -41.70
C PRO B 95 -11.08 -3.92 -41.80
N THR B 96 -10.53 -4.99 -41.25
CA THR B 96 -9.09 -5.26 -41.31
C THR B 96 -8.84 -6.53 -42.12
N HIS B 97 -7.60 -6.96 -42.17
CA HIS B 97 -7.22 -8.09 -43.01
C HIS B 97 -7.79 -9.40 -42.47
N ASN B 98 -7.90 -9.50 -41.16
CA ASN B 98 -8.40 -10.71 -40.51
C ASN B 98 -9.68 -10.45 -39.72
N LYS B 99 -10.11 -9.19 -39.71
CA LYS B 99 -11.29 -8.80 -38.95
C LYS B 99 -12.22 -7.93 -39.78
N GLY B 100 -13.48 -8.34 -39.88
CA GLY B 100 -14.48 -7.53 -40.55
C GLY B 100 -14.76 -6.26 -39.78
N GLU B 101 -15.68 -5.45 -40.29
CA GLU B 101 -16.07 -4.20 -39.61
C GLU B 101 -16.90 -4.50 -38.36
N LYS B 102 -16.85 -3.59 -37.39
CA LYS B 102 -17.54 -3.76 -36.11
C LYS B 102 -18.27 -2.48 -35.71
N GLU B 103 -19.51 -2.62 -35.26
CA GLU B 103 -20.30 -1.48 -34.81
C GLU B 103 -20.85 -1.74 -33.42
N THR B 104 -20.53 -0.84 -32.49
CA THR B 104 -21.07 -0.87 -31.14
C THR B 104 -21.79 0.45 -30.87
N GLN B 105 -22.62 0.47 -29.82
CA GLN B 105 -23.32 1.68 -29.43
C GLN B 105 -22.72 2.19 -28.12
N CYS B 106 -22.43 3.50 -28.06
CA CYS B 106 -21.71 4.11 -26.96
C CYS B 106 -22.39 5.38 -26.46
N VAL B 107 -22.03 5.78 -25.24
CA VAL B 107 -22.62 6.96 -24.60
C VAL B 107 -21.51 7.91 -24.13
N VAL B 108 -21.79 9.21 -24.27
CA VAL B 108 -20.94 10.28 -23.75
C VAL B 108 -21.84 11.26 -22.99
N MET B 109 -21.26 11.95 -22.00
CA MET B 109 -22.01 12.88 -21.14
C MET B 109 -21.35 14.26 -21.13
N SER B 110 -22.16 15.29 -20.90
CA SER B 110 -21.64 16.64 -20.72
C SER B 110 -22.54 17.43 -19.75
N GLU B 111 -21.90 18.12 -18.81
CA GLU B 111 -22.61 18.96 -17.86
C GLU B 111 -22.77 20.40 -18.38
N ASN B 112 -21.94 20.80 -19.33
CA ASN B 112 -21.95 22.20 -19.84
C ASN B 112 -22.20 22.37 -21.35
N GLY B 113 -22.38 21.27 -22.08
CA GLY B 113 -22.62 21.31 -23.51
C GLY B 113 -21.40 21.64 -24.37
N LEU B 114 -20.22 21.64 -23.76
CA LEU B 114 -18.95 21.97 -24.43
C LEU B 114 -17.90 20.87 -24.26
N ASP B 115 -17.84 20.29 -23.07
CA ASP B 115 -16.88 19.24 -22.74
C ASP B 115 -17.58 17.91 -22.54
N PHE B 116 -17.07 16.87 -23.19
CA PHE B 116 -17.74 15.58 -23.29
C PHE B 116 -16.87 14.45 -22.74
N VAL B 117 -17.43 13.65 -21.84
CA VAL B 117 -16.70 12.56 -21.19
C VAL B 117 -17.34 11.20 -21.48
N LYS B 118 -16.51 10.19 -21.74
CA LYS B 118 -17.01 8.87 -22.10
C LYS B 118 -17.57 8.14 -20.90
N TYR B 119 -18.65 7.39 -21.13
CA TYR B 119 -19.19 6.47 -20.14
C TYR B 119 -18.18 5.35 -19.91
N ASP B 120 -17.90 5.04 -18.65
CA ASP B 120 -16.91 4.02 -18.28
C ASP B 120 -17.23 2.64 -18.86
N GLY B 121 -18.52 2.30 -18.91
CA GLY B 121 -18.96 0.99 -19.35
C GLY B 121 -19.24 0.84 -20.85
N ASN B 122 -18.70 1.75 -21.67
CA ASN B 122 -18.80 1.64 -23.12
C ASN B 122 -18.09 0.36 -23.60
N PRO B 123 -18.62 -0.33 -24.62
CA PRO B 123 -19.88 0.02 -25.29
C PRO B 123 -21.13 -0.37 -24.51
N VAL B 124 -22.16 0.46 -24.67
CA VAL B 124 -23.47 0.28 -24.05
C VAL B 124 -24.25 -0.91 -24.66
N ILE B 125 -24.12 -1.10 -25.97
CA ILE B 125 -24.59 -2.31 -26.66
C ILE B 125 -23.43 -2.82 -27.51
N SER B 126 -22.91 -3.99 -27.18
CA SER B 126 -21.66 -4.47 -27.76
C SER B 126 -21.83 -5.29 -29.05
N LYS B 127 -23.00 -5.90 -29.24
CA LYS B 127 -23.24 -6.75 -30.40
C LYS B 127 -24.69 -6.70 -30.90
N PRO B 128 -24.89 -7.04 -32.17
CA PRO B 128 -26.25 -7.20 -32.70
C PRO B 128 -27.01 -8.34 -32.02
N PRO B 129 -28.34 -8.26 -31.99
CA PRO B 129 -29.16 -9.23 -31.25
C PRO B 129 -29.26 -10.59 -31.93
N GLU B 130 -29.33 -10.59 -33.26
CA GLU B 130 -29.40 -11.82 -34.05
C GLU B 130 -28.20 -11.91 -34.99
N GLU B 131 -27.94 -13.11 -35.48
CA GLU B 131 -26.87 -13.32 -36.46
C GLU B 131 -27.32 -12.83 -37.84
N GLY B 132 -26.34 -12.43 -38.66
CA GLY B 132 -26.62 -11.96 -40.01
C GLY B 132 -27.11 -10.52 -40.13
N THR B 133 -26.95 -9.73 -39.06
CA THR B 133 -27.34 -8.32 -39.11
C THR B 133 -26.12 -7.41 -39.29
N HIS B 134 -26.17 -6.55 -40.30
CA HIS B 134 -25.15 -5.52 -40.52
C HIS B 134 -25.80 -4.13 -40.51
N ALA B 135 -24.98 -3.09 -40.68
CA ALA B 135 -25.45 -1.71 -40.63
C ALA B 135 -26.20 -1.44 -39.32
N PHE B 136 -25.68 -2.02 -38.24
CA PHE B 136 -26.27 -1.96 -36.91
C PHE B 136 -25.87 -0.63 -36.27
N ARG B 137 -26.64 0.42 -36.55
CA ARG B 137 -26.20 1.78 -36.22
C ARG B 137 -27.29 2.85 -36.18
N ASP B 138 -26.89 4.04 -35.75
CA ASP B 138 -27.74 5.24 -35.69
C ASP B 138 -28.80 5.19 -34.59
N PRO B 139 -28.38 5.09 -33.32
CA PRO B 139 -29.32 5.02 -32.21
C PRO B 139 -30.07 6.34 -31.96
N LYS B 140 -31.39 6.33 -32.12
CA LYS B 140 -32.22 7.47 -31.77
C LYS B 140 -32.99 7.13 -30.49
N VAL B 141 -32.69 7.88 -29.42
CA VAL B 141 -33.23 7.59 -28.10
C VAL B 141 -34.22 8.68 -27.68
N ASN B 142 -35.38 8.26 -27.20
CA ASN B 142 -36.38 9.18 -26.62
C ASN B 142 -37.10 8.48 -25.46
N ARG B 143 -38.12 9.12 -24.91
CA ARG B 143 -38.85 8.61 -23.76
C ARG B 143 -40.21 8.07 -24.16
N SER B 144 -40.56 6.93 -23.58
CA SER B 144 -41.91 6.36 -23.70
C SER B 144 -42.17 5.36 -22.59
N ASN B 145 -43.36 5.41 -21.99
CA ASN B 145 -43.77 4.49 -20.95
C ASN B 145 -42.87 4.52 -19.71
N GLY B 146 -42.40 5.71 -19.34
CA GLY B 146 -41.51 5.88 -18.20
C GLY B 146 -40.16 5.21 -18.35
N GLU B 147 -39.73 5.02 -19.60
CA GLU B 147 -38.45 4.38 -19.90
C GLU B 147 -37.78 5.05 -21.10
N TRP B 148 -36.51 4.71 -21.32
CA TRP B 148 -35.82 5.09 -22.54
C TRP B 148 -36.04 4.02 -23.60
N ARG B 149 -36.35 4.43 -24.82
CA ARG B 149 -36.28 3.50 -25.94
C ARG B 149 -35.34 4.01 -27.01
N MET B 150 -34.71 3.06 -27.68
CA MET B 150 -33.73 3.33 -28.73
C MET B 150 -34.21 2.60 -29.98
N VAL B 151 -34.26 3.31 -31.10
CA VAL B 151 -34.45 2.66 -32.39
C VAL B 151 -33.12 2.68 -33.15
N LEU B 152 -32.78 1.55 -33.75
CA LEU B 152 -31.54 1.40 -34.51
C LEU B 152 -31.86 0.94 -35.92
N GLY B 153 -31.10 1.46 -36.89
CA GLY B 153 -31.18 0.99 -38.26
C GLY B 153 -30.45 -0.33 -38.41
N SER B 154 -30.88 -1.14 -39.38
CA SER B 154 -30.24 -2.42 -39.67
C SER B 154 -30.70 -3.03 -41.00
N GLY B 155 -30.01 -4.09 -41.39
CA GLY B 155 -30.40 -4.94 -42.51
C GLY B 155 -30.19 -6.39 -42.11
N LYS B 156 -31.10 -7.26 -42.52
CA LYS B 156 -31.05 -8.68 -42.16
C LYS B 156 -30.78 -9.54 -43.39
N ASP B 157 -29.73 -10.35 -43.32
CA ASP B 157 -29.38 -11.35 -44.35
C ASP B 157 -29.24 -10.78 -45.77
N GLU B 158 -28.75 -9.54 -45.87
CA GLU B 158 -28.60 -8.84 -47.15
C GLU B 158 -29.89 -8.89 -47.98
N LYS B 159 -31.04 -8.65 -47.33
CA LYS B 159 -32.34 -8.89 -47.94
C LYS B 159 -33.40 -7.85 -47.60
N ILE B 160 -33.59 -7.58 -46.30
CA ILE B 160 -34.68 -6.71 -45.85
C ILE B 160 -34.22 -5.71 -44.77
N GLY B 161 -34.62 -4.46 -44.92
CA GLY B 161 -34.29 -3.42 -43.95
C GLY B 161 -35.18 -3.55 -42.73
N ARG B 162 -34.60 -3.41 -41.55
CA ARG B 162 -35.33 -3.53 -40.30
C ARG B 162 -34.97 -2.42 -39.32
N VAL B 163 -35.96 -1.97 -38.54
CA VAL B 163 -35.73 -1.07 -37.42
C VAL B 163 -35.87 -1.88 -36.13
N LEU B 164 -34.83 -1.86 -35.31
CA LEU B 164 -34.77 -2.59 -34.05
C LEU B 164 -35.07 -1.68 -32.87
N LEU B 165 -35.71 -2.23 -31.84
CA LEU B 165 -36.06 -1.48 -30.64
C LEU B 165 -35.37 -2.07 -29.42
N TYR B 166 -34.69 -1.21 -28.65
CA TYR B 166 -34.18 -1.56 -27.32
C TYR B 166 -34.80 -0.63 -26.28
N THR B 167 -34.93 -1.10 -25.05
CA THR B 167 -35.38 -0.27 -23.94
C THR B 167 -34.36 -0.27 -22.81
N SER B 168 -34.42 0.77 -21.98
CA SER B 168 -33.52 0.90 -20.83
C SER B 168 -34.15 1.77 -19.75
N ASP B 169 -33.89 1.42 -18.49
CA ASP B 169 -34.35 2.19 -17.35
C ASP B 169 -33.31 3.23 -16.89
N ASP B 170 -32.10 3.19 -17.44
CA ASP B 170 -31.02 4.07 -16.99
C ASP B 170 -30.06 4.61 -18.08
N LEU B 171 -30.33 4.29 -19.35
CA LEU B 171 -29.50 4.75 -20.48
C LEU B 171 -28.22 3.95 -20.73
N PHE B 172 -27.84 3.08 -19.80
CA PHE B 172 -26.58 2.34 -19.90
C PHE B 172 -26.74 0.85 -20.18
N HIS B 173 -27.86 0.27 -19.77
CA HIS B 173 -28.08 -1.17 -19.92
C HIS B 173 -29.41 -1.41 -20.63
N TRP B 174 -29.33 -2.10 -21.76
CA TRP B 174 -30.40 -2.13 -22.73
C TRP B 174 -30.93 -3.55 -22.93
N LYS B 175 -32.24 -3.64 -23.14
CA LYS B 175 -32.93 -4.90 -23.40
C LYS B 175 -33.46 -4.88 -24.82
N TYR B 176 -33.11 -5.89 -25.60
CA TYR B 176 -33.62 -6.04 -26.96
C TYR B 176 -35.11 -6.39 -26.95
N GLU B 177 -35.90 -5.65 -27.73
CA GLU B 177 -37.36 -5.82 -27.76
C GLU B 177 -37.91 -6.27 -29.12
N GLY B 178 -37.04 -6.56 -30.08
CA GLY B 178 -37.46 -7.08 -31.38
C GLY B 178 -37.46 -6.02 -32.47
N ALA B 179 -37.75 -6.45 -33.70
CA ALA B 179 -37.93 -5.55 -34.83
C ALA B 179 -39.36 -5.02 -34.84
N ILE B 180 -39.52 -3.71 -34.72
CA ILE B 180 -40.84 -3.07 -34.75
C ILE B 180 -41.36 -2.83 -36.17
N PHE B 181 -40.48 -2.88 -37.16
CA PHE B 181 -40.84 -2.50 -38.52
C PHE B 181 -39.85 -3.06 -39.52
N GLU B 182 -40.34 -3.41 -40.70
CA GLU B 182 -39.50 -3.81 -41.82
C GLU B 182 -40.02 -3.22 -43.12
N ASP B 183 -39.13 -3.06 -44.10
CA ASP B 183 -39.48 -2.52 -45.41
C ASP B 183 -38.82 -3.38 -46.48
N GLU B 184 -39.64 -4.05 -47.29
CA GLU B 184 -39.15 -4.99 -48.30
C GLU B 184 -38.44 -4.34 -49.49
N THR B 185 -38.72 -3.07 -49.75
CA THR B 185 -38.11 -2.36 -50.88
C THR B 185 -36.60 -2.11 -50.72
N THR B 186 -36.08 -2.21 -49.51
CA THR B 186 -34.67 -1.94 -49.23
C THR B 186 -33.99 -3.07 -48.47
N LYS B 187 -32.67 -3.14 -48.59
CA LYS B 187 -31.85 -4.11 -47.85
C LYS B 187 -31.52 -3.59 -46.44
N GLU B 188 -31.39 -2.28 -46.31
CA GLU B 188 -31.07 -1.66 -45.02
C GLU B 188 -31.81 -0.33 -44.78
N ILE B 189 -31.89 0.05 -43.51
CA ILE B 189 -32.55 1.29 -43.09
C ILE B 189 -31.56 2.12 -42.28
N ASP B 190 -31.44 3.40 -42.65
CA ASP B 190 -30.56 4.36 -41.97
C ASP B 190 -31.39 5.31 -41.12
N CYS B 191 -30.78 5.81 -40.04
CA CYS B 191 -31.27 6.97 -39.30
C CYS B 191 -32.77 6.94 -38.94
N PRO B 192 -33.22 5.90 -38.25
CA PRO B 192 -34.61 5.85 -37.80
C PRO B 192 -34.90 6.84 -36.69
N ASP B 193 -36.16 7.22 -36.54
CA ASP B 193 -36.60 8.15 -35.51
C ASP B 193 -38.08 7.90 -35.24
N LEU B 194 -38.39 7.48 -34.02
CA LEU B 194 -39.75 7.17 -33.61
C LEU B 194 -40.31 8.27 -32.72
N VAL B 195 -41.33 8.97 -33.22
CA VAL B 195 -41.97 10.05 -32.49
C VAL B 195 -43.48 9.83 -32.39
N ARG B 196 -44.17 10.68 -31.63
CA ARG B 196 -45.61 10.61 -31.49
C ARG B 196 -46.21 11.99 -31.65
N ILE B 197 -47.18 12.11 -32.55
CA ILE B 197 -47.92 13.35 -32.77
C ILE B 197 -49.40 13.05 -32.62
N GLY B 198 -50.04 13.72 -31.67
CA GLY B 198 -51.41 13.42 -31.30
C GLY B 198 -51.47 12.02 -30.72
N GLU B 199 -52.31 11.17 -31.30
CA GLU B 199 -52.45 9.79 -30.85
C GLU B 199 -51.81 8.81 -31.85
N LYS B 200 -50.92 9.29 -32.70
CA LYS B 200 -50.32 8.48 -33.76
C LYS B 200 -48.82 8.33 -33.55
N ASP B 201 -48.34 7.09 -33.62
CA ASP B 201 -46.91 6.81 -33.63
C ASP B 201 -46.39 6.94 -35.06
N ILE B 202 -45.29 7.67 -35.22
CA ILE B 202 -44.72 7.95 -36.54
C ILE B 202 -43.25 7.53 -36.58
N LEU B 203 -42.91 6.65 -37.51
CA LEU B 203 -41.53 6.23 -37.70
C LEU B 203 -40.94 6.90 -38.96
N ILE B 204 -39.99 7.81 -38.73
CA ILE B 204 -39.21 8.41 -39.80
C ILE B 204 -37.97 7.56 -40.02
N TYR B 205 -37.60 7.33 -41.28
CA TYR B 205 -36.37 6.60 -41.58
C TYR B 205 -35.86 6.92 -42.98
N SER B 206 -34.63 6.49 -43.27
CA SER B 206 -33.96 6.80 -44.53
C SER B 206 -33.58 5.53 -45.30
N ILE B 207 -33.67 5.61 -46.63
CA ILE B 207 -33.27 4.53 -47.53
C ILE B 207 -32.18 5.05 -48.46
N THR B 208 -31.01 4.43 -48.42
CA THR B 208 -29.81 4.92 -49.11
C THR B 208 -29.90 4.82 -50.64
N SER B 209 -30.55 3.76 -51.13
CA SER B 209 -30.60 3.46 -52.56
C SER B 209 -31.36 4.50 -53.39
N THR B 210 -32.43 5.06 -52.83
CA THR B 210 -33.20 6.11 -53.49
C THR B 210 -32.94 7.49 -52.87
N ASN B 211 -32.12 7.50 -51.83
CA ASN B 211 -31.82 8.71 -51.06
C ASN B 211 -33.09 9.45 -50.61
N SER B 212 -33.99 8.70 -49.98
CA SER B 212 -35.28 9.21 -49.57
C SER B 212 -35.45 9.10 -48.07
N VAL B 213 -36.22 10.03 -47.50
CA VAL B 213 -36.66 9.92 -46.12
C VAL B 213 -38.15 9.59 -46.17
N LEU B 214 -38.51 8.43 -45.61
CA LEU B 214 -39.90 7.98 -45.58
C LEU B 214 -40.49 8.14 -44.19
N PHE B 215 -41.81 8.01 -44.09
CA PHE B 215 -42.49 7.90 -42.81
C PHE B 215 -43.57 6.81 -42.86
N SER B 216 -43.78 6.17 -41.71
CA SER B 216 -44.86 5.22 -41.52
C SER B 216 -45.61 5.62 -40.26
N MET B 217 -46.88 5.96 -40.41
CA MET B 217 -47.71 6.47 -39.32
C MET B 217 -48.80 5.47 -38.98
N GLY B 218 -49.02 5.24 -37.69
CA GLY B 218 -50.05 4.33 -37.23
C GLY B 218 -50.07 4.20 -35.71
N GLU B 219 -50.07 2.96 -35.22
CA GLU B 219 -50.08 2.69 -33.79
C GLU B 219 -49.12 1.53 -33.45
N LEU B 220 -48.24 1.76 -32.49
CA LEU B 220 -47.34 0.71 -32.00
C LEU B 220 -48.12 -0.18 -31.03
N LYS B 221 -48.29 -1.44 -31.40
CA LYS B 221 -49.01 -2.43 -30.61
C LYS B 221 -48.27 -3.77 -30.61
N GLU B 222 -48.04 -4.31 -29.42
CA GLU B 222 -47.41 -5.63 -29.26
C GLU B 222 -46.08 -5.78 -30.01
N GLY B 223 -45.20 -4.79 -29.84
CA GLY B 223 -43.87 -4.83 -30.43
C GLY B 223 -43.82 -4.71 -31.95
N LYS B 224 -44.86 -4.12 -32.54
CA LYS B 224 -44.96 -3.95 -33.98
C LYS B 224 -45.71 -2.68 -34.35
N LEU B 225 -45.20 -1.93 -35.32
CA LEU B 225 -45.86 -0.73 -35.80
C LEU B 225 -46.94 -1.11 -36.82
N ASN B 226 -48.20 -0.92 -36.43
CA ASN B 226 -49.34 -1.10 -37.32
C ASN B 226 -49.51 0.12 -38.23
N VAL B 227 -49.10 -0.01 -39.49
CA VAL B 227 -49.08 1.13 -40.41
C VAL B 227 -50.49 1.44 -40.93
N GLU B 228 -50.91 2.70 -40.75
CA GLU B 228 -52.15 3.23 -41.30
C GLU B 228 -51.91 4.07 -42.55
N LYS B 229 -50.82 4.82 -42.57
CA LYS B 229 -50.48 5.72 -43.68
C LYS B 229 -48.98 5.77 -43.89
N ARG B 230 -48.55 5.92 -45.15
CA ARG B 230 -47.14 5.93 -45.50
C ARG B 230 -46.87 6.97 -46.59
N GLY B 231 -45.64 7.50 -46.61
CA GLY B 231 -45.25 8.46 -47.62
C GLY B 231 -43.83 8.97 -47.49
N LEU B 232 -43.54 10.05 -48.20
CA LEU B 232 -42.24 10.72 -48.15
C LEU B 232 -42.33 11.96 -47.26
N LEU B 233 -41.24 12.27 -46.56
CA LEU B 233 -41.12 13.50 -45.78
C LEU B 233 -40.73 14.67 -46.68
N ASP B 234 -40.04 14.36 -47.78
CA ASP B 234 -39.64 15.34 -48.79
C ASP B 234 -39.63 14.68 -50.17
N HIS B 235 -39.93 15.46 -51.19
CA HIS B 235 -40.16 14.94 -52.55
C HIS B 235 -39.04 15.30 -53.55
N GLY B 236 -38.01 15.99 -53.10
CA GLY B 236 -36.92 16.44 -53.96
C GLY B 236 -35.74 15.50 -54.03
N THR B 237 -34.64 16.00 -54.61
CA THR B 237 -33.45 15.19 -54.86
C THR B 237 -32.44 15.14 -53.70
N ASP B 238 -32.52 16.09 -52.77
CA ASP B 238 -31.48 16.27 -51.74
C ASP B 238 -32.08 16.52 -50.36
N PHE B 239 -32.62 15.44 -49.77
CA PHE B 239 -33.07 15.46 -48.38
C PHE B 239 -32.88 14.05 -47.83
N TYR B 240 -31.94 13.90 -46.92
CA TYR B 240 -31.53 12.59 -46.43
C TYR B 240 -31.13 12.62 -44.97
N ALA B 241 -31.27 11.47 -44.31
CA ALA B 241 -30.79 11.28 -42.94
C ALA B 241 -31.44 12.29 -41.98
N ALA B 242 -32.76 12.40 -42.09
CA ALA B 242 -33.53 13.29 -41.24
C ALA B 242 -33.51 12.83 -39.79
N GLN B 243 -33.45 13.81 -38.88
CA GLN B 243 -33.59 13.58 -37.45
C GLN B 243 -34.43 14.68 -36.82
N THR B 244 -35.13 14.36 -35.74
CA THR B 244 -35.93 15.34 -35.02
C THR B 244 -35.25 15.71 -33.70
N PHE B 245 -35.59 16.89 -33.19
CA PHE B 245 -35.02 17.39 -31.95
C PHE B 245 -35.65 16.67 -30.75
N PHE B 246 -34.80 16.32 -29.79
CA PHE B 246 -35.25 15.91 -28.47
C PHE B 246 -35.54 17.18 -27.68
N GLY B 247 -36.58 17.16 -26.86
CA GLY B 247 -36.83 18.23 -25.90
C GLY B 247 -37.66 19.43 -26.35
N THR B 248 -38.33 19.31 -27.49
CA THR B 248 -39.21 20.38 -27.99
C THR B 248 -40.69 19.96 -27.92
N ASP B 249 -41.58 20.95 -27.90
CA ASP B 249 -43.02 20.72 -27.92
C ASP B 249 -43.50 20.33 -29.31
N ARG B 250 -43.03 21.04 -30.33
CA ARG B 250 -43.24 20.64 -31.72
C ARG B 250 -42.32 19.50 -32.08
N VAL B 251 -42.67 18.78 -33.13
CA VAL B 251 -41.72 17.90 -33.80
C VAL B 251 -41.04 18.75 -34.86
N VAL B 252 -39.72 18.93 -34.72
CA VAL B 252 -38.93 19.70 -35.66
C VAL B 252 -37.88 18.78 -36.29
N VAL B 253 -37.82 18.76 -37.61
CA VAL B 253 -36.91 17.89 -38.36
C VAL B 253 -35.89 18.71 -39.16
N ILE B 254 -34.64 18.27 -39.16
CA ILE B 254 -33.60 18.76 -40.07
C ILE B 254 -33.01 17.56 -40.78
N GLY B 255 -32.78 17.70 -42.08
CA GLY B 255 -32.11 16.69 -42.88
C GLY B 255 -30.82 17.20 -43.48
N TRP B 256 -29.97 16.28 -43.92
CA TRP B 256 -28.83 16.62 -44.76
C TRP B 256 -29.37 17.04 -46.13
N LEU B 257 -29.04 18.26 -46.56
CA LEU B 257 -29.46 18.76 -47.86
C LEU B 257 -28.42 18.40 -48.92
N GLN B 258 -28.35 17.11 -49.21
CA GLN B 258 -27.44 16.55 -50.20
C GLN B 258 -27.87 15.13 -50.51
N SER B 259 -27.25 14.52 -51.50
CA SER B 259 -27.51 13.12 -51.85
C SER B 259 -26.18 12.38 -52.00
N TRP B 260 -26.09 11.20 -51.41
CA TRP B 260 -24.95 10.30 -51.64
C TRP B 260 -24.84 9.98 -53.13
N LEU B 261 -25.98 9.73 -53.76
CA LEU B 261 -26.04 9.41 -55.19
C LEU B 261 -25.47 10.53 -56.07
N ARG B 262 -25.70 11.78 -55.67
CA ARG B 262 -25.32 12.95 -56.46
C ARG B 262 -24.12 13.74 -55.95
N THR B 263 -23.46 13.25 -54.89
CA THR B 263 -22.33 13.97 -54.27
C THR B 263 -21.18 14.23 -55.25
N GLY B 264 -20.90 13.25 -56.12
CA GLY B 264 -19.85 13.38 -57.11
C GLY B 264 -20.05 14.48 -58.15
N LEU B 265 -21.31 14.89 -58.35
CA LEU B 265 -21.66 15.94 -59.30
C LEU B 265 -21.46 17.36 -58.75
N TYR B 266 -21.28 17.47 -57.43
CA TYR B 266 -21.28 18.76 -56.74
C TYR B 266 -19.86 19.35 -56.62
N PRO B 267 -19.73 20.61 -57.01
CA PRO B 267 -18.45 21.34 -57.04
C PRO B 267 -18.01 22.14 -55.80
N THR B 268 -18.67 22.02 -54.65
CA THR B 268 -18.23 22.81 -53.49
C THR B 268 -16.85 22.38 -52.97
N LYS B 269 -16.43 21.16 -53.29
CA LYS B 269 -15.13 20.63 -52.83
C LYS B 269 -13.92 21.48 -53.25
N ARG B 270 -14.06 22.19 -54.36
CA ARG B 270 -13.01 23.11 -54.82
C ARG B 270 -12.83 24.31 -53.88
N GLU B 271 -13.90 24.67 -53.17
CA GLU B 271 -13.87 25.73 -52.15
C GLU B 271 -13.43 25.21 -50.77
N GLY B 272 -13.08 23.93 -50.69
CA GLY B 272 -12.55 23.33 -49.49
C GLY B 272 -13.58 22.75 -48.53
N TRP B 273 -14.84 22.71 -48.94
CA TRP B 273 -15.90 22.21 -48.08
C TRP B 273 -16.98 21.42 -48.84
N ASN B 274 -17.82 20.73 -48.09
CA ASN B 274 -18.86 19.86 -48.66
C ASN B 274 -19.94 19.62 -47.60
N GLY B 275 -21.20 19.73 -47.99
CA GLY B 275 -22.32 19.44 -47.11
C GLY B 275 -23.08 20.67 -46.64
N VAL B 276 -24.40 20.58 -46.68
CA VAL B 276 -25.30 21.63 -46.19
C VAL B 276 -26.47 20.97 -45.44
N MET B 277 -26.97 21.64 -44.40
CA MET B 277 -28.19 21.21 -43.71
C MET B 277 -29.42 21.91 -44.28
N SER B 278 -30.53 21.17 -44.32
CA SER B 278 -31.81 21.73 -44.73
C SER B 278 -32.33 22.74 -43.71
N LEU B 279 -33.21 23.61 -44.17
CA LEU B 279 -34.01 24.44 -43.26
C LEU B 279 -34.81 23.51 -42.35
N PRO B 280 -35.06 23.91 -41.10
CA PRO B 280 -35.89 23.09 -40.21
C PRO B 280 -37.37 23.12 -40.57
N ARG B 281 -38.05 21.98 -40.47
CA ARG B 281 -39.49 21.89 -40.72
C ARG B 281 -40.23 21.39 -39.50
N GLU B 282 -41.45 21.87 -39.30
CA GLU B 282 -42.36 21.32 -38.32
C GLU B 282 -43.19 20.20 -38.94
N LEU B 283 -43.28 19.08 -38.23
CA LEU B 283 -44.14 17.96 -38.58
C LEU B 283 -45.39 18.02 -37.70
N TYR B 284 -46.57 17.97 -38.32
CA TYR B 284 -47.84 17.99 -37.59
C TYR B 284 -48.92 17.17 -38.28
N VAL B 285 -49.96 16.79 -37.53
CA VAL B 285 -51.05 15.97 -38.03
C VAL B 285 -52.36 16.76 -38.11
N GLU B 286 -52.95 16.80 -39.30
CA GLU B 286 -54.24 17.45 -39.55
C GLU B 286 -55.08 16.59 -40.50
N ASN B 287 -56.31 16.28 -40.07
CA ASN B 287 -57.22 15.41 -40.82
C ASN B 287 -56.62 14.02 -41.08
N ASN B 288 -56.01 13.45 -40.03
CA ASN B 288 -55.38 12.13 -40.09
C ASN B 288 -54.27 11.99 -41.15
N GLU B 289 -53.62 13.11 -41.48
CA GLU B 289 -52.55 13.11 -42.48
C GLU B 289 -51.29 13.78 -41.90
N LEU B 290 -50.12 13.22 -42.19
CA LEU B 290 -48.85 13.80 -41.74
C LEU B 290 -48.47 14.94 -42.69
N LYS B 291 -48.23 16.13 -42.13
CA LYS B 291 -47.94 17.32 -42.92
C LYS B 291 -46.62 17.97 -42.51
N VAL B 292 -46.06 18.77 -43.41
CA VAL B 292 -44.72 19.33 -43.30
C VAL B 292 -44.78 20.81 -43.70
N LYS B 293 -44.25 21.67 -42.85
CA LYS B 293 -44.19 23.11 -43.15
C LYS B 293 -42.91 23.73 -42.59
N PRO B 294 -42.50 24.88 -43.13
CA PRO B 294 -41.35 25.61 -42.58
C PRO B 294 -41.60 26.02 -41.12
N VAL B 295 -40.58 25.92 -40.27
CA VAL B 295 -40.72 26.40 -38.90
C VAL B 295 -40.97 27.91 -38.90
N ASP B 296 -41.74 28.38 -37.92
CA ASP B 296 -42.12 29.79 -37.82
C ASP B 296 -40.92 30.73 -37.71
N GLU B 297 -39.81 30.24 -37.17
CA GLU B 297 -38.64 31.08 -36.90
C GLU B 297 -37.96 31.59 -38.17
N LEU B 298 -38.21 30.92 -39.30
CA LEU B 298 -37.65 31.32 -40.59
C LEU B 298 -38.13 32.70 -41.07
N LEU B 299 -39.27 33.16 -40.58
CA LEU B 299 -39.78 34.49 -40.92
C LEU B 299 -38.82 35.62 -40.52
N ALA B 300 -38.00 35.37 -39.50
CA ALA B 300 -37.00 36.33 -39.02
C ALA B 300 -35.88 36.61 -40.04
N LEU B 301 -35.70 35.71 -41.00
CA LEU B 301 -34.75 35.92 -42.09
C LEU B 301 -35.21 36.98 -43.10
N ARG B 302 -36.51 37.25 -43.14
CA ARG B 302 -37.04 38.21 -44.10
C ARG B 302 -36.56 39.63 -43.79
N LYS B 303 -35.82 40.20 -44.73
CA LYS B 303 -35.39 41.58 -44.66
C LYS B 303 -36.41 42.44 -45.43
N ARG B 304 -36.10 42.79 -46.68
CA ARG B 304 -36.87 43.76 -47.44
C ARG B 304 -37.80 43.01 -48.38
N LYS B 305 -39.02 43.54 -48.58
CA LYS B 305 -39.86 43.06 -49.68
C LYS B 305 -39.37 43.77 -50.94
N VAL B 306 -38.79 43.01 -51.87
CA VAL B 306 -38.13 43.57 -53.04
C VAL B 306 -38.96 43.52 -54.32
N PHE B 307 -40.03 42.72 -54.32
CA PHE B 307 -40.88 42.60 -55.50
C PHE B 307 -42.28 42.13 -55.15
N GLU B 308 -43.26 42.60 -55.92
CA GLU B 308 -44.61 42.06 -55.83
C GLU B 308 -45.41 42.20 -57.12
N THR B 309 -46.43 41.37 -57.26
CA THR B 309 -47.31 41.40 -58.42
C THR B 309 -48.64 40.68 -58.14
N ALA B 310 -49.70 41.17 -58.75
CA ALA B 310 -51.00 40.52 -58.69
C ALA B 310 -51.42 39.99 -60.08
N LYS B 311 -50.47 39.95 -61.01
CA LYS B 311 -50.72 39.50 -62.39
C LYS B 311 -49.56 38.68 -62.95
N SER B 312 -49.82 38.01 -64.08
CA SER B 312 -48.80 37.24 -64.79
C SER B 312 -47.81 38.18 -65.49
N GLY B 313 -46.61 37.67 -65.75
CA GLY B 313 -45.60 38.39 -66.50
C GLY B 313 -44.18 37.89 -66.28
N THR B 314 -43.24 38.41 -67.06
CA THR B 314 -41.81 38.20 -66.81
C THR B 314 -41.23 39.48 -66.20
N PHE B 315 -40.46 39.31 -65.13
CA PHE B 315 -40.05 40.42 -64.27
C PHE B 315 -38.56 40.39 -63.93
N LEU B 316 -37.95 41.56 -63.86
CA LEU B 316 -36.58 41.71 -63.42
C LEU B 316 -36.56 41.95 -61.91
N LEU B 317 -35.93 41.04 -61.18
CA LEU B 317 -35.76 41.19 -59.73
C LEU B 317 -34.51 41.98 -59.42
N ASP B 318 -34.61 42.90 -58.46
CA ASP B 318 -33.48 43.68 -58.01
C ASP B 318 -32.84 42.97 -56.82
N VAL B 319 -32.12 41.90 -57.13
CA VAL B 319 -31.35 41.15 -56.14
C VAL B 319 -29.94 40.92 -56.66
N LYS B 320 -28.96 40.98 -55.76
CA LYS B 320 -27.54 40.87 -56.13
C LYS B 320 -26.93 39.53 -55.69
N GLU B 321 -27.74 38.66 -55.10
CA GLU B 321 -27.33 37.29 -54.81
C GLU B 321 -28.51 36.33 -54.66
N ASN B 322 -28.19 35.04 -54.71
CA ASN B 322 -29.19 33.99 -54.57
C ASN B 322 -29.49 33.76 -53.10
N SER B 323 -30.32 34.63 -52.55
CA SER B 323 -30.68 34.60 -51.14
C SER B 323 -32.02 35.33 -51.01
N TYR B 324 -33.10 34.64 -51.37
CA TYR B 324 -34.44 35.21 -51.25
C TYR B 324 -35.56 34.16 -51.15
N GLU B 325 -36.75 34.63 -50.76
CA GLU B 325 -37.93 33.78 -50.58
C GLU B 325 -39.08 34.29 -51.45
N ILE B 326 -39.61 33.43 -52.31
CA ILE B 326 -40.83 33.71 -53.05
C ILE B 326 -42.04 33.22 -52.26
N VAL B 327 -43.03 34.08 -52.09
CA VAL B 327 -44.29 33.73 -51.42
C VAL B 327 -45.44 33.99 -52.41
N CYS B 328 -46.16 32.93 -52.77
CA CYS B 328 -47.18 32.97 -53.83
C CYS B 328 -48.52 32.42 -53.35
N GLU B 329 -49.60 33.13 -53.68
CA GLU B 329 -50.97 32.69 -53.43
C GLU B 329 -51.68 32.60 -54.77
N PHE B 330 -52.26 31.43 -55.09
CA PHE B 330 -52.93 31.26 -56.38
C PHE B 330 -54.09 30.28 -56.36
N SER B 331 -55.01 30.44 -57.32
CA SER B 331 -56.11 29.51 -57.53
C SER B 331 -55.95 28.84 -58.89
N GLY B 332 -56.28 27.55 -58.95
CA GLY B 332 -56.16 26.78 -60.18
C GLY B 332 -54.72 26.39 -60.48
N GLU B 333 -54.31 26.54 -61.74
CA GLU B 333 -52.98 26.14 -62.18
C GLU B 333 -51.99 27.31 -62.13
N ILE B 334 -50.70 26.96 -62.18
CA ILE B 334 -49.62 27.96 -62.19
C ILE B 334 -48.32 27.43 -62.77
N GLU B 335 -47.50 28.32 -63.31
CA GLU B 335 -46.14 28.01 -63.73
C GLU B 335 -45.20 29.14 -63.30
N LEU B 336 -44.16 28.78 -62.56
CA LEU B 336 -43.25 29.73 -61.95
C LEU B 336 -41.82 29.37 -62.35
N ARG B 337 -41.12 30.30 -63.00
CA ARG B 337 -39.72 30.10 -63.40
C ARG B 337 -38.83 31.12 -62.69
N MET B 338 -37.67 30.65 -62.23
CA MET B 338 -36.69 31.50 -61.53
C MET B 338 -35.31 31.21 -62.13
N GLY B 339 -34.64 32.24 -62.60
CA GLY B 339 -33.37 32.03 -63.30
C GLY B 339 -32.70 33.27 -63.87
N ASN B 340 -31.77 33.03 -64.78
CA ASN B 340 -31.10 34.09 -65.55
C ASN B 340 -31.09 33.69 -67.04
N GLU B 341 -30.23 34.30 -67.85
CA GLU B 341 -30.18 34.00 -69.29
C GLU B 341 -29.79 32.54 -69.60
N SER B 342 -28.96 31.93 -68.77
CA SER B 342 -28.44 30.57 -69.01
C SER B 342 -28.98 29.48 -68.09
N GLU B 343 -29.54 29.85 -66.95
CA GLU B 343 -29.89 28.90 -65.90
C GLU B 343 -31.32 29.12 -65.40
N GLU B 344 -32.01 28.05 -65.00
CA GLU B 344 -33.35 28.19 -64.44
C GLU B 344 -33.83 26.98 -63.62
N VAL B 345 -34.81 27.24 -62.76
CA VAL B 345 -35.59 26.21 -62.06
C VAL B 345 -37.06 26.50 -62.30
N VAL B 346 -37.84 25.47 -62.59
CA VAL B 346 -39.25 25.63 -62.91
C VAL B 346 -40.11 24.80 -61.96
N ILE B 347 -41.22 25.38 -61.50
CA ILE B 347 -42.20 24.66 -60.70
C ILE B 347 -43.61 24.92 -61.28
N THR B 348 -44.34 23.85 -61.53
CA THR B 348 -45.65 23.91 -62.17
C THR B 348 -46.67 23.11 -61.37
N LYS B 349 -47.84 23.71 -61.12
CA LYS B 349 -48.99 22.96 -60.63
C LYS B 349 -49.98 22.72 -61.77
N SER B 350 -49.96 21.51 -62.32
CA SER B 350 -50.85 21.12 -63.42
C SER B 350 -51.86 20.08 -62.96
N ARG B 351 -53.13 20.47 -62.94
CA ARG B 351 -54.26 19.59 -62.59
C ARG B 351 -54.17 19.01 -61.17
N ASP B 352 -53.64 17.79 -61.06
CA ASP B 352 -53.54 17.09 -59.77
C ASP B 352 -52.10 16.92 -59.29
N GLU B 353 -51.16 17.65 -59.90
CA GLU B 353 -49.74 17.41 -59.68
C GLU B 353 -48.92 18.68 -59.47
N LEU B 354 -47.93 18.58 -58.61
CA LEU B 354 -46.90 19.60 -58.45
C LEU B 354 -45.60 19.01 -58.98
N ILE B 355 -44.95 19.70 -59.94
CA ILE B 355 -43.70 19.21 -60.51
C ILE B 355 -42.60 20.27 -60.46
N VAL B 356 -41.39 19.86 -60.10
CA VAL B 356 -40.24 20.75 -60.08
C VAL B 356 -39.16 20.21 -61.02
N ASP B 357 -38.49 21.11 -61.72
CA ASP B 357 -37.50 20.78 -62.74
C ASP B 357 -36.23 21.60 -62.51
N THR B 358 -35.17 20.95 -62.05
CA THR B 358 -33.88 21.59 -61.81
C THR B 358 -32.79 21.16 -62.80
N THR B 359 -33.18 20.61 -63.95
CA THR B 359 -32.20 20.10 -64.92
C THR B 359 -31.34 21.18 -65.58
N ARG B 360 -31.87 22.41 -65.66
CA ARG B 360 -31.12 23.54 -66.23
C ARG B 360 -30.59 24.51 -65.16
N SER B 361 -30.52 24.07 -63.90
CA SER B 361 -30.25 24.96 -62.76
C SER B 361 -28.83 25.50 -62.66
N GLY B 362 -27.85 24.74 -63.18
CA GLY B 362 -26.46 25.14 -63.05
C GLY B 362 -25.47 24.05 -63.44
N VAL B 363 -24.26 24.15 -62.89
CA VAL B 363 -23.14 23.30 -63.28
C VAL B 363 -23.27 21.83 -62.84
N SER B 364 -24.15 21.56 -61.88
CA SER B 364 -24.44 20.18 -61.46
C SER B 364 -25.74 19.64 -62.06
N GLY B 365 -26.37 20.40 -62.95
CA GLY B 365 -27.62 20.00 -63.56
C GLY B 365 -28.71 19.78 -62.53
N GLY B 366 -29.53 18.76 -62.76
CA GLY B 366 -30.56 18.38 -61.81
C GLY B 366 -31.51 17.30 -62.30
N GLU B 367 -32.71 17.25 -61.73
CA GLU B 367 -33.70 16.24 -62.08
C GLU B 367 -35.12 16.81 -62.16
N VAL B 368 -36.08 15.95 -62.55
CA VAL B 368 -37.50 16.28 -62.53
C VAL B 368 -38.19 15.40 -61.49
N ARG B 369 -38.85 16.02 -60.51
CA ARG B 369 -39.58 15.31 -59.46
C ARG B 369 -41.03 15.80 -59.41
N LYS B 370 -41.95 14.92 -59.04
CA LYS B 370 -43.37 15.26 -58.97
C LYS B 370 -44.12 14.51 -57.86
N SER B 371 -45.25 15.07 -57.45
CA SER B 371 -46.11 14.46 -56.43
C SER B 371 -47.58 14.81 -56.66
N THR B 372 -48.47 13.85 -56.41
CA THR B 372 -49.91 14.09 -56.45
C THR B 372 -50.31 14.89 -55.21
N VAL B 373 -51.25 15.81 -55.41
CA VAL B 373 -51.50 16.89 -54.46
C VAL B 373 -52.99 17.18 -54.32
N GLU B 374 -53.45 17.38 -53.09
CA GLU B 374 -54.84 17.78 -52.82
C GLU B 374 -54.99 19.26 -53.15
N ASP B 375 -55.94 19.59 -54.02
CA ASP B 375 -56.15 20.98 -54.43
C ASP B 375 -56.97 21.75 -53.39
N GLU B 376 -56.71 23.05 -53.29
CA GLU B 376 -57.41 23.93 -52.35
C GLU B 376 -58.03 25.12 -53.08
N ALA B 377 -58.96 25.79 -52.40
CA ALA B 377 -59.60 26.99 -52.95
C ALA B 377 -58.55 28.07 -53.18
N THR B 378 -57.69 28.30 -52.18
CA THR B 378 -56.49 29.11 -52.32
C THR B 378 -55.26 28.26 -52.00
N ASN B 379 -54.40 28.07 -53.00
CA ASN B 379 -53.11 27.39 -52.83
C ASN B 379 -52.01 28.37 -52.41
N ARG B 380 -50.86 27.83 -51.97
CA ARG B 380 -49.76 28.63 -51.41
C ARG B 380 -48.40 27.96 -51.60
N ILE B 381 -47.50 28.59 -52.34
CA ILE B 381 -46.12 28.12 -52.44
C ILE B 381 -45.16 29.09 -51.74
N ARG B 382 -44.20 28.55 -51.01
CA ARG B 382 -43.03 29.30 -50.52
C ARG B 382 -41.77 28.65 -51.05
N ALA B 383 -40.91 29.42 -51.72
CA ALA B 383 -39.65 28.91 -52.26
C ALA B 383 -38.46 29.64 -51.63
N PHE B 384 -37.59 28.90 -50.95
CA PHE B 384 -36.38 29.44 -50.36
C PHE B 384 -35.19 29.16 -51.28
N LEU B 385 -34.68 30.21 -51.93
CA LEU B 385 -33.46 30.13 -52.72
C LEU B 385 -32.25 30.57 -51.91
N ASP B 386 -31.22 29.74 -51.87
CA ASP B 386 -29.93 30.11 -51.30
C ASP B 386 -28.83 29.77 -52.32
N SER B 387 -27.56 30.02 -51.95
CA SER B 387 -26.43 29.99 -52.90
C SER B 387 -26.30 28.70 -53.69
N CYS B 388 -26.60 27.57 -53.05
CA CYS B 388 -26.52 26.27 -53.68
C CYS B 388 -27.69 25.36 -53.31
N SER B 389 -28.87 25.93 -53.58
CA SER B 389 -30.00 25.13 -53.18
C SER B 389 -31.32 25.89 -53.16
N VAL B 390 -32.40 25.11 -53.39
CA VAL B 390 -33.76 25.63 -53.39
C VAL B 390 -34.71 24.63 -52.70
N GLU B 391 -35.54 25.13 -51.80
CA GLU B 391 -36.52 24.34 -51.07
C GLU B 391 -37.92 24.92 -51.28
N PHE B 392 -38.81 24.13 -51.87
CA PHE B 392 -40.20 24.53 -52.11
C PHE B 392 -41.15 23.92 -51.08
N PHE B 393 -42.10 24.71 -50.61
CA PHE B 393 -43.11 24.26 -49.66
C PHE B 393 -44.50 24.59 -50.21
N PHE B 394 -45.46 23.68 -50.03
CA PHE B 394 -46.78 23.79 -50.67
C PHE B 394 -47.92 23.49 -49.70
N ASN B 395 -48.80 24.49 -49.51
CA ASN B 395 -49.98 24.39 -48.63
C ASN B 395 -49.71 23.94 -47.20
N ASP B 396 -48.51 24.27 -46.67
CA ASP B 396 -48.07 23.79 -45.36
C ASP B 396 -48.30 22.27 -45.24
N SER B 397 -47.99 21.54 -46.30
CA SER B 397 -48.34 20.12 -46.43
C SER B 397 -47.16 19.28 -46.89
N ILE B 398 -46.54 19.66 -48.00
CA ILE B 398 -45.39 18.93 -48.55
C ILE B 398 -44.20 19.84 -48.89
N ALA B 399 -43.04 19.22 -49.00
CA ALA B 399 -41.79 19.91 -49.29
C ALA B 399 -41.00 19.20 -50.39
N PHE B 400 -40.27 19.99 -51.17
CA PHE B 400 -39.40 19.51 -52.23
C PHE B 400 -38.05 20.20 -52.05
N SER B 401 -36.99 19.46 -51.77
CA SER B 401 -35.68 20.06 -51.52
C SER B 401 -34.67 19.64 -52.57
N PHE B 402 -33.93 20.62 -53.10
CA PHE B 402 -32.96 20.41 -54.17
C PHE B 402 -31.66 21.16 -53.94
N ARG B 403 -30.55 20.54 -54.32
CA ARG B 403 -29.27 21.22 -54.44
C ARG B 403 -29.09 21.65 -55.89
N ILE B 404 -28.68 22.91 -56.07
CA ILE B 404 -28.43 23.51 -57.36
C ILE B 404 -27.13 24.32 -57.30
N HIS B 405 -26.47 24.49 -58.44
CA HIS B 405 -25.15 25.11 -58.45
C HIS B 405 -25.02 26.17 -59.55
N PRO B 406 -25.87 27.20 -59.51
CA PRO B 406 -25.82 28.25 -60.53
C PRO B 406 -24.56 29.10 -60.43
N GLU B 407 -23.98 29.43 -61.58
CA GLU B 407 -22.83 30.33 -61.66
C GLU B 407 -23.22 31.79 -61.43
N ASN B 408 -24.47 32.13 -61.73
CA ASN B 408 -24.95 33.51 -61.60
C ASN B 408 -26.29 33.63 -60.87
N VAL B 409 -26.66 34.87 -60.53
CA VAL B 409 -27.85 35.15 -59.76
C VAL B 409 -29.13 34.91 -60.56
N TYR B 410 -30.13 34.35 -59.90
CA TYR B 410 -31.48 34.18 -60.46
C TYR B 410 -32.25 35.48 -60.29
N ASN B 411 -32.03 36.43 -61.20
CA ASN B 411 -32.67 37.75 -61.11
C ASN B 411 -33.82 37.96 -62.09
N ILE B 412 -34.34 36.86 -62.65
CA ILE B 412 -35.48 36.91 -63.56
C ILE B 412 -36.56 35.94 -63.07
N LEU B 413 -37.79 36.42 -63.00
CA LEU B 413 -38.91 35.67 -62.46
C LEU B 413 -40.14 35.78 -63.37
N SER B 414 -40.56 34.66 -63.95
CA SER B 414 -41.78 34.63 -64.74
C SER B 414 -42.88 33.86 -64.01
N VAL B 415 -44.10 34.37 -64.11
CA VAL B 415 -45.26 33.79 -63.46
C VAL B 415 -46.41 33.74 -64.47
N LYS B 416 -47.23 32.71 -64.38
CA LYS B 416 -48.34 32.52 -65.31
C LYS B 416 -49.48 31.81 -64.60
N SER B 417 -50.56 32.57 -64.38
CA SER B 417 -51.77 32.05 -63.76
C SER B 417 -52.86 33.15 -63.80
N ASN B 418 -54.10 32.77 -63.55
CA ASN B 418 -55.24 33.68 -63.70
C ASN B 418 -55.68 34.38 -62.43
N GLN B 419 -55.28 33.83 -61.29
CA GLN B 419 -55.50 34.44 -59.99
C GLN B 419 -54.20 34.26 -59.21
N VAL B 420 -53.37 35.30 -59.18
CA VAL B 420 -52.08 35.24 -58.49
C VAL B 420 -51.83 36.44 -57.59
N LYS B 421 -51.03 36.20 -56.57
CA LYS B 421 -50.52 37.23 -55.67
C LYS B 421 -49.15 36.72 -55.24
N LEU B 422 -48.10 37.38 -55.72
CA LEU B 422 -46.73 36.93 -55.47
C LEU B 422 -45.89 38.07 -54.90
N GLU B 423 -44.96 37.71 -54.01
CA GLU B 423 -44.00 38.66 -53.45
C GLU B 423 -42.66 37.96 -53.22
N VAL B 424 -41.59 38.75 -53.15
CA VAL B 424 -40.26 38.23 -52.92
C VAL B 424 -39.63 39.03 -51.78
N PHE B 425 -39.00 38.32 -50.85
CA PHE B 425 -38.28 38.91 -49.73
C PHE B 425 -36.81 38.56 -49.83
N GLU B 426 -35.94 39.56 -49.71
CA GLU B 426 -34.52 39.32 -49.51
C GLU B 426 -34.35 38.58 -48.17
N LEU B 427 -33.42 37.63 -48.13
CA LEU B 427 -33.16 36.85 -46.92
C LEU B 427 -31.78 37.14 -46.35
N GLU B 428 -31.72 37.25 -45.04
CA GLU B 428 -30.54 37.69 -44.29
C GLU B 428 -29.41 36.66 -44.37
N ASN B 429 -28.18 37.15 -44.46
CA ASN B 429 -26.98 36.34 -44.24
C ASN B 429 -26.75 36.20 -42.73
N ILE B 430 -26.75 34.96 -42.24
CA ILE B 430 -26.64 34.70 -40.80
C ILE B 430 -25.20 34.79 -40.26
N TRP B 431 -24.22 34.80 -41.14
CA TRP B 431 -22.80 34.78 -40.74
C TRP B 431 -22.20 36.16 -40.50
N LEU B 432 -22.50 37.11 -41.39
CA LEU B 432 -21.97 38.47 -41.27
C LEU B 432 -22.93 39.47 -41.86
N LEU C 1 -56.99 29.19 11.45
CA LEU C 1 -55.54 29.42 11.73
C LEU C 1 -54.65 28.23 11.35
N PHE C 2 -55.26 27.06 11.17
CA PHE C 2 -54.51 25.82 10.86
C PHE C 2 -54.36 25.52 9.37
N LYS C 3 -54.86 26.40 8.50
CA LYS C 3 -54.69 26.21 7.06
C LYS C 3 -53.20 26.38 6.71
N PRO C 4 -52.58 25.33 6.17
CA PRO C 4 -51.17 25.39 5.79
C PRO C 4 -50.85 26.51 4.80
N ASN C 5 -49.69 27.13 4.99
CA ASN C 5 -49.20 28.16 4.08
C ASN C 5 -48.57 27.57 2.82
N TYR C 6 -47.83 26.47 2.96
CA TYR C 6 -47.09 25.89 1.83
C TYR C 6 -47.17 24.35 1.71
N HIS C 7 -48.13 23.72 2.40
CA HIS C 7 -48.43 22.31 2.16
C HIS C 7 -49.75 22.18 1.40
N PHE C 8 -49.90 21.07 0.70
CA PHE C 8 -51.15 20.77 0.01
C PHE C 8 -52.23 20.28 0.98
N PHE C 9 -53.43 20.84 0.84
CA PHE C 9 -54.61 20.40 1.57
C PHE C 9 -55.87 20.75 0.74
N PRO C 10 -56.99 20.06 0.96
CA PRO C 10 -58.18 20.26 0.12
C PRO C 10 -58.92 21.56 0.39
N ILE C 11 -59.63 22.09 -0.61
CA ILE C 11 -60.38 23.34 -0.47
C ILE C 11 -61.60 23.20 0.45
N THR C 12 -62.08 21.97 0.58
CA THR C 12 -63.16 21.60 1.49
C THR C 12 -63.20 20.08 1.60
N GLY C 13 -63.63 19.57 2.75
CA GLY C 13 -63.80 18.15 2.94
C GLY C 13 -62.56 17.40 3.39
N TRP C 14 -62.61 16.07 3.22
CA TRP C 14 -61.63 15.14 3.76
C TRP C 14 -60.64 14.64 2.70
N MET C 15 -59.36 14.55 3.06
CA MET C 15 -58.33 14.00 2.18
C MET C 15 -57.44 13.01 2.94
N ASN C 16 -57.24 11.81 2.39
CA ASN C 16 -56.16 10.94 2.88
C ASN C 16 -55.09 10.64 1.80
N ASP C 17 -54.90 9.39 1.39
CA ASP C 17 -53.66 8.96 0.70
C ASP C 17 -53.35 9.76 -0.57
N PRO C 18 -52.07 10.08 -0.81
CA PRO C 18 -51.67 10.54 -2.13
C PRO C 18 -51.78 9.40 -3.14
N ASN C 19 -52.33 9.71 -4.31
CA ASN C 19 -52.58 8.72 -5.36
C ASN C 19 -52.04 9.22 -6.69
N GLY C 20 -51.78 8.30 -7.60
CA GLY C 20 -51.47 8.63 -8.98
C GLY C 20 -50.35 9.64 -9.18
N LEU C 21 -49.32 9.56 -8.35
CA LEU C 21 -48.19 10.48 -8.43
C LEU C 21 -47.43 10.21 -9.72
N ILE C 22 -47.36 11.21 -10.58
CA ILE C 22 -46.69 11.06 -11.87
C ILE C 22 -46.15 12.39 -12.40
N PHE C 23 -44.97 12.33 -13.00
CA PHE C 23 -44.40 13.43 -13.76
C PHE C 23 -44.78 13.19 -15.22
N TRP C 24 -45.77 13.94 -15.70
CA TRP C 24 -46.38 13.72 -17.01
C TRP C 24 -46.46 15.04 -17.78
N LYS C 25 -45.97 15.03 -19.02
CA LYS C 25 -45.88 16.23 -19.85
C LYS C 25 -45.28 17.44 -19.11
N GLY C 26 -44.18 17.19 -18.40
CA GLY C 26 -43.42 18.24 -17.74
C GLY C 26 -44.00 18.81 -16.45
N LYS C 27 -45.04 18.19 -15.90
CA LYS C 27 -45.66 18.66 -14.66
C LYS C 27 -45.89 17.51 -13.68
N TYR C 28 -45.83 17.83 -12.40
CA TYR C 28 -46.04 16.87 -11.32
C TYR C 28 -47.51 16.81 -10.93
N HIS C 29 -48.18 15.70 -11.25
CA HIS C 29 -49.56 15.46 -10.87
C HIS C 29 -49.66 14.70 -9.54
N MET C 30 -50.53 15.17 -8.66
CA MET C 30 -50.86 14.48 -7.43
C MET C 30 -52.36 14.35 -7.31
N PHE C 31 -52.85 13.11 -7.24
CA PHE C 31 -54.24 12.83 -6.92
C PHE C 31 -54.32 12.45 -5.45
N TYR C 32 -55.52 12.25 -4.95
CA TYR C 32 -55.70 11.93 -3.53
C TYR C 32 -57.09 11.40 -3.19
N GLN C 33 -57.15 10.53 -2.18
CA GLN C 33 -58.40 10.04 -1.64
C GLN C 33 -59.15 11.24 -1.09
N TYR C 34 -60.39 11.43 -1.52
CA TYR C 34 -61.10 12.69 -1.31
C TYR C 34 -62.60 12.52 -1.04
N ASN C 35 -63.11 13.19 -0.02
CA ASN C 35 -64.55 13.34 0.19
C ASN C 35 -64.90 14.82 0.30
N PRO C 36 -65.36 15.44 -0.79
CA PRO C 36 -65.72 16.86 -0.77
C PRO C 36 -66.99 17.20 0.03
N ARG C 37 -67.74 16.18 0.45
CA ARG C 37 -69.04 16.39 1.08
C ARG C 37 -68.95 16.88 2.52
N LYS C 38 -67.90 16.44 3.21
CA LYS C 38 -67.71 16.72 4.64
C LYS C 38 -66.28 16.37 5.05
N PRO C 39 -65.80 16.91 6.18
CA PRO C 39 -64.42 16.63 6.63
C PRO C 39 -64.26 15.29 7.37
N GLU C 40 -64.94 14.25 6.87
CA GLU C 40 -64.78 12.88 7.34
C GLU C 40 -64.77 11.93 6.12
N TRP C 41 -64.12 10.79 6.29
CA TRP C 41 -63.97 9.78 5.23
C TRP C 41 -65.32 9.24 4.75
N GLY C 42 -65.43 9.00 3.44
CA GLY C 42 -66.63 8.41 2.86
C GLY C 42 -66.84 8.77 1.39
N ASN C 43 -67.60 7.94 0.67
CA ASN C 43 -67.97 8.19 -0.72
C ASN C 43 -66.77 8.69 -1.54
N ILE C 44 -65.70 7.90 -1.48
CA ILE C 44 -64.37 8.38 -1.88
C ILE C 44 -64.23 8.53 -3.39
N CYS C 45 -63.72 9.70 -3.78
CA CYS C 45 -63.28 9.98 -5.14
C CYS C 45 -61.78 10.28 -5.15
N TRP C 46 -61.22 10.48 -6.34
CA TRP C 46 -59.85 10.97 -6.48
C TRP C 46 -59.88 12.47 -6.77
N GLY C 47 -59.38 13.26 -5.85
CA GLY C 47 -59.13 14.67 -6.09
C GLY C 47 -57.89 14.82 -6.96
N HIS C 48 -57.68 16.02 -7.48
CA HIS C 48 -56.55 16.28 -8.37
C HIS C 48 -55.90 17.64 -8.15
N ALA C 49 -54.57 17.64 -8.18
CA ALA C 49 -53.76 18.86 -8.12
C ALA C 49 -52.50 18.73 -8.98
N VAL C 50 -51.92 19.86 -9.38
CA VAL C 50 -50.71 19.85 -10.21
C VAL C 50 -49.72 20.94 -9.79
N SER C 51 -48.43 20.68 -10.01
CA SER C 51 -47.38 21.69 -9.82
C SER C 51 -46.29 21.55 -10.88
N ASP C 52 -45.60 22.66 -11.17
CA ASP C 52 -44.47 22.66 -12.10
C ASP C 52 -43.18 22.21 -11.43
N ASP C 53 -43.16 22.23 -10.10
CA ASP C 53 -41.91 22.16 -9.34
C ASP C 53 -42.00 21.45 -7.99
N LEU C 54 -43.00 20.58 -7.84
CA LEU C 54 -43.26 19.84 -6.59
C LEU C 54 -43.61 20.71 -5.36
N VAL C 55 -43.89 21.99 -5.57
CA VAL C 55 -44.06 22.94 -4.46
C VAL C 55 -45.29 23.84 -4.64
N HIS C 56 -45.42 24.47 -5.79
CA HIS C 56 -46.51 25.42 -6.05
C HIS C 56 -47.73 24.72 -6.67
N TRP C 57 -48.50 24.06 -5.81
CA TRP C 57 -49.67 23.27 -6.22
C TRP C 57 -50.84 24.17 -6.61
N ARG C 58 -51.63 23.68 -7.56
CA ARG C 58 -52.89 24.28 -7.98
C ARG C 58 -53.95 23.19 -8.07
N HIS C 59 -55.15 23.48 -7.56
CA HIS C 59 -56.26 22.54 -7.61
C HIS C 59 -56.83 22.38 -9.01
N LEU C 60 -57.13 21.13 -9.37
CA LEU C 60 -57.84 20.81 -10.61
C LEU C 60 -59.17 20.13 -10.25
N PRO C 61 -60.05 19.98 -11.24
CA PRO C 61 -61.31 19.24 -11.02
C PRO C 61 -61.10 17.83 -10.49
N VAL C 62 -62.04 17.38 -9.66
CA VAL C 62 -62.08 16.01 -9.19
C VAL C 62 -62.03 15.10 -10.41
N ALA C 63 -61.16 14.10 -10.34
CA ALA C 63 -60.85 13.24 -11.48
C ALA C 63 -61.75 12.01 -11.59
N LEU C 64 -61.94 11.30 -10.47
CA LEU C 64 -62.69 10.04 -10.48
C LEU C 64 -63.78 10.02 -9.42
N TYR C 65 -64.99 9.63 -9.81
CA TYR C 65 -66.11 9.48 -8.88
C TYR C 65 -66.57 8.02 -8.85
N PRO C 66 -67.09 7.57 -7.71
CA PRO C 66 -67.77 6.27 -7.67
C PRO C 66 -69.09 6.36 -8.44
N ASP C 67 -69.55 5.24 -8.99
CA ASP C 67 -70.75 5.24 -9.83
C ASP C 67 -72.04 5.43 -9.05
N ASP C 68 -71.98 5.19 -7.74
CA ASP C 68 -73.15 5.25 -6.87
C ASP C 68 -72.74 5.37 -5.39
N GLU C 69 -73.73 5.38 -4.50
CA GLU C 69 -73.49 5.67 -3.08
C GLU C 69 -72.90 4.52 -2.25
N THR C 70 -72.86 3.32 -2.81
CA THR C 70 -72.35 2.15 -2.11
C THR C 70 -70.96 1.72 -2.59
N HIS C 71 -70.24 2.60 -3.29
CA HIS C 71 -68.91 2.30 -3.80
C HIS C 71 -67.90 3.40 -3.45
N GLY C 72 -66.62 3.09 -3.65
CA GLY C 72 -65.54 4.04 -3.45
C GLY C 72 -64.39 3.82 -4.41
N VAL C 73 -63.74 4.92 -4.83
CA VAL C 73 -62.56 4.86 -5.67
C VAL C 73 -61.33 4.91 -4.76
N PHE C 74 -60.85 3.73 -4.36
CA PHE C 74 -59.76 3.59 -3.40
C PHE C 74 -58.39 3.88 -4.03
N SER C 75 -57.32 3.70 -3.26
CA SER C 75 -56.00 4.19 -3.67
C SER C 75 -55.40 3.44 -4.85
N GLY C 76 -54.39 4.07 -5.44
CA GLY C 76 -53.78 3.56 -6.66
C GLY C 76 -52.69 4.47 -7.17
N SER C 77 -52.21 4.16 -8.37
CA SER C 77 -51.05 4.81 -8.96
C SER C 77 -51.32 5.28 -10.38
N ALA C 78 -50.32 5.95 -10.97
CA ALA C 78 -50.42 6.46 -12.33
C ALA C 78 -49.16 6.09 -13.10
N VAL C 79 -49.34 5.75 -14.37
CA VAL C 79 -48.23 5.49 -15.28
C VAL C 79 -48.45 6.22 -16.59
N GLU C 80 -47.42 6.25 -17.40
CA GLU C 80 -47.50 6.77 -18.75
C GLU C 80 -47.29 5.62 -19.71
N LYS C 81 -48.54 5.24 -20.69
CA LYS C 81 -48.48 4.27 -21.79
C LYS C 81 -48.80 5.00 -23.13
N ASP C 82 -47.86 4.90 -24.09
CA ASP C 82 -48.00 5.52 -25.44
C ASP C 82 -48.44 6.99 -25.33
N GLY C 83 -47.80 7.73 -24.43
CA GLY C 83 -48.03 9.15 -24.20
C GLY C 83 -49.21 9.52 -23.31
N LYS C 84 -50.12 8.58 -23.06
CA LYS C 84 -51.34 8.84 -22.30
C LYS C 84 -51.10 8.57 -20.82
N MET C 85 -51.85 9.27 -19.97
CA MET C 85 -51.87 8.99 -18.54
C MET C 85 -52.88 7.90 -18.24
N PHE C 86 -52.46 6.89 -17.48
CA PHE C 86 -53.34 5.83 -17.03
C PHE C 86 -53.36 5.82 -15.51
N LEU C 87 -54.56 5.77 -14.93
CA LEU C 87 -54.72 5.60 -13.49
C LEU C 87 -55.15 4.17 -13.22
N VAL C 88 -54.45 3.50 -12.31
CA VAL C 88 -54.75 2.13 -11.91
C VAL C 88 -55.12 2.15 -10.44
N TYR C 89 -56.30 1.64 -10.10
CA TYR C 89 -56.88 1.86 -8.78
C TYR C 89 -57.80 0.73 -8.34
N THR C 90 -58.02 0.63 -7.05
CA THR C 90 -58.98 -0.30 -6.50
C THR C 90 -60.37 0.32 -6.48
N TYR C 91 -61.35 -0.40 -7.03
CA TYR C 91 -62.76 -0.03 -6.91
C TYR C 91 -63.40 -0.88 -5.82
N TYR C 92 -63.97 -0.21 -4.83
CA TYR C 92 -64.47 -0.85 -3.61
C TYR C 92 -65.99 -0.85 -3.57
N ARG C 93 -66.57 -1.98 -3.16
CA ARG C 93 -68.01 -2.10 -2.97
C ARG C 93 -68.30 -2.38 -1.50
N ASP C 94 -69.21 -1.61 -0.92
CA ASP C 94 -69.65 -1.79 0.46
C ASP C 94 -70.24 -3.18 0.68
N PRO C 95 -70.12 -3.70 1.88
CA PRO C 95 -70.84 -4.93 2.25
C PRO C 95 -72.34 -4.66 2.30
N THR C 96 -73.14 -5.68 1.98
CA THR C 96 -74.59 -5.57 2.05
C THR C 96 -75.17 -6.66 2.95
N HIS C 97 -76.48 -6.65 3.10
CA HIS C 97 -77.17 -7.61 3.95
C HIS C 97 -76.64 -9.01 3.66
N ASN C 98 -76.53 -9.35 2.38
CA ASN C 98 -76.17 -10.69 1.96
C ASN C 98 -74.89 -10.72 1.14
N LYS C 99 -74.07 -9.69 1.28
CA LYS C 99 -72.85 -9.59 0.48
C LYS C 99 -71.72 -8.95 1.26
N GLY C 100 -70.59 -9.64 1.36
CA GLY C 100 -69.39 -9.05 1.93
C GLY C 100 -68.84 -8.00 0.97
N GLU C 101 -67.80 -7.30 1.40
CA GLU C 101 -67.18 -6.29 0.54
C GLU C 101 -66.45 -6.92 -0.65
N LYS C 102 -66.20 -6.11 -1.66
CA LYS C 102 -65.57 -6.57 -2.89
C LYS C 102 -64.58 -5.54 -3.41
N GLU C 103 -63.38 -6.01 -3.75
CA GLU C 103 -62.33 -5.15 -4.28
C GLU C 103 -61.86 -5.69 -5.64
N THR C 104 -61.92 -4.84 -6.65
CA THR C 104 -61.38 -5.16 -7.97
C THR C 104 -60.37 -4.07 -8.37
N GLN C 105 -59.48 -4.39 -9.30
CA GLN C 105 -58.51 -3.43 -9.80
C GLN C 105 -58.97 -2.97 -11.18
N CYS C 106 -58.97 -1.66 -11.38
CA CYS C 106 -59.54 -1.02 -12.57
C CYS C 106 -58.60 0.01 -13.17
N VAL C 107 -58.86 0.38 -14.41
CA VAL C 107 -58.02 1.32 -15.15
C VAL C 107 -58.86 2.43 -15.78
N VAL C 108 -58.31 3.66 -15.74
CA VAL C 108 -58.84 4.80 -16.50
C VAL C 108 -57.73 5.33 -17.39
N MET C 109 -58.10 6.04 -18.44
CA MET C 109 -57.16 6.63 -19.37
C MET C 109 -57.47 8.11 -19.60
N SER C 110 -56.43 8.90 -19.88
CA SER C 110 -56.60 10.30 -20.22
C SER C 110 -55.51 10.75 -21.20
N GLU C 111 -55.92 11.47 -22.24
CA GLU C 111 -55.00 12.03 -23.22
C GLU C 111 -54.59 13.46 -22.87
N ASN C 112 -55.33 14.12 -21.98
CA ASN C 112 -55.04 15.53 -21.64
C ASN C 112 -54.74 15.81 -20.16
N GLY C 113 -54.80 14.79 -19.31
CA GLY C 113 -54.56 14.94 -17.87
C GLY C 113 -55.68 15.60 -17.08
N LEU C 114 -56.84 15.77 -17.72
CA LEU C 114 -58.01 16.45 -17.13
C LEU C 114 -59.27 15.57 -17.20
N ASP C 115 -59.49 14.95 -18.35
CA ASP C 115 -60.66 14.10 -18.59
C ASP C 115 -60.25 12.63 -18.63
N PHE C 116 -60.95 11.81 -17.85
CA PHE C 116 -60.62 10.39 -17.69
C PHE C 116 -61.77 9.49 -18.13
N VAL C 117 -61.44 8.44 -18.87
CA VAL C 117 -62.43 7.52 -19.43
C VAL C 117 -62.12 6.08 -19.01
N LYS C 118 -63.16 5.33 -18.64
CA LYS C 118 -62.98 3.98 -18.12
C LYS C 118 -62.60 3.00 -19.24
N TYR C 119 -61.66 2.11 -18.93
CA TYR C 119 -61.34 0.99 -19.81
C TYR C 119 -62.56 0.05 -19.87
N ASP C 120 -62.97 -0.30 -21.09
CA ASP C 120 -64.17 -1.13 -21.32
C ASP C 120 -64.09 -2.51 -20.66
N GLY C 121 -62.89 -3.07 -20.56
CA GLY C 121 -62.69 -4.39 -19.96
C GLY C 121 -62.51 -4.42 -18.46
N ASN C 122 -62.85 -3.33 -17.77
CA ASN C 122 -62.78 -3.31 -16.30
C ASN C 122 -63.72 -4.35 -15.69
N PRO C 123 -63.31 -5.00 -14.60
CA PRO C 123 -62.00 -4.81 -13.98
C PRO C 123 -60.86 -5.58 -14.67
N VAL C 124 -59.66 -5.03 -14.63
CA VAL C 124 -58.46 -5.71 -15.15
C VAL C 124 -58.01 -6.87 -14.25
N ILE C 125 -58.30 -6.78 -12.96
CA ILE C 125 -58.15 -7.92 -12.04
C ILE C 125 -59.44 -8.04 -11.23
N SER C 126 -60.18 -9.12 -11.46
CA SER C 126 -61.54 -9.27 -10.94
C SER C 126 -61.61 -9.90 -9.55
N LYS C 127 -60.63 -10.76 -9.23
CA LYS C 127 -60.62 -11.50 -7.97
C LYS C 127 -59.22 -11.51 -7.35
N PRO C 128 -59.14 -11.80 -6.05
CA PRO C 128 -57.85 -12.12 -5.43
C PRO C 128 -57.30 -13.45 -5.92
N PRO C 129 -55.99 -13.66 -5.81
CA PRO C 129 -55.35 -14.86 -6.36
C PRO C 129 -55.54 -16.12 -5.51
N GLU C 130 -55.62 -15.96 -4.20
CA GLU C 130 -55.83 -17.07 -3.28
C GLU C 130 -57.06 -16.81 -2.41
N GLU C 131 -57.58 -17.86 -1.79
CA GLU C 131 -58.70 -17.74 -0.88
C GLU C 131 -58.23 -17.17 0.46
N GLY C 132 -59.16 -16.55 1.18
CA GLY C 132 -58.87 -15.97 2.49
C GLY C 132 -58.09 -14.66 2.43
N THR C 133 -58.00 -14.05 1.26
CA THR C 133 -57.26 -12.79 1.10
C THR C 133 -58.22 -11.61 1.20
N HIS C 134 -57.85 -10.63 2.03
CA HIS C 134 -58.58 -9.39 2.15
C HIS C 134 -57.66 -8.17 2.02
N ALA C 135 -58.25 -6.98 1.97
CA ALA C 135 -57.50 -5.72 1.87
C ALA C 135 -56.71 -5.74 0.57
N PHE C 136 -57.33 -6.32 -0.44
CA PHE C 136 -56.73 -6.56 -1.75
C PHE C 136 -56.81 -5.27 -2.54
N ARG C 137 -55.83 -4.39 -2.35
CA ARG C 137 -55.94 -3.03 -2.89
C ARG C 137 -54.61 -2.24 -2.97
N ASP C 138 -54.71 -1.07 -3.59
CA ASP C 138 -53.60 -0.12 -3.75
C ASP C 138 -52.55 -0.59 -4.77
N PRO C 139 -52.96 -0.76 -6.02
CA PRO C 139 -52.02 -1.18 -7.08
C PRO C 139 -51.00 -0.09 -7.41
N LYS C 140 -49.73 -0.35 -7.17
CA LYS C 140 -48.65 0.56 -7.55
C LYS C 140 -47.87 -0.05 -8.72
N VAL C 141 -48.03 0.53 -9.89
CA VAL C 141 -47.47 -0.02 -11.12
C VAL C 141 -46.18 0.72 -11.48
N ASN C 142 -45.10 -0.05 -11.72
CA ASN C 142 -43.84 0.51 -12.19
C ASN C 142 -43.42 -0.10 -13.51
N ARG C 143 -42.43 0.50 -14.14
CA ARG C 143 -41.83 0.00 -15.37
C ARG C 143 -40.49 -0.64 -15.06
N SER C 144 -40.28 -1.87 -15.51
CA SER C 144 -39.06 -2.63 -15.24
C SER C 144 -38.80 -3.65 -16.34
N ASN C 145 -37.64 -3.55 -16.98
CA ASN C 145 -37.21 -4.55 -17.97
C ASN C 145 -38.21 -4.80 -19.10
N GLY C 146 -38.80 -3.72 -19.61
CA GLY C 146 -39.71 -3.79 -20.74
C GLY C 146 -41.09 -4.33 -20.43
N GLU C 147 -41.48 -4.34 -19.16
CA GLU C 147 -42.82 -4.79 -18.76
C GLU C 147 -43.36 -3.96 -17.61
N TRP C 148 -44.65 -4.15 -17.34
CA TRP C 148 -45.30 -3.53 -16.20
C TRP C 148 -45.29 -4.48 -15.00
N ARG C 149 -45.04 -3.93 -13.82
CA ARG C 149 -45.05 -4.66 -12.56
C ARG C 149 -46.01 -3.97 -11.61
N MET C 150 -46.97 -4.70 -11.06
CA MET C 150 -47.90 -4.15 -10.08
C MET C 150 -47.66 -4.81 -8.72
N VAL C 151 -47.53 -4.00 -7.68
CA VAL C 151 -47.55 -4.51 -6.30
C VAL C 151 -48.86 -4.11 -5.62
N LEU C 152 -49.48 -5.06 -4.93
CA LEU C 152 -50.74 -4.85 -4.23
C LEU C 152 -50.59 -5.19 -2.75
N GLY C 153 -51.23 -4.40 -1.90
CA GLY C 153 -51.32 -4.70 -0.48
C GLY C 153 -52.33 -5.81 -0.26
N SER C 154 -52.16 -6.54 0.84
CA SER C 154 -53.07 -7.64 1.17
C SER C 154 -52.88 -8.16 2.59
N GLY C 155 -53.82 -8.99 3.01
CA GLY C 155 -53.76 -9.71 4.28
C GLY C 155 -54.18 -11.15 4.05
N LYS C 156 -53.46 -12.08 4.69
CA LYS C 156 -53.71 -13.52 4.51
C LYS C 156 -54.27 -14.12 5.79
N ASP C 157 -55.49 -14.63 5.71
CA ASP C 157 -56.15 -15.35 6.81
C ASP C 157 -56.21 -14.57 8.12
N GLU C 158 -56.30 -13.24 8.03
CA GLU C 158 -56.32 -12.35 9.19
C GLU C 158 -55.15 -12.63 10.13
N LYS C 159 -53.96 -12.79 9.56
CA LYS C 159 -52.79 -13.28 10.29
C LYS C 159 -51.49 -12.55 9.89
N ILE C 160 -51.22 -12.46 8.59
CA ILE C 160 -49.95 -11.91 8.10
C ILE C 160 -50.13 -11.01 6.87
N GLY C 161 -49.46 -9.87 6.87
CA GLY C 161 -49.53 -8.94 5.75
C GLY C 161 -48.60 -9.37 4.65
N ARG C 162 -49.03 -9.25 3.40
CA ARG C 162 -48.23 -9.64 2.26
C ARG C 162 -48.35 -8.65 1.10
N VAL C 163 -47.27 -8.53 0.34
CA VAL C 163 -47.24 -7.78 -0.90
C VAL C 163 -47.28 -8.77 -2.06
N LEU C 164 -48.28 -8.61 -2.92
CA LEU C 164 -48.48 -9.48 -4.08
C LEU C 164 -47.92 -8.81 -5.33
N LEU C 165 -47.45 -9.60 -6.28
CA LEU C 165 -46.85 -9.07 -7.50
C LEU C 165 -47.58 -9.62 -8.74
N TYR C 166 -47.99 -8.73 -9.64
CA TYR C 166 -48.48 -9.10 -10.95
C TYR C 166 -47.62 -8.44 -12.03
N THR C 167 -47.66 -8.98 -13.25
CA THR C 167 -46.97 -8.41 -14.39
C THR C 167 -47.89 -8.32 -15.60
N SER C 168 -47.51 -7.51 -16.57
CA SER C 168 -48.33 -7.27 -17.75
C SER C 168 -47.54 -6.62 -18.88
N ASP C 169 -47.91 -6.95 -20.11
CA ASP C 169 -47.33 -6.34 -21.30
C ASP C 169 -48.12 -5.10 -21.77
N ASP C 170 -49.36 -4.99 -21.32
CA ASP C 170 -50.29 -3.97 -21.86
C ASP C 170 -51.13 -3.17 -20.85
N LEU C 171 -51.00 -3.47 -19.55
CA LEU C 171 -51.77 -2.81 -18.47
C LEU C 171 -53.20 -3.35 -18.25
N PHE C 172 -53.67 -4.27 -19.11
CA PHE C 172 -55.04 -4.79 -19.05
C PHE C 172 -55.13 -6.27 -18.65
N HIS C 173 -54.21 -7.08 -19.17
CA HIS C 173 -54.11 -8.50 -18.82
C HIS C 173 -52.96 -8.68 -17.84
N TRP C 174 -53.25 -9.23 -16.66
CA TRP C 174 -52.24 -9.38 -15.63
C TRP C 174 -52.02 -10.85 -15.27
N LYS C 175 -50.77 -11.18 -14.97
CA LYS C 175 -50.35 -12.52 -14.59
C LYS C 175 -49.84 -12.47 -13.14
N TYR C 176 -50.43 -13.28 -12.27
CA TYR C 176 -50.01 -13.35 -10.87
C TYR C 176 -48.64 -14.03 -10.75
N GLU C 177 -47.78 -13.44 -9.90
CA GLU C 177 -46.41 -13.92 -9.71
C GLU C 177 -46.09 -14.24 -8.24
N GLY C 178 -47.11 -14.32 -7.39
CA GLY C 178 -46.94 -14.71 -6.00
C GLY C 178 -46.66 -13.58 -5.04
N ALA C 179 -46.47 -13.93 -3.77
CA ALA C 179 -46.19 -12.95 -2.73
C ALA C 179 -44.68 -12.77 -2.58
N ILE C 180 -44.18 -11.62 -2.99
CA ILE C 180 -42.73 -11.35 -2.94
C ILE C 180 -42.22 -11.00 -1.54
N PHE C 181 -43.11 -10.64 -0.63
CA PHE C 181 -42.72 -10.19 0.70
C PHE C 181 -43.84 -10.36 1.71
N GLU C 182 -43.47 -10.60 2.97
CA GLU C 182 -44.44 -10.62 4.07
C GLU C 182 -43.84 -10.00 5.33
N ASP C 183 -44.71 -9.44 6.16
CA ASP C 183 -44.34 -8.80 7.42
C ASP C 183 -45.23 -9.39 8.52
N GLU C 184 -44.65 -10.17 9.42
CA GLU C 184 -45.43 -10.89 10.43
C GLU C 184 -45.89 -10.02 11.62
N THR C 185 -45.40 -8.79 11.73
CA THR C 185 -45.84 -7.86 12.78
C THR C 185 -47.22 -7.26 12.51
N THR C 186 -47.79 -7.48 11.31
CA THR C 186 -49.10 -6.94 10.95
C THR C 186 -49.99 -7.96 10.24
N LYS C 187 -51.30 -7.74 10.30
CA LYS C 187 -52.28 -8.58 9.62
C LYS C 187 -52.43 -8.20 8.15
N GLU C 188 -52.13 -6.95 7.81
CA GLU C 188 -52.20 -6.49 6.42
C GLU C 188 -51.18 -5.39 6.11
N ILE C 189 -50.75 -5.35 4.84
CA ILE C 189 -49.85 -4.32 4.34
C ILE C 189 -50.65 -3.39 3.42
N ASP C 190 -50.44 -2.09 3.58
CA ASP C 190 -51.09 -1.06 2.77
C ASP C 190 -50.08 -0.38 1.86
N CYS C 191 -50.56 0.13 0.73
CA CYS C 191 -49.81 1.07 -0.09
C CYS C 191 -48.36 0.65 -0.37
N PRO C 192 -48.16 -0.55 -0.90
CA PRO C 192 -46.81 -0.99 -1.29
C PRO C 192 -46.30 -0.20 -2.48
N ASP C 193 -44.98 -0.14 -2.62
CA ASP C 193 -44.34 0.59 -3.72
C ASP C 193 -42.95 -0.02 -3.94
N LEU C 194 -42.78 -0.69 -5.08
CA LEU C 194 -41.50 -1.32 -5.42
C LEU C 194 -40.71 -0.42 -6.37
N VAL C 195 -39.54 0.03 -5.93
CA VAL C 195 -38.67 0.88 -6.73
C VAL C 195 -37.25 0.31 -6.82
N ARG C 196 -36.44 0.90 -7.68
CA ARG C 196 -35.07 0.47 -7.90
C ARG C 196 -34.15 1.70 -7.86
N ILE C 197 -33.22 1.71 -6.91
CA ILE C 197 -32.24 2.79 -6.79
C ILE C 197 -30.85 2.19 -6.95
N GLY C 198 -30.18 2.54 -8.04
CA GLY C 198 -28.91 1.94 -8.39
C GLY C 198 -29.15 0.49 -8.80
N GLU C 199 -28.58 -0.43 -8.02
CA GLU C 199 -28.68 -1.86 -8.32
C GLU C 199 -29.52 -2.60 -7.26
N LYS C 200 -30.26 -1.85 -6.44
CA LYS C 200 -30.94 -2.41 -5.27
C LYS C 200 -32.47 -2.27 -5.39
N ASP C 201 -33.18 -3.35 -5.07
CA ASP C 201 -34.64 -3.33 -5.01
C ASP C 201 -35.10 -2.90 -3.63
N ILE C 202 -36.00 -1.92 -3.58
CA ILE C 202 -36.51 -1.38 -2.33
C ILE C 202 -38.04 -1.41 -2.32
N LEU C 203 -38.60 -2.04 -1.30
CA LEU C 203 -40.05 -2.14 -1.11
C LEU C 203 -40.46 -1.19 0.01
N ILE C 204 -41.20 -0.15 -0.34
CA ILE C 204 -41.80 0.76 0.63
C ILE C 204 -43.24 0.31 0.87
N TYR C 205 -43.69 0.33 2.11
CA TYR C 205 -45.06 -0.06 2.44
C TYR C 205 -45.53 0.53 3.77
N SER C 206 -46.84 0.47 4.01
CA SER C 206 -47.44 1.10 5.18
C SER C 206 -48.12 0.06 6.09
N ILE C 207 -48.01 0.26 7.40
CA ILE C 207 -48.68 -0.56 8.40
C ILE C 207 -49.60 0.33 9.21
N THR C 208 -50.89 0.03 9.20
CA THR C 208 -51.91 0.93 9.76
C THR C 208 -51.89 1.02 11.29
N SER C 209 -51.62 -0.10 11.95
CA SER C 209 -51.70 -0.18 13.42
C SER C 209 -50.66 0.66 14.15
N THR C 210 -49.48 0.85 13.53
CA THR C 210 -48.45 1.74 14.06
C THR C 210 -48.34 3.05 13.28
N ASN C 211 -49.12 3.15 12.20
CA ASN C 211 -49.09 4.30 11.30
C ASN C 211 -47.68 4.63 10.82
N SER C 212 -47.01 3.61 10.30
CA SER C 212 -45.61 3.72 9.92
C SER C 212 -45.41 3.38 8.45
N VAL C 213 -44.47 4.07 7.81
CA VAL C 213 -44.04 3.71 6.48
C VAL C 213 -42.67 3.06 6.65
N LEU C 214 -42.57 1.80 6.20
CA LEU C 214 -41.36 1.00 6.34
C LEU C 214 -40.71 0.79 4.99
N PHE C 215 -39.46 0.35 5.00
CA PHE C 215 -38.79 -0.08 3.78
C PHE C 215 -37.98 -1.35 4.04
N SER C 216 -37.87 -2.18 2.99
CA SER C 216 -36.97 -3.32 2.98
C SER C 216 -36.15 -3.20 1.70
N MET C 217 -34.83 -3.05 1.86
CA MET C 217 -33.90 -2.90 0.74
C MET C 217 -33.10 -4.18 0.56
N GLY C 218 -32.93 -4.61 -0.68
CA GLY C 218 -32.24 -5.85 -0.99
C GLY C 218 -32.22 -6.17 -2.47
N GLU C 219 -32.60 -7.40 -2.80
CA GLU C 219 -32.61 -7.89 -4.18
C GLU C 219 -33.72 -8.92 -4.38
N LEU C 220 -34.47 -8.80 -5.48
CA LEU C 220 -35.53 -9.74 -5.81
C LEU C 220 -34.93 -10.98 -6.46
N LYS C 221 -35.07 -12.13 -5.80
CA LYS C 221 -34.51 -13.40 -6.28
C LYS C 221 -35.55 -14.50 -6.26
N GLU C 222 -35.85 -15.05 -7.43
CA GLU C 222 -36.78 -16.18 -7.55
C GLU C 222 -38.15 -15.85 -6.95
N GLY C 223 -38.69 -14.70 -7.34
CA GLY C 223 -39.99 -14.25 -6.87
C GLY C 223 -40.08 -13.87 -5.40
N LYS C 224 -38.94 -13.61 -4.77
CA LYS C 224 -38.89 -13.29 -3.34
C LYS C 224 -37.87 -12.17 -3.08
N LEU C 225 -38.27 -11.18 -2.28
CA LEU C 225 -37.35 -10.11 -1.91
C LEU C 225 -36.37 -10.58 -0.83
N ASN C 226 -35.10 -10.62 -1.18
CA ASN C 226 -34.02 -10.97 -0.25
C ASN C 226 -33.54 -9.72 0.47
N VAL C 227 -33.87 -9.61 1.75
CA VAL C 227 -33.69 -8.38 2.51
C VAL C 227 -32.29 -8.25 3.11
N GLU C 228 -31.59 -7.18 2.73
CA GLU C 228 -30.28 -6.80 3.30
C GLU C 228 -30.44 -5.86 4.49
N LYS C 229 -31.28 -4.84 4.32
CA LYS C 229 -31.53 -3.84 5.36
C LYS C 229 -33.02 -3.51 5.48
N ARG C 230 -33.44 -3.11 6.68
CA ARG C 230 -34.81 -2.67 6.96
C ARG C 230 -34.79 -1.36 7.72
N GLY C 231 -35.91 -0.65 7.72
CA GLY C 231 -36.05 0.56 8.50
C GLY C 231 -37.34 1.32 8.27
N LEU C 232 -37.36 2.56 8.74
CA LEU C 232 -38.48 3.48 8.54
C LEU C 232 -38.11 4.55 7.52
N LEU C 233 -39.08 5.00 6.73
CA LEU C 233 -38.89 6.14 5.81
C LEU C 233 -39.01 7.47 6.57
N ASP C 234 -39.67 7.41 7.72
CA ASP C 234 -39.88 8.59 8.58
C ASP C 234 -40.01 8.14 10.03
N HIS C 235 -39.47 8.94 10.94
CA HIS C 235 -39.33 8.58 12.35
C HIS C 235 -40.35 9.30 13.27
N GLY C 236 -41.18 10.15 12.69
CA GLY C 236 -42.18 10.90 13.44
C GLY C 236 -43.54 10.21 13.52
N THR C 237 -44.54 10.97 13.96
CA THR C 237 -45.88 10.44 14.24
C THR C 237 -46.87 10.49 13.07
N ASP C 238 -46.63 11.37 12.10
CA ASP C 238 -47.62 11.66 11.05
C ASP C 238 -47.02 11.58 9.66
N PHE C 239 -46.71 10.36 9.24
CA PHE C 239 -46.25 10.07 7.88
C PHE C 239 -46.77 8.71 7.49
N TYR C 240 -47.70 8.68 6.53
CA TYR C 240 -48.41 7.45 6.18
C TYR C 240 -48.78 7.37 4.70
N ALA C 241 -48.99 6.14 4.23
CA ALA C 241 -49.47 5.89 2.86
C ALA C 241 -48.58 6.57 1.83
N ALA C 242 -47.26 6.46 2.03
CA ALA C 242 -46.29 7.04 1.13
C ALA C 242 -46.36 6.41 -0.26
N GLN C 243 -46.15 7.23 -1.27
CA GLN C 243 -46.05 6.78 -2.66
C GLN C 243 -44.98 7.58 -3.38
N THR C 244 -44.35 6.97 -4.38
CA THR C 244 -43.32 7.64 -5.18
C THR C 244 -43.88 8.01 -6.54
N PHE C 245 -43.30 9.03 -7.15
CA PHE C 245 -43.70 9.50 -8.47
C PHE C 245 -43.25 8.53 -9.53
N PHE C 246 -44.13 8.26 -10.48
CA PHE C 246 -43.77 7.59 -11.72
C PHE C 246 -43.15 8.61 -12.66
N GLY C 247 -42.11 8.22 -13.39
CA GLY C 247 -41.62 8.99 -14.53
C GLY C 247 -40.51 9.99 -14.27
N THR C 248 -39.95 10.00 -13.07
CA THR C 248 -38.86 10.93 -12.72
C THR C 248 -37.50 10.21 -12.71
N ASP C 249 -36.43 10.99 -12.83
CA ASP C 249 -35.08 10.46 -12.72
C ASP C 249 -34.76 10.13 -11.25
N ARG C 250 -35.07 11.05 -10.35
CA ARG C 250 -34.96 10.81 -8.92
C ARG C 250 -36.14 9.97 -8.45
N VAL C 251 -35.99 9.36 -7.29
CA VAL C 251 -37.12 8.76 -6.60
C VAL C 251 -37.62 9.81 -5.61
N VAL C 252 -38.87 10.24 -5.78
CA VAL C 252 -39.46 11.28 -4.95
C VAL C 252 -40.71 10.71 -4.30
N VAL C 253 -40.83 10.92 -3.00
CA VAL C 253 -41.90 10.36 -2.21
C VAL C 253 -42.68 11.48 -1.51
N ILE C 254 -44.01 11.37 -1.51
CA ILE C 254 -44.90 12.17 -0.68
C ILE C 254 -45.74 11.22 0.17
N GLY C 255 -45.98 11.59 1.41
CA GLY C 255 -46.87 10.85 2.29
C GLY C 255 -48.02 11.71 2.78
N TRP C 256 -49.04 11.05 3.32
CA TRP C 256 -50.09 11.71 4.07
C TRP C 256 -49.53 12.20 5.41
N LEU C 257 -49.57 13.51 5.63
CA LEU C 257 -49.08 14.13 6.85
C LEU C 257 -50.19 14.09 7.90
N GLN C 258 -50.53 12.88 8.35
CA GLN C 258 -51.61 12.65 9.32
C GLN C 258 -51.53 11.21 9.83
N SER C 259 -52.34 10.89 10.83
CA SER C 259 -52.42 9.54 11.36
C SER C 259 -53.87 9.12 11.56
N TRP C 260 -54.20 7.89 11.18
CA TRP C 260 -55.53 7.33 11.46
C TRP C 260 -55.75 7.19 12.96
N LEU C 261 -54.67 6.88 13.69
CA LEU C 261 -54.70 6.75 15.13
C LEU C 261 -55.00 8.08 15.83
N ARG C 262 -54.46 9.17 15.28
CA ARG C 262 -54.54 10.49 15.91
C ARG C 262 -55.52 11.47 15.22
N THR C 263 -56.22 11.03 14.18
CA THR C 263 -57.13 11.90 13.42
C THR C 263 -58.20 12.58 14.30
N GLY C 264 -58.74 11.84 15.27
CA GLY C 264 -59.75 12.36 16.18
C GLY C 264 -59.30 13.51 17.07
N LEU C 265 -57.99 13.66 17.25
CA LEU C 265 -57.41 14.75 18.03
C LEU C 265 -57.16 16.03 17.23
N TYR C 266 -57.15 15.93 15.91
CA TYR C 266 -56.76 17.05 15.05
C TYR C 266 -57.96 17.95 14.72
N PRO C 267 -57.93 19.19 15.21
CA PRO C 267 -59.11 20.06 15.20
C PRO C 267 -59.24 20.96 13.96
N THR C 268 -59.18 20.38 12.75
CA THR C 268 -59.43 21.15 11.53
C THR C 268 -60.87 20.99 11.01
N LYS C 269 -61.63 20.05 11.57
CA LYS C 269 -62.98 19.77 11.10
C LYS C 269 -63.89 21.00 11.21
N ARG C 270 -63.67 21.82 12.22
CA ARG C 270 -64.44 23.05 12.42
C ARG C 270 -64.17 24.10 11.32
N GLU C 271 -63.04 23.99 10.65
CA GLU C 271 -62.72 24.82 9.49
C GLU C 271 -63.27 24.25 8.17
N GLY C 272 -63.85 23.06 8.22
CA GLY C 272 -64.52 22.45 7.09
C GLY C 272 -63.64 21.52 6.26
N TRP C 273 -62.44 21.21 6.74
CA TRP C 273 -61.51 20.33 6.02
C TRP C 273 -60.69 19.41 6.93
N ASN C 274 -60.04 18.43 6.32
CA ASN C 274 -59.23 17.44 7.02
C ASN C 274 -58.17 16.88 6.06
N GLY C 275 -56.93 16.79 6.53
CA GLY C 275 -55.87 16.16 5.76
C GLY C 275 -54.88 17.14 5.15
N VAL C 276 -53.61 16.75 5.19
CA VAL C 276 -52.48 17.53 4.66
C VAL C 276 -51.47 16.54 4.04
N MET C 277 -50.76 16.97 3.01
CA MET C 277 -49.68 16.16 2.43
C MET C 277 -48.33 16.61 2.98
N SER C 278 -47.41 15.67 3.11
CA SER C 278 -46.03 15.98 3.50
C SER C 278 -45.31 16.71 2.38
N LEU C 279 -44.26 17.44 2.75
CA LEU C 279 -43.29 17.94 1.79
C LEU C 279 -42.71 16.74 1.02
N PRO C 280 -42.28 16.93 -0.22
CA PRO C 280 -41.67 15.82 -0.97
C PRO C 280 -40.22 15.58 -0.52
N ARG C 281 -39.82 14.31 -0.49
CA ARG C 281 -38.45 13.93 -0.16
C ARG C 281 -37.84 13.12 -1.29
N GLU C 282 -36.55 13.31 -1.53
CA GLU C 282 -35.79 12.43 -2.41
C GLU C 282 -35.23 11.24 -1.63
N LEU C 283 -35.34 10.06 -2.22
CA LEU C 283 -34.78 8.83 -1.68
C LEU C 283 -33.54 8.47 -2.50
N TYR C 284 -32.43 8.17 -1.82
CA TYR C 284 -31.20 7.77 -2.49
C TYR C 284 -30.39 6.80 -1.64
N VAL C 285 -29.44 6.11 -2.27
CA VAL C 285 -28.61 5.13 -1.58
C VAL C 285 -27.15 5.58 -1.55
N GLU C 286 -26.58 5.61 -0.35
CA GLU C 286 -25.16 5.94 -0.14
C GLU C 286 -24.58 5.05 0.97
N ASN C 287 -23.41 4.47 0.72
CA ASN C 287 -22.74 3.58 1.68
C ASN C 287 -23.67 2.46 2.20
N ASN C 288 -24.40 1.85 1.27
CA ASN C 288 -25.32 0.73 1.56
C ASN C 288 -26.44 1.08 2.53
N GLU C 289 -26.91 2.33 2.47
CA GLU C 289 -28.01 2.79 3.34
C GLU C 289 -29.03 3.59 2.53
N LEU C 290 -30.30 3.40 2.83
CA LEU C 290 -31.37 4.18 2.22
C LEU C 290 -31.50 5.50 2.99
N LYS C 291 -31.33 6.61 2.28
CA LYS C 291 -31.32 7.93 2.88
C LYS C 291 -32.46 8.80 2.34
N VAL C 292 -32.91 9.73 3.18
CA VAL C 292 -34.03 10.61 2.86
C VAL C 292 -33.59 12.06 3.08
N LYS C 293 -33.91 12.93 2.11
CA LYS C 293 -33.65 14.37 2.24
C LYS C 293 -34.75 15.19 1.56
N PRO C 294 -34.90 16.46 1.94
CA PRO C 294 -35.88 17.32 1.26
C PRO C 294 -35.49 17.52 -0.20
N VAL C 295 -36.48 17.55 -1.10
CA VAL C 295 -36.21 17.81 -2.51
C VAL C 295 -35.61 19.20 -2.66
N ASP C 296 -34.72 19.35 -3.64
CA ASP C 296 -34.02 20.62 -3.89
C ASP C 296 -34.97 21.79 -4.16
N GLU C 297 -36.15 21.50 -4.70
CA GLU C 297 -37.12 22.53 -5.10
C GLU C 297 -37.67 23.35 -3.92
N LEU C 298 -37.62 22.79 -2.71
CA LEU C 298 -38.11 23.48 -1.50
C LEU C 298 -37.37 24.79 -1.21
N LEU C 299 -36.14 24.94 -1.72
CA LEU C 299 -35.38 26.18 -1.54
C LEU C 299 -36.11 27.42 -2.09
N ALA C 300 -36.92 27.23 -3.12
CA ALA C 300 -37.72 28.32 -3.71
C ALA C 300 -38.71 28.96 -2.71
N LEU C 301 -39.12 28.24 -1.68
CA LEU C 301 -40.02 28.79 -0.66
C LEU C 301 -39.35 29.86 0.21
N ARG C 302 -38.03 29.84 0.31
CA ARG C 302 -37.30 30.81 1.13
C ARG C 302 -37.50 32.25 0.66
N LYS C 303 -38.02 33.09 1.55
CA LYS C 303 -38.13 34.52 1.31
C LYS C 303 -36.97 35.16 2.06
N ARG C 304 -37.24 36.09 2.98
CA ARG C 304 -36.15 36.82 3.62
C ARG C 304 -35.63 36.12 4.86
N LYS C 305 -34.32 36.22 5.08
CA LYS C 305 -33.68 35.72 6.28
C LYS C 305 -34.02 36.68 7.43
N VAL C 306 -34.92 36.25 8.32
CA VAL C 306 -35.33 37.06 9.46
C VAL C 306 -34.37 37.00 10.66
N PHE C 307 -33.53 35.98 10.72
CA PHE C 307 -32.65 35.78 11.87
C PHE C 307 -31.37 34.99 11.54
N GLU C 308 -30.31 35.31 12.28
CA GLU C 308 -29.01 34.64 12.11
C GLU C 308 -28.20 34.75 13.40
N THR C 309 -27.48 33.69 13.74
CA THR C 309 -26.62 33.68 14.94
C THR C 309 -25.49 32.65 14.83
N ALA C 310 -24.33 33.00 15.38
CA ALA C 310 -23.20 32.07 15.48
C ALA C 310 -22.93 31.69 16.94
N LYS C 311 -23.91 31.91 17.80
CA LYS C 311 -23.77 31.69 19.24
C LYS C 311 -25.06 31.17 19.86
N SER C 312 -24.92 30.46 20.98
CA SER C 312 -26.05 30.03 21.80
C SER C 312 -26.82 31.21 22.36
N GLY C 313 -28.08 30.97 22.73
CA GLY C 313 -28.93 31.97 23.34
C GLY C 313 -30.40 31.74 23.03
N THR C 314 -31.25 32.60 23.60
CA THR C 314 -32.67 32.61 23.27
C THR C 314 -33.00 33.94 22.58
N PHE C 315 -33.86 33.87 21.56
CA PHE C 315 -34.02 34.99 20.62
C PHE C 315 -35.48 35.21 20.21
N LEU C 316 -35.89 36.48 20.16
CA LEU C 316 -37.19 36.84 19.62
C LEU C 316 -37.10 36.87 18.10
N LEU C 317 -37.82 35.97 17.45
CA LEU C 317 -37.90 35.93 16.00
C LEU C 317 -38.88 36.98 15.49
N ASP C 318 -38.49 37.65 14.41
CA ASP C 318 -39.32 38.65 13.74
C ASP C 318 -40.20 37.94 12.70
N VAL C 319 -41.19 37.20 13.20
CA VAL C 319 -42.14 36.46 12.36
C VAL C 319 -43.56 36.67 12.88
N LYS C 320 -44.52 36.74 11.98
CA LYS C 320 -45.93 36.97 12.34
C LYS C 320 -46.83 35.76 12.11
N GLU C 321 -46.25 34.64 11.67
CA GLU C 321 -46.99 33.40 11.54
C GLU C 321 -46.09 32.16 11.56
N ASN C 322 -46.70 31.01 11.78
CA ASN C 322 -45.98 29.73 11.79
C ASN C 322 -45.75 29.26 10.35
N SER C 323 -44.73 29.84 9.73
CA SER C 323 -44.38 29.55 8.35
C SER C 323 -42.92 29.94 8.14
N TYR C 324 -42.01 29.12 8.64
CA TYR C 324 -40.58 29.37 8.46
C TYR C 324 -39.71 28.11 8.49
N GLU C 325 -38.46 28.28 8.08
CA GLU C 325 -37.48 27.20 8.04
C GLU C 325 -36.26 27.57 8.90
N ILE C 326 -35.87 26.68 9.80
CA ILE C 326 -34.63 26.83 10.56
C ILE C 326 -33.56 25.97 9.89
N VAL C 327 -32.39 26.55 9.65
CA VAL C 327 -31.27 25.86 9.02
C VAL C 327 -30.07 25.99 9.97
N CYS C 328 -29.58 24.85 10.45
CA CYS C 328 -28.62 24.82 11.55
C CYS C 328 -27.47 23.86 11.27
N GLU C 329 -26.24 24.37 11.30
CA GLU C 329 -25.03 23.54 11.25
C GLU C 329 -24.36 23.55 12.62
N PHE C 330 -23.97 22.38 13.12
CA PHE C 330 -23.38 22.29 14.46
C PHE C 330 -22.49 21.05 14.64
N SER C 331 -21.56 21.14 15.59
CA SER C 331 -20.73 20.00 16.00
C SER C 331 -21.10 19.56 17.41
N GLY C 332 -20.97 18.27 17.68
CA GLY C 332 -21.23 17.73 19.00
C GLY C 332 -22.71 17.68 19.32
N GLU C 333 -23.05 18.02 20.56
CA GLU C 333 -24.43 18.00 21.02
C GLU C 333 -25.14 19.34 20.73
N ILE C 334 -26.46 19.28 20.58
CA ILE C 334 -27.29 20.47 20.47
C ILE C 334 -28.67 20.29 21.10
N GLU C 335 -29.27 21.40 21.51
CA GLU C 335 -30.67 21.44 21.91
C GLU C 335 -31.31 22.68 21.27
N LEU C 336 -32.35 22.45 20.49
CA LEU C 336 -33.04 23.49 19.76
C LEU C 336 -34.51 23.48 20.18
N ARG C 337 -35.02 24.62 20.61
CA ARG C 337 -36.43 24.74 21.01
C ARG C 337 -37.11 25.84 20.19
N MET C 338 -38.27 25.51 19.64
CA MET C 338 -39.08 26.46 18.87
C MET C 338 -40.44 26.53 19.55
N GLY C 339 -40.93 27.73 19.82
CA GLY C 339 -42.17 27.88 20.56
C GLY C 339 -42.51 29.31 20.96
N ASN C 340 -43.30 29.43 22.02
CA ASN C 340 -43.69 30.74 22.56
C ASN C 340 -43.80 30.64 24.09
N GLU C 341 -44.58 31.53 24.71
CA GLU C 341 -44.73 31.55 26.17
C GLU C 341 -45.21 30.22 26.77
N SER C 342 -46.14 29.55 26.08
CA SER C 342 -46.80 28.35 26.61
C SER C 342 -46.55 27.05 25.83
N GLU C 343 -46.02 27.16 24.61
CA GLU C 343 -45.90 26.00 23.72
C GLU C 343 -44.46 25.85 23.24
N GLU C 344 -44.08 24.62 22.88
CA GLU C 344 -42.77 24.34 22.29
C GLU C 344 -42.64 22.97 21.63
N VAL C 345 -41.72 22.90 20.67
CA VAL C 345 -41.21 21.65 20.15
C VAL C 345 -39.71 21.64 20.40
N VAL C 346 -39.18 20.52 20.91
CA VAL C 346 -37.77 20.40 21.25
C VAL C 346 -37.13 19.28 20.42
N ILE C 347 -35.99 19.58 19.81
CA ILE C 347 -35.16 18.57 19.16
C ILE C 347 -33.76 18.59 19.78
N THR C 348 -33.27 17.42 20.17
CA THR C 348 -31.99 17.28 20.86
C THR C 348 -31.15 16.22 20.17
N LYS C 349 -29.93 16.58 19.78
CA LYS C 349 -28.96 15.60 19.29
C LYS C 349 -27.97 15.31 20.40
N SER C 350 -28.14 14.16 21.03
CA SER C 350 -27.21 13.68 22.02
C SER C 350 -26.22 12.75 21.32
N ARG C 351 -25.16 12.39 22.01
CA ARG C 351 -24.22 11.36 21.57
C ARG C 351 -24.63 10.54 20.36
N ASP C 352 -25.52 9.60 20.61
CA ASP C 352 -25.85 8.57 19.63
C ASP C 352 -27.25 8.74 19.04
N GLU C 353 -28.05 9.68 19.55
CA GLU C 353 -29.47 9.77 19.20
C GLU C 353 -29.95 11.17 18.84
N LEU C 354 -30.97 11.21 17.99
CA LEU C 354 -31.74 12.43 17.69
C LEU C 354 -33.13 12.19 18.24
N ILE C 355 -33.60 13.08 19.11
CA ILE C 355 -34.92 12.94 19.71
C ILE C 355 -35.75 14.21 19.48
N VAL C 356 -37.03 14.04 19.15
CA VAL C 356 -37.96 15.15 18.96
C VAL C 356 -39.14 14.99 19.90
N ASP C 357 -39.56 16.10 20.51
CA ASP C 357 -40.60 16.10 21.54
C ASP C 357 -41.62 17.18 21.18
N THR C 358 -42.80 16.75 20.73
CA THR C 358 -43.89 17.66 20.38
C THR C 358 -45.04 17.59 21.40
N THR C 359 -44.79 16.97 22.55
CA THR C 359 -45.82 16.82 23.58
C THR C 359 -46.40 18.15 24.08
N ARG C 360 -45.59 19.22 24.03
CA ARG C 360 -46.02 20.57 24.45
C ARG C 360 -46.34 21.50 23.27
N SER C 361 -46.57 20.93 22.09
CA SER C 361 -46.64 21.72 20.85
C SER C 361 -47.91 22.56 20.68
N GLY C 362 -49.02 22.09 21.24
CA GLY C 362 -50.31 22.74 21.04
C GLY C 362 -51.48 21.98 21.62
N VAL C 363 -52.68 22.23 21.10
CA VAL C 363 -53.92 21.71 21.66
C VAL C 363 -54.10 20.20 21.47
N SER C 364 -53.46 19.64 20.44
CA SER C 364 -53.48 18.18 20.22
C SER C 364 -52.32 17.45 20.89
N GLY C 365 -51.43 18.20 21.54
CA GLY C 365 -50.29 17.62 22.23
C GLY C 365 -49.30 17.01 21.24
N GLY C 366 -48.80 15.81 21.58
CA GLY C 366 -47.84 15.14 20.74
C GLY C 366 -47.14 13.97 21.41
N GLU C 367 -45.98 13.60 20.88
CA GLU C 367 -45.24 12.44 21.35
C GLU C 367 -43.72 12.67 21.36
N VAL C 368 -42.99 11.72 21.94
CA VAL C 368 -41.53 11.70 21.91
C VAL C 368 -41.07 10.60 20.96
N ARG C 369 -40.33 10.98 19.93
CA ARG C 369 -39.76 10.02 18.97
C ARG C 369 -38.24 10.16 18.91
N LYS C 370 -37.55 9.05 18.75
CA LYS C 370 -36.09 9.05 18.68
C LYS C 370 -35.55 8.07 17.65
N SER C 371 -34.30 8.28 17.25
CA SER C 371 -33.61 7.38 16.34
C SER C 371 -32.10 7.47 16.56
N THR C 372 -31.42 6.32 16.49
CA THR C 372 -29.96 6.32 16.49
C THR C 372 -29.43 6.92 15.19
N VAL C 373 -28.39 7.74 15.29
CA VAL C 373 -27.81 8.41 14.15
C VAL C 373 -26.28 8.36 14.17
N GLU C 374 -25.69 8.43 12.98
CA GLU C 374 -24.23 8.46 12.84
C GLU C 374 -23.71 9.87 13.11
N ASP C 375 -22.69 9.97 13.96
CA ASP C 375 -22.12 11.27 14.31
C ASP C 375 -21.21 11.77 13.19
N GLU C 376 -21.36 13.06 12.86
CA GLU C 376 -20.56 13.71 11.81
C GLU C 376 -19.74 14.85 12.40
N ALA C 377 -18.65 15.20 11.73
CA ALA C 377 -17.86 16.37 12.12
C ALA C 377 -18.68 17.65 12.02
N THR C 378 -19.51 17.75 10.98
CA THR C 378 -20.49 18.82 10.84
C THR C 378 -21.89 18.26 10.59
N ASN C 379 -22.77 18.38 11.58
CA ASN C 379 -24.16 17.98 11.45
C ASN C 379 -25.03 19.12 10.93
N ARG C 380 -26.23 18.79 10.46
CA ARG C 380 -27.14 19.76 9.84
C ARG C 380 -28.60 19.40 10.11
N ILE C 381 -29.35 20.32 10.72
CA ILE C 381 -30.79 20.16 10.90
C ILE C 381 -31.52 21.23 10.09
N ARG C 382 -32.56 20.82 9.35
CA ARG C 382 -33.48 21.74 8.71
C ARG C 382 -34.86 21.44 9.27
N ALA C 383 -35.55 22.47 9.75
CA ALA C 383 -36.87 22.32 10.35
C ALA C 383 -37.89 23.19 9.59
N PHE C 384 -38.91 22.55 9.05
CA PHE C 384 -39.97 23.25 8.32
C PHE C 384 -41.20 23.36 9.21
N LEU C 385 -41.50 24.57 9.65
CA LEU C 385 -42.69 24.84 10.45
C LEU C 385 -43.79 25.43 9.57
N ASP C 386 -44.97 24.83 9.61
CA ASP C 386 -46.16 25.37 8.95
C ASP C 386 -47.31 25.43 9.96
N SER C 387 -48.49 25.85 9.51
CA SER C 387 -49.60 26.21 10.39
C SER C 387 -50.05 25.08 11.32
N CYS C 388 -49.98 23.84 10.82
CA CYS C 388 -50.33 22.67 11.64
C CYS C 388 -49.36 21.50 11.47
N SER C 389 -48.06 21.79 11.31
CA SER C 389 -47.06 20.74 11.14
C SER C 389 -45.63 21.21 11.36
N VAL C 390 -44.76 20.25 11.69
CA VAL C 390 -43.32 20.48 11.69
C VAL C 390 -42.62 19.23 11.15
N GLU C 391 -41.71 19.43 10.21
CA GLU C 391 -40.92 18.34 9.64
C GLU C 391 -39.42 18.63 9.83
N PHE C 392 -38.70 17.67 10.41
CA PHE C 392 -37.26 17.80 10.67
C PHE C 392 -36.45 16.89 9.74
N PHE C 393 -35.33 17.41 9.25
CA PHE C 393 -34.44 16.68 8.35
C PHE C 393 -33.02 16.79 8.89
N PHE C 394 -32.33 15.66 8.99
CA PHE C 394 -31.01 15.59 9.62
C PHE C 394 -29.97 14.94 8.70
N ASN C 395 -28.91 15.67 8.39
CA ASN C 395 -27.75 15.18 7.61
C ASN C 395 -28.10 14.54 6.26
N ASP C 396 -29.16 15.04 5.61
CA ASP C 396 -29.69 14.46 4.37
C ASP C 396 -29.84 12.93 4.44
N SER C 397 -30.25 12.44 5.60
CA SER C 397 -30.25 11.01 5.92
C SER C 397 -31.59 10.53 6.49
N ILE C 398 -32.14 11.24 7.48
CA ILE C 398 -33.42 10.85 8.07
C ILE C 398 -34.37 12.03 8.26
N ALA C 399 -35.64 11.71 8.48
CA ALA C 399 -36.68 12.73 8.65
C ALA C 399 -37.66 12.33 9.75
N PHE C 400 -38.18 13.33 10.46
CA PHE C 400 -39.24 13.18 11.45
C PHE C 400 -40.37 14.13 11.06
N SER C 401 -41.60 13.62 10.93
CA SER C 401 -42.76 14.44 10.55
C SER C 401 -43.85 14.37 11.61
N PHE C 402 -44.37 15.54 11.98
CA PHE C 402 -45.39 15.66 13.03
C PHE C 402 -46.48 16.63 12.64
N ARG C 403 -47.69 16.34 13.08
CA ARG C 403 -48.78 17.29 13.06
C ARG C 403 -48.84 17.93 14.45
N ILE C 404 -48.88 19.25 14.47
CA ILE C 404 -49.02 20.03 15.70
C ILE C 404 -50.09 21.09 15.46
N HIS C 405 -50.76 21.54 16.51
CA HIS C 405 -51.81 22.54 16.34
C HIS C 405 -51.68 23.63 17.41
N PRO C 406 -50.69 24.51 17.20
CA PRO C 406 -50.43 25.59 18.15
C PRO C 406 -51.53 26.63 18.14
N GLU C 407 -51.80 27.19 19.32
CA GLU C 407 -52.81 28.23 19.48
C GLU C 407 -52.21 29.62 19.22
N ASN C 408 -50.88 29.72 19.25
CA ASN C 408 -50.18 30.96 18.93
C ASN C 408 -48.89 30.74 18.11
N VAL C 409 -48.35 31.83 17.58
CA VAL C 409 -47.15 31.81 16.75
C VAL C 409 -45.92 31.40 17.58
N TYR C 410 -45.02 30.65 16.94
CA TYR C 410 -43.75 30.23 17.53
C TYR C 410 -42.73 31.32 17.23
N ASN C 411 -42.73 32.36 18.06
CA ASN C 411 -41.83 33.50 17.87
C ASN C 411 -40.59 33.52 18.80
N ILE C 412 -40.30 32.40 19.43
CA ILE C 412 -39.14 32.26 20.31
C ILE C 412 -38.30 31.06 19.88
N LEU C 413 -36.99 31.26 19.81
CA LEU C 413 -36.06 30.21 19.42
C LEU C 413 -34.85 30.19 20.36
N SER C 414 -34.63 29.07 21.04
CA SER C 414 -33.46 28.89 21.88
C SER C 414 -32.54 27.80 21.31
N VAL C 415 -31.23 28.00 21.50
CA VAL C 415 -30.20 27.15 20.92
C VAL C 415 -29.08 26.95 21.95
N LYS C 416 -28.77 25.70 22.28
CA LYS C 416 -27.66 25.39 23.19
C LYS C 416 -26.66 24.47 22.50
N SER C 417 -25.47 24.99 22.22
CA SER C 417 -24.39 24.20 21.63
C SER C 417 -23.06 25.00 21.63
N ASN C 418 -21.95 24.28 21.57
CA ASN C 418 -20.62 24.90 21.62
C ASN C 418 -20.14 25.49 20.30
N GLN C 419 -20.57 24.89 19.19
CA GLN C 419 -20.24 25.38 17.85
C GLN C 419 -21.48 25.32 16.98
N VAL C 420 -22.08 26.49 16.72
CA VAL C 420 -23.35 26.59 15.98
C VAL C 420 -23.32 27.71 14.94
N LYS C 421 -24.07 27.47 13.87
CA LYS C 421 -24.38 28.48 12.87
C LYS C 421 -25.84 28.22 12.47
N LEU C 422 -26.73 29.16 12.78
CA LEU C 422 -28.16 28.99 12.55
C LEU C 422 -28.77 30.19 11.86
N GLU C 423 -29.70 29.93 10.94
CA GLU C 423 -30.46 30.99 10.28
C GLU C 423 -31.94 30.58 10.14
N VAL C 424 -32.82 31.57 10.07
CA VAL C 424 -34.25 31.35 9.88
C VAL C 424 -34.74 32.12 8.66
N PHE C 425 -35.43 31.43 7.74
CA PHE C 425 -36.03 32.06 6.58
C PHE C 425 -37.55 31.98 6.69
N GLU C 426 -38.22 33.11 6.46
CA GLU C 426 -39.67 33.09 6.25
C GLU C 426 -39.96 32.28 4.99
N LEU C 427 -41.06 31.53 5.01
CA LEU C 427 -41.46 30.68 3.88
C LEU C 427 -42.74 31.20 3.21
N GLU C 428 -42.73 31.19 1.89
CA GLU C 428 -43.81 31.73 1.06
C GLU C 428 -45.12 30.98 1.24
N ASN C 429 -46.23 31.72 1.26
CA ASN C 429 -47.56 31.14 1.08
C ASN C 429 -47.78 30.86 -0.40
N ILE C 430 -48.01 29.59 -0.74
CA ILE C 430 -48.14 29.16 -2.14
C ILE C 430 -49.51 29.44 -2.76
N TRP C 431 -50.48 29.81 -1.92
CA TRP C 431 -51.87 30.01 -2.35
C TRP C 431 -52.18 31.46 -2.73
N LEU C 432 -51.66 32.40 -1.95
CA LEU C 432 -51.93 33.83 -2.16
C LEU C 432 -50.77 34.67 -1.67
N LEU D 1 33.31 6.19 19.64
CA LEU D 1 33.06 6.54 21.07
C LEU D 1 31.59 6.79 21.45
N PHE D 2 31.05 8.02 21.30
CA PHE D 2 29.80 8.41 21.99
C PHE D 2 28.46 8.02 21.34
N LYS D 3 28.44 7.62 20.08
CA LYS D 3 27.20 7.16 19.46
C LYS D 3 26.67 5.91 20.18
N PRO D 4 25.44 5.96 20.69
CA PRO D 4 24.81 4.80 21.32
C PRO D 4 24.74 3.55 20.44
N ASN D 5 25.00 2.40 21.04
CA ASN D 5 24.83 1.09 20.39
C ASN D 5 23.37 0.64 20.29
N TYR D 6 22.56 0.91 21.32
CA TYR D 6 21.18 0.41 21.38
C TYR D 6 20.14 1.42 21.89
N HIS D 7 20.49 2.70 21.92
CA HIS D 7 19.50 3.77 22.15
C HIS D 7 19.23 4.51 20.87
N PHE D 8 18.02 5.07 20.75
CA PHE D 8 17.68 5.91 19.62
C PHE D 8 18.35 7.28 19.74
N PHE D 9 18.92 7.74 18.64
CA PHE D 9 19.50 9.07 18.52
C PHE D 9 19.44 9.51 17.06
N PRO D 10 19.51 10.82 16.78
CA PRO D 10 19.32 11.30 15.41
C PRO D 10 20.52 10.98 14.53
N ILE D 11 20.29 10.82 13.22
CA ILE D 11 21.40 10.61 12.28
C ILE D 11 22.30 11.83 12.18
N THR D 12 21.74 13.00 12.48
CA THR D 12 22.47 14.25 12.50
C THR D 12 21.65 15.34 13.19
N GLY D 13 22.31 16.32 13.77
CA GLY D 13 21.63 17.45 14.37
C GLY D 13 21.08 17.18 15.77
N TRP D 14 20.06 17.95 16.14
CA TRP D 14 19.57 18.03 17.51
C TRP D 14 18.21 17.35 17.70
N MET D 15 18.09 16.59 18.78
CA MET D 15 16.84 15.95 19.16
C MET D 15 16.50 16.24 20.62
N ASN D 16 15.26 16.66 20.90
CA ASN D 16 14.72 16.62 22.26
C ASN D 16 13.46 15.72 22.40
N ASP D 17 12.31 16.26 22.81
CA ASP D 17 11.20 15.46 23.36
C ASP D 17 10.73 14.33 22.44
N PRO D 18 10.39 13.17 22.98
CA PRO D 18 9.64 12.18 22.20
C PRO D 18 8.20 12.69 21.97
N ASN D 19 7.67 12.49 20.77
CA ASN D 19 6.34 12.98 20.38
C ASN D 19 5.55 11.88 19.69
N GLY D 20 4.22 12.00 19.71
CA GLY D 20 3.34 11.13 18.93
C GLY D 20 3.56 9.64 19.09
N LEU D 21 3.86 9.21 20.31
CA LEU D 21 4.11 7.79 20.60
C LEU D 21 2.80 7.02 20.44
N ILE D 22 2.80 6.01 19.58
CA ILE D 22 1.59 5.24 19.28
C ILE D 22 1.91 3.85 18.73
N PHE D 23 1.16 2.86 19.20
CA PHE D 23 1.17 1.53 18.58
C PHE D 23 0.05 1.53 17.54
N TRP D 24 0.44 1.49 16.27
CA TRP D 24 -0.48 1.66 15.14
C TRP D 24 -0.15 0.68 14.04
N LYS D 25 -1.17 -0.06 13.60
CA LYS D 25 -1.02 -1.13 12.60
C LYS D 25 0.16 -2.06 12.92
N GLY D 26 0.21 -2.54 14.16
CA GLY D 26 1.17 -3.55 14.55
C GLY D 26 2.60 -3.09 14.84
N LYS D 27 2.85 -1.78 14.82
CA LYS D 27 4.20 -1.24 15.04
C LYS D 27 4.22 -0.03 15.96
N TYR D 28 5.34 0.11 16.69
CA TYR D 28 5.54 1.24 17.60
C TYR D 28 6.17 2.42 16.86
N HIS D 29 5.41 3.51 16.78
CA HIS D 29 5.88 4.75 16.16
C HIS D 29 6.36 5.74 17.20
N MET D 30 7.54 6.31 16.98
CA MET D 30 8.10 7.36 17.82
C MET D 30 8.46 8.56 16.96
N PHE D 31 7.83 9.70 17.23
CA PHE D 31 8.25 10.96 16.64
C PHE D 31 9.12 11.71 17.65
N TYR D 32 9.72 12.82 17.25
CA TYR D 32 10.58 13.57 18.15
C TYR D 32 10.88 15.00 17.71
N GLN D 33 11.05 15.90 18.67
CA GLN D 33 11.45 17.28 18.39
C GLN D 33 12.83 17.25 17.73
N TYR D 34 12.95 17.86 16.56
CA TYR D 34 14.11 17.64 15.71
C TYR D 34 14.56 18.88 14.94
N ASN D 35 15.85 19.19 15.05
CA ASN D 35 16.52 20.14 14.19
C ASN D 35 17.69 19.47 13.45
N PRO D 36 17.46 19.01 12.23
CA PRO D 36 18.55 18.39 11.44
C PRO D 36 19.68 19.37 11.03
N ARG D 37 19.47 20.67 11.16
CA ARG D 37 20.42 21.68 10.65
C ARG D 37 21.73 21.80 11.41
N LYS D 38 21.68 21.55 12.72
CA LYS D 38 22.85 21.68 13.59
C LYS D 38 22.56 21.00 14.93
N PRO D 39 23.60 20.68 15.71
CA PRO D 39 23.39 20.04 17.00
C PRO D 39 22.99 21.01 18.12
N GLU D 40 22.14 21.98 17.78
CA GLU D 40 21.50 22.88 18.73
C GLU D 40 20.02 23.03 18.37
N TRP D 41 19.21 23.41 19.35
CA TRP D 41 17.77 23.57 19.18
C TRP D 41 17.43 24.73 18.23
N GLY D 42 16.38 24.55 17.42
CA GLY D 42 15.90 25.57 16.50
C GLY D 42 15.06 25.03 15.35
N ASN D 43 14.21 25.88 14.78
CA ASN D 43 13.47 25.57 13.56
C ASN D 43 12.86 24.17 13.61
N ILE D 44 12.15 23.90 14.71
CA ILE D 44 11.86 22.52 15.11
C ILE D 44 10.85 21.81 14.22
N CYS D 45 11.15 20.55 13.93
CA CYS D 45 10.33 19.63 13.14
C CYS D 45 9.99 18.41 13.99
N TRP D 46 9.10 17.55 13.49
CA TRP D 46 8.92 16.22 14.06
C TRP D 46 9.67 15.20 13.22
N GLY D 47 10.76 14.65 13.76
CA GLY D 47 11.36 13.45 13.22
C GLY D 47 10.49 12.23 13.45
N HIS D 48 10.86 11.11 12.84
CA HIS D 48 10.02 9.92 12.84
C HIS D 48 10.86 8.64 12.78
N ALA D 49 10.56 7.70 13.68
CA ALA D 49 11.18 6.38 13.69
C ALA D 49 10.13 5.34 14.03
N VAL D 50 10.46 4.07 13.78
CA VAL D 50 9.51 2.96 13.98
C VAL D 50 10.26 1.70 14.39
N SER D 51 9.62 0.89 15.22
CA SER D 51 10.14 -0.43 15.60
C SER D 51 9.00 -1.43 15.74
N ASP D 52 9.31 -2.71 15.53
CA ASP D 52 8.33 -3.78 15.70
C ASP D 52 8.21 -4.19 17.16
N ASP D 53 9.18 -3.79 17.99
CA ASP D 53 9.37 -4.35 19.33
C ASP D 53 9.90 -3.37 20.39
N LEU D 54 9.72 -2.06 20.17
CA LEU D 54 10.21 -1.02 21.08
C LEU D 54 11.73 -0.94 21.27
N VAL D 55 12.50 -1.63 20.43
CA VAL D 55 13.95 -1.75 20.63
C VAL D 55 14.74 -1.51 19.33
N HIS D 56 14.41 -2.24 18.28
CA HIS D 56 15.12 -2.14 17.00
C HIS D 56 14.51 -1.06 16.11
N TRP D 57 14.93 0.17 16.37
CA TRP D 57 14.41 1.35 15.68
C TRP D 57 14.99 1.47 14.27
N ARG D 58 14.16 2.00 13.37
CA ARG D 58 14.55 2.39 12.03
C ARG D 58 14.10 3.82 11.79
N HIS D 59 14.99 4.63 11.23
CA HIS D 59 14.65 6.00 10.85
C HIS D 59 13.68 6.01 9.67
N LEU D 60 12.70 6.91 9.75
CA LEU D 60 11.80 7.22 8.65
C LEU D 60 11.96 8.70 8.29
N PRO D 61 11.36 9.14 7.18
CA PRO D 61 11.39 10.56 6.83
C PRO D 61 10.81 11.47 7.91
N VAL D 62 11.41 12.64 8.06
CA VAL D 62 10.85 13.69 8.91
C VAL D 62 9.38 13.91 8.52
N ALA D 63 8.50 13.96 9.52
CA ALA D 63 7.05 13.94 9.32
C ALA D 63 6.43 15.34 9.20
N LEU D 64 6.76 16.22 10.15
CA LEU D 64 6.19 17.57 10.18
C LEU D 64 7.26 18.64 10.14
N TYR D 65 7.06 19.62 9.27
CA TYR D 65 7.90 20.81 9.20
C TYR D 65 7.09 22.05 9.54
N PRO D 66 7.75 23.10 10.04
CA PRO D 66 7.10 24.40 10.14
C PRO D 66 6.97 25.01 8.74
N ASP D 67 5.97 25.86 8.55
CA ASP D 67 5.66 26.43 7.23
C ASP D 67 6.68 27.48 6.79
N ASP D 68 7.40 28.06 7.74
CA ASP D 68 8.41 29.09 7.45
C ASP D 68 9.50 29.13 8.53
N GLU D 69 10.43 30.09 8.40
CA GLU D 69 11.60 30.20 9.28
C GLU D 69 11.31 30.75 10.69
N THR D 70 10.13 31.33 10.88
CA THR D 70 9.75 31.93 12.16
C THR D 70 8.75 31.09 12.98
N HIS D 71 8.58 29.82 12.64
CA HIS D 71 7.72 28.93 13.43
C HIS D 71 8.43 27.63 13.78
N GLY D 72 7.81 26.88 14.70
CA GLY D 72 8.30 25.58 15.10
C GLY D 72 7.13 24.65 15.37
N VAL D 73 7.31 23.37 15.06
CA VAL D 73 6.32 22.35 15.32
C VAL D 73 6.68 21.74 16.69
N PHE D 74 6.08 22.30 17.73
CA PHE D 74 6.38 21.90 19.10
C PHE D 74 5.71 20.56 19.45
N SER D 75 5.88 20.12 20.70
CA SER D 75 5.56 18.76 21.08
C SER D 75 4.07 18.45 21.06
N GLY D 76 3.75 17.16 21.08
CA GLY D 76 2.38 16.70 20.99
C GLY D 76 2.29 15.19 20.98
N SER D 77 1.11 14.68 20.64
CA SER D 77 0.79 13.27 20.81
C SER D 77 0.13 12.69 19.57
N ALA D 78 -0.13 11.39 19.60
CA ALA D 78 -0.77 10.68 18.49
C ALA D 78 -1.92 9.80 18.98
N VAL D 79 -2.96 9.70 18.14
CA VAL D 79 -4.11 8.88 18.42
C VAL D 79 -4.58 8.15 17.16
N GLU D 80 -5.47 7.17 17.34
CA GLU D 80 -6.09 6.47 16.21
C GLU D 80 -7.60 6.66 16.21
N LYS D 81 -8.15 7.03 15.05
CA LYS D 81 -9.60 7.22 14.87
C LYS D 81 -10.00 6.77 13.47
N ASP D 82 -10.97 5.87 13.39
CA ASP D 82 -11.44 5.30 12.12
C ASP D 82 -10.29 4.67 11.31
N GLY D 83 -9.34 4.05 12.01
CA GLY D 83 -8.19 3.41 11.39
C GLY D 83 -7.02 4.32 11.04
N LYS D 84 -7.23 5.63 11.09
CA LYS D 84 -6.23 6.61 10.69
C LYS D 84 -5.43 7.08 11.91
N MET D 85 -4.18 7.47 11.66
CA MET D 85 -3.33 8.08 12.68
C MET D 85 -3.52 9.59 12.68
N PHE D 86 -3.76 10.16 13.85
CA PHE D 86 -3.89 11.61 14.01
C PHE D 86 -2.78 12.14 14.91
N LEU D 87 -2.04 13.13 14.44
CA LEU D 87 -1.06 13.84 15.26
C LEU D 87 -1.66 15.15 15.75
N VAL D 88 -1.56 15.39 17.06
CA VAL D 88 -2.05 16.62 17.67
C VAL D 88 -0.88 17.34 18.33
N TYR D 89 -0.60 18.57 17.90
CA TYR D 89 0.65 19.26 18.27
C TYR D 89 0.45 20.76 18.46
N THR D 90 1.41 21.37 19.15
CA THR D 90 1.45 22.81 19.30
C THR D 90 2.22 23.42 18.14
N TYR D 91 1.63 24.42 17.49
CA TYR D 91 2.31 25.23 16.49
C TYR D 91 2.74 26.55 17.11
N TYR D 92 4.04 26.83 17.06
CA TYR D 92 4.64 27.95 17.77
C TYR D 92 5.10 29.03 16.79
N ARG D 93 4.85 30.29 17.13
CA ARG D 93 5.30 31.42 16.33
C ARG D 93 6.32 32.25 17.12
N ASP D 94 7.45 32.55 16.49
CA ASP D 94 8.49 33.41 17.07
C ASP D 94 7.94 34.80 17.35
N PRO D 95 8.43 35.45 18.40
CA PRO D 95 8.20 36.89 18.57
C PRO D 95 8.83 37.68 17.44
N THR D 96 8.15 38.73 16.98
CA THR D 96 8.69 39.62 15.96
C THR D 96 8.94 41.00 16.57
N HIS D 97 8.75 42.04 15.77
CA HIS D 97 9.11 43.39 16.18
C HIS D 97 7.85 44.20 16.49
N ASN D 98 6.76 43.49 16.77
CA ASN D 98 5.49 44.11 17.14
C ASN D 98 4.48 43.03 17.52
N LYS D 99 4.85 41.78 17.23
CA LYS D 99 4.02 40.63 17.57
C LYS D 99 4.76 39.75 18.55
N GLY D 100 4.15 39.52 19.72
CA GLY D 100 4.69 38.58 20.67
C GLY D 100 4.60 37.17 20.08
N GLU D 101 5.06 36.18 20.86
CA GLU D 101 4.95 34.79 20.44
C GLU D 101 3.49 34.32 20.50
N LYS D 102 3.18 33.28 19.72
CA LYS D 102 1.82 32.73 19.65
C LYS D 102 1.86 31.20 19.59
N GLU D 103 0.92 30.56 20.27
CA GLU D 103 0.83 29.11 20.30
C GLU D 103 -0.61 28.66 20.06
N THR D 104 -0.78 27.78 19.08
CA THR D 104 -2.07 27.18 18.77
C THR D 104 -1.93 25.65 18.74
N GLN D 105 -3.05 24.95 18.82
CA GLN D 105 -3.06 23.49 18.77
C GLN D 105 -3.65 23.06 17.44
N CYS D 106 -2.95 22.16 16.75
CA CYS D 106 -3.31 21.76 15.39
C CYS D 106 -3.36 20.25 15.25
N VAL D 107 -3.95 19.80 14.14
CA VAL D 107 -4.15 18.38 13.87
C VAL D 107 -3.67 18.04 12.47
N VAL D 108 -3.02 16.89 12.35
CA VAL D 108 -2.63 16.31 11.09
C VAL D 108 -3.14 14.85 11.07
N MET D 109 -3.37 14.30 9.88
CA MET D 109 -3.88 12.94 9.74
C MET D 109 -3.04 12.14 8.74
N SER D 110 -3.05 10.81 8.89
CA SER D 110 -2.33 9.94 7.96
C SER D 110 -3.02 8.58 7.86
N GLU D 111 -3.25 8.11 6.65
CA GLU D 111 -3.86 6.80 6.41
C GLU D 111 -2.83 5.66 6.41
N ASN D 112 -1.57 5.99 6.14
CA ASN D 112 -0.52 4.98 5.96
C ASN D 112 0.69 5.10 6.90
N GLY D 113 0.73 6.12 7.74
CA GLY D 113 1.85 6.35 8.65
C GLY D 113 3.12 6.92 8.04
N LEU D 114 3.04 7.36 6.79
CA LEU D 114 4.18 7.89 6.03
C LEU D 114 3.91 9.29 5.46
N ASP D 115 2.67 9.51 5.03
CA ASP D 115 2.22 10.77 4.44
C ASP D 115 1.23 11.43 5.38
N PHE D 116 1.49 12.69 5.72
CA PHE D 116 0.71 13.41 6.70
C PHE D 116 0.06 14.66 6.09
N VAL D 117 -1.24 14.84 6.34
CA VAL D 117 -2.01 15.94 5.75
C VAL D 117 -2.70 16.77 6.83
N LYS D 118 -2.67 18.09 6.65
CA LYS D 118 -3.23 19.02 7.62
C LYS D 118 -4.75 18.99 7.64
N TYR D 119 -5.32 19.18 8.83
CA TYR D 119 -6.75 19.42 8.97
C TYR D 119 -7.04 20.81 8.40
N ASP D 120 -8.06 20.89 7.54
CA ASP D 120 -8.42 22.14 6.86
C ASP D 120 -8.84 23.25 7.83
N GLY D 121 -9.44 22.86 8.95
CA GLY D 121 -9.91 23.80 9.96
C GLY D 121 -8.89 24.19 11.03
N ASN D 122 -7.61 23.88 10.83
CA ASN D 122 -6.59 24.27 11.80
C ASN D 122 -6.53 25.80 11.97
N PRO D 123 -6.24 26.28 13.17
CA PRO D 123 -6.01 25.47 14.37
C PRO D 123 -7.30 24.97 15.02
N VAL D 124 -7.25 23.80 15.67
CA VAL D 124 -8.40 23.27 16.40
C VAL D 124 -8.66 24.00 17.73
N ILE D 125 -7.59 24.53 18.33
CA ILE D 125 -7.73 25.43 19.48
C ILE D 125 -6.89 26.68 19.18
N SER D 126 -7.55 27.79 18.94
CA SER D 126 -6.90 28.99 18.40
C SER D 126 -6.31 29.93 19.45
N LYS D 127 -6.82 29.86 20.68
CA LYS D 127 -6.42 30.77 21.76
C LYS D 127 -6.39 30.07 23.11
N PRO D 128 -5.60 30.59 24.05
CA PRO D 128 -5.69 30.13 25.44
C PRO D 128 -7.05 30.47 26.04
N PRO D 129 -7.48 29.72 27.06
CA PRO D 129 -8.83 29.88 27.62
C PRO D 129 -8.98 31.11 28.49
N GLU D 130 -7.90 31.51 29.17
CA GLU D 130 -7.90 32.66 30.07
C GLU D 130 -6.84 33.68 29.66
N GLU D 131 -6.87 34.85 30.29
CA GLU D 131 -5.87 35.88 30.07
C GLU D 131 -4.65 35.57 30.94
N GLY D 132 -3.47 35.95 30.46
CA GLY D 132 -2.25 35.75 31.22
C GLY D 132 -1.70 34.32 31.22
N THR D 133 -2.17 33.48 30.30
CA THR D 133 -1.56 32.16 30.15
C THR D 133 -0.51 32.20 29.04
N HIS D 134 0.60 31.52 29.29
CA HIS D 134 1.69 31.37 28.32
C HIS D 134 2.21 29.93 28.36
N ALA D 135 3.16 29.60 27.49
CA ALA D 135 3.64 28.22 27.36
C ALA D 135 2.45 27.25 27.20
N PHE D 136 1.51 27.65 26.34
CA PHE D 136 0.24 26.96 26.13
C PHE D 136 0.47 25.85 25.10
N ARG D 137 0.94 24.69 25.55
CA ARG D 137 1.47 23.70 24.60
C ARG D 137 1.52 22.23 25.05
N ASP D 138 1.91 21.35 24.12
CA ASP D 138 2.10 19.92 24.36
C ASP D 138 0.81 19.15 24.62
N PRO D 139 -0.10 19.14 23.64
CA PRO D 139 -1.38 18.42 23.80
C PRO D 139 -1.18 16.90 23.83
N LYS D 140 -1.65 16.26 24.90
CA LYS D 140 -1.66 14.81 25.00
C LYS D 140 -3.13 14.36 24.99
N VAL D 141 -3.51 13.59 23.97
CA VAL D 141 -4.90 13.21 23.76
C VAL D 141 -5.08 11.71 23.93
N ASN D 142 -6.10 11.31 24.67
CA ASN D 142 -6.50 9.90 24.73
C ASN D 142 -8.01 9.73 24.95
N ARG D 143 -8.45 8.49 25.17
CA ARG D 143 -9.87 8.16 25.27
C ARG D 143 -10.32 8.02 26.72
N SER D 144 -11.52 8.51 27.00
CA SER D 144 -12.11 8.43 28.34
C SER D 144 -13.63 8.59 28.27
N ASN D 145 -14.36 7.54 28.69
CA ASN D 145 -15.82 7.60 28.78
C ASN D 145 -16.52 8.00 27.48
N GLY D 146 -16.14 7.35 26.38
CA GLY D 146 -16.74 7.58 25.07
C GLY D 146 -16.42 8.93 24.46
N GLU D 147 -15.28 9.48 24.85
CA GLU D 147 -14.92 10.88 24.56
C GLU D 147 -13.42 11.01 24.33
N TRP D 148 -13.01 12.04 23.60
CA TRP D 148 -11.61 12.42 23.52
C TRP D 148 -11.29 13.44 24.62
N ARG D 149 -10.10 13.31 25.22
CA ARG D 149 -9.67 14.17 26.30
C ARG D 149 -8.24 14.64 26.05
N MET D 150 -7.99 15.94 26.17
CA MET D 150 -6.67 16.54 25.92
C MET D 150 -6.16 17.25 27.15
N VAL D 151 -4.91 17.00 27.52
CA VAL D 151 -4.24 17.77 28.56
C VAL D 151 -3.13 18.63 27.92
N LEU D 152 -3.01 19.87 28.39
CA LEU D 152 -2.03 20.82 27.86
C LEU D 152 -1.22 21.42 28.98
N GLY D 153 0.09 21.59 28.75
CA GLY D 153 0.94 22.32 29.66
C GLY D 153 0.68 23.82 29.58
N SER D 154 1.01 24.54 30.64
CA SER D 154 0.81 25.99 30.69
C SER D 154 1.50 26.64 31.89
N GLY D 155 1.44 27.97 31.93
CA GLY D 155 1.92 28.76 33.06
C GLY D 155 1.05 29.98 33.24
N LYS D 156 0.56 30.18 34.47
CA LYS D 156 -0.32 31.30 34.79
C LYS D 156 0.47 32.44 35.40
N ASP D 157 0.39 33.62 34.79
CA ASP D 157 0.93 34.88 35.34
C ASP D 157 2.41 34.83 35.75
N GLU D 158 3.23 34.09 35.00
CA GLU D 158 4.66 33.94 35.30
C GLU D 158 4.91 33.51 36.76
N LYS D 159 4.05 32.65 37.28
CA LYS D 159 4.00 32.32 38.70
C LYS D 159 3.88 30.82 38.97
N ILE D 160 2.85 30.20 38.42
CA ILE D 160 2.54 28.78 38.70
C ILE D 160 2.26 27.96 37.44
N GLY D 161 2.75 26.72 37.42
CA GLY D 161 2.52 25.82 36.31
C GLY D 161 1.19 25.12 36.46
N ARG D 162 0.46 24.94 35.35
CA ARG D 162 -0.84 24.29 35.38
C ARG D 162 -1.06 23.34 34.21
N VAL D 163 -1.96 22.38 34.41
CA VAL D 163 -2.38 21.48 33.34
C VAL D 163 -3.85 21.77 33.04
N LEU D 164 -4.13 22.06 31.77
CA LEU D 164 -5.47 22.39 31.31
C LEU D 164 -6.12 21.19 30.64
N LEU D 165 -7.44 21.12 30.69
CA LEU D 165 -8.21 20.00 30.16
C LEU D 165 -9.22 20.46 29.13
N TYR D 166 -9.25 19.77 27.98
CA TYR D 166 -10.27 19.96 26.94
C TYR D 166 -10.89 18.61 26.58
N THR D 167 -12.11 18.62 26.04
CA THR D 167 -12.74 17.41 25.52
C THR D 167 -13.31 17.63 24.12
N SER D 168 -13.54 16.53 23.41
CA SER D 168 -14.03 16.58 22.04
C SER D 168 -14.70 15.27 21.64
N ASP D 169 -15.69 15.35 20.75
CA ASP D 169 -16.30 14.16 20.18
C ASP D 169 -15.64 13.73 18.87
N ASP D 170 -14.91 14.64 18.22
CA ASP D 170 -14.39 14.39 16.87
C ASP D 170 -12.92 14.79 16.61
N LEU D 171 -12.20 15.24 17.64
CA LEU D 171 -10.79 15.65 17.55
C LEU D 171 -10.55 17.01 16.90
N PHE D 172 -11.61 17.69 16.44
CA PHE D 172 -11.50 18.97 15.74
C PHE D 172 -12.11 20.15 16.50
N HIS D 173 -13.22 19.90 17.18
CA HIS D 173 -13.92 20.93 17.95
C HIS D 173 -13.79 20.59 19.43
N TRP D 174 -13.18 21.49 20.19
CA TRP D 174 -12.82 21.25 21.58
C TRP D 174 -13.54 22.21 22.52
N LYS D 175 -13.83 21.75 23.73
CA LYS D 175 -14.45 22.55 24.76
C LYS D 175 -13.53 22.60 25.97
N TYR D 176 -13.19 23.80 26.42
CA TYR D 176 -12.37 23.98 27.62
C TYR D 176 -13.16 23.54 28.86
N GLU D 177 -12.61 22.59 29.60
CA GLU D 177 -13.23 22.07 30.81
C GLU D 177 -12.72 22.75 32.08
N GLY D 178 -11.42 23.09 32.11
CA GLY D 178 -10.82 23.71 33.27
C GLY D 178 -9.39 23.29 33.53
N ALA D 179 -8.78 23.86 34.56
CA ALA D 179 -7.44 23.47 35.00
C ALA D 179 -7.55 22.37 36.05
N ILE D 180 -7.03 21.19 35.73
CA ILE D 180 -7.15 20.04 36.63
C ILE D 180 -6.04 19.91 37.68
N PHE D 181 -4.94 20.64 37.49
CA PHE D 181 -3.75 20.46 38.33
C PHE D 181 -2.84 21.68 38.28
N GLU D 182 -2.15 21.95 39.39
CA GLU D 182 -1.13 22.98 39.45
C GLU D 182 0.04 22.58 40.35
N ASP D 183 1.22 23.07 40.03
CA ASP D 183 2.44 22.78 40.78
C ASP D 183 3.14 24.10 41.14
N GLU D 184 3.17 24.40 42.43
CA GLU D 184 3.68 25.67 42.95
C GLU D 184 5.20 25.84 42.81
N THR D 185 5.94 24.74 42.69
CA THR D 185 7.41 24.78 42.62
C THR D 185 7.96 25.15 41.25
N THR D 186 7.09 25.42 40.27
CA THR D 186 7.51 25.78 38.93
C THR D 186 6.62 26.87 38.33
N LYS D 187 7.16 27.61 37.37
CA LYS D 187 6.41 28.65 36.65
C LYS D 187 5.67 28.08 35.44
N GLU D 188 6.12 26.92 34.94
CA GLU D 188 5.47 26.24 33.83
C GLU D 188 5.55 24.71 33.92
N ILE D 189 4.56 24.04 33.34
CA ILE D 189 4.55 22.59 33.22
C ILE D 189 4.63 22.21 31.75
N ASP D 190 5.59 21.35 31.40
CA ASP D 190 5.74 20.79 30.05
C ASP D 190 5.19 19.38 29.98
N CYS D 191 4.72 19.00 28.81
CA CYS D 191 4.51 17.59 28.43
C CYS D 191 3.67 16.78 29.43
N PRO D 192 2.47 17.25 29.75
CA PRO D 192 1.57 16.48 30.62
C PRO D 192 1.04 15.22 29.92
N ASP D 193 0.66 14.21 30.70
CA ASP D 193 0.12 12.98 30.16
C ASP D 193 -0.79 12.34 31.22
N LEU D 194 -2.09 12.37 30.96
CA LEU D 194 -3.08 11.80 31.88
C LEU D 194 -3.46 10.41 31.40
N VAL D 195 -3.15 9.41 32.22
CA VAL D 195 -3.39 8.00 31.90
C VAL D 195 -4.12 7.31 33.05
N ARG D 196 -4.71 6.15 32.75
CA ARG D 196 -5.42 5.36 33.75
C ARG D 196 -4.68 4.03 33.95
N ILE D 197 -4.23 3.79 35.17
CA ILE D 197 -3.60 2.53 35.54
C ILE D 197 -4.29 1.98 36.79
N GLY D 198 -5.01 0.87 36.62
CA GLY D 198 -5.64 0.15 37.72
C GLY D 198 -6.52 0.98 38.63
N GLU D 199 -7.63 1.48 38.09
CA GLU D 199 -8.61 2.28 38.84
C GLU D 199 -8.13 3.69 39.21
N LYS D 200 -6.91 4.05 38.83
CA LYS D 200 -6.30 5.31 39.27
C LYS D 200 -6.02 6.22 38.09
N ASP D 201 -6.23 7.51 38.30
CA ASP D 201 -5.83 8.54 37.34
C ASP D 201 -4.43 9.05 37.70
N ILE D 202 -3.50 8.89 36.77
CA ILE D 202 -2.11 9.29 36.98
C ILE D 202 -1.72 10.37 35.99
N LEU D 203 -1.25 11.50 36.49
CA LEU D 203 -0.75 12.60 35.67
C LEU D 203 0.76 12.65 35.73
N ILE D 204 1.40 12.38 34.61
CA ILE D 204 2.83 12.55 34.43
C ILE D 204 3.07 13.93 33.81
N TYR D 205 4.10 14.63 34.28
CA TYR D 205 4.43 15.94 33.74
C TYR D 205 5.87 16.33 34.03
N SER D 206 6.38 17.31 33.29
CA SER D 206 7.78 17.73 33.39
C SER D 206 7.88 19.18 33.90
N ILE D 207 8.91 19.46 34.70
CA ILE D 207 9.19 20.78 35.23
C ILE D 207 10.58 21.19 34.76
N THR D 208 10.70 22.35 34.11
CA THR D 208 11.95 22.73 33.45
C THR D 208 13.08 23.13 34.41
N SER D 209 12.72 23.82 35.48
CA SER D 209 13.70 24.38 36.42
C SER D 209 14.60 23.36 37.12
N THR D 210 14.04 22.19 37.46
CA THR D 210 14.84 21.08 37.99
C THR D 210 15.07 19.97 36.97
N ASN D 211 14.48 20.12 35.78
CA ASN D 211 14.57 19.13 34.70
C ASN D 211 14.17 17.73 35.18
N SER D 212 12.99 17.66 35.80
CA SER D 212 12.49 16.42 36.39
C SER D 212 11.13 16.05 35.81
N VAL D 213 10.87 14.75 35.73
CA VAL D 213 9.55 14.24 35.36
C VAL D 213 8.90 13.74 36.64
N LEU D 214 7.78 14.34 36.99
CA LEU D 214 7.04 14.03 38.20
C LEU D 214 5.77 13.25 37.86
N PHE D 215 5.17 12.64 38.87
CA PHE D 215 3.82 12.10 38.73
C PHE D 215 2.97 12.44 39.95
N SER D 216 1.67 12.59 39.71
CA SER D 216 0.67 12.68 40.76
C SER D 216 -0.40 11.62 40.46
N MET D 217 -0.63 10.72 41.40
CA MET D 217 -1.58 9.62 41.24
C MET D 217 -2.77 9.82 42.18
N GLY D 218 -3.98 9.56 41.69
CA GLY D 218 -5.17 9.75 42.49
C GLY D 218 -6.45 9.51 41.70
N GLU D 219 -7.40 10.45 41.81
CA GLU D 219 -8.67 10.35 41.11
C GLU D 219 -9.12 11.73 40.60
N LEU D 220 -9.50 11.79 39.32
CA LEU D 220 -10.11 12.99 38.77
C LEU D 220 -11.57 13.07 39.23
N LYS D 221 -11.87 14.09 40.04
CA LYS D 221 -13.21 14.32 40.56
C LYS D 221 -13.51 15.81 40.60
N GLU D 222 -14.67 16.19 40.04
CA GLU D 222 -15.15 17.57 40.07
C GLU D 222 -14.20 18.53 39.31
N GLY D 223 -13.60 18.03 38.25
CA GLY D 223 -12.68 18.81 37.43
C GLY D 223 -11.31 19.06 38.05
N LYS D 224 -10.95 18.29 39.07
CA LYS D 224 -9.69 18.45 39.79
C LYS D 224 -9.08 17.10 40.16
N LEU D 225 -7.79 16.92 39.87
CA LEU D 225 -7.07 15.71 40.27
C LEU D 225 -6.83 15.73 41.79
N ASN D 226 -7.59 14.91 42.51
CA ASN D 226 -7.39 14.69 43.94
C ASN D 226 -6.20 13.75 44.17
N VAL D 227 -5.08 14.31 44.62
CA VAL D 227 -3.81 13.60 44.68
C VAL D 227 -3.70 12.72 45.93
N GLU D 228 -3.39 11.45 45.72
CA GLU D 228 -3.15 10.48 46.79
C GLU D 228 -1.67 10.25 47.04
N LYS D 229 -0.89 10.12 45.96
CA LYS D 229 0.55 9.87 46.06
C LYS D 229 1.32 10.65 44.98
N ARG D 230 2.49 11.19 45.36
CA ARG D 230 3.35 11.98 44.47
C ARG D 230 4.72 11.32 44.33
N GLY D 231 5.47 11.71 43.32
CA GLY D 231 6.85 11.27 43.19
C GLY D 231 7.54 11.67 41.90
N LEU D 232 8.71 11.05 41.68
CA LEU D 232 9.47 11.21 40.45
C LEU D 232 9.34 9.94 39.61
N LEU D 233 9.26 10.09 38.29
CA LEU D 233 9.30 8.94 37.37
C LEU D 233 10.72 8.43 37.19
N ASP D 234 11.70 9.30 37.43
CA ASP D 234 13.12 8.95 37.35
C ASP D 234 13.91 9.83 38.32
N HIS D 235 14.95 9.23 38.91
CA HIS D 235 15.70 9.83 40.02
C HIS D 235 17.14 10.28 39.62
N GLY D 236 17.50 10.13 38.36
CA GLY D 236 18.81 10.53 37.87
C GLY D 236 18.83 11.94 37.32
N THR D 237 19.90 12.28 36.62
CA THR D 237 20.14 13.64 36.13
C THR D 237 19.58 13.94 34.73
N ASP D 238 19.30 12.90 33.94
CA ASP D 238 18.95 13.05 32.52
C ASP D 238 17.73 12.22 32.11
N PHE D 239 16.55 12.69 32.53
CA PHE D 239 15.28 12.11 32.09
C PHE D 239 14.24 13.23 32.09
N TYR D 240 13.75 13.57 30.90
CA TYR D 240 12.86 14.73 30.75
C TYR D 240 11.83 14.55 29.62
N ALA D 241 10.75 15.30 29.69
CA ALA D 241 9.72 15.33 28.63
C ALA D 241 9.18 13.94 28.29
N ALA D 242 8.87 13.17 29.33
CA ALA D 242 8.33 11.83 29.16
C ALA D 242 6.95 11.82 28.51
N GLN D 243 6.70 10.81 27.67
CA GLN D 243 5.39 10.57 27.10
C GLN D 243 5.09 9.07 27.08
N THR D 244 3.81 8.71 27.08
CA THR D 244 3.40 7.31 26.98
C THR D 244 2.72 7.01 25.64
N PHE D 245 2.79 5.75 25.23
CA PHE D 245 2.21 5.31 23.97
C PHE D 245 0.69 5.21 24.03
N PHE D 246 0.02 5.73 23.00
CA PHE D 246 -1.39 5.44 22.78
C PHE D 246 -1.52 4.06 22.16
N GLY D 247 -2.57 3.33 22.52
CA GLY D 247 -2.95 2.11 21.81
C GLY D 247 -2.33 0.80 22.27
N THR D 248 -1.73 0.77 23.45
CA THR D 248 -1.15 -0.46 24.01
C THR D 248 -1.89 -0.87 25.28
N ASP D 249 -1.71 -2.12 25.70
CA ASP D 249 -2.29 -2.61 26.95
C ASP D 249 -1.54 -2.00 28.10
N ARG D 250 -0.21 -2.21 28.08
CA ARG D 250 0.68 -1.65 29.08
C ARG D 250 0.77 -0.15 28.90
N VAL D 251 1.10 0.54 29.97
CA VAL D 251 1.54 1.92 29.89
C VAL D 251 3.05 1.87 29.68
N VAL D 252 3.51 2.33 28.53
CA VAL D 252 4.93 2.34 28.19
C VAL D 252 5.37 3.79 28.04
N VAL D 253 6.45 4.15 28.73
CA VAL D 253 6.96 5.51 28.73
C VAL D 253 8.38 5.59 28.12
N ILE D 254 8.61 6.63 27.34
CA ILE D 254 9.95 7.00 26.90
C ILE D 254 10.16 8.47 27.23
N GLY D 255 11.37 8.80 27.67
CA GLY D 255 11.76 10.18 27.92
C GLY D 255 13.00 10.56 27.14
N TRP D 256 13.25 11.86 27.06
CA TRP D 256 14.51 12.39 26.55
C TRP D 256 15.62 12.11 27.55
N LEU D 257 16.65 11.38 27.12
CA LEU D 257 17.80 11.00 27.95
C LEU D 257 18.84 12.14 27.97
N GLN D 258 18.42 13.30 28.47
CA GLN D 258 19.24 14.50 28.48
C GLN D 258 18.52 15.53 29.34
N SER D 259 19.21 16.62 29.66
CA SER D 259 18.61 17.70 30.42
C SER D 259 18.97 19.05 29.77
N TRP D 260 18.03 19.99 29.78
CA TRP D 260 18.32 21.35 29.32
C TRP D 260 19.45 21.98 30.14
N LEU D 261 19.42 21.76 31.46
CA LEU D 261 20.42 22.32 32.37
C LEU D 261 21.84 21.87 32.03
N ARG D 262 21.99 20.60 31.65
CA ARG D 262 23.31 19.99 31.42
C ARG D 262 23.72 19.86 29.94
N THR D 263 22.86 20.31 29.03
CA THR D 263 23.13 20.17 27.59
C THR D 263 24.48 20.77 27.19
N GLY D 264 24.78 21.96 27.71
CA GLY D 264 26.02 22.66 27.40
C GLY D 264 27.29 22.02 27.96
N LEU D 265 27.14 21.02 28.83
CA LEU D 265 28.26 20.31 29.43
C LEU D 265 28.71 19.09 28.62
N TYR D 266 27.91 18.70 27.62
CA TYR D 266 28.12 17.44 26.92
C TYR D 266 28.87 17.60 25.60
N PRO D 267 29.70 16.61 25.25
CA PRO D 267 30.62 16.73 24.13
C PRO D 267 30.18 16.10 22.79
N THR D 268 28.95 15.60 22.68
CA THR D 268 28.55 14.92 21.44
C THR D 268 28.41 15.87 20.25
N LYS D 269 28.24 17.17 20.52
CA LYS D 269 28.08 18.15 19.44
C LYS D 269 29.27 18.21 18.49
N ARG D 270 30.46 17.85 18.97
CA ARG D 270 31.65 17.72 18.11
C ARG D 270 31.51 16.64 17.04
N GLU D 271 30.69 15.62 17.31
CA GLU D 271 30.38 14.56 16.34
C GLU D 271 29.24 14.94 15.38
N GLY D 272 28.60 16.09 15.63
CA GLY D 272 27.58 16.64 14.75
C GLY D 272 26.14 16.33 15.16
N TRP D 273 25.97 15.77 16.35
CA TRP D 273 24.64 15.40 16.84
C TRP D 273 24.48 15.64 18.34
N ASN D 274 23.22 15.66 18.79
CA ASN D 274 22.87 15.93 20.18
C ASN D 274 21.53 15.28 20.48
N GLY D 275 21.43 14.60 21.62
CA GLY D 275 20.18 14.02 22.07
C GLY D 275 20.11 12.52 21.96
N VAL D 276 19.55 11.89 23.00
CA VAL D 276 19.34 10.44 23.07
C VAL D 276 17.99 10.20 23.73
N MET D 277 17.33 9.11 23.36
CA MET D 277 16.09 8.70 24.02
C MET D 277 16.39 7.62 25.05
N SER D 278 15.62 7.63 26.14
CA SER D 278 15.76 6.62 27.17
C SER D 278 15.27 5.27 26.66
N LEU D 279 15.70 4.22 27.33
CA LEU D 279 15.10 2.90 27.16
C LEU D 279 13.62 3.02 27.58
N PRO D 280 12.73 2.24 26.95
CA PRO D 280 11.32 2.30 27.33
C PRO D 280 11.07 1.58 28.66
N ARG D 281 10.16 2.13 29.47
CA ARG D 281 9.81 1.53 30.76
C ARG D 281 8.31 1.25 30.82
N GLU D 282 7.93 0.17 31.48
CA GLU D 282 6.54 -0.08 31.78
C GLU D 282 6.18 0.60 33.10
N LEU D 283 5.05 1.32 33.10
CA LEU D 283 4.47 1.89 34.31
C LEU D 283 3.32 1.00 34.77
N TYR D 284 3.34 0.62 36.03
CA TYR D 284 2.29 -0.24 36.60
C TYR D 284 2.06 0.09 38.08
N VAL D 285 0.89 -0.29 38.58
CA VAL D 285 0.52 -0.05 39.97
C VAL D 285 0.50 -1.37 40.73
N GLU D 286 1.20 -1.41 41.86
CA GLU D 286 1.25 -2.57 42.74
C GLU D 286 1.34 -2.09 44.19
N ASN D 287 0.44 -2.59 45.04
CA ASN D 287 0.35 -2.17 46.44
C ASN D 287 0.13 -0.66 46.59
N ASN D 288 -0.75 -0.12 45.75
CA ASN D 288 -1.09 1.31 45.73
C ASN D 288 0.11 2.25 45.47
N GLU D 289 1.11 1.76 44.76
CA GLU D 289 2.30 2.55 44.42
C GLU D 289 2.57 2.47 42.92
N LEU D 290 2.96 3.60 42.33
CA LEU D 290 3.37 3.63 40.93
C LEU D 290 4.80 3.13 40.83
N LYS D 291 5.01 2.13 39.98
CA LYS D 291 6.32 1.50 39.83
C LYS D 291 6.78 1.58 38.37
N VAL D 292 8.11 1.54 38.20
CA VAL D 292 8.77 1.70 36.91
C VAL D 292 9.74 0.53 36.73
N LYS D 293 9.66 -0.14 35.58
CA LYS D 293 10.59 -1.24 35.25
C LYS D 293 10.92 -1.24 33.76
N PRO D 294 12.04 -1.87 33.38
CA PRO D 294 12.37 -1.99 31.95
C PRO D 294 11.32 -2.83 31.23
N VAL D 295 10.97 -2.47 30.00
CA VAL D 295 10.05 -3.29 29.22
C VAL D 295 10.69 -4.64 28.92
N ASP D 296 9.85 -5.68 28.82
CA ASP D 296 10.31 -7.06 28.60
C ASP D 296 11.12 -7.22 27.31
N GLU D 297 10.84 -6.39 26.31
CA GLU D 297 11.46 -6.51 25.00
C GLU D 297 12.98 -6.28 25.02
N LEU D 298 13.45 -5.55 26.04
CA LEU D 298 14.89 -5.29 26.21
C LEU D 298 15.75 -6.54 26.38
N LEU D 299 15.16 -7.65 26.83
CA LEU D 299 15.87 -8.92 26.96
C LEU D 299 16.48 -9.40 25.64
N ALA D 300 15.85 -9.05 24.52
CA ALA D 300 16.34 -9.41 23.18
C ALA D 300 17.72 -8.84 22.85
N LEU D 301 18.11 -7.74 23.50
CA LEU D 301 19.44 -7.15 23.30
C LEU D 301 20.59 -7.99 23.85
N ARG D 302 20.31 -8.86 24.81
CA ARG D 302 21.35 -9.65 25.46
C ARG D 302 21.98 -10.65 24.50
N LYS D 303 23.31 -10.58 24.37
CA LYS D 303 24.07 -11.54 23.60
C LYS D 303 24.93 -12.34 24.58
N ARG D 304 26.26 -12.34 24.42
CA ARG D 304 27.10 -13.25 25.19
C ARG D 304 27.17 -12.84 26.65
N LYS D 305 27.11 -13.82 27.55
CA LYS D 305 27.39 -13.58 28.96
C LYS D 305 28.90 -13.53 29.12
N VAL D 306 29.44 -12.32 29.21
CA VAL D 306 30.90 -12.11 29.26
C VAL D 306 31.53 -12.41 30.62
N PHE D 307 30.73 -12.31 31.68
CA PHE D 307 31.24 -12.49 33.04
C PHE D 307 30.12 -12.87 34.01
N GLU D 308 30.45 -13.67 35.01
CA GLU D 308 29.57 -13.86 36.15
C GLU D 308 30.34 -14.27 37.40
N THR D 309 29.78 -13.93 38.56
CA THR D 309 30.37 -14.26 39.85
C THR D 309 29.27 -14.40 40.91
N ALA D 310 29.53 -15.25 41.89
CA ALA D 310 28.68 -15.36 43.08
C ALA D 310 29.48 -14.95 44.32
N LYS D 311 30.47 -14.09 44.10
CA LYS D 311 31.44 -13.67 45.11
C LYS D 311 31.82 -12.20 44.94
N SER D 312 32.15 -11.54 46.05
CA SER D 312 32.69 -10.19 46.01
C SER D 312 34.10 -10.21 45.43
N GLY D 313 34.51 -9.09 44.84
CA GLY D 313 35.86 -8.94 44.32
C GLY D 313 35.98 -7.86 43.26
N THR D 314 37.19 -7.74 42.70
CA THR D 314 37.47 -6.83 41.60
C THR D 314 37.87 -7.65 40.39
N PHE D 315 37.26 -7.37 39.24
CA PHE D 315 37.34 -8.23 38.07
C PHE D 315 37.60 -7.45 36.79
N LEU D 316 38.48 -8.00 35.94
CA LEU D 316 38.69 -7.48 34.61
C LEU D 316 37.66 -8.10 33.68
N LEU D 317 36.85 -7.26 33.04
CA LEU D 317 35.82 -7.71 32.11
C LEU D 317 36.38 -7.86 30.71
N ASP D 318 35.91 -8.90 30.01
CA ASP D 318 36.29 -9.16 28.64
C ASP D 318 35.27 -8.50 27.70
N VAL D 319 35.30 -7.17 27.69
CA VAL D 319 34.44 -6.35 26.83
C VAL D 319 35.30 -5.37 26.05
N LYS D 320 34.92 -5.13 24.80
CA LYS D 320 35.65 -4.22 23.92
C LYS D 320 34.98 -2.84 23.79
N GLU D 321 33.77 -2.68 24.32
CA GLU D 321 33.10 -1.39 24.30
C GLU D 321 32.11 -1.19 25.44
N ASN D 322 31.66 0.05 25.59
CA ASN D 322 30.67 0.40 26.59
C ASN D 322 29.27 0.11 26.07
N SER D 323 28.91 -1.17 26.14
CA SER D 323 27.62 -1.67 25.67
C SER D 323 27.34 -3.01 26.35
N TYR D 324 26.91 -2.94 27.60
CA TYR D 324 26.57 -4.14 28.36
C TYR D 324 25.58 -3.88 29.47
N GLU D 325 25.01 -4.95 29.99
CA GLU D 325 24.02 -4.91 31.05
C GLU D 325 24.58 -5.68 32.25
N ILE D 326 24.65 -5.04 33.40
CA ILE D 326 24.96 -5.73 34.64
C ILE D 326 23.64 -6.14 35.28
N VAL D 327 23.49 -7.42 35.59
CA VAL D 327 22.33 -7.93 36.32
C VAL D 327 22.84 -8.46 37.67
N CYS D 328 22.41 -7.84 38.76
CA CYS D 328 22.97 -8.10 40.07
C CYS D 328 21.88 -8.32 41.10
N GLU D 329 21.88 -9.50 41.71
CA GLU D 329 20.99 -9.81 42.83
C GLU D 329 21.84 -9.84 44.10
N PHE D 330 21.28 -9.33 45.20
CA PHE D 330 22.04 -9.22 46.44
C PHE D 330 21.16 -9.04 47.67
N SER D 331 21.72 -9.35 48.84
CA SER D 331 21.05 -9.11 50.11
C SER D 331 21.83 -8.06 50.90
N GLY D 332 21.13 -7.28 51.71
CA GLY D 332 21.76 -6.28 52.55
C GLY D 332 22.34 -5.13 51.75
N GLU D 333 23.52 -4.66 52.17
CA GLU D 333 24.16 -3.52 51.52
C GLU D 333 25.02 -3.96 50.34
N ILE D 334 25.22 -3.04 49.40
CA ILE D 334 26.08 -3.28 48.25
C ILE D 334 26.89 -2.05 47.86
N GLU D 335 28.06 -2.29 47.29
CA GLU D 335 28.83 -1.28 46.60
C GLU D 335 29.25 -1.88 45.27
N LEU D 336 28.72 -1.32 44.18
CA LEU D 336 29.04 -1.79 42.83
C LEU D 336 29.72 -0.66 42.06
N ARG D 337 30.93 -0.92 41.58
CA ARG D 337 31.68 0.06 40.80
C ARG D 337 31.94 -0.47 39.40
N MET D 338 31.76 0.40 38.41
CA MET D 338 32.05 0.09 37.02
C MET D 338 32.92 1.22 36.49
N GLY D 339 33.97 0.88 35.75
CA GLY D 339 34.92 1.88 35.29
C GLY D 339 36.23 1.35 34.75
N ASN D 340 37.26 2.18 34.83
CA ASN D 340 38.60 1.84 34.37
C ASN D 340 39.64 2.52 35.28
N GLU D 341 40.88 2.67 34.82
CA GLU D 341 41.95 3.22 35.68
C GLU D 341 41.77 4.71 36.03
N SER D 342 41.01 5.44 35.22
CA SER D 342 40.82 6.88 35.43
C SER D 342 39.37 7.29 35.76
N GLU D 343 38.42 6.39 35.55
CA GLU D 343 36.99 6.73 35.59
C GLU D 343 36.18 5.67 36.33
N GLU D 344 35.03 6.08 36.88
CA GLU D 344 34.08 5.15 37.47
C GLU D 344 32.70 5.75 37.71
N VAL D 345 31.70 4.87 37.74
CA VAL D 345 30.38 5.14 38.29
C VAL D 345 30.18 4.21 39.48
N VAL D 346 29.68 4.74 40.59
CA VAL D 346 29.48 3.96 41.81
C VAL D 346 28.00 3.98 42.19
N ILE D 347 27.45 2.80 42.47
CA ILE D 347 26.11 2.69 43.02
C ILE D 347 26.21 1.95 44.35
N THR D 348 25.63 2.54 45.39
CA THR D 348 25.69 2.01 46.74
C THR D 348 24.29 1.90 47.31
N LYS D 349 23.98 0.76 47.93
CA LYS D 349 22.80 0.66 48.78
C LYS D 349 23.28 0.60 50.22
N SER D 350 23.01 1.67 50.98
CA SER D 350 23.38 1.74 52.38
C SER D 350 22.14 2.04 53.24
N ARG D 351 21.78 1.09 54.10
CA ARG D 351 20.64 1.20 55.00
C ARG D 351 19.32 1.35 54.21
N ASP D 352 18.82 2.58 54.10
CA ASP D 352 17.51 2.86 53.54
C ASP D 352 17.61 3.57 52.19
N GLU D 353 18.82 3.70 51.65
CA GLU D 353 19.05 4.59 50.53
C GLU D 353 19.85 3.94 49.40
N LEU D 354 19.44 4.24 48.16
CA LEU D 354 20.18 3.90 46.97
C LEU D 354 20.81 5.19 46.47
N ILE D 355 22.13 5.20 46.30
CA ILE D 355 22.84 6.38 45.82
C ILE D 355 23.70 6.04 44.60
N VAL D 356 23.64 6.87 43.57
CA VAL D 356 24.45 6.72 42.38
C VAL D 356 25.35 7.94 42.24
N ASP D 357 26.60 7.71 41.87
CA ASP D 357 27.61 8.74 41.82
C ASP D 357 28.35 8.65 40.47
N THR D 358 28.07 9.60 39.59
CA THR D 358 28.71 9.66 38.27
C THR D 358 29.74 10.80 38.14
N THR D 359 30.16 11.38 39.27
CA THR D 359 31.06 12.55 39.24
C THR D 359 32.40 12.27 38.53
N ARG D 360 32.90 11.05 38.65
CA ARG D 360 34.17 10.65 38.05
C ARG D 360 33.97 9.76 36.81
N SER D 361 32.85 9.92 36.12
CA SER D 361 32.45 8.99 35.06
C SER D 361 33.15 9.23 33.72
N GLY D 362 33.54 10.47 33.45
CA GLY D 362 34.11 10.81 32.17
C GLY D 362 34.29 12.30 31.96
N VAL D 363 34.41 12.71 30.70
CA VAL D 363 34.76 14.09 30.34
C VAL D 363 33.65 15.14 30.56
N SER D 364 32.44 14.71 30.90
CA SER D 364 31.38 15.63 31.34
C SER D 364 31.11 15.55 32.84
N GLY D 365 31.98 14.85 33.57
CA GLY D 365 31.80 14.64 35.00
C GLY D 365 30.43 14.04 35.30
N GLY D 366 29.83 14.46 36.40
CA GLY D 366 28.51 13.99 36.77
C GLY D 366 28.01 14.54 38.10
N GLU D 367 27.07 13.82 38.70
CA GLU D 367 26.47 14.22 39.96
C GLU D 367 26.21 13.02 40.87
N VAL D 368 25.79 13.31 42.11
CA VAL D 368 25.33 12.32 43.05
C VAL D 368 23.83 12.48 43.21
N ARG D 369 23.10 11.40 42.99
CA ARG D 369 21.66 11.35 43.22
C ARG D 369 21.33 10.19 44.15
N LYS D 370 20.28 10.34 44.94
CA LYS D 370 19.86 9.31 45.89
C LYS D 370 18.34 9.29 46.06
N SER D 371 17.85 8.16 46.56
CA SER D 371 16.44 7.99 46.83
C SER D 371 16.26 6.99 47.98
N THR D 372 15.31 7.28 48.85
CA THR D 372 14.91 6.31 49.86
C THR D 372 14.26 5.11 49.15
N VAL D 373 14.46 3.94 49.71
CA VAL D 373 14.11 2.69 49.05
C VAL D 373 13.52 1.71 50.07
N GLU D 374 12.52 0.95 49.63
CA GLU D 374 11.90 -0.08 50.48
C GLU D 374 12.84 -1.28 50.58
N ASP D 375 13.16 -1.69 51.80
CA ASP D 375 14.04 -2.84 52.02
C ASP D 375 13.37 -4.12 51.51
N GLU D 376 14.15 -4.95 50.83
CA GLU D 376 13.68 -6.25 50.34
C GLU D 376 14.68 -7.33 50.73
N ALA D 377 14.18 -8.54 51.02
CA ALA D 377 15.04 -9.68 51.35
C ALA D 377 16.06 -9.89 50.25
N THR D 378 15.56 -9.96 49.01
CA THR D 378 16.41 -10.04 47.83
C THR D 378 16.21 -8.78 46.97
N ASN D 379 17.30 -8.07 46.71
CA ASN D 379 17.29 -6.88 45.87
C ASN D 379 17.89 -7.17 44.50
N ARG D 380 17.52 -6.35 43.52
CA ARG D 380 17.91 -6.57 42.13
C ARG D 380 18.25 -5.24 41.47
N ILE D 381 19.46 -5.12 40.93
CA ILE D 381 19.83 -3.99 40.09
C ILE D 381 20.08 -4.50 38.67
N ARG D 382 19.56 -3.78 37.68
CA ARG D 382 19.99 -3.94 36.31
C ARG D 382 20.56 -2.60 35.84
N ALA D 383 21.79 -2.62 35.34
CA ALA D 383 22.46 -1.42 34.88
C ALA D 383 22.74 -1.54 33.40
N PHE D 384 22.18 -0.65 32.61
CA PHE D 384 22.38 -0.62 31.16
C PHE D 384 23.43 0.45 30.84
N LEU D 385 24.64 0.02 30.51
CA LEU D 385 25.69 0.92 30.05
C LEU D 385 25.70 0.98 28.53
N ASP D 386 25.70 2.19 28.00
CA ASP D 386 25.86 2.42 26.58
C ASP D 386 26.91 3.51 26.40
N SER D 387 27.18 3.91 25.15
CA SER D 387 28.33 4.74 24.81
C SER D 387 28.39 6.07 25.57
N CYS D 388 27.24 6.66 25.85
CA CYS D 388 27.19 7.91 26.60
C CYS D 388 26.07 7.96 27.64
N SER D 389 25.76 6.83 28.26
CA SER D 389 24.72 6.79 29.27
C SER D 389 24.80 5.57 30.17
N VAL D 390 24.20 5.69 31.34
CA VAL D 390 23.95 4.54 32.21
C VAL D 390 22.58 4.71 32.86
N GLU D 391 21.75 3.68 32.77
CA GLU D 391 20.43 3.66 33.39
C GLU D 391 20.36 2.51 34.39
N PHE D 392 20.05 2.84 35.64
CA PHE D 392 19.94 1.85 36.72
C PHE D 392 18.48 1.59 37.04
N PHE D 393 18.12 0.32 37.16
CA PHE D 393 16.75 -0.09 37.53
C PHE D 393 16.83 -0.93 38.79
N PHE D 394 15.98 -0.65 39.76
CA PHE D 394 16.07 -1.26 41.07
C PHE D 394 14.72 -1.84 41.51
N ASN D 395 14.70 -3.15 41.75
CA ASN D 395 13.52 -3.88 42.25
C ASN D 395 12.24 -3.70 41.41
N ASP D 396 12.40 -3.53 40.11
CA ASP D 396 11.28 -3.24 39.21
C ASP D 396 10.37 -2.14 39.79
N SER D 397 11.00 -1.16 40.41
CA SER D 397 10.31 -0.16 41.23
C SER D 397 10.67 1.26 40.82
N ILE D 398 11.97 1.56 40.80
CA ILE D 398 12.46 2.89 40.44
C ILE D 398 13.60 2.82 39.44
N ALA D 399 13.88 3.96 38.82
CA ALA D 399 14.92 4.09 37.81
C ALA D 399 15.75 5.36 38.06
N PHE D 400 17.04 5.28 37.74
CA PHE D 400 17.95 6.42 37.74
C PHE D 400 18.61 6.47 36.37
N SER D 401 18.48 7.59 35.66
CA SER D 401 19.05 7.74 34.33
C SER D 401 20.09 8.85 34.31
N PHE D 402 21.29 8.54 33.81
CA PHE D 402 22.39 9.49 33.76
C PHE D 402 23.04 9.51 32.40
N ARG D 403 23.49 10.69 31.98
CA ARG D 403 24.36 10.82 30.83
C ARG D 403 25.80 10.89 31.34
N ILE D 404 26.66 10.06 30.76
CA ILE D 404 28.10 10.02 31.05
C ILE D 404 28.88 9.95 29.75
N HIS D 405 30.14 10.37 29.77
CA HIS D 405 30.95 10.42 28.55
C HIS D 405 32.38 9.94 28.78
N PRO D 406 32.52 8.62 28.99
CA PRO D 406 33.83 8.03 29.29
C PRO D 406 34.82 8.19 28.14
N GLU D 407 36.07 8.44 28.49
CA GLU D 407 37.15 8.51 27.50
C GLU D 407 37.64 7.11 27.09
N ASN D 408 37.36 6.11 27.94
CA ASN D 408 37.76 4.73 27.69
C ASN D 408 36.71 3.71 28.15
N VAL D 409 36.88 2.46 27.72
CA VAL D 409 35.94 1.40 28.06
C VAL D 409 35.94 1.12 29.57
N TYR D 410 34.76 0.87 30.12
CA TYR D 410 34.61 0.45 31.51
C TYR D 410 34.85 -1.06 31.59
N ASN D 411 36.12 -1.46 31.71
CA ASN D 411 36.48 -2.88 31.75
C ASN D 411 36.88 -3.40 33.14
N ILE D 412 36.59 -2.62 34.18
CA ILE D 412 36.82 -3.05 35.56
C ILE D 412 35.50 -2.99 36.33
N LEU D 413 35.21 -4.05 37.06
CA LEU D 413 33.98 -4.15 37.84
C LEU D 413 34.32 -4.63 39.24
N SER D 414 33.96 -3.82 40.25
CA SER D 414 34.09 -4.21 41.65
C SER D 414 32.72 -4.39 42.27
N VAL D 415 32.57 -5.44 43.07
CA VAL D 415 31.33 -5.71 43.79
C VAL D 415 31.68 -6.07 45.24
N LYS D 416 30.96 -5.47 46.18
CA LYS D 416 31.15 -5.77 47.60
C LYS D 416 29.77 -5.91 48.24
N SER D 417 29.39 -7.14 48.55
CA SER D 417 28.14 -7.43 49.23
C SER D 417 28.13 -8.86 49.79
N ASN D 418 27.22 -9.11 50.72
CA ASN D 418 26.97 -10.45 51.22
C ASN D 418 25.83 -11.08 50.43
N GLN D 419 26.07 -12.27 49.88
CA GLN D 419 25.13 -12.96 48.99
C GLN D 419 25.00 -12.14 47.71
N VAL D 420 25.80 -12.49 46.72
CA VAL D 420 25.86 -11.77 45.46
C VAL D 420 25.67 -12.76 44.31
N LYS D 421 24.95 -12.31 43.29
CA LYS D 421 24.82 -13.01 42.03
C LYS D 421 24.82 -11.96 40.94
N LEU D 422 25.92 -11.86 40.21
CA LEU D 422 26.09 -10.84 39.19
C LEU D 422 26.46 -11.48 37.85
N GLU D 423 25.80 -11.06 36.79
CA GLU D 423 26.20 -11.40 35.42
C GLU D 423 26.35 -10.14 34.60
N VAL D 424 27.18 -10.21 33.56
CA VAL D 424 27.31 -9.13 32.60
C VAL D 424 27.02 -9.70 31.22
N PHE D 425 26.05 -9.11 30.53
CA PHE D 425 25.75 -9.49 29.14
C PHE D 425 26.18 -8.37 28.23
N GLU D 426 26.90 -8.71 27.16
CA GLU D 426 27.12 -7.79 26.07
C GLU D 426 25.78 -7.48 25.43
N LEU D 427 25.55 -6.23 25.04
CA LEU D 427 24.30 -5.82 24.41
C LEU D 427 24.52 -5.49 22.93
N GLU D 428 23.56 -5.94 22.12
CA GLU D 428 23.61 -5.82 20.67
C GLU D 428 23.59 -4.37 20.19
N ASN D 429 24.35 -4.08 19.15
CA ASN D 429 24.22 -2.84 18.40
C ASN D 429 23.01 -2.97 17.46
N ILE D 430 22.01 -2.11 17.62
CA ILE D 430 20.76 -2.20 16.85
C ILE D 430 20.85 -1.65 15.43
N TRP D 431 21.95 -0.96 15.12
CA TRP D 431 22.12 -0.26 13.85
C TRP D 431 22.87 -1.08 12.80
N LEU D 432 23.89 -1.81 13.22
CA LEU D 432 24.71 -2.60 12.30
C LEU D 432 25.30 -3.83 13.00
N LEU E 1 2.58 13.41 -1.86
CA LEU E 1 2.71 11.95 -2.16
C LEU E 1 3.87 11.63 -3.11
N PHE E 2 4.98 12.35 -2.99
CA PHE E 2 6.13 12.11 -3.85
C PHE E 2 7.25 11.28 -3.20
N LYS E 3 7.07 10.89 -1.94
CA LYS E 3 8.07 10.04 -1.28
C LYS E 3 8.06 8.64 -1.91
N PRO E 4 9.19 8.21 -2.46
CA PRO E 4 9.29 6.87 -3.04
C PRO E 4 8.87 5.74 -2.09
N ASN E 5 8.21 4.74 -2.65
CA ASN E 5 7.89 3.51 -1.94
C ASN E 5 9.10 2.57 -1.81
N TYR E 6 9.92 2.47 -2.85
CA TYR E 6 11.02 1.50 -2.86
C TYR E 6 12.35 2.00 -3.45
N HIS E 7 12.51 3.32 -3.58
CA HIS E 7 13.81 3.93 -3.84
C HIS E 7 14.37 4.55 -2.57
N PHE E 8 15.69 4.69 -2.51
CA PHE E 8 16.33 5.41 -1.42
C PHE E 8 16.26 6.92 -1.62
N PHE E 9 15.94 7.63 -0.54
CA PHE E 9 15.90 9.08 -0.53
C PHE E 9 16.11 9.54 0.93
N PRO E 10 16.56 10.77 1.13
CA PRO E 10 16.94 11.23 2.48
C PRO E 10 15.73 11.51 3.37
N ILE E 11 15.89 11.36 4.69
CA ILE E 11 14.82 11.65 5.64
C ILE E 11 14.45 13.13 5.64
N THR E 12 15.42 13.97 5.32
CA THR E 12 15.22 15.40 5.20
C THR E 12 16.40 16.05 4.46
N GLY E 13 16.15 17.17 3.80
CA GLY E 13 17.21 17.92 3.14
C GLY E 13 17.57 17.38 1.77
N TRP E 14 18.78 17.72 1.34
CA TRP E 14 19.24 17.55 -0.03
C TRP E 14 20.23 16.38 -0.19
N MET E 15 20.03 15.57 -1.22
CA MET E 15 20.93 14.45 -1.55
C MET E 15 21.31 14.48 -3.03
N ASN E 16 22.61 14.37 -3.33
CA ASN E 16 23.06 14.06 -4.69
C ASN E 16 23.89 12.75 -4.79
N ASP E 17 25.16 12.80 -5.20
CA ASP E 17 25.87 11.61 -5.68
C ASP E 17 25.91 10.46 -4.70
N PRO E 18 25.75 9.22 -5.19
CA PRO E 18 26.12 8.05 -4.37
C PRO E 18 27.63 7.99 -4.16
N ASN E 19 28.05 7.70 -2.93
CA ASN E 19 29.46 7.65 -2.55
C ASN E 19 29.77 6.36 -1.81
N GLY E 20 31.04 5.97 -1.80
CA GLY E 20 31.53 4.89 -0.97
C GLY E 20 30.77 3.58 -1.03
N LEU E 21 30.30 3.22 -2.23
CA LEU E 21 29.55 1.98 -2.44
C LEU E 21 30.48 0.79 -2.21
N ILE E 22 30.11 -0.08 -1.28
CA ILE E 22 30.94 -1.23 -0.94
C ILE E 22 30.14 -2.36 -0.29
N PHE E 23 30.47 -3.60 -0.66
CA PHE E 23 29.98 -4.78 0.02
C PHE E 23 31.04 -5.15 1.05
N TRP E 24 30.71 -4.92 2.32
CA TRP E 24 31.65 -5.06 3.43
C TRP E 24 30.98 -5.78 4.59
N LYS E 25 31.62 -6.84 5.08
CA LYS E 25 31.08 -7.70 6.13
C LYS E 25 29.62 -8.13 5.89
N GLY E 26 29.33 -8.58 4.68
CA GLY E 26 28.05 -9.18 4.36
C GLY E 26 26.89 -8.24 4.08
N LYS E 27 27.15 -6.93 4.05
CA LYS E 27 26.12 -5.94 3.77
C LYS E 27 26.57 -4.90 2.73
N TYR E 28 25.61 -4.35 2.00
CA TYR E 28 25.85 -3.29 1.03
C TYR E 28 25.72 -1.91 1.67
N HIS E 29 26.83 -1.18 1.70
CA HIS E 29 26.87 0.18 2.21
C HIS E 29 26.79 1.19 1.07
N MET E 30 25.93 2.20 1.23
CA MET E 30 25.82 3.32 0.32
C MET E 30 25.92 4.61 1.13
N PHE E 31 26.91 5.43 0.81
CA PHE E 31 27.01 6.79 1.34
C PHE E 31 26.49 7.74 0.26
N TYR E 32 26.37 9.03 0.60
CA TYR E 32 25.86 10.01 -0.36
C TYR E 32 26.15 11.46 0.02
N GLN E 33 26.35 12.29 -1.00
CA GLN E 33 26.47 13.72 -0.84
C GLN E 33 25.19 14.23 -0.20
N TYR E 34 25.33 14.94 0.92
CA TYR E 34 24.18 15.21 1.78
C TYR E 34 24.25 16.58 2.45
N ASN E 35 23.15 17.34 2.35
CA ASN E 35 22.92 18.53 3.16
C ASN E 35 21.62 18.36 3.95
N PRO E 36 21.71 17.93 5.20
CA PRO E 36 20.50 17.84 6.05
C PRO E 36 19.82 19.18 6.40
N ARG E 37 20.48 20.31 6.15
CA ARG E 37 19.98 21.63 6.59
C ARG E 37 18.78 22.16 5.81
N LYS E 38 18.69 21.81 4.53
CA LYS E 38 17.64 22.33 3.64
C LYS E 38 17.64 21.51 2.35
N PRO E 39 16.56 21.59 1.57
CA PRO E 39 16.50 20.82 0.33
C PRO E 39 17.22 21.51 -0.84
N GLU E 40 18.39 22.08 -0.56
CA GLU E 40 19.30 22.64 -1.56
C GLU E 40 20.74 22.22 -1.24
N TRP E 41 21.59 22.22 -2.27
CA TRP E 41 23.00 21.85 -2.12
C TRP E 41 23.76 22.85 -1.23
N GLY E 42 24.68 22.32 -0.41
CA GLY E 42 25.55 23.14 0.43
C GLY E 42 26.12 22.40 1.63
N ASN E 43 27.23 22.89 2.18
CA ASN E 43 27.83 22.36 3.40
C ASN E 43 27.85 20.83 3.44
N ILE E 44 28.43 20.23 2.40
CA ILE E 44 28.17 18.83 2.09
C ILE E 44 28.86 17.84 3.04
N CYS E 45 28.07 16.86 3.46
CA CYS E 45 28.48 15.76 4.31
C CYS E 45 28.32 14.45 3.53
N TRP E 46 28.79 13.35 4.10
CA TRP E 46 28.46 12.03 3.60
C TRP E 46 27.37 11.42 4.48
N GLY E 47 26.15 11.30 3.96
CA GLY E 47 25.13 10.47 4.56
C GLY E 47 25.48 8.99 4.39
N HIS E 48 24.74 8.13 5.09
CA HIS E 48 25.07 6.70 5.16
C HIS E 48 23.80 5.86 5.27
N ALA E 49 23.71 4.81 4.45
CA ALA E 49 22.63 3.83 4.51
C ALA E 49 23.21 2.43 4.27
N VAL E 50 22.44 1.40 4.61
CA VAL E 50 22.90 0.01 4.47
C VAL E 50 21.73 -0.91 4.14
N SER E 51 22.00 -1.95 3.35
CA SER E 51 21.02 -3.00 3.10
C SER E 51 21.70 -4.37 3.07
N ASP E 52 20.92 -5.41 3.33
CA ASP E 52 21.40 -6.78 3.22
C ASP E 52 21.33 -7.27 1.77
N ASP E 53 20.55 -6.59 0.94
CA ASP E 53 20.14 -7.13 -0.35
C ASP E 53 20.00 -6.12 -1.49
N LEU E 54 20.64 -4.96 -1.36
CA LEU E 54 20.59 -3.88 -2.36
C LEU E 54 19.22 -3.20 -2.55
N VAL E 55 18.23 -3.57 -1.72
CA VAL E 55 16.86 -3.12 -1.91
C VAL E 55 16.26 -2.51 -0.64
N HIS E 56 16.34 -3.23 0.47
CA HIS E 56 15.73 -2.80 1.73
C HIS E 56 16.70 -1.95 2.57
N TRP E 57 16.75 -0.66 2.25
CA TRP E 57 17.71 0.25 2.86
C TRP E 57 17.28 0.68 4.25
N ARG E 58 18.26 0.87 5.13
CA ARG E 58 18.06 1.46 6.45
C ARG E 58 19.03 2.62 6.61
N HIS E 59 18.53 3.73 7.14
CA HIS E 59 19.34 4.90 7.41
C HIS E 59 20.29 4.67 8.60
N LEU E 60 21.54 5.11 8.44
CA LEU E 60 22.55 5.12 9.50
C LEU E 60 22.95 6.58 9.79
N PRO E 61 23.68 6.82 10.88
CA PRO E 61 24.16 8.18 11.17
C PRO E 61 25.02 8.77 10.04
N VAL E 62 24.96 10.08 9.89
CA VAL E 62 25.82 10.78 8.95
C VAL E 62 27.27 10.43 9.30
N ALA E 63 28.04 10.05 8.28
CA ALA E 63 29.38 9.48 8.46
C ALA E 63 30.50 10.51 8.49
N LEU E 64 30.55 11.40 7.49
CA LEU E 64 31.60 12.41 7.39
C LEU E 64 31.04 13.83 7.36
N TYR E 65 31.64 14.71 8.15
CA TYR E 65 31.29 16.12 8.17
C TYR E 65 32.49 16.97 7.76
N PRO E 66 32.25 18.14 7.17
CA PRO E 66 33.33 19.12 6.99
C PRO E 66 33.75 19.69 8.35
N ASP E 67 34.99 20.13 8.47
CA ASP E 67 35.51 20.64 9.75
C ASP E 67 34.99 22.03 10.11
N ASP E 68 34.48 22.77 9.13
CA ASP E 68 33.96 24.12 9.35
C ASP E 68 32.93 24.51 8.27
N GLU E 69 32.47 25.76 8.31
CA GLU E 69 31.42 26.24 7.40
C GLU E 69 31.88 26.51 5.97
N THR E 70 33.19 26.59 5.74
CA THR E 70 33.74 26.92 4.43
C THR E 70 34.33 25.72 3.69
N HIS E 71 34.02 24.50 4.14
CA HIS E 71 34.50 23.28 3.48
C HIS E 71 33.34 22.34 3.16
N GLY E 72 33.59 21.38 2.28
CA GLY E 72 32.65 20.33 1.96
C GLY E 72 33.36 19.00 1.76
N VAL E 73 32.71 17.91 2.16
CA VAL E 73 33.20 16.57 1.91
C VAL E 73 32.59 16.08 0.60
N PHE E 74 33.34 16.27 -0.49
CA PHE E 74 32.87 15.97 -1.84
C PHE E 74 32.95 14.45 -2.12
N SER E 75 32.55 14.05 -3.32
CA SER E 75 32.34 12.65 -3.62
C SER E 75 33.60 11.78 -3.57
N GLY E 76 33.39 10.48 -3.48
CA GLY E 76 34.47 9.52 -3.35
C GLY E 76 33.98 8.09 -3.26
N SER E 77 34.91 7.17 -2.94
CA SER E 77 34.66 5.74 -2.98
C SER E 77 35.10 5.04 -1.69
N ALA E 78 34.87 3.73 -1.62
CA ALA E 78 35.22 2.93 -0.46
C ALA E 78 35.91 1.63 -0.89
N VAL E 79 36.91 1.20 -0.12
CA VAL E 79 37.61 -0.06 -0.32
C VAL E 79 37.77 -0.81 1.00
N GLU E 80 38.17 -2.08 0.89
CA GLU E 80 38.50 -2.89 2.06
C GLU E 80 39.99 -3.21 2.04
N LYS E 81 40.68 -2.88 3.13
CA LYS E 81 42.09 -3.22 3.33
C LYS E 81 42.31 -3.71 4.76
N ASP E 82 42.95 -4.86 4.91
CA ASP E 82 43.16 -5.49 6.21
C ASP E 82 41.85 -5.77 6.97
N GLY E 83 40.76 -5.99 6.25
CA GLY E 83 39.45 -6.19 6.85
C GLY E 83 38.69 -4.91 7.22
N LYS E 84 39.37 -3.77 7.19
CA LYS E 84 38.77 -2.49 7.58
C LYS E 84 38.17 -1.78 6.37
N MET E 85 37.18 -0.93 6.60
CA MET E 85 36.61 -0.07 5.56
C MET E 85 37.41 1.23 5.47
N PHE E 86 37.78 1.61 4.26
CA PHE E 86 38.45 2.88 4.01
C PHE E 86 37.61 3.71 3.05
N LEU E 87 37.38 4.97 3.39
CA LEU E 87 36.72 5.92 2.50
C LEU E 87 37.75 6.88 1.93
N VAL E 88 37.74 7.07 0.61
CA VAL E 88 38.64 7.99 -0.06
C VAL E 88 37.80 9.06 -0.75
N TYR E 89 38.06 10.32 -0.44
CA TYR E 89 37.17 11.42 -0.81
C TYR E 89 37.91 12.72 -1.09
N THR E 90 37.25 13.63 -1.80
CA THR E 90 37.78 14.96 -2.00
C THR E 90 37.34 15.89 -0.88
N TYR E 91 38.29 16.57 -0.25
CA TYR E 91 37.99 17.63 0.69
C TYR E 91 38.08 18.98 -0.03
N TYR E 92 37.01 19.76 0.06
CA TYR E 92 36.82 20.95 -0.76
C TYR E 92 36.79 22.22 0.09
N ARG E 93 37.46 23.27 -0.38
CA ARG E 93 37.46 24.56 0.29
C ARG E 93 36.73 25.56 -0.60
N ASP E 94 35.79 26.30 -0.02
CA ASP E 94 35.05 27.33 -0.74
C ASP E 94 36.00 28.43 -1.24
N PRO E 95 35.59 29.15 -2.27
CA PRO E 95 36.35 30.34 -2.70
C PRO E 95 36.21 31.47 -1.68
N THR E 96 37.33 32.06 -1.28
CA THR E 96 37.34 33.16 -0.31
C THR E 96 37.92 34.42 -0.93
N HIS E 97 38.05 35.47 -0.13
CA HIS E 97 38.55 36.74 -0.62
C HIS E 97 40.07 36.78 -0.53
N ASN E 98 40.72 36.59 -1.67
CA ASN E 98 42.17 36.52 -1.73
C ASN E 98 42.60 35.09 -2.05
N LYS E 99 41.70 34.15 -1.79
CA LYS E 99 41.95 32.74 -2.04
C LYS E 99 40.81 32.10 -2.82
N GLY E 100 41.15 31.28 -3.82
CA GLY E 100 40.14 30.57 -4.57
C GLY E 100 39.86 29.21 -3.95
N GLU E 101 39.18 28.34 -4.69
CA GLU E 101 38.79 27.02 -4.18
C GLU E 101 39.96 26.02 -4.27
N LYS E 102 40.01 25.11 -3.30
CA LYS E 102 41.12 24.16 -3.15
C LYS E 102 40.58 22.73 -2.94
N GLU E 103 41.12 21.78 -3.68
CA GLU E 103 40.66 20.40 -3.62
C GLU E 103 41.83 19.45 -3.34
N THR E 104 41.71 18.70 -2.24
CA THR E 104 42.68 17.67 -1.89
C THR E 104 41.97 16.33 -1.76
N GLN E 105 42.76 15.26 -1.69
CA GLN E 105 42.24 13.91 -1.56
C GLN E 105 42.65 13.34 -0.21
N CYS E 106 41.69 12.79 0.52
CA CYS E 106 41.89 12.36 1.91
C CYS E 106 41.36 10.97 2.16
N VAL E 107 41.79 10.37 3.26
CA VAL E 107 41.40 9.02 3.64
C VAL E 107 40.84 8.99 5.07
N VAL E 108 39.84 8.14 5.28
CA VAL E 108 39.25 7.87 6.59
C VAL E 108 39.11 6.35 6.74
N MET E 109 39.23 5.84 7.96
CA MET E 109 39.21 4.41 8.23
C MET E 109 38.12 4.04 9.25
N SER E 110 37.55 2.85 9.11
CA SER E 110 36.59 2.32 10.06
C SER E 110 36.76 0.82 10.25
N GLU E 111 36.75 0.38 11.50
CA GLU E 111 36.83 -1.04 11.84
C GLU E 111 35.45 -1.67 11.94
N ASN E 112 34.43 -0.85 12.19
CA ASN E 112 33.07 -1.35 12.46
C ASN E 112 31.94 -0.85 11.55
N GLY E 113 32.26 0.05 10.62
CA GLY E 113 31.28 0.62 9.71
C GLY E 113 30.44 1.76 10.27
N LEU E 114 30.71 2.16 11.51
CA LEU E 114 29.94 3.17 12.23
C LEU E 114 30.81 4.36 12.67
N ASP E 115 32.03 4.07 13.12
CA ASP E 115 32.96 5.10 13.59
C ASP E 115 34.09 5.27 12.58
N PHE E 116 34.33 6.51 12.18
CA PHE E 116 35.26 6.83 11.12
C PHE E 116 36.37 7.78 11.60
N VAL E 117 37.62 7.43 11.33
CA VAL E 117 38.77 8.18 11.85
C VAL E 117 39.70 8.63 10.73
N LYS E 118 40.18 9.86 10.82
CA LYS E 118 41.03 10.45 9.78
C LYS E 118 42.43 9.85 9.80
N TYR E 119 42.96 9.62 8.61
CA TYR E 119 44.37 9.27 8.44
C TYR E 119 45.21 10.48 8.85
N ASP E 120 46.21 10.27 9.72
CA ASP E 120 47.06 11.35 10.23
C ASP E 120 47.83 12.08 9.13
N GLY E 121 48.19 11.37 8.07
CA GLY E 121 48.94 11.94 6.96
C GLY E 121 48.12 12.62 5.88
N ASN E 122 46.83 12.84 6.14
CA ASN E 122 45.98 13.61 5.22
C ASN E 122 46.55 15.01 5.02
N PRO E 123 46.46 15.58 3.82
CA PRO E 123 45.86 14.90 2.65
C PRO E 123 46.80 13.88 1.99
N VAL E 124 46.19 12.82 1.48
CA VAL E 124 46.89 11.74 0.79
C VAL E 124 47.48 12.20 -0.56
N ILE E 125 46.75 13.09 -1.24
CA ILE E 125 47.25 13.80 -2.42
C ILE E 125 46.95 15.30 -2.21
N SER E 126 48.00 16.09 -2.01
CA SER E 126 47.86 17.48 -1.57
C SER E 126 47.59 18.50 -2.69
N LYS E 127 48.03 18.20 -3.90
CA LYS E 127 47.76 19.10 -5.03
C LYS E 127 47.69 18.37 -6.38
N PRO E 128 47.07 19.01 -7.37
CA PRO E 128 47.03 18.47 -8.73
C PRO E 128 48.43 18.30 -9.31
N PRO E 129 48.60 17.39 -10.27
CA PRO E 129 49.93 17.06 -10.79
C PRO E 129 50.46 18.11 -11.75
N GLU E 130 49.54 18.80 -12.44
CA GLU E 130 49.87 19.83 -13.40
C GLU E 130 49.19 21.15 -13.01
N GLU E 131 49.45 22.20 -13.76
CA GLU E 131 48.79 23.48 -13.55
C GLU E 131 47.63 23.63 -14.53
N GLY E 132 46.73 24.57 -14.21
CA GLY E 132 45.55 24.80 -15.03
C GLY E 132 44.43 23.81 -14.80
N THR E 133 44.70 22.76 -14.02
CA THR E 133 43.70 21.72 -13.76
C THR E 133 42.86 22.10 -12.53
N HIS E 134 41.54 21.98 -12.68
CA HIS E 134 40.60 22.23 -11.60
C HIS E 134 39.50 21.17 -11.64
N ALA E 135 38.49 21.30 -10.77
CA ALA E 135 37.53 20.22 -10.53
C ALA E 135 38.28 18.90 -10.29
N PHE E 136 39.31 19.00 -9.45
CA PHE E 136 40.25 17.90 -9.18
C PHE E 136 39.68 17.02 -8.07
N ARG E 137 38.77 16.13 -8.44
CA ARG E 137 37.93 15.47 -7.43
C ARG E 137 37.29 14.12 -7.82
N ASP E 138 36.65 13.49 -6.83
CA ASP E 138 35.93 12.24 -6.97
C ASP E 138 36.85 11.02 -7.19
N PRO E 139 37.70 10.70 -6.20
CA PRO E 139 38.59 9.55 -6.32
C PRO E 139 37.85 8.21 -6.22
N LYS E 140 37.95 7.40 -7.27
CA LYS E 140 37.43 6.04 -7.27
C LYS E 140 38.59 5.05 -7.25
N VAL E 141 38.71 4.32 -6.16
CA VAL E 141 39.86 3.45 -5.92
C VAL E 141 39.44 1.99 -6.00
N ASN E 142 40.19 1.19 -6.75
CA ASN E 142 40.00 -0.26 -6.78
C ASN E 142 41.34 -1.01 -6.91
N ARG E 143 41.28 -2.33 -7.03
CA ARG E 143 42.48 -3.16 -7.12
C ARG E 143 42.77 -3.57 -8.55
N SER E 144 44.05 -3.49 -8.92
CA SER E 144 44.52 -3.98 -10.22
C SER E 144 46.04 -4.17 -10.21
N ASN E 145 46.49 -5.30 -10.74
CA ASN E 145 47.92 -5.62 -10.82
C ASN E 145 48.66 -5.68 -9.48
N GLY E 146 47.96 -6.13 -8.44
CA GLY E 146 48.52 -6.20 -7.10
C GLY E 146 48.78 -4.86 -6.45
N GLU E 147 48.08 -3.82 -6.92
CA GLU E 147 48.23 -2.47 -6.38
C GLU E 147 46.87 -1.77 -6.28
N TRP E 148 46.86 -0.60 -5.66
CA TRP E 148 45.68 0.27 -5.63
C TRP E 148 45.74 1.24 -6.80
N ARG E 149 44.60 1.41 -7.48
CA ARG E 149 44.46 2.32 -8.62
C ARG E 149 43.41 3.36 -8.25
N MET E 150 43.67 4.63 -8.53
CA MET E 150 42.72 5.71 -8.28
C MET E 150 42.49 6.52 -9.55
N VAL E 151 41.24 6.66 -9.95
CA VAL E 151 40.87 7.57 -11.03
C VAL E 151 40.20 8.81 -10.45
N LEU E 152 40.60 9.98 -10.93
CA LEU E 152 40.08 11.26 -10.48
C LEU E 152 39.54 12.04 -11.67
N GLY E 153 38.40 12.69 -11.51
CA GLY E 153 37.87 13.59 -12.51
C GLY E 153 38.61 14.91 -12.52
N SER E 154 38.56 15.62 -13.65
CA SER E 154 39.29 16.88 -13.81
C SER E 154 38.92 17.64 -15.08
N GLY E 155 39.41 18.87 -15.17
CA GLY E 155 39.25 19.72 -16.33
C GLY E 155 40.52 20.55 -16.53
N LYS E 156 40.99 20.64 -17.77
CA LYS E 156 42.27 21.28 -18.07
C LYS E 156 42.06 22.58 -18.86
N ASP E 157 42.65 23.66 -18.35
CA ASP E 157 42.66 24.97 -19.03
C ASP E 157 41.28 25.50 -19.47
N GLU E 158 40.24 25.21 -18.70
CA GLU E 158 38.86 25.58 -19.06
C GLU E 158 38.49 25.16 -20.49
N LYS E 159 38.86 23.93 -20.86
CA LYS E 159 38.76 23.48 -22.25
C LYS E 159 38.28 22.03 -22.39
N ILE E 160 39.03 21.08 -21.81
CA ILE E 160 38.77 19.65 -22.00
C ILE E 160 38.76 18.88 -20.67
N GLY E 161 37.81 17.95 -20.54
CA GLY E 161 37.70 17.14 -19.35
C GLY E 161 38.64 15.95 -19.44
N ARG E 162 39.28 15.59 -18.33
CA ARG E 162 40.22 14.47 -18.31
C ARG E 162 40.07 13.61 -17.06
N VAL E 163 40.45 12.34 -17.19
CA VAL E 163 40.50 11.40 -16.07
C VAL E 163 41.96 11.09 -15.77
N LEU E 164 42.37 11.34 -14.54
CA LEU E 164 43.75 11.13 -14.09
C LEU E 164 43.87 9.80 -13.33
N LEU E 165 45.06 9.21 -13.37
CA LEU E 165 45.32 7.93 -12.72
C LEU E 165 46.48 8.04 -11.73
N TYR E 166 46.28 7.56 -10.51
CA TYR E 166 47.33 7.40 -9.51
C TYR E 166 47.36 5.94 -9.05
N THR E 167 48.54 5.47 -8.64
CA THR E 167 48.68 4.14 -8.06
C THR E 167 49.34 4.21 -6.69
N SER E 168 49.20 3.14 -5.93
CA SER E 168 49.72 3.10 -4.56
C SER E 168 49.82 1.67 -4.05
N ASP E 169 50.88 1.39 -3.28
CA ASP E 169 51.09 0.07 -2.69
C ASP E 169 50.48 -0.04 -1.29
N ASP E 170 50.10 1.08 -0.69
CA ASP E 170 49.63 1.10 0.70
C ASP E 170 48.39 1.98 0.99
N LEU E 171 47.81 2.58 -0.06
CA LEU E 171 46.65 3.48 0.05
C LEU E 171 46.94 4.90 0.57
N PHE E 172 48.17 5.15 1.03
CA PHE E 172 48.54 6.43 1.64
C PHE E 172 49.50 7.28 0.81
N HIS E 173 50.43 6.63 0.11
CA HIS E 173 51.41 7.33 -0.72
C HIS E 173 51.16 6.98 -2.18
N TRP E 174 50.84 7.99 -2.98
CA TRP E 174 50.38 7.81 -4.35
C TRP E 174 51.37 8.35 -5.37
N LYS E 175 51.42 7.69 -6.52
CA LYS E 175 52.29 8.07 -7.62
C LYS E 175 51.40 8.47 -8.79
N TYR E 176 51.65 9.65 -9.36
CA TYR E 176 50.94 10.10 -10.55
C TYR E 176 51.36 9.27 -11.75
N GLU E 177 50.38 8.79 -12.53
CA GLU E 177 50.64 7.94 -13.69
C GLU E 177 50.11 8.52 -15.01
N GLY E 178 49.55 9.73 -14.97
CA GLY E 178 49.14 10.42 -16.17
C GLY E 178 47.64 10.54 -16.39
N ALA E 179 47.26 11.18 -17.49
CA ALA E 179 45.87 11.26 -17.90
C ALA E 179 45.56 10.11 -18.84
N ILE E 180 44.72 9.18 -18.39
CA ILE E 180 44.38 8.00 -19.19
C ILE E 180 43.29 8.25 -20.24
N PHE E 181 42.51 9.31 -20.08
CA PHE E 181 41.36 9.57 -20.95
C PHE E 181 40.99 11.05 -21.00
N GLU E 182 40.48 11.49 -22.14
CA GLU E 182 39.92 12.83 -22.30
C GLU E 182 38.64 12.80 -23.14
N ASP E 183 37.81 13.83 -22.96
CA ASP E 183 36.56 13.97 -23.69
C ASP E 183 36.42 15.43 -24.14
N GLU E 184 36.50 15.66 -25.45
CA GLU E 184 36.47 17.01 -26.02
C GLU E 184 35.13 17.75 -25.85
N THR E 185 34.05 16.98 -25.72
CA THR E 185 32.69 17.54 -25.62
C THR E 185 32.40 18.30 -24.31
N THR E 186 33.25 18.12 -23.30
CA THR E 186 33.04 18.73 -21.99
C THR E 186 34.29 19.44 -21.47
N LYS E 187 34.09 20.40 -20.57
CA LYS E 187 35.19 21.10 -19.91
C LYS E 187 35.71 20.31 -18.71
N GLU E 188 34.79 19.62 -18.02
CA GLU E 188 35.16 18.78 -16.89
C GLU E 188 34.48 17.39 -16.94
N ILE E 189 35.12 16.43 -16.27
CA ILE E 189 34.57 15.09 -16.09
C ILE E 189 34.38 14.85 -14.59
N ASP E 190 33.17 14.42 -14.22
CA ASP E 190 32.82 14.08 -12.84
C ASP E 190 32.78 12.57 -12.66
N CYS E 191 33.02 12.12 -11.43
CA CYS E 191 32.69 10.77 -10.99
C CYS E 191 33.16 9.66 -11.93
N PRO E 192 34.46 9.61 -12.23
CA PRO E 192 34.99 8.51 -13.04
C PRO E 192 35.02 7.20 -12.26
N ASP E 193 34.97 6.07 -12.97
CA ASP E 193 35.04 4.76 -12.34
C ASP E 193 35.57 3.74 -13.34
N LEU E 194 36.74 3.20 -13.05
CA LEU E 194 37.42 2.26 -13.94
C LEU E 194 37.23 0.82 -13.44
N VAL E 195 36.55 0.00 -14.23
CA VAL E 195 36.32 -1.40 -13.88
C VAL E 195 36.78 -2.33 -15.01
N ARG E 196 36.81 -3.63 -14.71
CA ARG E 196 37.15 -4.64 -15.70
C ARG E 196 36.08 -5.73 -15.74
N ILE E 197 35.52 -5.97 -16.93
CA ILE E 197 34.51 -7.00 -17.15
C ILE E 197 34.93 -7.88 -18.32
N GLY E 198 35.28 -9.13 -18.02
CA GLY E 198 35.63 -10.10 -19.05
C GLY E 198 36.61 -9.60 -20.10
N GLU E 199 37.84 -9.33 -19.68
CA GLU E 199 38.94 -8.91 -20.56
C GLU E 199 38.86 -7.46 -21.09
N LYS E 200 37.83 -6.71 -20.72
CA LYS E 200 37.63 -5.35 -21.23
C LYS E 200 37.74 -4.33 -20.10
N ASP E 201 38.49 -3.26 -20.33
CA ASP E 201 38.52 -2.12 -19.41
C ASP E 201 37.39 -1.15 -19.76
N ILE E 202 36.60 -0.79 -18.76
CA ILE E 202 35.45 0.08 -18.96
C ILE E 202 35.57 1.30 -18.05
N LEU E 203 35.50 2.50 -18.64
CA LEU E 203 35.56 3.76 -17.90
C LEU E 203 34.18 4.41 -17.90
N ILE E 204 33.52 4.39 -16.75
CA ILE E 204 32.27 5.11 -16.57
C ILE E 204 32.58 6.53 -16.10
N TYR E 205 31.79 7.51 -16.55
CA TYR E 205 31.97 8.89 -16.09
C TYR E 205 30.75 9.77 -16.41
N SER E 206 30.68 10.93 -15.76
CA SER E 206 29.55 11.84 -15.88
C SER E 206 29.96 13.19 -16.46
N ILE E 207 29.09 13.75 -17.30
CA ILE E 207 29.26 15.08 -17.89
C ILE E 207 28.11 15.96 -17.42
N THR E 208 28.44 17.11 -16.83
CA THR E 208 27.45 17.93 -16.14
C THR E 208 26.53 18.70 -17.09
N SER E 209 27.09 19.24 -18.16
CA SER E 209 26.35 20.06 -19.12
C SER E 209 25.12 19.38 -19.74
N THR E 210 25.21 18.07 -19.99
CA THR E 210 24.09 17.29 -20.50
C THR E 210 23.47 16.36 -19.44
N ASN E 211 24.07 16.34 -18.26
CA ASN E 211 23.69 15.44 -17.17
C ASN E 211 23.54 13.99 -17.63
N SER E 212 24.58 13.49 -18.28
CA SER E 212 24.62 12.13 -18.81
C SER E 212 25.70 11.32 -18.13
N VAL E 213 25.47 10.01 -18.02
CA VAL E 213 26.50 9.07 -17.61
C VAL E 213 26.91 8.31 -18.87
N LEU E 214 28.19 8.42 -19.22
CA LEU E 214 28.74 7.79 -20.41
C LEU E 214 29.70 6.66 -20.04
N PHE E 215 30.02 5.83 -21.02
CA PHE E 215 31.04 4.80 -20.87
C PHE E 215 31.96 4.74 -22.10
N SER E 216 33.21 4.40 -21.85
CA SER E 216 34.19 4.12 -22.90
C SER E 216 34.80 2.77 -22.58
N MET E 217 34.61 1.81 -23.48
CA MET E 217 35.08 0.44 -23.30
C MET E 217 36.24 0.19 -24.25
N GLY E 218 37.21 -0.61 -23.80
CA GLY E 218 38.40 -0.88 -24.59
C GLY E 218 39.48 -1.58 -23.79
N GLU E 219 40.73 -1.12 -23.95
CA GLU E 219 41.88 -1.68 -23.23
C GLU E 219 42.86 -0.61 -22.79
N LEU E 220 43.29 -0.70 -21.54
CA LEU E 220 44.32 0.19 -21.01
C LEU E 220 45.69 -0.33 -21.43
N LYS E 221 46.35 0.39 -22.33
CA LYS E 221 47.70 0.05 -22.80
C LYS E 221 48.60 1.28 -22.80
N GLU E 222 49.73 1.18 -22.12
CA GLU E 222 50.75 2.24 -22.08
C GLU E 222 50.25 3.56 -21.48
N GLY E 223 49.50 3.47 -20.39
CA GLY E 223 48.97 4.63 -19.69
C GLY E 223 47.87 5.40 -20.41
N LYS E 224 47.21 4.76 -21.38
CA LYS E 224 46.15 5.39 -22.17
C LYS E 224 45.04 4.39 -22.47
N LEU E 225 43.79 4.79 -22.23
CA LEU E 225 42.64 3.97 -22.57
C LEU E 225 42.40 4.04 -24.07
N ASN E 226 42.50 2.88 -24.72
CA ASN E 226 42.21 2.72 -26.14
C ASN E 226 40.75 2.33 -26.33
N VAL E 227 39.94 3.26 -26.83
CA VAL E 227 38.49 3.08 -26.85
C VAL E 227 38.02 2.30 -28.09
N GLU E 228 37.35 1.18 -27.84
CA GLU E 228 36.70 0.37 -28.87
C GLU E 228 35.23 0.74 -29.06
N LYS E 229 34.48 0.85 -27.95
CA LYS E 229 33.05 1.21 -27.99
C LYS E 229 32.73 2.37 -27.05
N ARG E 230 31.74 3.18 -27.42
CA ARG E 230 31.26 4.30 -26.61
C ARG E 230 29.75 4.24 -26.47
N GLY E 231 29.22 4.87 -25.43
CA GLY E 231 27.78 4.96 -25.27
C GLY E 231 27.29 5.62 -23.99
N LEU E 232 26.00 5.47 -23.74
CA LEU E 232 25.36 5.94 -22.51
C LEU E 232 25.02 4.76 -21.61
N LEU E 233 25.18 4.95 -20.30
CA LEU E 233 24.73 3.98 -19.30
C LEU E 233 23.22 4.04 -19.10
N ASP E 234 22.62 5.18 -19.45
CA ASP E 234 21.18 5.39 -19.33
C ASP E 234 20.74 6.48 -20.30
N HIS E 235 19.54 6.33 -20.87
CA HIS E 235 19.08 7.15 -22.00
C HIS E 235 17.93 8.10 -21.64
N GLY E 236 17.56 8.15 -20.37
CA GLY E 236 16.54 9.06 -19.88
C GLY E 236 17.13 10.36 -19.38
N THR E 237 16.29 11.16 -18.74
CA THR E 237 16.64 12.52 -18.34
C THR E 237 17.27 12.63 -16.96
N ASP E 238 17.07 11.64 -16.09
CA ASP E 238 17.46 11.73 -14.69
C ASP E 238 18.30 10.55 -14.20
N PHE E 239 19.54 10.50 -14.66
CA PHE E 239 20.51 9.51 -14.21
C PHE E 239 21.90 10.13 -14.28
N TYR E 240 22.53 10.33 -13.12
CA TYR E 240 23.78 11.08 -13.04
C TYR E 240 24.69 10.59 -11.91
N ALA E 241 25.99 10.85 -12.06
CA ALA E 241 26.99 10.57 -11.02
C ALA E 241 26.99 9.11 -10.55
N ALA E 242 26.93 8.20 -11.51
CA ALA E 242 26.94 6.78 -11.25
C ALA E 242 28.26 6.32 -10.63
N GLN E 243 28.16 5.35 -9.71
CA GLN E 243 29.30 4.66 -9.13
C GLN E 243 29.00 3.16 -9.02
N THR E 244 30.05 2.34 -9.04
CA THR E 244 29.90 0.90 -8.85
C THR E 244 30.44 0.47 -7.49
N PHE E 245 29.93 -0.66 -6.99
CA PHE E 245 30.31 -1.19 -5.69
C PHE E 245 31.70 -1.81 -5.71
N PHE E 246 32.48 -1.55 -4.66
CA PHE E 246 33.70 -2.31 -4.40
C PHE E 246 33.31 -3.61 -3.70
N GLY E 247 34.00 -4.70 -4.03
CA GLY E 247 33.91 -5.93 -3.27
C GLY E 247 32.85 -6.95 -3.67
N THR E 248 32.23 -6.77 -4.84
CA THR E 248 31.24 -7.72 -5.35
C THR E 248 31.78 -8.48 -6.55
N ASP E 249 31.19 -9.64 -6.83
CA ASP E 249 31.51 -10.45 -8.01
C ASP E 249 30.95 -9.80 -9.27
N ARG E 250 29.68 -9.40 -9.23
CA ARG E 250 29.08 -8.62 -10.31
C ARG E 250 29.60 -7.19 -10.26
N VAL E 251 29.49 -6.49 -11.38
CA VAL E 251 29.58 -5.03 -11.39
C VAL E 251 28.16 -4.52 -11.19
N VAL E 252 27.97 -3.74 -10.13
CA VAL E 252 26.66 -3.20 -9.77
C VAL E 252 26.77 -1.69 -9.69
N VAL E 253 25.91 -0.98 -10.40
CA VAL E 253 25.93 0.48 -10.48
C VAL E 253 24.66 1.10 -9.88
N ILE E 254 24.84 2.17 -9.13
CA ILE E 254 23.75 3.05 -8.70
C ILE E 254 24.09 4.47 -9.13
N GLY E 255 23.10 5.19 -9.65
CA GLY E 255 23.24 6.59 -9.97
C GLY E 255 22.26 7.47 -9.21
N TRP E 256 22.52 8.77 -9.20
CA TRP E 256 21.58 9.77 -8.73
C TRP E 256 20.42 9.90 -9.71
N LEU E 257 19.21 9.60 -9.25
CA LEU E 257 17.99 9.66 -10.06
C LEU E 257 17.42 11.08 -10.06
N GLN E 258 18.17 12.00 -10.65
CA GLN E 258 17.81 13.42 -10.73
C GLN E 258 18.73 14.10 -11.75
N SER E 259 18.38 15.31 -12.13
CA SER E 259 19.18 16.13 -13.04
C SER E 259 19.43 17.49 -12.43
N TRP E 260 20.69 17.93 -12.44
CA TRP E 260 21.04 19.30 -12.04
C TRP E 260 20.27 20.32 -12.89
N LEU E 261 20.13 20.05 -14.18
CA LEU E 261 19.45 20.93 -15.12
C LEU E 261 17.97 21.12 -14.79
N ARG E 262 17.32 20.05 -14.32
CA ARG E 262 15.88 20.06 -14.06
C ARG E 262 15.50 20.24 -12.58
N THR E 263 16.49 20.35 -11.70
CA THR E 263 16.22 20.40 -10.27
C THR E 263 15.23 21.50 -9.87
N GLY E 264 15.36 22.68 -10.46
CA GLY E 264 14.48 23.81 -10.20
C GLY E 264 13.03 23.64 -10.65
N LEU E 265 12.76 22.60 -11.42
CA LEU E 265 11.41 22.29 -11.91
C LEU E 265 10.65 21.28 -11.04
N TYR E 266 11.34 20.67 -10.07
CA TYR E 266 10.76 19.58 -9.28
C TYR E 266 10.15 20.09 -7.97
N PRO E 267 9.03 19.48 -7.56
CA PRO E 267 8.25 19.99 -6.42
C PRO E 267 8.50 19.36 -5.05
N THR E 268 9.45 18.43 -4.90
CA THR E 268 9.61 17.74 -3.61
C THR E 268 10.17 18.66 -2.53
N LYS E 269 10.89 19.70 -2.95
CA LYS E 269 11.45 20.69 -2.02
C LYS E 269 10.40 21.32 -1.09
N ARG E 270 9.16 21.41 -1.56
CA ARG E 270 8.05 21.84 -0.71
C ARG E 270 7.80 20.91 0.48
N GLU E 271 8.03 19.62 0.27
CA GLU E 271 7.94 18.60 1.34
C GLU E 271 9.21 18.52 2.23
N GLY E 272 10.22 19.34 1.94
CA GLY E 272 11.40 19.46 2.79
C GLY E 272 12.59 18.60 2.40
N TRP E 273 12.49 17.92 1.25
CA TRP E 273 13.58 17.05 0.77
C TRP E 273 13.77 17.10 -0.75
N ASN E 274 14.89 16.56 -1.19
CA ASN E 274 15.32 16.60 -2.59
C ASN E 274 16.32 15.46 -2.85
N GLY E 275 16.12 14.71 -3.93
CA GLY E 275 17.07 13.68 -4.34
C GLY E 275 16.56 12.27 -4.13
N VAL E 276 16.80 11.41 -5.13
CA VAL E 276 16.45 9.99 -5.10
C VAL E 276 17.59 9.20 -5.76
N MET E 277 17.84 7.97 -5.30
CA MET E 277 18.78 7.08 -5.96
C MET E 277 18.07 6.15 -6.93
N SER E 278 18.73 5.85 -8.04
CA SER E 278 18.22 4.88 -9.00
C SER E 278 18.17 3.49 -8.38
N LEU E 279 17.34 2.63 -8.95
CA LEU E 279 17.41 1.21 -8.66
C LEU E 279 18.82 0.73 -9.10
N PRO E 280 19.39 -0.26 -8.44
CA PRO E 280 20.70 -0.77 -8.86
C PRO E 280 20.60 -1.59 -10.13
N ARG E 281 21.59 -1.47 -11.01
CA ARG E 281 21.68 -2.23 -12.25
C ARG E 281 22.95 -3.07 -12.29
N GLU E 282 22.88 -4.26 -12.89
CA GLU E 282 24.07 -5.06 -13.18
C GLU E 282 24.62 -4.66 -14.54
N LEU E 283 25.92 -4.37 -14.59
CA LEU E 283 26.64 -4.14 -15.84
C LEU E 283 27.34 -5.44 -16.24
N TYR E 284 27.11 -5.89 -17.46
CA TYR E 284 27.76 -7.09 -18.00
C TYR E 284 28.10 -6.94 -19.48
N VAL E 285 29.00 -7.80 -19.97
CA VAL E 285 29.39 -7.81 -21.37
C VAL E 285 28.94 -9.10 -22.04
N GLU E 286 28.22 -8.97 -23.17
CA GLU E 286 27.78 -10.09 -23.99
C GLU E 286 27.83 -9.67 -25.47
N ASN E 287 28.48 -10.50 -26.29
CA ASN E 287 28.70 -10.20 -27.71
C ASN E 287 29.40 -8.85 -27.92
N ASN E 288 30.47 -8.63 -27.16
CA ASN E 288 31.30 -7.43 -27.23
C ASN E 288 30.58 -6.10 -26.98
N GLU E 289 29.49 -6.13 -26.22
CA GLU E 289 28.70 -4.93 -25.96
C GLU E 289 28.42 -4.81 -24.46
N LEU E 290 28.50 -3.58 -23.96
CA LEU E 290 28.15 -3.31 -22.56
C LEU E 290 26.64 -3.30 -22.44
N LYS E 291 26.12 -4.04 -21.47
CA LYS E 291 24.68 -4.18 -21.26
C LYS E 291 24.29 -3.84 -19.82
N VAL E 292 23.09 -3.27 -19.66
CA VAL E 292 22.55 -2.86 -18.37
C VAL E 292 21.24 -3.59 -18.14
N LYS E 293 21.08 -4.20 -16.97
CA LYS E 293 19.83 -4.84 -16.57
C LYS E 293 19.56 -4.63 -15.08
N PRO E 294 18.31 -4.75 -14.64
CA PRO E 294 18.00 -4.65 -13.21
C PRO E 294 18.67 -5.78 -12.43
N VAL E 295 19.18 -5.50 -11.23
CA VAL E 295 19.74 -6.57 -10.39
C VAL E 295 18.63 -7.56 -10.01
N ASP E 296 19.01 -8.82 -9.81
CA ASP E 296 18.06 -9.89 -9.53
C ASP E 296 17.29 -9.67 -8.22
N GLU E 297 17.90 -8.95 -7.28
CA GLU E 297 17.32 -8.72 -5.95
C GLU E 297 16.02 -7.93 -5.98
N LEU E 298 15.81 -7.15 -7.05
CA LEU E 298 14.58 -6.39 -7.26
C LEU E 298 13.30 -7.25 -7.35
N LEU E 299 13.44 -8.51 -7.74
CA LEU E 299 12.30 -9.44 -7.78
C LEU E 299 11.60 -9.58 -6.42
N ALA E 300 12.36 -9.43 -5.33
CA ALA E 300 11.82 -9.51 -3.97
C ALA E 300 10.79 -8.42 -3.63
N LEU E 301 10.79 -7.31 -4.39
CA LEU E 301 9.79 -6.26 -4.25
C LEU E 301 8.39 -6.66 -4.74
N ARG E 302 8.31 -7.68 -5.59
CA ARG E 302 7.03 -8.10 -6.16
C ARG E 302 6.11 -8.71 -5.11
N LYS E 303 4.99 -8.04 -4.88
CA LYS E 303 3.91 -8.61 -4.07
C LYS E 303 2.92 -9.28 -5.02
N ARG E 304 1.74 -8.69 -5.17
CA ARG E 304 0.61 -9.31 -5.84
C ARG E 304 0.71 -9.11 -7.35
N LYS E 305 0.34 -10.12 -8.13
CA LYS E 305 0.05 -9.90 -9.55
C LYS E 305 -1.37 -9.35 -9.64
N VAL E 306 -1.50 -8.10 -10.08
CA VAL E 306 -2.79 -7.41 -10.07
C VAL E 306 -3.49 -7.34 -11.42
N PHE E 307 -2.74 -7.54 -12.51
CA PHE E 307 -3.33 -7.47 -13.83
C PHE E 307 -2.55 -8.32 -14.82
N GLU E 308 -3.26 -8.89 -15.79
CA GLU E 308 -2.63 -9.54 -16.92
C GLU E 308 -3.52 -9.50 -18.16
N THR E 309 -2.87 -9.48 -19.32
CA THR E 309 -3.55 -9.56 -20.59
C THR E 309 -2.63 -10.21 -21.64
N ALA E 310 -3.25 -10.92 -22.58
CA ALA E 310 -2.56 -11.46 -23.74
C ALA E 310 -3.09 -10.80 -25.01
N LYS E 311 -3.65 -9.60 -24.84
CA LYS E 311 -4.35 -8.88 -25.91
C LYS E 311 -4.25 -7.36 -25.73
N SER E 312 -4.28 -6.64 -26.85
CA SER E 312 -4.35 -5.19 -26.84
C SER E 312 -5.64 -4.72 -26.19
N GLY E 313 -5.61 -3.50 -25.64
CA GLY E 313 -6.79 -2.87 -25.08
C GLY E 313 -6.47 -1.74 -24.12
N THR E 314 -7.52 -1.12 -23.59
CA THR E 314 -7.41 -0.11 -22.53
C THR E 314 -8.06 -0.69 -21.28
N PHE E 315 -7.34 -0.62 -20.15
CA PHE E 315 -7.70 -1.36 -18.94
C PHE E 315 -7.61 -0.48 -17.70
N LEU E 316 -8.59 -0.63 -16.80
CA LEU E 316 -8.54 -0.02 -15.49
C LEU E 316 -7.78 -0.96 -14.55
N LEU E 317 -6.63 -0.51 -14.06
CA LEU E 317 -5.86 -1.26 -13.07
C LEU E 317 -6.43 -1.01 -11.68
N ASP E 318 -6.47 -2.07 -10.88
CA ASP E 318 -6.89 -1.96 -9.49
C ASP E 318 -5.63 -1.82 -8.63
N VAL E 319 -5.08 -0.62 -8.65
CA VAL E 319 -3.95 -0.22 -7.81
C VAL E 319 -4.29 1.10 -7.12
N LYS E 320 -3.83 1.25 -5.88
CA LYS E 320 -4.18 2.41 -5.06
C LYS E 320 -3.03 3.41 -4.94
N GLU E 321 -1.86 3.08 -5.50
CA GLU E 321 -0.71 3.97 -5.51
C GLU E 321 0.25 3.73 -6.66
N ASN E 322 1.10 4.71 -6.92
CA ASN E 322 2.13 4.60 -7.95
C ASN E 322 3.33 3.83 -7.43
N SER E 323 3.17 2.51 -7.42
CA SER E 323 4.17 1.59 -6.90
C SER E 323 3.92 0.22 -7.52
N TYR E 324 4.31 0.07 -8.77
CA TYR E 324 4.14 -1.20 -9.47
C TYR E 324 5.12 -1.39 -10.62
N GLU E 325 5.23 -2.63 -11.08
CA GLU E 325 6.13 -3.03 -12.15
C GLU E 325 5.29 -3.61 -13.28
N ILE E 326 5.44 -3.06 -14.48
CA ILE E 326 4.88 -3.65 -15.69
C ILE E 326 5.94 -4.56 -16.32
N VAL E 327 5.59 -5.81 -16.59
CA VAL E 327 6.44 -6.74 -17.31
C VAL E 327 5.74 -7.12 -18.60
N CYS E 328 6.39 -6.86 -19.73
CA CYS E 328 5.75 -6.95 -21.04
C CYS E 328 6.64 -7.71 -22.02
N GLU E 329 6.11 -8.79 -22.59
CA GLU E 329 6.75 -9.51 -23.70
C GLU E 329 5.95 -9.23 -24.96
N PHE E 330 6.65 -8.96 -26.07
CA PHE E 330 5.98 -8.61 -27.31
C PHE E 330 6.88 -8.79 -28.55
N SER E 331 6.23 -9.02 -29.68
CA SER E 331 6.91 -9.08 -30.97
C SER E 331 6.50 -7.87 -31.81
N GLY E 332 7.41 -7.41 -32.65
CA GLY E 332 7.13 -6.30 -33.56
C GLY E 332 7.11 -4.96 -32.83
N GLU E 333 6.10 -4.15 -33.14
CA GLU E 333 6.00 -2.82 -32.56
C GLU E 333 5.02 -2.81 -31.40
N ILE E 334 5.20 -1.86 -30.49
CA ILE E 334 4.29 -1.69 -29.36
C ILE E 334 4.09 -0.24 -28.99
N GLU E 335 2.93 0.05 -28.41
CA GLU E 335 2.66 1.34 -27.80
C GLU E 335 2.01 1.07 -26.44
N LEU E 336 2.67 1.53 -25.38
CA LEU E 336 2.22 1.33 -24.02
C LEU E 336 2.03 2.69 -23.37
N ARG E 337 0.81 2.97 -22.90
CA ARG E 337 0.53 4.20 -22.17
C ARG E 337 0.16 3.87 -20.74
N MET E 338 0.79 4.52 -19.78
CA MET E 338 0.43 4.40 -18.38
C MET E 338 0.05 5.79 -17.87
N GLY E 339 -1.07 5.90 -17.17
CA GLY E 339 -1.56 7.20 -16.77
C GLY E 339 -2.94 7.19 -16.12
N ASN E 340 -3.58 8.34 -16.13
CA ASN E 340 -4.94 8.50 -15.61
C ASN E 340 -5.73 9.47 -16.49
N GLU E 341 -6.82 10.03 -15.96
CA GLU E 341 -7.68 10.95 -16.73
C GLU E 341 -6.96 12.17 -17.28
N SER E 342 -5.93 12.66 -16.59
CA SER E 342 -5.25 13.90 -16.96
C SER E 342 -3.75 13.77 -17.29
N GLU E 343 -3.14 12.63 -16.95
CA GLU E 343 -1.69 12.44 -17.08
C GLU E 343 -1.35 11.13 -17.77
N GLU E 344 -0.16 11.07 -18.37
CA GLU E 344 0.35 9.82 -18.93
C GLU E 344 1.85 9.86 -19.24
N VAL E 345 2.42 8.65 -19.31
CA VAL E 345 3.75 8.44 -19.89
C VAL E 345 3.57 7.41 -21.00
N VAL E 346 4.22 7.64 -22.14
CA VAL E 346 4.08 6.75 -23.30
C VAL E 346 5.44 6.20 -23.68
N ILE E 347 5.51 4.89 -23.87
CA ILE E 347 6.69 4.25 -24.44
C ILE E 347 6.29 3.51 -25.71
N THR E 348 7.07 3.70 -26.76
CA THR E 348 6.76 3.15 -28.07
C THR E 348 8.00 2.50 -28.68
N LYS E 349 7.86 1.26 -29.14
CA LYS E 349 8.88 0.65 -29.98
C LYS E 349 8.39 0.69 -31.43
N SER E 350 8.95 1.62 -32.20
CA SER E 350 8.59 1.79 -33.60
C SER E 350 9.82 1.54 -34.47
N ARG E 351 9.76 0.47 -35.27
CA ARG E 351 10.80 0.10 -36.23
C ARG E 351 12.15 -0.20 -35.54
N ASP E 352 13.05 0.77 -35.49
CA ASP E 352 14.40 0.57 -34.98
C ASP E 352 14.66 1.35 -33.69
N GLU E 353 13.60 1.92 -33.10
CA GLU E 353 13.75 2.89 -32.03
C GLU E 353 12.80 2.63 -30.86
N LEU E 354 13.28 2.95 -29.66
CA LEU E 354 12.49 2.96 -28.44
C LEU E 354 12.40 4.41 -27.98
N ILE E 355 11.20 4.97 -27.93
CA ILE E 355 11.02 6.35 -27.51
C ILE E 355 10.10 6.45 -26.29
N VAL E 356 10.45 7.34 -25.37
CA VAL E 356 9.65 7.56 -24.16
C VAL E 356 9.28 9.04 -24.08
N ASP E 357 8.03 9.31 -23.71
CA ASP E 357 7.49 10.67 -23.66
C ASP E 357 6.85 10.87 -22.30
N THR E 358 7.49 11.67 -21.46
CA THR E 358 6.99 11.99 -20.12
C THR E 358 6.44 13.42 -20.01
N THR E 359 6.24 14.11 -21.13
CA THR E 359 5.84 15.54 -21.11
C THR E 359 4.50 15.80 -20.40
N ARG E 360 3.61 14.82 -20.45
CA ARG E 360 2.28 14.96 -19.85
C ARG E 360 2.15 14.13 -18.57
N SER E 361 3.27 13.89 -17.89
CA SER E 361 3.34 12.92 -16.79
C SER E 361 2.83 13.47 -15.45
N GLY E 362 3.00 14.76 -15.23
CA GLY E 362 2.64 15.36 -13.96
C GLY E 362 3.01 16.83 -13.87
N VAL E 363 3.15 17.30 -12.64
CA VAL E 363 3.29 18.73 -12.36
C VAL E 363 4.70 19.31 -12.63
N SER E 364 5.66 18.45 -12.97
CA SER E 364 6.97 18.89 -13.46
C SER E 364 7.11 18.67 -14.98
N GLY E 365 6.02 18.29 -15.63
CA GLY E 365 6.03 17.97 -17.04
C GLY E 365 7.04 16.87 -17.34
N GLY E 366 7.79 17.04 -18.42
CA GLY E 366 8.78 16.06 -18.82
C GLY E 366 9.38 16.33 -20.19
N GLU E 367 10.01 15.30 -20.77
CA GLU E 367 10.67 15.41 -22.07
C GLU E 367 10.46 14.16 -22.93
N VAL E 368 11.00 14.17 -24.14
CA VAL E 368 10.99 13.02 -25.03
C VAL E 368 12.45 12.59 -25.22
N ARG E 369 12.70 11.29 -25.01
CA ARG E 369 14.02 10.70 -25.26
C ARG E 369 13.87 9.44 -26.10
N LYS E 370 14.88 9.16 -26.92
CA LYS E 370 14.88 7.97 -27.75
C LYS E 370 16.28 7.36 -27.88
N SER E 371 16.31 6.12 -28.34
CA SER E 371 17.56 5.39 -28.58
C SER E 371 17.34 4.34 -29.65
N THR E 372 18.33 4.16 -30.52
CA THR E 372 18.30 3.05 -31.48
C THR E 372 18.50 1.76 -30.72
N VAL E 373 17.86 0.69 -31.22
CA VAL E 373 17.67 -0.52 -30.44
C VAL E 373 17.78 -1.75 -31.34
N GLU E 374 18.42 -2.80 -30.84
CA GLU E 374 18.56 -4.06 -31.56
C GLU E 374 17.26 -4.87 -31.45
N ASP E 375 16.67 -5.21 -32.59
CA ASP E 375 15.41 -5.95 -32.63
C ASP E 375 15.61 -7.40 -32.18
N GLU E 376 14.68 -7.90 -31.38
CA GLU E 376 14.68 -9.29 -30.92
C GLU E 376 13.38 -9.98 -31.34
N ALA E 377 13.46 -11.29 -31.53
CA ALA E 377 12.27 -12.10 -31.84
C ALA E 377 11.20 -11.86 -30.79
N THR E 378 11.61 -11.96 -29.53
CA THR E 378 10.79 -11.60 -28.39
C THR E 378 11.46 -10.45 -27.62
N ASN E 379 10.83 -9.28 -27.65
CA ASN E 379 11.29 -8.12 -26.90
C ASN E 379 10.68 -8.09 -25.51
N ARG E 380 11.33 -7.43 -24.57
CA ARG E 380 10.90 -7.40 -23.17
C ARG E 380 11.10 -5.99 -22.60
N ILE E 381 10.04 -5.42 -22.05
CA ILE E 381 10.12 -4.17 -21.31
C ILE E 381 9.73 -4.42 -19.86
N ARG E 382 10.57 -3.95 -18.93
CA ARG E 382 10.19 -3.87 -17.53
C ARG E 382 10.13 -2.39 -17.18
N ALA E 383 9.00 -1.95 -16.62
CA ALA E 383 8.83 -0.57 -16.21
C ALA E 383 8.56 -0.52 -14.71
N PHE E 384 9.41 0.21 -13.98
CA PHE E 384 9.23 0.40 -12.54
C PHE E 384 8.67 1.78 -12.28
N LEU E 385 7.41 1.84 -11.87
CA LEU E 385 6.76 3.09 -11.50
C LEU E 385 6.83 3.25 -9.98
N ASP E 386 7.35 4.39 -9.54
CA ASP E 386 7.34 4.77 -8.13
C ASP E 386 6.76 6.19 -8.00
N SER E 387 6.71 6.71 -6.78
CA SER E 387 5.95 7.92 -6.48
C SER E 387 6.35 9.15 -7.30
N CYS E 388 7.63 9.24 -7.65
CA CYS E 388 8.13 10.34 -8.48
C CYS E 388 9.17 9.91 -9.52
N SER E 389 9.02 8.69 -10.04
CA SER E 389 9.94 8.21 -11.07
C SER E 389 9.36 7.06 -11.88
N VAL E 390 9.88 6.89 -13.08
CA VAL E 390 9.63 5.71 -13.88
C VAL E 390 10.96 5.29 -14.51
N GLU E 391 11.30 4.01 -14.40
CA GLU E 391 12.53 3.49 -14.98
C GLU E 391 12.17 2.36 -15.95
N PHE E 392 12.58 2.50 -17.20
CA PHE E 392 12.30 1.51 -18.23
C PHE E 392 13.56 0.70 -18.55
N PHE E 393 13.40 -0.61 -18.67
CA PHE E 393 14.50 -1.53 -18.99
C PHE E 393 14.07 -2.37 -20.18
N PHE E 394 14.94 -2.47 -21.18
CA PHE E 394 14.61 -3.10 -22.45
C PHE E 394 15.61 -4.20 -22.80
N ASN E 395 15.13 -5.43 -22.96
CA ASN E 395 15.94 -6.58 -23.41
C ASN E 395 17.19 -6.87 -22.56
N ASP E 396 17.12 -6.54 -21.26
CA ASP E 396 18.28 -6.64 -20.37
C ASP E 396 19.53 -5.98 -20.98
N SER E 397 19.31 -4.87 -21.68
CA SER E 397 20.34 -4.24 -22.51
C SER E 397 20.49 -2.75 -22.23
N ILE E 398 19.40 -2.01 -22.31
CA ILE E 398 19.44 -0.56 -22.05
C ILE E 398 18.40 -0.13 -21.03
N ALA E 399 18.59 1.07 -20.49
CA ALA E 399 17.70 1.65 -19.48
C ALA E 399 17.42 3.12 -19.78
N PHE E 400 16.20 3.56 -19.46
CA PHE E 400 15.76 4.95 -19.54
C PHE E 400 15.21 5.35 -18.17
N SER E 401 15.81 6.34 -17.51
CA SER E 401 15.37 6.77 -16.19
C SER E 401 14.81 8.19 -16.24
N PHE E 402 13.64 8.38 -15.66
CA PHE E 402 12.95 9.67 -15.66
C PHE E 402 12.39 10.00 -14.28
N ARG E 403 12.44 11.28 -13.92
CA ARG E 403 11.70 11.79 -12.79
C ARG E 403 10.38 12.37 -13.31
N ILE E 404 9.28 11.97 -12.68
CA ILE E 404 7.94 12.46 -12.99
C ILE E 404 7.24 12.74 -11.66
N HIS E 405 6.26 13.64 -11.67
CA HIS E 405 5.59 14.02 -10.43
C HIS E 405 4.07 14.06 -10.62
N PRO E 406 3.45 12.90 -10.81
CA PRO E 406 2.00 12.84 -11.08
C PRO E 406 1.18 13.28 -9.86
N GLU E 407 0.05 13.94 -10.12
CA GLU E 407 -0.86 14.38 -9.06
C GLU E 407 -1.80 13.26 -8.61
N ASN E 408 -1.91 12.21 -9.42
CA ASN E 408 -2.77 11.07 -9.12
C ASN E 408 -2.18 9.73 -9.58
N VAL E 409 -2.81 8.65 -9.13
CA VAL E 409 -2.35 7.31 -9.43
C VAL E 409 -2.55 6.99 -10.91
N TYR E 410 -1.55 6.35 -11.51
CA TYR E 410 -1.64 5.86 -12.87
C TYR E 410 -2.42 4.55 -12.87
N ASN E 411 -3.75 4.65 -12.93
CA ASN E 411 -4.63 3.50 -12.86
C ASN E 411 -5.23 3.06 -14.21
N ILE E 412 -4.70 3.63 -15.30
CA ILE E 412 -5.13 3.27 -16.65
C ILE E 412 -3.92 2.80 -17.44
N LEU E 413 -4.06 1.65 -18.10
CA LEU E 413 -3.00 1.10 -18.94
C LEU E 413 -3.57 0.80 -20.33
N SER E 414 -2.98 1.40 -21.36
CA SER E 414 -3.32 1.08 -22.73
C SER E 414 -2.15 0.36 -23.39
N VAL E 415 -2.47 -0.69 -24.14
CA VAL E 415 -1.48 -1.52 -24.81
C VAL E 415 -1.93 -1.74 -26.24
N LYS E 416 -1.02 -1.55 -27.19
CA LYS E 416 -1.31 -1.78 -28.60
C LYS E 416 -0.17 -2.56 -29.22
N SER E 417 -0.45 -3.80 -29.60
CA SER E 417 0.51 -4.67 -30.26
C SER E 417 -0.19 -5.93 -30.76
N ASN E 418 0.37 -6.55 -31.80
CA ASN E 418 -0.26 -7.71 -32.43
C ASN E 418 0.02 -9.03 -31.68
N GLN E 419 1.13 -9.08 -30.96
CA GLN E 419 1.44 -10.20 -30.07
C GLN E 419 1.97 -9.63 -28.76
N VAL E 420 1.16 -9.72 -27.71
CA VAL E 420 1.51 -9.17 -26.39
C VAL E 420 1.20 -10.13 -25.27
N LYS E 421 2.07 -10.14 -24.27
CA LYS E 421 1.83 -10.77 -22.99
C LYS E 421 2.29 -9.76 -21.94
N LEU E 422 1.36 -9.26 -21.15
CA LEU E 422 1.66 -8.22 -20.17
C LEU E 422 1.11 -8.58 -18.80
N GLU E 423 1.88 -8.27 -17.77
CA GLU E 423 1.44 -8.42 -16.39
C GLU E 423 1.87 -7.21 -15.56
N VAL E 424 1.18 -6.97 -14.45
CA VAL E 424 1.54 -5.90 -13.52
C VAL E 424 1.62 -6.45 -12.11
N PHE E 425 2.71 -6.13 -11.42
CA PHE E 425 2.89 -6.53 -10.02
C PHE E 425 2.91 -5.29 -9.15
N GLU E 426 2.10 -5.29 -8.08
CA GLU E 426 2.27 -4.32 -7.02
C GLU E 426 3.67 -4.49 -6.43
N LEU E 427 4.35 -3.38 -6.13
CA LEU E 427 5.67 -3.41 -5.52
C LEU E 427 5.62 -2.92 -4.08
N GLU E 428 6.41 -3.58 -3.23
CA GLU E 428 6.42 -3.37 -1.79
C GLU E 428 6.98 -1.99 -1.40
N ASN E 429 6.41 -1.41 -0.35
CA ASN E 429 7.02 -0.26 0.33
C ASN E 429 8.09 -0.79 1.30
N ILE E 430 9.33 -0.35 1.10
CA ILE E 430 10.47 -0.84 1.90
C ILE E 430 10.62 -0.19 3.28
N TRP E 431 9.89 0.90 3.52
CA TRP E 431 10.01 1.68 4.75
C TRP E 431 9.04 1.23 5.85
N LEU E 432 7.79 0.94 5.48
CA LEU E 432 6.77 0.55 6.44
C LEU E 432 5.79 -0.44 5.84
N LEU F 1 50.92 -43.81 8.67
CA LEU F 1 51.26 -43.16 9.96
C LEU F 1 51.82 -41.75 9.79
N PHE F 2 52.61 -41.51 8.73
CA PHE F 2 53.35 -40.25 8.58
C PHE F 2 52.65 -39.22 7.67
N LYS F 3 51.54 -39.58 7.03
CA LYS F 3 50.80 -38.63 6.21
C LYS F 3 50.15 -37.55 7.09
N PRO F 4 50.51 -36.28 6.89
CA PRO F 4 49.91 -35.17 7.65
C PRO F 4 48.39 -35.11 7.59
N ASN F 5 47.79 -34.79 8.74
CA ASN F 5 46.37 -34.53 8.86
C ASN F 5 45.94 -33.16 8.33
N TYR F 6 46.77 -32.15 8.55
CA TYR F 6 46.42 -30.77 8.21
C TYR F 6 47.55 -29.93 7.57
N HIS F 7 48.63 -30.59 7.12
CA HIS F 7 49.61 -29.91 6.26
C HIS F 7 49.43 -30.39 4.84
N PHE F 8 49.85 -29.57 3.89
CA PHE F 8 49.85 -29.96 2.49
C PHE F 8 51.04 -30.87 2.18
N PHE F 9 50.77 -31.91 1.40
CA PHE F 9 51.77 -32.86 0.94
C PHE F 9 51.24 -33.54 -0.34
N PRO F 10 52.13 -34.05 -1.19
CA PRO F 10 51.69 -34.61 -2.47
C PRO F 10 50.92 -35.93 -2.35
N ILE F 11 50.02 -36.20 -3.30
CA ILE F 11 49.29 -37.46 -3.33
C ILE F 11 50.23 -38.64 -3.65
N THR F 12 51.33 -38.34 -4.33
CA THR F 12 52.37 -39.33 -4.63
C THR F 12 53.64 -38.61 -5.09
N GLY F 13 54.80 -39.25 -4.91
CA GLY F 13 56.06 -38.69 -5.37
C GLY F 13 56.69 -37.61 -4.49
N TRP F 14 57.54 -36.80 -5.10
CA TRP F 14 58.42 -35.85 -4.39
C TRP F 14 57.99 -34.39 -4.52
N MET F 15 58.02 -33.66 -3.40
CA MET F 15 57.71 -32.23 -3.38
C MET F 15 58.82 -31.45 -2.65
N ASN F 16 59.34 -30.38 -3.25
CA ASN F 16 60.11 -29.38 -2.50
C ASN F 16 59.45 -27.99 -2.54
N ASP F 17 60.12 -26.97 -3.08
CA ASP F 17 59.80 -25.56 -2.80
C ASP F 17 58.35 -25.18 -3.10
N PRO F 18 57.75 -24.33 -2.27
CA PRO F 18 56.49 -23.68 -2.67
C PRO F 18 56.76 -22.65 -3.78
N ASN F 19 55.87 -22.61 -4.77
CA ASN F 19 55.99 -21.72 -5.93
C ASN F 19 54.66 -21.03 -6.23
N GLY F 20 54.71 -19.92 -6.95
CA GLY F 20 53.52 -19.27 -7.47
C GLY F 20 52.45 -18.94 -6.44
N LEU F 21 52.86 -18.62 -5.22
CA LEU F 21 51.92 -18.29 -4.16
C LEU F 21 51.18 -17.00 -4.52
N ILE F 22 49.86 -17.09 -4.65
CA ILE F 22 49.05 -15.92 -5.02
C ILE F 22 47.60 -16.03 -4.55
N PHE F 23 47.07 -14.90 -4.08
CA PHE F 23 45.64 -14.74 -3.81
C PHE F 23 45.01 -14.15 -5.07
N TRP F 24 44.24 -14.97 -5.78
CA TRP F 24 43.69 -14.63 -7.09
C TRP F 24 42.23 -15.08 -7.22
N LYS F 25 41.37 -14.16 -7.68
CA LYS F 25 39.92 -14.38 -7.75
C LYS F 25 39.34 -15.02 -6.48
N GLY F 26 39.71 -14.46 -5.34
CA GLY F 26 39.15 -14.85 -4.05
C GLY F 26 39.68 -16.14 -3.43
N LYS F 27 40.71 -16.75 -4.01
CA LYS F 27 41.27 -17.99 -3.47
C LYS F 27 42.80 -17.97 -3.45
N TYR F 28 43.37 -18.76 -2.53
CA TYR F 28 44.83 -18.88 -2.36
C TYR F 28 45.38 -20.06 -3.16
N HIS F 29 46.17 -19.77 -4.19
CA HIS F 29 46.83 -20.82 -4.97
C HIS F 29 48.25 -21.05 -4.47
N MET F 30 48.61 -22.33 -4.37
CA MET F 30 49.97 -22.75 -4.07
C MET F 30 50.39 -23.76 -5.12
N PHE F 31 51.45 -23.43 -5.85
CA PHE F 31 52.14 -24.38 -6.71
C PHE F 31 53.35 -24.90 -5.96
N TYR F 32 54.04 -25.90 -6.52
CA TYR F 32 55.19 -26.50 -5.86
C TYR F 32 56.07 -27.34 -6.78
N GLN F 33 57.36 -27.39 -6.47
CA GLN F 33 58.31 -28.25 -7.18
C GLN F 33 57.90 -29.72 -6.97
N TYR F 34 57.69 -30.44 -8.06
CA TYR F 34 56.98 -31.73 -8.00
C TYR F 34 57.54 -32.77 -8.96
N ASN F 35 57.80 -33.96 -8.44
CA ASN F 35 58.03 -35.15 -9.27
C ASN F 35 57.05 -36.24 -8.89
N PRO F 36 55.96 -36.40 -9.64
CA PRO F 36 54.98 -37.45 -9.35
C PRO F 36 55.48 -38.89 -9.62
N ARG F 37 56.64 -39.03 -10.25
CA ARG F 37 57.13 -40.35 -10.69
C ARG F 37 57.70 -41.22 -9.57
N LYS F 38 58.32 -40.58 -8.58
CA LYS F 38 58.94 -41.29 -7.47
C LYS F 38 59.20 -40.31 -6.31
N PRO F 39 59.45 -40.83 -5.11
CA PRO F 39 59.71 -39.97 -3.94
C PRO F 39 61.16 -39.44 -3.87
N GLU F 40 61.73 -39.10 -5.02
CA GLU F 40 63.03 -38.44 -5.10
C GLU F 40 62.96 -37.33 -6.14
N TRP F 41 63.82 -36.33 -5.97
CA TRP F 41 63.89 -35.18 -6.88
C TRP F 41 64.26 -35.62 -8.29
N GLY F 42 63.63 -34.98 -9.28
CA GLY F 42 63.89 -35.25 -10.70
C GLY F 42 62.76 -34.81 -11.62
N ASN F 43 63.09 -34.54 -12.88
CA ASN F 43 62.09 -34.24 -13.91
C ASN F 43 60.99 -33.30 -13.42
N ILE F 44 61.40 -32.17 -12.87
CA ILE F 44 60.52 -31.35 -12.05
C ILE F 44 59.46 -30.60 -12.85
N CYS F 45 58.24 -30.63 -12.32
CA CYS F 45 57.12 -29.84 -12.79
C CYS F 45 56.57 -28.99 -11.64
N TRP F 46 55.57 -28.16 -11.92
CA TRP F 46 54.84 -27.42 -10.90
C TRP F 46 53.51 -28.12 -10.60
N GLY F 47 53.40 -28.71 -9.41
CA GLY F 47 52.12 -29.17 -8.90
C GLY F 47 51.28 -27.97 -8.51
N HIS F 48 50.00 -28.20 -8.23
CA HIS F 48 49.07 -27.11 -7.97
C HIS F 48 47.97 -27.51 -6.98
N ALA F 49 47.70 -26.60 -6.03
CA ALA F 49 46.64 -26.77 -5.05
C ALA F 49 45.99 -25.41 -4.76
N VAL F 50 44.78 -25.44 -4.21
CA VAL F 50 44.00 -24.24 -3.94
C VAL F 50 43.28 -24.38 -2.61
N SER F 51 43.10 -23.25 -1.92
CA SER F 51 42.25 -23.19 -0.73
C SER F 51 41.50 -21.86 -0.68
N ASP F 52 40.35 -21.86 -0.02
CA ASP F 52 39.58 -20.63 0.19
C ASP F 52 40.11 -19.83 1.39
N ASP F 53 40.95 -20.45 2.21
CA ASP F 53 41.27 -19.94 3.54
C ASP F 53 42.68 -20.26 4.06
N LEU F 54 43.63 -20.55 3.17
CA LEU F 54 45.01 -20.91 3.52
C LEU F 54 45.18 -22.21 4.34
N VAL F 55 44.13 -23.02 4.44
CA VAL F 55 44.12 -24.18 5.35
C VAL F 55 43.55 -25.44 4.69
N HIS F 56 42.36 -25.33 4.10
CA HIS F 56 41.67 -26.47 3.49
C HIS F 56 42.01 -26.62 2.02
N TRP F 57 43.19 -27.20 1.79
CA TRP F 57 43.75 -27.37 0.46
C TRP F 57 43.04 -28.47 -0.32
N ARG F 58 42.93 -28.26 -1.62
CA ARG F 58 42.42 -29.26 -2.55
C ARG F 58 43.42 -29.36 -3.70
N HIS F 59 43.75 -30.58 -4.08
CA HIS F 59 44.64 -30.82 -5.20
C HIS F 59 43.96 -30.49 -6.52
N LEU F 60 44.73 -29.87 -7.40
CA LEU F 60 44.34 -29.55 -8.76
C LEU F 60 45.30 -30.24 -9.73
N PRO F 61 44.97 -30.31 -11.01
CA PRO F 61 45.89 -30.86 -12.02
C PRO F 61 47.27 -30.22 -11.96
N VAL F 62 48.30 -30.99 -12.30
CA VAL F 62 49.65 -30.46 -12.44
C VAL F 62 49.59 -29.31 -13.44
N ALA F 63 50.24 -28.19 -13.09
CA ALA F 63 50.14 -26.95 -13.84
C ALA F 63 51.15 -26.83 -14.98
N LEU F 64 52.42 -27.08 -14.68
CA LEU F 64 53.51 -26.92 -15.66
C LEU F 64 54.36 -28.19 -15.76
N TYR F 65 54.64 -28.63 -16.98
CA TYR F 65 55.54 -29.76 -17.22
C TYR F 65 56.75 -29.27 -18.00
N PRO F 66 57.89 -29.92 -17.82
CA PRO F 66 59.03 -29.69 -18.71
C PRO F 66 58.70 -30.23 -20.10
N ASP F 67 59.28 -29.67 -21.15
CA ASP F 67 58.99 -30.11 -22.52
C ASP F 67 59.55 -31.49 -22.85
N ASP F 68 60.57 -31.92 -22.09
CA ASP F 68 61.24 -33.18 -22.35
C ASP F 68 61.99 -33.70 -21.10
N GLU F 69 62.71 -34.82 -21.28
CA GLU F 69 63.35 -35.52 -20.17
C GLU F 69 64.63 -34.89 -19.60
N THR F 70 65.22 -33.92 -20.32
CA THR F 70 66.45 -33.26 -19.89
C THR F 70 66.25 -31.83 -19.40
N HIS F 71 65.01 -31.44 -19.10
CA HIS F 71 64.72 -30.12 -18.54
C HIS F 71 63.94 -30.20 -17.23
N GLY F 72 63.86 -29.08 -16.52
CA GLY F 72 63.10 -28.97 -15.28
C GLY F 72 62.44 -27.60 -15.15
N VAL F 73 61.23 -27.59 -14.60
CA VAL F 73 60.53 -26.33 -14.33
C VAL F 73 60.85 -25.94 -12.89
N PHE F 74 61.94 -25.18 -12.74
CA PHE F 74 62.45 -24.80 -11.43
C PHE F 74 61.57 -23.72 -10.76
N SER F 75 61.96 -23.31 -9.56
CA SER F 75 61.12 -22.46 -8.72
C SER F 75 60.82 -21.09 -9.31
N GLY F 76 59.81 -20.44 -8.74
CA GLY F 76 59.33 -19.16 -9.23
C GLY F 76 58.09 -18.68 -8.51
N SER F 77 57.47 -17.64 -9.06
CA SER F 77 56.41 -16.89 -8.39
C SER F 77 55.22 -16.63 -9.31
N ALA F 78 54.19 -15.97 -8.77
CA ALA F 78 52.99 -15.62 -9.52
C ALA F 78 52.54 -14.19 -9.23
N VAL F 79 52.01 -13.53 -10.25
CA VAL F 79 51.43 -12.19 -10.11
C VAL F 79 50.10 -12.11 -10.84
N GLU F 80 49.39 -11.00 -10.66
CA GLU F 80 48.17 -10.71 -11.41
C GLU F 80 48.44 -9.49 -12.29
N LYS F 81 48.19 -9.61 -13.59
CA LYS F 81 48.31 -8.50 -14.54
C LYS F 81 47.04 -8.43 -15.40
N ASP F 82 46.35 -7.29 -15.35
CA ASP F 82 45.09 -7.09 -16.06
C ASP F 82 44.08 -8.22 -15.78
N GLY F 83 44.04 -8.67 -14.53
CA GLY F 83 43.09 -9.69 -14.08
C GLY F 83 43.53 -11.12 -14.27
N LYS F 84 44.55 -11.35 -15.10
CA LYS F 84 45.03 -12.69 -15.42
C LYS F 84 46.13 -13.12 -14.45
N MET F 85 46.27 -14.43 -14.26
CA MET F 85 47.36 -14.98 -13.47
C MET F 85 48.57 -15.25 -14.36
N PHE F 86 49.74 -14.76 -13.94
CA PHE F 86 51.00 -15.00 -14.62
C PHE F 86 51.94 -15.77 -13.69
N LEU F 87 52.54 -16.85 -14.19
CA LEU F 87 53.59 -17.56 -13.47
C LEU F 87 54.95 -17.20 -14.08
N VAL F 88 55.92 -16.88 -13.24
CA VAL F 88 57.27 -16.53 -13.69
C VAL F 88 58.25 -17.48 -13.03
N TYR F 89 59.03 -18.20 -13.83
CA TYR F 89 59.83 -19.33 -13.34
C TYR F 89 61.16 -19.51 -14.06
N THR F 90 62.04 -20.30 -13.46
CA THR F 90 63.30 -20.68 -14.08
C THR F 90 63.09 -21.98 -14.85
N TYR F 91 63.50 -21.99 -16.12
CA TYR F 91 63.53 -23.20 -16.91
C TYR F 91 64.99 -23.70 -16.97
N TYR F 92 65.19 -24.94 -16.53
CA TYR F 92 66.52 -25.51 -16.32
C TYR F 92 66.84 -26.58 -17.36
N ARG F 93 68.07 -26.57 -17.86
CA ARG F 93 68.56 -27.59 -18.79
C ARG F 93 69.67 -28.40 -18.13
N ASP F 94 69.54 -29.73 -18.16
CA ASP F 94 70.54 -30.63 -17.60
C ASP F 94 71.90 -30.43 -18.26
N PRO F 95 72.99 -30.57 -17.51
CA PRO F 95 74.33 -30.61 -18.10
C PRO F 95 74.47 -31.79 -19.06
N THR F 96 74.88 -31.51 -20.29
CA THR F 96 75.09 -32.55 -21.29
C THR F 96 76.59 -32.79 -21.42
N HIS F 97 76.98 -33.55 -22.44
CA HIS F 97 78.40 -33.83 -22.63
C HIS F 97 79.10 -32.66 -23.30
N ASN F 98 78.39 -32.01 -24.21
CA ASN F 98 78.94 -30.89 -24.97
C ASN F 98 78.69 -29.57 -24.27
N LYS F 99 77.59 -29.51 -23.52
CA LYS F 99 77.13 -28.26 -22.93
C LYS F 99 76.90 -28.41 -21.43
N GLY F 100 77.25 -27.37 -20.68
CA GLY F 100 76.95 -27.33 -19.27
C GLY F 100 75.47 -27.08 -19.06
N GLU F 101 75.10 -26.77 -17.82
CA GLU F 101 73.70 -26.45 -17.49
C GLU F 101 73.35 -25.01 -17.89
N LYS F 102 72.08 -24.80 -18.26
CA LYS F 102 71.59 -23.50 -18.69
C LYS F 102 70.29 -23.14 -17.96
N GLU F 103 70.20 -21.88 -17.53
CA GLU F 103 69.02 -21.40 -16.82
C GLU F 103 68.51 -20.12 -17.46
N THR F 104 67.24 -20.12 -17.84
CA THR F 104 66.56 -18.93 -18.34
C THR F 104 65.33 -18.65 -17.49
N GLN F 105 64.76 -17.46 -17.62
CA GLN F 105 63.53 -17.09 -16.92
C GLN F 105 62.39 -16.97 -17.93
N CYS F 106 61.24 -17.58 -17.62
CA CYS F 106 60.12 -17.71 -18.54
C CYS F 106 58.78 -17.32 -17.89
N VAL F 107 57.75 -17.17 -18.71
CA VAL F 107 56.42 -16.74 -18.25
C VAL F 107 55.28 -17.58 -18.87
N VAL F 108 54.29 -17.91 -18.05
CA VAL F 108 53.03 -18.50 -18.49
C VAL F 108 51.88 -17.60 -18.05
N MET F 109 50.72 -17.75 -18.70
CA MET F 109 49.56 -16.91 -18.43
C MET F 109 48.28 -17.73 -18.38
N SER F 110 47.30 -17.27 -17.61
CA SER F 110 46.04 -18.00 -17.48
C SER F 110 44.88 -17.06 -17.16
N GLU F 111 43.76 -17.23 -17.83
CA GLU F 111 42.56 -16.44 -17.54
C GLU F 111 41.65 -17.09 -16.50
N ASN F 112 41.83 -18.39 -16.23
CA ASN F 112 40.95 -19.14 -15.34
C ASN F 112 41.63 -19.87 -14.17
N GLY F 113 42.96 -19.82 -14.09
CA GLY F 113 43.71 -20.47 -13.02
C GLY F 113 43.84 -21.98 -13.11
N LEU F 114 43.50 -22.55 -14.28
CA LEU F 114 43.53 -23.99 -14.53
C LEU F 114 44.36 -24.34 -15.77
N ASP F 115 44.13 -23.60 -16.86
CA ASP F 115 44.84 -23.78 -18.12
C ASP F 115 45.87 -22.68 -18.29
N PHE F 116 47.10 -23.07 -18.61
CA PHE F 116 48.23 -22.14 -18.71
C PHE F 116 48.87 -22.18 -20.10
N VAL F 117 49.16 -21.01 -20.65
CA VAL F 117 49.74 -20.89 -21.99
C VAL F 117 51.06 -20.11 -21.95
N LYS F 118 52.05 -20.60 -22.69
CA LYS F 118 53.37 -19.98 -22.69
C LYS F 118 53.35 -18.63 -23.38
N TYR F 119 54.14 -17.69 -22.85
CA TYR F 119 54.38 -16.42 -23.51
C TYR F 119 55.21 -16.69 -24.77
N ASP F 120 54.78 -16.11 -25.89
CA ASP F 120 55.40 -16.37 -27.20
C ASP F 120 56.86 -15.92 -27.29
N GLY F 121 57.25 -14.94 -26.46
CA GLY F 121 58.61 -14.44 -26.45
C GLY F 121 59.54 -15.03 -25.41
N ASN F 122 59.19 -16.19 -24.85
CA ASN F 122 60.04 -16.88 -23.87
C ASN F 122 61.39 -17.25 -24.47
N PRO F 123 62.48 -17.17 -23.70
CA PRO F 123 62.49 -16.66 -22.33
C PRO F 123 62.48 -15.13 -22.25
N VAL F 124 61.92 -14.60 -21.16
CA VAL F 124 61.91 -13.15 -20.90
C VAL F 124 63.29 -12.63 -20.46
N ILE F 125 64.09 -13.50 -19.84
CA ILE F 125 65.49 -13.23 -19.53
C ILE F 125 66.30 -14.45 -19.98
N SER F 126 67.12 -14.28 -21.01
CA SER F 126 67.80 -15.40 -21.68
C SER F 126 69.18 -15.73 -21.11
N LYS F 127 69.85 -14.73 -20.52
CA LYS F 127 71.23 -14.90 -20.05
C LYS F 127 71.48 -14.19 -18.72
N PRO F 128 72.52 -14.61 -17.99
CA PRO F 128 72.95 -13.87 -16.80
C PRO F 128 73.58 -12.52 -17.17
N PRO F 129 73.52 -11.54 -16.27
CA PRO F 129 73.95 -10.18 -16.60
C PRO F 129 75.47 -10.00 -16.59
N GLU F 130 76.16 -10.75 -15.74
CA GLU F 130 77.62 -10.71 -15.66
C GLU F 130 78.20 -12.11 -15.86
N GLU F 131 79.44 -12.16 -16.34
CA GLU F 131 80.14 -13.43 -16.54
C GLU F 131 80.54 -14.03 -15.19
N GLY F 132 80.60 -15.36 -15.13
CA GLY F 132 80.95 -16.08 -13.91
C GLY F 132 79.80 -16.35 -12.97
N THR F 133 78.58 -15.95 -13.34
CA THR F 133 77.40 -16.15 -12.50
C THR F 133 76.69 -17.46 -12.84
N HIS F 134 76.32 -18.22 -11.81
CA HIS F 134 75.51 -19.43 -11.97
C HIS F 134 74.52 -19.59 -10.80
N ALA F 135 73.72 -20.65 -10.81
CA ALA F 135 72.55 -20.76 -9.94
C ALA F 135 71.66 -19.52 -10.13
N PHE F 136 71.49 -19.15 -11.40
CA PHE F 136 70.76 -17.97 -11.83
C PHE F 136 69.29 -18.36 -11.93
N ARG F 137 68.57 -18.26 -10.81
CA ARG F 137 67.24 -18.88 -10.69
C ARG F 137 66.32 -18.32 -9.61
N ASP F 138 65.06 -18.74 -9.67
CA ASP F 138 64.02 -18.46 -8.67
C ASP F 138 63.54 -17.01 -8.69
N PRO F 139 62.91 -16.59 -9.80
CA PRO F 139 62.40 -15.22 -9.92
C PRO F 139 61.17 -14.95 -9.05
N LYS F 140 61.29 -13.98 -8.14
CA LYS F 140 60.18 -13.53 -7.32
C LYS F 140 59.78 -12.12 -7.73
N VAL F 141 58.61 -12.00 -8.37
CA VAL F 141 58.17 -10.74 -8.95
C VAL F 141 57.15 -10.10 -8.03
N ASN F 142 57.36 -8.82 -7.72
CA ASN F 142 56.46 -8.05 -6.88
C ASN F 142 56.14 -6.70 -7.57
N ARG F 143 55.11 -6.02 -7.06
CA ARG F 143 54.69 -4.74 -7.58
C ARG F 143 55.20 -3.62 -6.66
N SER F 144 55.72 -2.55 -7.24
CA SER F 144 56.35 -1.47 -6.48
C SER F 144 56.45 -0.19 -7.30
N ASN F 145 55.82 0.88 -6.83
CA ASN F 145 55.90 2.20 -7.46
C ASN F 145 55.52 2.20 -8.94
N GLY F 146 54.45 1.50 -9.27
CA GLY F 146 53.91 1.48 -10.62
C GLY F 146 54.70 0.68 -11.62
N GLU F 147 55.53 -0.24 -11.14
CA GLU F 147 56.33 -1.13 -12.00
C GLU F 147 56.48 -2.52 -11.37
N TRP F 148 57.01 -3.46 -12.17
CA TRP F 148 57.33 -4.80 -11.70
C TRP F 148 58.81 -4.90 -11.32
N ARG F 149 59.09 -5.61 -10.23
CA ARG F 149 60.46 -5.85 -9.76
C ARG F 149 60.67 -7.35 -9.56
N MET F 150 61.73 -7.89 -10.14
CA MET F 150 62.11 -9.29 -9.98
C MET F 150 63.42 -9.39 -9.20
N VAL F 151 63.47 -10.26 -8.20
CA VAL F 151 64.73 -10.63 -7.56
C VAL F 151 65.06 -12.08 -7.93
N LEU F 152 66.34 -12.35 -8.16
CA LEU F 152 66.84 -13.66 -8.56
C LEU F 152 68.01 -14.08 -7.68
N GLY F 153 68.06 -15.36 -7.35
CA GLY F 153 69.20 -15.94 -6.64
C GLY F 153 70.37 -16.14 -7.58
N SER F 154 71.57 -16.15 -7.03
CA SER F 154 72.79 -16.34 -7.83
C SER F 154 74.03 -16.60 -6.97
N GLY F 155 75.12 -16.89 -7.65
CA GLY F 155 76.44 -16.99 -7.05
C GLY F 155 77.46 -16.40 -8.00
N LYS F 156 78.49 -15.75 -7.47
CA LYS F 156 79.51 -15.11 -8.29
C LYS F 156 80.86 -15.79 -8.08
N ASP F 157 81.43 -16.32 -9.15
CA ASP F 157 82.79 -16.88 -9.16
C ASP F 157 83.02 -18.01 -8.13
N GLU F 158 81.99 -18.82 -7.90
CA GLU F 158 82.03 -19.90 -6.90
C GLU F 158 82.52 -19.41 -5.53
N LYS F 159 82.08 -18.23 -5.12
CA LYS F 159 82.63 -17.54 -3.95
C LYS F 159 81.56 -16.95 -3.03
N ILE F 160 80.76 -16.02 -3.56
CA ILE F 160 79.79 -15.26 -2.76
C ILE F 160 78.39 -15.26 -3.40
N GLY F 161 77.37 -15.55 -2.59
CA GLY F 161 76.00 -15.55 -3.07
C GLY F 161 75.50 -14.13 -3.19
N ARG F 162 74.69 -13.86 -4.22
CA ARG F 162 74.13 -12.53 -4.43
C ARG F 162 72.68 -12.57 -4.91
N VAL F 163 71.96 -11.49 -4.67
CA VAL F 163 70.59 -11.31 -5.15
C VAL F 163 70.57 -10.21 -6.21
N LEU F 164 70.10 -10.56 -7.39
CA LEU F 164 70.02 -9.64 -8.53
C LEU F 164 68.63 -9.03 -8.65
N LEU F 165 68.56 -7.82 -9.18
CA LEU F 165 67.29 -7.10 -9.34
C LEU F 165 67.10 -6.67 -10.80
N TYR F 166 65.92 -6.99 -11.35
CA TYR F 166 65.49 -6.49 -12.65
C TYR F 166 64.15 -5.77 -12.50
N THR F 167 63.84 -4.87 -13.43
CA THR F 167 62.55 -4.18 -13.46
C THR F 167 61.87 -4.26 -14.82
N SER F 168 60.56 -4.01 -14.85
CA SER F 168 59.76 -4.16 -16.07
C SER F 168 58.42 -3.43 -15.98
N ASP F 169 57.93 -2.95 -17.12
CA ASP F 169 56.62 -2.28 -17.17
C ASP F 169 55.51 -3.24 -17.61
N ASP F 170 55.88 -4.37 -18.20
CA ASP F 170 54.91 -5.29 -18.81
C ASP F 170 55.10 -6.78 -18.50
N LEU F 171 56.09 -7.12 -17.68
CA LEU F 171 56.41 -8.51 -17.30
C LEU F 171 57.20 -9.32 -18.35
N PHE F 172 57.42 -8.75 -19.54
CA PHE F 172 58.09 -9.44 -20.64
C PHE F 172 59.50 -8.90 -20.92
N HIS F 173 59.67 -7.59 -20.79
CA HIS F 173 60.95 -6.93 -21.06
C HIS F 173 61.56 -6.42 -19.77
N TRP F 174 62.75 -6.92 -19.44
CA TRP F 174 63.37 -6.67 -18.15
C TRP F 174 64.70 -5.93 -18.26
N LYS F 175 64.96 -5.03 -17.31
CA LYS F 175 66.15 -4.21 -17.26
C LYS F 175 66.94 -4.59 -16.02
N TYR F 176 68.19 -5.00 -16.21
CA TYR F 176 69.09 -5.32 -15.10
C TYR F 176 69.40 -4.07 -14.29
N GLU F 177 69.26 -4.18 -12.96
CA GLU F 177 69.50 -3.06 -12.04
C GLU F 177 70.61 -3.33 -11.04
N GLY F 178 71.36 -4.42 -11.22
CA GLY F 178 72.51 -4.72 -10.39
C GLY F 178 72.23 -5.71 -9.27
N ALA F 179 73.31 -6.11 -8.59
CA ALA F 179 73.21 -6.94 -7.39
C ALA F 179 72.92 -6.05 -6.18
N ILE F 180 71.71 -6.17 -5.63
CA ILE F 180 71.30 -5.34 -4.48
C ILE F 180 71.79 -5.87 -3.13
N PHE F 181 72.32 -7.08 -3.11
CA PHE F 181 72.68 -7.73 -1.84
C PHE F 181 73.65 -8.87 -2.06
N GLU F 182 74.50 -9.12 -1.07
CA GLU F 182 75.38 -10.28 -1.05
C GLU F 182 75.54 -10.83 0.37
N ASP F 183 75.81 -12.14 0.47
CA ASP F 183 76.05 -12.81 1.73
C ASP F 183 77.35 -13.61 1.65
N GLU F 184 78.34 -13.18 2.44
CA GLU F 184 79.68 -13.76 2.44
C GLU F 184 79.76 -15.19 2.97
N THR F 185 78.77 -15.59 3.76
CA THR F 185 78.77 -16.90 4.43
C THR F 185 78.31 -18.07 3.53
N THR F 186 77.97 -17.77 2.28
CA THR F 186 77.55 -18.79 1.33
C THR F 186 78.04 -18.49 -0.09
N LYS F 187 78.12 -19.52 -0.92
CA LYS F 187 78.50 -19.37 -2.33
C LYS F 187 77.30 -19.05 -3.21
N GLU F 188 76.10 -19.44 -2.78
CA GLU F 188 74.88 -19.16 -3.54
C GLU F 188 73.66 -18.85 -2.66
N ILE F 189 72.76 -18.04 -3.20
CA ILE F 189 71.52 -17.68 -2.53
C ILE F 189 70.35 -18.25 -3.33
N ASP F 190 69.43 -18.92 -2.62
CA ASP F 190 68.23 -19.52 -3.20
C ASP F 190 66.99 -18.69 -2.85
N CYS F 191 65.99 -18.75 -3.70
CA CYS F 191 64.63 -18.31 -3.39
C CYS F 191 64.52 -16.94 -2.69
N PRO F 192 65.08 -15.89 -3.29
CA PRO F 192 64.95 -14.54 -2.72
C PRO F 192 63.52 -14.01 -2.85
N ASP F 193 63.16 -13.05 -2.01
CA ASP F 193 61.82 -12.50 -1.98
C ASP F 193 61.87 -11.13 -1.32
N LEU F 194 61.66 -10.09 -2.13
CA LEU F 194 61.70 -8.71 -1.68
C LEU F 194 60.29 -8.19 -1.42
N VAL F 195 60.00 -7.90 -0.15
CA VAL F 195 58.70 -7.38 0.26
C VAL F 195 58.85 -6.06 0.98
N ARG F 196 57.75 -5.34 1.13
CA ARG F 196 57.73 -4.07 1.86
C ARG F 196 56.67 -4.16 2.96
N ILE F 197 57.11 -4.02 4.21
CA ILE F 197 56.20 -3.98 5.35
C ILE F 197 56.44 -2.68 6.11
N GLY F 198 55.43 -1.83 6.14
CA GLY F 198 55.56 -0.49 6.66
C GLY F 198 56.61 0.25 5.87
N GLU F 199 56.91 1.55 5.62
CA GLU F 199 58.29 2.02 5.38
C GLU F 199 59.58 1.13 5.30
N LYS F 200 59.52 -0.20 5.47
CA LYS F 200 60.73 -1.04 5.49
C LYS F 200 60.81 -2.02 4.31
N ASP F 201 61.97 -2.09 3.65
CA ASP F 201 62.26 -3.10 2.64
C ASP F 201 62.91 -4.32 3.26
N ILE F 202 62.33 -5.50 3.04
CA ILE F 202 62.82 -6.74 3.65
C ILE F 202 63.14 -7.77 2.58
N LEU F 203 64.35 -8.34 2.65
CA LEU F 203 64.81 -9.34 1.70
C LEU F 203 64.91 -10.68 2.42
N ILE F 204 63.98 -11.58 2.11
CA ILE F 204 64.01 -12.95 2.58
C ILE F 204 64.77 -13.81 1.56
N TYR F 205 65.57 -14.75 2.04
CA TYR F 205 66.31 -15.64 1.16
C TYR F 205 66.77 -16.91 1.87
N SER F 206 67.15 -17.92 1.10
CA SER F 206 67.56 -19.20 1.63
C SER F 206 69.04 -19.45 1.35
N ILE F 207 69.73 -20.08 2.30
CA ILE F 207 71.12 -20.49 2.14
C ILE F 207 71.19 -22.01 2.23
N THR F 208 71.76 -22.63 1.21
CA THR F 208 71.71 -24.10 1.05
C THR F 208 72.48 -24.88 2.12
N SER F 209 73.70 -24.43 2.39
CA SER F 209 74.66 -25.17 3.21
C SER F 209 74.28 -25.28 4.69
N THR F 210 73.52 -24.31 5.21
CA THR F 210 72.97 -24.39 6.56
C THR F 210 71.45 -24.68 6.53
N ASN F 211 70.87 -24.74 5.33
CA ASN F 211 69.45 -24.92 5.13
C ASN F 211 68.60 -23.97 6.00
N SER F 212 68.89 -22.69 5.85
CA SER F 212 68.27 -21.65 6.67
C SER F 212 67.58 -20.62 5.78
N VAL F 213 66.48 -20.06 6.28
CA VAL F 213 65.84 -18.90 5.64
C VAL F 213 66.20 -17.68 6.48
N LEU F 214 66.91 -16.75 5.85
CA LEU F 214 67.37 -15.53 6.50
C LEU F 214 66.54 -14.35 6.01
N PHE F 215 66.63 -13.24 6.75
CA PHE F 215 66.10 -11.98 6.26
C PHE F 215 67.11 -10.86 6.53
N SER F 216 67.05 -9.83 5.71
CA SER F 216 67.81 -8.60 5.90
C SER F 216 66.83 -7.45 5.70
N MET F 217 66.58 -6.70 6.76
CA MET F 217 65.62 -5.62 6.76
C MET F 217 66.33 -4.28 6.75
N GLY F 218 65.75 -3.30 6.05
CA GLY F 218 66.36 -1.99 5.93
C GLY F 218 65.67 -1.13 4.90
N GLU F 219 66.46 -0.54 4.01
CA GLU F 219 65.93 0.34 2.97
C GLU F 219 66.74 0.21 1.68
N LEU F 220 66.05 0.00 0.57
CA LEU F 220 66.69 -0.05 -0.74
C LEU F 220 67.01 1.38 -1.19
N LYS F 221 68.30 1.72 -1.15
CA LYS F 221 68.78 3.04 -1.52
C LYS F 221 69.88 2.94 -2.58
N GLU F 222 69.63 3.50 -3.75
CA GLU F 222 70.61 3.57 -4.84
C GLU F 222 71.08 2.20 -5.30
N GLY F 223 70.13 1.31 -5.56
CA GLY F 223 70.42 -0.04 -6.03
C GLY F 223 71.13 -0.95 -5.03
N LYS F 224 71.06 -0.61 -3.74
CA LYS F 224 71.76 -1.36 -2.69
C LYS F 224 70.92 -1.38 -1.42
N LEU F 225 70.65 -2.57 -0.91
CA LEU F 225 69.89 -2.72 0.33
C LEU F 225 70.76 -2.39 1.53
N ASN F 226 70.51 -1.23 2.13
CA ASN F 226 71.18 -0.83 3.36
C ASN F 226 70.55 -1.58 4.53
N VAL F 227 71.31 -2.50 5.12
CA VAL F 227 70.80 -3.43 6.12
C VAL F 227 70.83 -2.84 7.54
N GLU F 228 69.64 -2.66 8.11
CA GLU F 228 69.47 -2.22 9.49
C GLU F 228 69.48 -3.40 10.47
N LYS F 229 68.76 -4.47 10.12
CA LYS F 229 68.73 -5.69 10.92
C LYS F 229 68.88 -6.95 10.05
N ARG F 230 69.31 -8.02 10.71
CA ARG F 230 69.51 -9.32 10.07
C ARG F 230 69.09 -10.43 11.04
N GLY F 231 68.48 -11.50 10.52
CA GLY F 231 68.08 -12.61 11.36
C GLY F 231 67.57 -13.82 10.60
N LEU F 232 66.91 -14.72 11.31
CA LEU F 232 66.29 -15.91 10.73
C LEU F 232 64.77 -15.76 10.74
N LEU F 233 64.10 -16.34 9.74
CA LEU F 233 62.64 -16.43 9.70
C LEU F 233 62.12 -17.60 10.53
N ASP F 234 62.99 -18.59 10.74
CA ASP F 234 62.67 -19.78 11.52
C ASP F 234 63.94 -20.34 12.16
N HIS F 235 63.80 -20.88 13.37
CA HIS F 235 64.95 -21.28 14.19
C HIS F 235 65.06 -22.79 14.38
N GLY F 236 64.23 -23.54 13.67
CA GLY F 236 64.26 -25.00 13.71
C GLY F 236 65.12 -25.60 12.62
N THR F 237 64.98 -26.90 12.42
CA THR F 237 65.81 -27.65 11.49
C THR F 237 65.21 -27.82 10.08
N ASP F 238 63.91 -27.59 9.93
CA ASP F 238 63.19 -27.94 8.69
C ASP F 238 62.28 -26.81 8.21
N PHE F 239 62.90 -25.74 7.73
CA PHE F 239 62.18 -24.64 7.12
C PHE F 239 63.12 -24.04 6.07
N TYR F 240 62.72 -24.18 4.81
CA TYR F 240 63.58 -23.84 3.69
C TYR F 240 62.76 -23.37 2.48
N ALA F 241 63.40 -22.57 1.63
CA ALA F 241 62.81 -22.11 0.37
C ALA F 241 61.49 -21.39 0.56
N ALA F 242 61.44 -20.52 1.56
CA ALA F 242 60.24 -19.77 1.87
C ALA F 242 59.88 -18.81 0.74
N GLN F 243 58.58 -18.61 0.55
CA GLN F 243 58.03 -17.63 -0.39
C GLN F 243 56.77 -16.98 0.22
N THR F 244 56.51 -15.73 -0.17
CA THR F 244 55.32 -15.01 0.30
C THR F 244 54.30 -14.90 -0.82
N PHE F 245 53.03 -14.79 -0.43
CA PHE F 245 51.92 -14.66 -1.38
C PHE F 245 51.91 -13.28 -2.04
N PHE F 246 51.65 -13.28 -3.34
CA PHE F 246 51.35 -12.06 -4.07
C PHE F 246 49.87 -11.75 -3.87
N GLY F 247 49.55 -10.46 -3.74
CA GLY F 247 48.18 -9.98 -3.83
C GLY F 247 47.38 -9.94 -2.54
N THR F 248 48.04 -10.07 -1.40
CA THR F 248 47.39 -10.01 -0.09
C THR F 248 47.76 -8.72 0.62
N ASP F 249 46.90 -8.30 1.56
CA ASP F 249 47.20 -7.15 2.40
C ASP F 249 48.25 -7.50 3.46
N ARG F 250 48.11 -8.67 4.08
CA ARG F 250 49.13 -9.20 4.97
C ARG F 250 50.28 -9.74 4.15
N VAL F 251 51.45 -9.88 4.77
CA VAL F 251 52.53 -10.69 4.19
C VAL F 251 52.38 -12.08 4.79
N VAL F 252 52.15 -13.06 3.94
CA VAL F 252 51.95 -14.45 4.35
C VAL F 252 53.04 -15.32 3.72
N VAL F 253 53.75 -16.09 4.55
CA VAL F 253 54.85 -16.93 4.07
C VAL F 253 54.55 -18.42 4.29
N ILE F 254 54.95 -19.24 3.32
CA ILE F 254 55.00 -20.69 3.48
C ILE F 254 56.38 -21.16 3.06
N GLY F 255 56.94 -22.12 3.80
CA GLY F 255 58.19 -22.74 3.46
C GLY F 255 58.04 -24.24 3.27
N TRP F 256 59.05 -24.83 2.66
CA TRP F 256 59.19 -26.28 2.62
C TRP F 256 59.53 -26.77 4.04
N LEU F 257 58.70 -27.66 4.57
CA LEU F 257 58.88 -28.23 5.90
C LEU F 257 59.83 -29.45 5.81
N GLN F 258 61.05 -29.19 5.37
CA GLN F 258 62.07 -30.23 5.18
C GLN F 258 63.40 -29.52 4.93
N SER F 259 64.48 -30.28 4.88
CA SER F 259 65.79 -29.74 4.53
C SER F 259 66.51 -30.70 3.60
N TRP F 260 67.32 -30.17 2.70
CA TRP F 260 68.15 -31.02 1.83
C TRP F 260 69.14 -31.82 2.65
N LEU F 261 69.73 -31.18 3.66
CA LEU F 261 70.68 -31.84 4.54
C LEU F 261 70.10 -33.07 5.26
N ARG F 262 68.83 -33.02 5.61
CA ARG F 262 68.18 -34.04 6.44
C ARG F 262 67.24 -34.97 5.66
N THR F 263 67.07 -34.73 4.36
CA THR F 263 66.13 -35.50 3.54
C THR F 263 66.42 -37.01 3.59
N GLY F 264 67.69 -37.38 3.47
CA GLY F 264 68.11 -38.77 3.50
C GLY F 264 67.94 -39.48 4.83
N LEU F 265 67.61 -38.72 5.88
CA LEU F 265 67.34 -39.28 7.21
C LEU F 265 65.87 -39.62 7.45
N TYR F 266 64.98 -39.23 6.54
CA TYR F 266 63.53 -39.36 6.74
C TYR F 266 62.93 -40.61 6.08
N PRO F 267 61.91 -41.21 6.73
CA PRO F 267 61.35 -42.50 6.29
C PRO F 267 60.06 -42.47 5.44
N THR F 268 59.60 -41.31 4.97
CA THR F 268 58.33 -41.28 4.21
C THR F 268 58.42 -41.90 2.81
N LYS F 269 59.62 -42.01 2.25
CA LYS F 269 59.79 -42.58 0.90
C LYS F 269 59.20 -43.99 0.78
N ARG F 270 59.18 -44.74 1.88
CA ARG F 270 58.63 -46.08 1.88
C ARG F 270 57.10 -46.12 1.67
N GLU F 271 56.43 -45.00 1.98
CA GLU F 271 55.01 -44.83 1.69
C GLU F 271 54.73 -44.27 0.27
N GLY F 272 55.80 -43.98 -0.47
CA GLY F 272 55.68 -43.52 -1.86
C GLY F 272 55.67 -42.01 -2.05
N TRP F 273 55.90 -41.23 -1.00
CA TRP F 273 55.88 -39.78 -1.08
C TRP F 273 56.99 -39.13 -0.22
N ASN F 274 57.26 -37.87 -0.52
CA ASN F 274 58.32 -37.10 0.14
C ASN F 274 57.97 -35.62 0.07
N GLY F 275 58.09 -34.91 1.20
CA GLY F 275 57.90 -33.47 1.22
C GLY F 275 56.60 -33.05 1.89
N VAL F 276 56.70 -31.97 2.68
CA VAL F 276 55.57 -31.37 3.38
C VAL F 276 55.76 -29.84 3.37
N MET F 277 54.68 -29.09 3.36
CA MET F 277 54.73 -27.63 3.48
C MET F 277 54.44 -27.18 4.92
N SER F 278 55.11 -26.12 5.34
CA SER F 278 54.87 -25.52 6.65
C SER F 278 53.47 -24.92 6.71
N LEU F 279 52.97 -24.75 7.93
CA LEU F 279 51.80 -23.92 8.16
C LEU F 279 52.11 -22.50 7.68
N PRO F 280 51.12 -21.76 7.20
CA PRO F 280 51.38 -20.37 6.79
C PRO F 280 51.59 -19.45 7.98
N ARG F 281 52.54 -18.54 7.89
CA ARG F 281 52.79 -17.54 8.92
C ARG F 281 52.57 -16.13 8.37
N GLU F 282 52.07 -15.24 9.22
CA GLU F 282 52.04 -13.82 8.91
C GLU F 282 53.35 -13.17 9.37
N LEU F 283 53.96 -12.38 8.48
CA LEU F 283 55.13 -11.59 8.79
C LEU F 283 54.71 -10.14 8.98
N TYR F 284 55.16 -9.52 10.08
CA TYR F 284 54.81 -8.14 10.37
C TYR F 284 55.94 -7.43 11.15
N VAL F 285 55.95 -6.10 11.10
CA VAL F 285 56.97 -5.31 11.77
C VAL F 285 56.36 -4.59 12.97
N GLU F 286 56.91 -4.86 14.15
CA GLU F 286 56.49 -4.20 15.39
C GLU F 286 57.72 -3.79 16.19
N ASN F 287 57.71 -2.55 16.68
CA ASN F 287 58.86 -1.96 17.35
C ASN F 287 60.13 -2.17 16.53
N ASN F 288 60.02 -1.89 15.23
CA ASN F 288 61.13 -2.04 14.28
C ASN F 288 61.84 -3.40 14.36
N GLU F 289 61.03 -4.46 14.44
CA GLU F 289 61.52 -5.84 14.50
C GLU F 289 60.63 -6.73 13.63
N LEU F 290 61.23 -7.59 12.82
CA LEU F 290 60.47 -8.52 11.98
C LEU F 290 59.97 -9.68 12.84
N LYS F 291 58.66 -9.90 12.83
CA LYS F 291 58.04 -10.90 13.69
C LYS F 291 57.24 -11.91 12.86
N VAL F 292 57.10 -13.11 13.40
CA VAL F 292 56.47 -14.24 12.72
C VAL F 292 55.40 -14.82 13.64
N LYS F 293 54.19 -15.01 13.12
CA LYS F 293 53.09 -15.65 13.86
C LYS F 293 52.23 -16.54 12.95
N PRO F 294 51.52 -17.51 13.50
CA PRO F 294 50.58 -18.31 12.71
C PRO F 294 49.47 -17.44 12.12
N VAL F 295 49.05 -17.70 10.88
CA VAL F 295 47.92 -16.97 10.30
C VAL F 295 46.64 -17.28 11.09
N ASP F 296 45.73 -16.31 11.12
CA ASP F 296 44.51 -16.40 11.93
C ASP F 296 43.59 -17.55 11.49
N GLU F 297 43.65 -17.90 10.21
CA GLU F 297 42.78 -18.93 9.64
C GLU F 297 42.98 -20.32 10.25
N LEU F 298 44.16 -20.55 10.82
CA LEU F 298 44.50 -21.82 11.48
C LEU F 298 43.57 -22.17 12.66
N LEU F 299 42.93 -21.18 13.25
CA LEU F 299 41.99 -21.40 14.35
C LEU F 299 40.81 -22.27 13.95
N ALA F 300 40.44 -22.24 12.68
CA ALA F 300 39.38 -23.10 12.13
C ALA F 300 39.65 -24.61 12.27
N LEU F 301 40.93 -24.99 12.35
CA LEU F 301 41.31 -26.40 12.52
C LEU F 301 40.93 -26.97 13.88
N ARG F 302 40.82 -26.09 14.89
CA ARG F 302 40.52 -26.52 16.25
C ARG F 302 39.13 -27.14 16.33
N LYS F 303 39.10 -28.41 16.72
CA LYS F 303 37.85 -29.11 16.98
C LYS F 303 37.66 -29.14 18.50
N ARG F 304 37.64 -30.33 19.09
CA ARG F 304 37.32 -30.49 20.50
C ARG F 304 38.51 -30.18 21.41
N LYS F 305 38.26 -29.48 22.51
CA LYS F 305 39.26 -29.28 23.55
C LYS F 305 39.32 -30.55 24.40
N VAL F 306 40.34 -31.36 24.18
CA VAL F 306 40.49 -32.65 24.86
C VAL F 306 41.16 -32.60 26.23
N PHE F 307 41.91 -31.54 26.49
CA PHE F 307 42.63 -31.41 27.77
C PHE F 307 42.84 -29.95 28.15
N GLU F 308 42.76 -29.67 29.45
CA GLU F 308 43.17 -28.37 29.98
C GLU F 308 43.63 -28.48 31.43
N THR F 309 44.55 -27.60 31.81
CA THR F 309 45.13 -27.59 33.15
C THR F 309 45.64 -26.19 33.53
N ALA F 310 45.46 -25.82 34.80
CA ALA F 310 45.99 -24.57 35.33
C ALA F 310 47.16 -24.85 36.28
N LYS F 311 47.76 -26.03 36.14
CA LYS F 311 48.74 -26.55 37.10
C LYS F 311 49.77 -27.44 36.43
N SER F 312 50.96 -27.50 37.04
CA SER F 312 52.01 -28.42 36.63
C SER F 312 51.61 -29.88 36.88
N GLY F 313 52.28 -30.80 36.20
CA GLY F 313 52.03 -32.23 36.34
C GLY F 313 52.32 -33.01 35.07
N THR F 314 52.15 -34.33 35.16
CA THR F 314 52.25 -35.23 34.02
C THR F 314 50.87 -35.79 33.73
N PHE F 315 50.48 -35.81 32.46
CA PHE F 315 49.10 -36.07 32.07
C PHE F 315 48.98 -37.03 30.89
N LEU F 316 48.03 -37.96 30.98
CA LEU F 316 47.63 -38.79 29.88
C LEU F 316 46.57 -38.06 29.06
N LEU F 317 46.86 -37.80 27.79
CA LEU F 317 45.95 -37.11 26.89
C LEU F 317 44.99 -38.09 26.21
N ASP F 318 43.76 -37.64 25.99
CA ASP F 318 42.74 -38.42 25.27
C ASP F 318 42.82 -38.07 23.79
N VAL F 319 43.89 -38.54 23.16
CA VAL F 319 44.12 -38.34 21.73
C VAL F 319 44.45 -39.68 21.08
N LYS F 320 43.90 -39.89 19.89
CA LYS F 320 44.08 -41.13 19.15
C LYS F 320 45.13 -40.99 18.05
N GLU F 321 45.59 -39.77 17.77
CA GLU F 321 46.64 -39.55 16.78
C GLU F 321 47.48 -38.30 17.03
N ASN F 322 48.58 -38.19 16.29
CA ASN F 322 49.46 -37.03 16.37
C ASN F 322 48.91 -35.91 15.48
N SER F 323 47.87 -35.25 16.00
CA SER F 323 47.18 -34.18 15.30
C SER F 323 46.49 -33.30 16.33
N TYR F 324 47.26 -32.44 16.97
CA TYR F 324 46.72 -31.52 17.96
C TYR F 324 47.58 -30.28 18.19
N GLU F 325 46.98 -29.29 18.85
CA GLU F 325 47.64 -28.03 19.15
C GLU F 325 47.70 -27.83 20.66
N ILE F 326 48.89 -27.61 21.20
CA ILE F 326 49.06 -27.19 22.59
C ILE F 326 49.08 -25.67 22.64
N VAL F 327 48.23 -25.07 23.47
CA VAL F 327 48.18 -23.62 23.66
C VAL F 327 48.49 -23.33 25.12
N CYS F 328 49.61 -22.67 25.39
CA CYS F 328 50.17 -22.55 26.73
C CYS F 328 50.53 -21.11 27.09
N GLU F 329 49.89 -20.58 28.13
CA GLU F 329 50.24 -19.29 28.70
C GLU F 329 50.99 -19.53 30.01
N PHE F 330 52.11 -18.82 30.22
CA PHE F 330 52.93 -19.01 31.41
C PHE F 330 53.79 -17.79 31.76
N SER F 331 54.18 -17.69 33.03
CA SER F 331 55.11 -16.65 33.47
C SER F 331 56.41 -17.30 33.96
N GLY F 332 57.53 -16.64 33.68
CA GLY F 332 58.84 -17.10 34.12
C GLY F 332 59.38 -18.22 33.26
N GLU F 333 59.91 -19.26 33.92
CA GLU F 333 60.49 -20.39 33.20
C GLU F 333 59.46 -21.50 33.02
N ILE F 334 59.69 -22.34 32.02
CA ILE F 334 58.85 -23.50 31.77
C ILE F 334 59.65 -24.66 31.16
N GLU F 335 59.15 -25.87 31.37
CA GLU F 335 59.63 -27.05 30.66
C GLU F 335 58.40 -27.85 30.22
N LEU F 336 58.29 -28.04 28.91
CA LEU F 336 57.16 -28.73 28.28
C LEU F 336 57.69 -29.99 27.61
N ARG F 337 57.11 -31.14 27.91
CA ARG F 337 57.48 -32.40 27.28
C ARG F 337 56.24 -33.03 26.65
N MET F 338 56.35 -33.42 25.39
CA MET F 338 55.28 -34.11 24.67
C MET F 338 55.86 -35.39 24.09
N GLY F 339 55.16 -36.51 24.22
CA GLY F 339 55.72 -37.79 23.83
C GLY F 339 54.99 -39.01 24.32
N ASN F 340 55.71 -40.13 24.39
CA ASN F 340 55.20 -41.39 24.92
C ASN F 340 56.29 -42.04 25.76
N GLU F 341 56.21 -43.35 26.00
CA GLU F 341 57.18 -44.01 26.88
C GLU F 341 58.60 -44.12 26.31
N SER F 342 58.74 -44.04 24.99
CA SER F 342 60.05 -44.16 24.32
C SER F 342 60.55 -42.89 23.63
N GLU F 343 59.65 -41.92 23.41
CA GLU F 343 59.95 -40.77 22.57
C GLU F 343 59.48 -39.48 23.23
N GLU F 344 60.16 -38.39 22.93
CA GLU F 344 59.72 -37.07 23.37
C GLU F 344 60.35 -35.90 22.61
N VAL F 345 59.66 -34.76 22.67
CA VAL F 345 60.19 -33.47 22.28
C VAL F 345 60.10 -32.58 23.52
N VAL F 346 61.16 -31.84 23.81
CA VAL F 346 61.21 -30.98 24.99
C VAL F 346 61.42 -29.52 24.58
N ILE F 347 60.54 -28.63 25.03
CA ILE F 347 60.76 -27.20 24.88
C ILE F 347 60.92 -26.55 26.25
N THR F 348 61.96 -25.74 26.41
CA THR F 348 62.32 -25.14 27.68
C THR F 348 62.59 -23.66 27.50
N LYS F 349 61.93 -22.81 28.30
CA LYS F 349 62.30 -21.41 28.40
C LYS F 349 63.06 -21.23 29.71
N SER F 350 64.37 -21.01 29.60
CA SER F 350 65.24 -20.81 30.75
C SER F 350 65.92 -19.45 30.65
N ARG F 351 65.54 -18.54 31.54
CA ARG F 351 66.13 -17.21 31.64
C ARG F 351 65.87 -16.36 30.38
N ASP F 352 66.85 -16.32 29.47
CA ASP F 352 66.77 -15.47 28.28
C ASP F 352 66.68 -16.29 26.98
N GLU F 353 66.53 -17.60 27.10
CA GLU F 353 66.60 -18.49 25.94
C GLU F 353 65.38 -19.41 25.83
N LEU F 354 65.07 -19.78 24.59
CA LEU F 354 64.10 -20.82 24.28
C LEU F 354 64.86 -21.96 23.60
N ILE F 355 64.76 -23.17 24.13
CA ILE F 355 65.49 -24.31 23.61
C ILE F 355 64.53 -25.45 23.29
N VAL F 356 64.56 -25.94 22.04
CA VAL F 356 63.77 -27.09 21.64
C VAL F 356 64.71 -28.25 21.33
N ASP F 357 64.35 -29.44 21.80
CA ASP F 357 65.16 -30.64 21.66
C ASP F 357 64.28 -31.74 21.05
N THR F 358 64.56 -32.12 19.81
CA THR F 358 63.82 -33.20 19.13
C THR F 358 64.68 -34.45 18.93
N THR F 359 65.83 -34.54 19.59
CA THR F 359 66.76 -35.66 19.41
C THR F 359 66.15 -37.04 19.69
N ARG F 360 65.21 -37.11 20.63
CA ARG F 360 64.56 -38.38 21.01
C ARG F 360 63.10 -38.44 20.50
N SER F 361 62.82 -37.76 19.40
CA SER F 361 61.43 -37.58 18.93
C SER F 361 60.86 -38.77 18.17
N GLY F 362 61.72 -39.59 17.58
CA GLY F 362 61.26 -40.68 16.72
C GLY F 362 62.38 -41.32 15.92
N VAL F 363 61.99 -41.99 14.84
CA VAL F 363 62.90 -42.85 14.08
C VAL F 363 63.87 -42.09 13.16
N SER F 364 63.71 -40.77 13.04
CA SER F 364 64.70 -39.93 12.37
C SER F 364 65.53 -39.08 13.35
N GLY F 365 65.35 -39.33 14.65
CA GLY F 365 66.03 -38.56 15.68
C GLY F 365 65.67 -37.09 15.60
N GLY F 366 66.67 -36.24 15.83
CA GLY F 366 66.49 -34.80 15.75
C GLY F 366 67.72 -34.00 16.15
N GLU F 367 67.49 -32.77 16.59
CA GLU F 367 68.58 -31.86 16.98
C GLU F 367 68.13 -30.95 18.11
N VAL F 368 69.08 -30.21 18.67
CA VAL F 368 68.79 -29.16 19.64
C VAL F 368 68.99 -27.81 18.96
N ARG F 369 67.98 -26.94 19.06
CA ARG F 369 68.07 -25.58 18.54
C ARG F 369 67.70 -24.58 19.62
N LYS F 370 68.36 -23.44 19.64
CA LYS F 370 68.09 -22.39 20.61
C LYS F 370 68.02 -21.00 20.00
N SER F 371 67.40 -20.08 20.72
CA SER F 371 67.30 -18.69 20.31
C SER F 371 67.15 -17.79 21.53
N THR F 372 67.87 -16.67 21.52
CA THR F 372 67.61 -15.62 22.51
C THR F 372 66.22 -15.05 22.29
N VAL F 373 65.56 -14.71 23.38
CA VAL F 373 64.15 -14.40 23.36
C VAL F 373 63.82 -13.27 24.33
N GLU F 374 62.88 -12.41 23.92
CA GLU F 374 62.41 -11.29 24.72
C GLU F 374 61.40 -11.77 25.75
N ASP F 375 61.76 -11.72 27.03
CA ASP F 375 60.87 -12.17 28.10
C ASP F 375 59.68 -11.22 28.23
N GLU F 376 58.51 -11.79 28.45
CA GLU F 376 57.27 -11.04 28.64
C GLU F 376 56.61 -11.43 29.96
N ALA F 377 55.78 -10.53 30.49
CA ALA F 377 55.04 -10.79 31.72
C ALA F 377 54.24 -12.09 31.62
N THR F 378 53.50 -12.25 30.54
CA THR F 378 52.86 -13.51 30.18
C THR F 378 53.33 -13.95 28.81
N ASN F 379 54.04 -15.08 28.75
CA ASN F 379 54.47 -15.67 27.49
C ASN F 379 53.42 -16.64 26.95
N ARG F 380 53.55 -16.99 25.68
CA ARG F 380 52.57 -17.82 24.98
C ARG F 380 53.28 -18.74 23.99
N ILE F 381 53.12 -20.05 24.17
CA ILE F 381 53.61 -21.03 23.20
C ILE F 381 52.40 -21.71 22.53
N ARG F 382 52.44 -21.83 21.22
CA ARG F 382 51.52 -22.68 20.47
C ARG F 382 52.36 -23.73 19.75
N ALA F 383 52.09 -25.00 20.04
CA ALA F 383 52.78 -26.11 19.38
C ALA F 383 51.78 -26.86 18.52
N PHE F 384 52.07 -26.95 17.23
CA PHE F 384 51.24 -27.71 16.30
C PHE F 384 51.92 -29.05 16.04
N LEU F 385 51.35 -30.13 16.56
CA LEU F 385 51.82 -31.48 16.29
C LEU F 385 50.99 -32.10 15.17
N ASP F 386 51.68 -32.56 14.12
CA ASP F 386 51.04 -33.33 13.06
C ASP F 386 51.85 -34.64 12.89
N SER F 387 51.46 -35.45 11.91
CA SER F 387 51.92 -36.83 11.82
C SER F 387 53.43 -36.98 11.72
N CYS F 388 54.09 -36.03 11.05
CA CYS F 388 55.55 -36.04 10.92
C CYS F 388 56.20 -34.66 11.11
N SER F 389 55.61 -33.84 11.99
CA SER F 389 56.17 -32.52 12.27
C SER F 389 55.70 -31.93 13.60
N VAL F 390 56.50 -31.00 14.11
CA VAL F 390 56.06 -30.10 15.16
C VAL F 390 56.57 -28.69 14.88
N GLU F 391 55.67 -27.71 15.00
CA GLU F 391 56.00 -26.31 14.81
C GLU F 391 55.66 -25.55 16.08
N PHE F 392 56.66 -24.90 16.67
CA PHE F 392 56.49 -24.08 17.87
C PHE F 392 56.46 -22.59 17.52
N PHE F 393 55.55 -21.85 18.15
CA PHE F 393 55.41 -20.42 17.94
C PHE F 393 55.42 -19.74 19.29
N PHE F 394 56.25 -18.71 19.46
CA PHE F 394 56.44 -18.06 20.75
C PHE F 394 56.13 -16.56 20.67
N ASN F 395 55.17 -16.11 21.48
CA ASN F 395 54.84 -14.68 21.64
C ASN F 395 54.55 -13.94 20.33
N ASP F 396 53.95 -14.64 19.38
CA ASP F 396 53.66 -14.10 18.03
C ASP F 396 54.88 -13.37 17.45
N SER F 397 56.06 -13.94 17.68
CA SER F 397 57.33 -13.29 17.39
C SER F 397 58.32 -14.20 16.66
N ILE F 398 58.54 -15.41 17.18
CA ILE F 398 59.44 -16.36 16.53
C ILE F 398 58.80 -17.74 16.35
N ALA F 399 59.42 -18.54 15.49
CA ALA F 399 58.95 -19.88 15.18
C ALA F 399 60.11 -20.87 15.06
N PHE F 400 59.89 -22.11 15.50
CA PHE F 400 60.82 -23.21 15.32
C PHE F 400 60.10 -24.34 14.59
N SER F 401 60.62 -24.79 13.45
CA SER F 401 59.99 -25.86 12.69
C SER F 401 60.87 -27.11 12.65
N PHE F 402 60.28 -28.26 12.96
CA PHE F 402 61.02 -29.52 13.03
C PHE F 402 60.25 -30.64 12.36
N ARG F 403 60.95 -31.46 11.59
CA ARG F 403 60.41 -32.72 11.12
C ARG F 403 60.77 -33.81 12.14
N ILE F 404 59.76 -34.58 12.54
CA ILE F 404 59.92 -35.70 13.46
C ILE F 404 59.10 -36.88 12.94
N HIS F 405 59.46 -38.10 13.33
CA HIS F 405 58.80 -39.29 12.81
C HIS F 405 58.52 -40.28 13.92
N PRO F 406 57.55 -39.97 14.77
CA PRO F 406 57.20 -40.85 15.90
C PRO F 406 56.75 -42.24 15.45
N GLU F 407 57.19 -43.25 16.18
CA GLU F 407 56.71 -44.61 16.01
C GLU F 407 55.33 -44.81 16.67
N ASN F 408 54.97 -43.92 17.58
CA ASN F 408 53.68 -43.98 18.29
C ASN F 408 53.10 -42.60 18.61
N VAL F 409 51.83 -42.58 18.99
CA VAL F 409 51.13 -41.35 19.33
C VAL F 409 51.76 -40.71 20.58
N TYR F 410 51.90 -39.39 20.54
CA TYR F 410 52.36 -38.61 21.68
C TYR F 410 51.17 -38.39 22.59
N ASN F 411 50.90 -39.34 23.48
CA ASN F 411 49.76 -39.25 24.39
C ASN F 411 50.13 -38.89 25.84
N ILE F 412 51.37 -38.46 26.05
CA ILE F 412 51.84 -38.03 27.36
C ILE F 412 52.33 -36.58 27.28
N LEU F 413 51.92 -35.77 28.24
CA LEU F 413 52.27 -34.37 28.29
C LEU F 413 52.65 -33.99 29.72
N SER F 414 53.88 -33.51 29.89
CA SER F 414 54.34 -33.01 31.19
C SER F 414 54.61 -31.51 31.11
N VAL F 415 54.22 -30.80 32.16
CA VAL F 415 54.37 -29.36 32.26
C VAL F 415 55.06 -29.03 33.59
N LYS F 416 56.04 -28.13 33.56
CA LYS F 416 56.72 -27.68 34.78
C LYS F 416 56.88 -26.17 34.75
N SER F 417 56.10 -25.48 35.57
CA SER F 417 56.16 -24.02 35.69
C SER F 417 55.29 -23.55 36.87
N ASN F 418 55.60 -22.38 37.41
CA ASN F 418 54.92 -21.87 38.60
C ASN F 418 53.57 -21.22 38.32
N GLN F 419 53.41 -20.64 37.13
CA GLN F 419 52.13 -20.11 36.68
C GLN F 419 51.87 -20.58 35.26
N VAL F 420 50.85 -21.42 35.08
CA VAL F 420 50.53 -22.03 33.79
C VAL F 420 49.03 -22.14 33.52
N LYS F 421 48.67 -21.93 32.27
CA LYS F 421 47.34 -22.24 31.74
C LYS F 421 47.58 -22.92 30.39
N LEU F 422 47.24 -24.20 30.31
CA LEU F 422 47.50 -24.99 29.10
C LEU F 422 46.25 -25.71 28.63
N GLU F 423 46.03 -25.71 27.33
CA GLU F 423 44.94 -26.48 26.72
C GLU F 423 45.42 -27.19 25.46
N VAL F 424 44.71 -28.25 25.10
CA VAL F 424 45.04 -29.07 23.94
C VAL F 424 43.78 -29.24 23.12
N PHE F 425 43.85 -28.84 21.85
CA PHE F 425 42.75 -29.01 20.91
C PHE F 425 43.11 -30.06 19.88
N GLU F 426 42.23 -31.03 19.68
CA GLU F 426 42.33 -31.91 18.52
C GLU F 426 42.22 -31.06 17.27
N LEU F 427 43.03 -31.36 16.26
CA LEU F 427 43.04 -30.63 15.00
C LEU F 427 42.44 -31.47 13.88
N GLU F 428 41.59 -30.83 13.09
CA GLU F 428 40.85 -31.44 12.00
C GLU F 428 41.76 -31.99 10.92
N ASN F 429 41.40 -33.16 10.39
CA ASN F 429 41.98 -33.67 9.16
C ASN F 429 41.32 -32.94 7.98
N ILE F 430 42.13 -32.23 7.18
CA ILE F 430 41.61 -31.43 6.07
C ILE F 430 41.21 -32.25 4.84
N TRP F 431 41.60 -33.52 4.81
CA TRP F 431 41.44 -34.37 3.63
C TRP F 431 40.14 -35.17 3.66
N LEU F 432 39.82 -35.73 4.83
CA LEU F 432 38.65 -36.60 4.98
C LEU F 432 37.99 -36.38 6.34
#